data_9BIO
#
_entry.id   9BIO
#
_cell.length_a   1.00
_cell.length_b   1.00
_cell.length_c   1.00
_cell.angle_alpha   90.00
_cell.angle_beta   90.00
_cell.angle_gamma   90.00
#
_symmetry.space_group_name_H-M   'P 1'
#
loop_
_entity.id
_entity.type
_entity.pdbx_description
1 polymer 'Envelope glycoprotein gp41'
2 polymer 'Envelope glycoprotein gp160'
3 polymer '3BNC117 heavy chain'
4 polymer '3BNC117 light chain'
5 polymer 'VRC44.01 light chain'
6 polymer 'VRC44.01 heavy chain'
7 branched alpha-D-mannopyranose-(1-6)-alpha-D-mannopyranose-(1-6)-[alpha-D-mannopyranose-(1-3)]beta-D-mannopyranose-(1-4)-2-acetamido-2-deoxy-beta-D-glucopyranose-(1-4)-[alpha-L-fucopyranose-(1-6)]2-acetamido-2-deoxy-beta-D-glucopyranose
8 branched 2-acetamido-2-deoxy-beta-D-glucopyranose-(1-4)-2-acetamido-2-deoxy-beta-D-glucopyranose
9 branched alpha-D-mannopyranose-(1-3)-[alpha-D-mannopyranose-(1-6)]beta-D-mannopyranose-(1-4)-2-acetamido-2-deoxy-beta-D-glucopyranose-(1-4)-2-acetamido-2-deoxy-beta-D-glucopyranose
10 branched alpha-D-mannopyranose-(1-2)-alpha-D-mannopyranose-(1-2)-alpha-D-mannopyranose-(1-3)-[alpha-D-mannopyranose-(1-3)-[alpha-D-mannopyranose-(1-6)]alpha-D-mannopyranose-(1-6)]beta-D-mannopyranose-(1-4)-2-acetamido-2-deoxy-beta-D-glucopyranose-(1-4)-2-acetamido-2-deoxy-beta-D-glucopyranose
11 branched alpha-D-mannopyranose-(1-3)-[alpha-D-mannopyranose-(1-6)]alpha-D-mannopyranose-(1-6)-[alpha-D-mannopyranose-(1-3)]beta-D-mannopyranose-(1-4)-2-acetamido-2-deoxy-beta-D-glucopyranose-(1-4)-2-acetamido-2-deoxy-beta-D-glucopyranose
12 branched beta-D-mannopyranose-(1-4)-2-acetamido-2-deoxy-beta-D-glucopyranose-(1-4)-2-acetamido-2-deoxy-beta-D-glucopyranose
13 non-polymer 2-acetamido-2-deoxy-beta-D-glucopyranose
14 non-polymer 'PHOSPHATE ION'
#
loop_
_entity_poly.entity_id
_entity_poly.type
_entity_poly.pdbx_seq_one_letter_code
_entity_poly.pdbx_strand_id
1 'polypeptide(L)'
;AVGIGAMIFGFLGAAGSTMGAASNTLTVQARQLLSGIVQQQSNLPRAPEAQQHLLQLTVWGIKQLQARVLAVERYLEVQK
FLGLWGCSGKIICCTAVPWNSTWSNKSFEQIWNNMTWIEWEREISNYTSQIYDILTESQFQQDINEVDLLELDGSAPTKA
KRRVVQREKR
;
B,A,J
2 'polypeptide(L)'
;AENLWVTVYYGVPVWKDADTTLFCASDAKAHETEAHNIWATHACVPTDPNPQEIYMENVTENFNMWKNNMVEQMQEDIIS
LWDQSLKPCVKLTPLCVTLSCTNVTLTNVNYTNNFPNIGNITDEVRNCSFNVTTEIRDKKQKVYALFYKLDIVQMENKNS
YRLINCNTSVCKQACPKISFDPIPIHYCTPAGYAILKCNEKNFNGTGPCKNVSSVQCTHGIKPVVSTQLLLNGSLAEGEI
IIRSENLTNNAKTIIVHLNKSVEINCTRPSNNTRTSVTIGPGQVFYRTGDIIGDIRKAYCEINGTKWNETLKQVVGKLKE
HFPNKTISFQPPSGGDLEITMHHFNCRGEFFYCNTTQLFNSTWINSTTIKEYNDTIIYLPCKIKQIINMWQGVGQCMYAP
PIRGKINCVSNITGILLTRDGGDANATNDTETFRPGGGNIKDNWRSELYKYKVVQIEPLGIAPTKCKRRVVERRRRRR
;
G,C,K
3 'polypeptide(L)'
;QVQLLQSGAAVTKPGASVRVSCEASGYNIRDYFIHWWRQAPGQGLQWVGWINPKTGQPNNPRQFQGRVSLTRHASWDFDT
YSFYMDLKALRSDDTAVYFCARQRSDYWDFDVWGSGTQVTVSSASTKGPSVFPLAPSSKSTSGGTAALGCLVKDYFPEPV
TVSWNSGALTSGVHTFPAVLQSSGLYSLSSVVTVPSSSLGTQTYICNVNHKPSNTKVDKKVEPKSC
;
S,D,M
4 'polypeptide(L)'
;DIQMTQSPSSLSASVGDTVTITCQANGYLNWYQQRRGKAPKLLIYDGSKLERGVPSRFSGRRWGQEYNLTINNLQPEDIA
TYFCQVYEFVVPGTRLDLKRTVAAPSVFIFPPSDEQLKSGTASVVCLLNNFYPREAKVQWKVDNALQSGNSQESVTEQDS
KDSTYSLSSTLTLSKADYEKHKVYACEVTHQGLSSPVTKSFNRGEC
;
U,E,N
5 'polypeptide(L)'
;AIYLTQSPSSLSASVGERVTITCRASQDIGDTLAWYQQQPGRPPFLVVYRASTLNYGVPSRFSGGGSGTRFTLTISSLQP
ADSGTYFCQQFKTFPFTFGPGTKVEVK
;
L,F,O
6 'polypeptide(L)'
;QSYLVQSGPEVKKPGTAVKVSCQASRYPFTFFGISWVRQAPGKGPQWMGWISPYNGHAIYLDELKDRLTLTTDTDTTTAY
MELRNLRSADTAVYFCARDHTRQDSRGYDFWGQGTLVTVSSAST
;
H,I,P
#
# COMPACT_ATOMS: atom_id res chain seq x y z
N ALA A 6 -40.05 -20.69 -1.61
CA ALA A 6 -38.61 -20.47 -1.65
C ALA A 6 -38.27 -19.31 -2.55
N MET A 7 -37.51 -18.35 -2.03
CA MET A 7 -37.09 -17.18 -2.79
C MET A 7 -35.61 -16.92 -2.57
N ILE A 8 -34.96 -16.38 -3.58
CA ILE A 8 -33.56 -16.03 -3.47
C ILE A 8 -33.39 -14.88 -2.48
N PHE A 9 -32.31 -14.92 -1.71
CA PHE A 9 -32.02 -13.92 -0.71
C PHE A 9 -30.88 -13.02 -1.16
N GLY A 10 -30.79 -11.86 -0.52
CA GLY A 10 -29.67 -10.97 -0.73
C GLY A 10 -28.53 -11.29 0.23
N PHE A 11 -27.56 -10.38 0.26
CA PHE A 11 -26.42 -10.54 1.14
C PHE A 11 -26.89 -10.54 2.59
N LEU A 12 -26.61 -11.63 3.30
CA LEU A 12 -26.96 -11.79 4.71
C LEU A 12 -28.47 -11.73 4.94
N GLY A 13 -29.27 -11.99 3.92
CA GLY A 13 -30.71 -11.99 4.09
C GLY A 13 -31.22 -13.15 4.94
N ALA A 14 -30.45 -14.24 5.02
CA ALA A 14 -30.81 -15.41 5.80
C ALA A 14 -30.01 -15.50 7.08
N ALA A 15 -29.70 -14.36 7.69
CA ALA A 15 -28.96 -14.36 8.95
C ALA A 15 -29.84 -14.77 10.12
N GLY A 16 -31.14 -14.51 10.03
CA GLY A 16 -32.06 -14.83 11.11
C GLY A 16 -32.77 -16.15 10.99
N SER A 17 -32.56 -16.88 9.91
CA SER A 17 -33.19 -18.17 9.71
C SER A 17 -32.31 -19.29 10.26
N THR A 18 -32.94 -20.41 10.58
CA THR A 18 -32.20 -21.56 11.12
C THR A 18 -31.17 -22.04 10.11
N MET A 19 -30.31 -22.96 10.56
CA MET A 19 -29.25 -23.46 9.69
C MET A 19 -29.83 -24.22 8.51
N GLY A 20 -30.82 -25.07 8.76
CA GLY A 20 -31.39 -25.87 7.69
C GLY A 20 -31.86 -25.06 6.51
N ALA A 21 -32.32 -23.83 6.75
CA ALA A 21 -32.75 -22.93 5.68
C ALA A 21 -31.68 -21.95 5.26
N ALA A 22 -30.75 -21.60 6.17
CA ALA A 22 -29.70 -20.66 5.83
C ALA A 22 -28.62 -21.29 4.96
N SER A 23 -28.38 -22.59 5.10
CA SER A 23 -27.32 -23.24 4.35
C SER A 23 -27.65 -23.37 2.87
N ASN A 24 -28.88 -23.05 2.46
CA ASN A 24 -29.24 -23.04 1.06
C ASN A 24 -28.90 -21.72 0.38
N THR A 25 -28.26 -20.80 1.08
CA THR A 25 -27.88 -19.50 0.52
C THR A 25 -26.41 -19.20 0.75
N LEU A 26 -25.57 -20.24 0.80
CA LEU A 26 -24.15 -20.03 1.09
C LEU A 26 -23.47 -19.23 -0.02
N THR A 27 -23.81 -19.49 -1.28
CA THR A 27 -23.15 -18.81 -2.38
C THR A 27 -23.45 -17.32 -2.41
N VAL A 28 -24.48 -16.86 -1.70
CA VAL A 28 -24.77 -15.44 -1.67
C VAL A 28 -23.70 -14.70 -0.88
N GLN A 29 -23.34 -15.23 0.30
CA GLN A 29 -22.30 -14.59 1.10
C GLN A 29 -20.91 -14.84 0.53
N ALA A 30 -20.67 -16.02 -0.05
CA ALA A 30 -19.34 -16.35 -0.54
C ALA A 30 -18.99 -15.56 -1.78
N ARG A 31 -19.99 -15.17 -2.58
CA ARG A 31 -19.71 -14.47 -3.82
C ARG A 31 -19.26 -13.04 -3.60
N GLN A 32 -19.38 -12.52 -2.38
CA GLN A 32 -18.95 -11.16 -2.04
C GLN A 32 -17.93 -11.24 -0.92
N LEU A 33 -16.67 -11.50 -1.29
CA LEU A 33 -15.56 -11.51 -0.35
C LEU A 33 -14.33 -10.77 -0.82
N LEU A 34 -14.15 -10.57 -2.12
CA LEU A 34 -12.96 -9.89 -2.63
C LEU A 34 -13.35 -8.79 -3.61
N SER A 35 -14.50 -8.92 -4.24
CA SER A 35 -14.92 -8.04 -5.31
C SER A 35 -15.83 -6.95 -4.76
N GLY A 36 -15.51 -5.71 -5.08
CA GLY A 36 -16.32 -4.57 -4.65
C GLY A 36 -15.96 -3.34 -5.46
N ILE A 37 -16.60 -2.23 -5.10
CA ILE A 37 -16.34 -0.96 -5.78
C ILE A 37 -15.05 -0.30 -5.32
N VAL A 38 -14.32 -0.92 -4.39
CA VAL A 38 -13.07 -0.31 -3.94
C VAL A 38 -12.02 -0.36 -5.04
N GLN A 39 -12.16 -1.28 -6.00
CA GLN A 39 -11.19 -1.45 -7.07
C GLN A 39 -11.50 -0.58 -8.29
N GLN A 40 -12.29 0.48 -8.12
CA GLN A 40 -12.63 1.36 -9.23
C GLN A 40 -11.42 2.23 -9.57
N GLN A 41 -11.60 3.16 -10.52
CA GLN A 41 -10.52 3.99 -11.01
C GLN A 41 -10.34 5.28 -10.20
N SER A 42 -11.16 5.49 -9.17
CA SER A 42 -11.03 6.68 -8.32
C SER A 42 -11.24 7.96 -9.13
N ASN A 43 -12.20 7.93 -10.04
CA ASN A 43 -12.52 9.08 -10.88
C ASN A 43 -11.25 9.60 -11.58
N HIS A 53 0.16 17.99 -5.17
CA HIS A 53 -1.10 17.25 -5.03
C HIS A 53 -1.06 15.95 -5.83
N LEU A 54 -0.60 14.89 -5.19
CA LEU A 54 -0.54 13.57 -5.81
C LEU A 54 -1.84 12.83 -5.48
N LEU A 55 -2.63 12.54 -6.51
CA LEU A 55 -3.97 12.02 -6.29
C LEU A 55 -3.99 10.75 -5.45
N GLN A 56 -2.92 9.97 -5.49
CA GLN A 56 -2.82 8.75 -4.70
C GLN A 56 -2.26 8.98 -3.31
N LEU A 57 -1.91 10.22 -2.95
CA LEU A 57 -1.45 10.55 -1.60
C LEU A 57 -2.45 11.42 -0.85
N THR A 58 -3.57 11.78 -1.46
CA THR A 58 -4.55 12.62 -0.81
C THR A 58 -5.14 11.90 0.40
N VAL A 59 -6.00 12.60 1.14
CA VAL A 59 -6.57 12.02 2.34
C VAL A 59 -7.37 10.77 2.00
N TRP A 60 -8.14 10.82 0.91
CA TRP A 60 -8.97 9.70 0.49
C TRP A 60 -8.33 8.88 -0.62
N GLY A 61 -7.07 9.12 -0.93
CA GLY A 61 -6.31 8.23 -1.79
C GLY A 61 -5.63 7.16 -0.97
N ILE A 62 -5.25 7.51 0.26
CA ILE A 62 -4.64 6.54 1.16
C ILE A 62 -5.70 5.59 1.72
N LYS A 63 -6.87 6.13 2.07
CA LYS A 63 -7.92 5.29 2.64
C LYS A 63 -8.38 4.24 1.64
N GLN A 64 -8.48 4.61 0.37
CA GLN A 64 -8.81 3.61 -0.65
C GLN A 64 -7.73 2.55 -0.76
N LEU A 65 -6.46 2.97 -0.70
CA LEU A 65 -5.36 2.01 -0.84
C LEU A 65 -5.42 0.95 0.25
N GLN A 66 -5.47 1.36 1.51
CA GLN A 66 -5.47 0.38 2.59
C GLN A 66 -6.79 -0.38 2.64
N ALA A 67 -7.87 0.17 2.09
CA ALA A 67 -9.09 -0.61 1.94
C ALA A 67 -8.89 -1.75 0.96
N ARG A 68 -8.14 -1.50 -0.11
CA ARG A 68 -7.86 -2.55 -1.08
C ARG A 68 -7.03 -3.67 -0.45
N VAL A 69 -6.06 -3.31 0.40
CA VAL A 69 -5.25 -4.32 1.06
C VAL A 69 -6.05 -5.02 2.15
N LEU A 70 -6.97 -4.30 2.81
CA LEU A 70 -7.82 -4.94 3.80
C LEU A 70 -8.70 -6.02 3.17
N ALA A 71 -9.27 -5.73 2.01
CA ALA A 71 -10.15 -6.70 1.36
C ALA A 71 -9.41 -7.98 1.00
N VAL A 72 -8.14 -7.86 0.58
CA VAL A 72 -7.37 -9.04 0.19
C VAL A 72 -7.07 -9.91 1.39
N GLU A 73 -6.60 -9.30 2.49
CA GLU A 73 -6.23 -10.08 3.67
C GLU A 73 -7.41 -10.84 4.23
N ARG A 74 -8.59 -10.21 4.24
CA ARG A 74 -9.77 -10.90 4.74
C ARG A 74 -10.12 -12.10 3.88
N TYR A 75 -9.91 -12.00 2.57
CA TYR A 75 -10.19 -13.12 1.69
C TYR A 75 -9.15 -14.22 1.87
N LEU A 76 -7.88 -13.85 1.98
CA LEU A 76 -6.82 -14.85 2.15
C LEU A 76 -6.82 -15.47 3.54
N GLU A 77 -7.41 -14.80 4.52
CA GLU A 77 -7.45 -15.35 5.87
C GLU A 77 -8.34 -16.59 5.92
N VAL A 78 -9.40 -16.62 5.12
CA VAL A 78 -10.24 -17.81 5.04
C VAL A 78 -9.64 -18.84 4.10
N GLN A 79 -9.12 -18.39 2.96
CA GLN A 79 -8.54 -19.32 2.01
C GLN A 79 -7.32 -20.04 2.57
N LYS A 80 -6.65 -19.48 3.57
CA LYS A 80 -5.51 -20.16 4.17
C LYS A 80 -5.95 -21.46 4.84
N PHE A 81 -7.08 -21.42 5.54
CA PHE A 81 -7.56 -22.61 6.24
C PHE A 81 -8.08 -23.64 5.26
N LEU A 82 -8.85 -23.22 4.26
CA LEU A 82 -9.40 -24.17 3.31
C LEU A 82 -8.29 -25.00 2.67
N GLY A 83 -7.13 -24.39 2.42
CA GLY A 83 -6.02 -25.15 1.88
C GLY A 83 -5.48 -26.17 2.87
N LEU A 84 -5.33 -25.76 4.13
CA LEU A 84 -4.76 -26.68 5.12
C LEU A 84 -5.67 -27.88 5.35
N TRP A 85 -6.98 -27.65 5.41
CA TRP A 85 -7.93 -28.71 5.70
C TRP A 85 -8.26 -29.56 4.49
N GLY A 86 -7.77 -29.20 3.30
CA GLY A 86 -8.06 -29.98 2.11
C GLY A 86 -9.40 -29.68 1.47
N CYS A 87 -9.96 -28.49 1.72
CA CYS A 87 -11.28 -28.14 1.24
C CYS A 87 -11.24 -27.09 0.13
N SER A 88 -10.11 -26.94 -0.54
CA SER A 88 -10.00 -25.95 -1.60
C SER A 88 -11.02 -26.23 -2.69
N GLY A 89 -11.73 -25.20 -3.13
CA GLY A 89 -12.68 -25.33 -4.20
C GLY A 89 -13.99 -26.00 -3.82
N LYS A 90 -14.36 -25.95 -2.55
CA LYS A 90 -15.59 -26.57 -2.06
C LYS A 90 -16.40 -25.54 -1.30
N ILE A 91 -17.71 -25.58 -1.48
CA ILE A 91 -18.60 -24.76 -0.64
C ILE A 91 -18.86 -25.47 0.68
N ILE A 92 -19.33 -26.70 0.62
CA ILE A 92 -19.49 -27.55 1.80
C ILE A 92 -18.51 -28.71 1.66
N CYS A 93 -17.61 -28.82 2.63
CA CYS A 93 -16.52 -29.79 2.59
C CYS A 93 -16.66 -30.75 3.75
N CYS A 94 -16.75 -32.03 3.46
CA CYS A 94 -16.82 -33.07 4.48
C CYS A 94 -15.42 -33.44 4.94
N THR A 95 -15.27 -33.69 6.24
CA THR A 95 -13.99 -34.00 6.84
C THR A 95 -14.05 -35.39 7.46
N ALA A 96 -12.87 -35.88 7.87
CA ALA A 96 -12.76 -37.17 8.53
C ALA A 96 -12.54 -37.05 10.02
N VAL A 97 -12.90 -35.91 10.61
CA VAL A 97 -12.71 -35.66 12.03
C VAL A 97 -14.01 -35.97 12.74
N PRO A 98 -14.07 -36.97 13.62
CA PRO A 98 -15.32 -37.24 14.34
C PRO A 98 -15.67 -36.08 15.24
N TRP A 99 -16.97 -35.85 15.39
CA TRP A 99 -17.43 -34.80 16.28
C TRP A 99 -17.24 -35.24 17.72
N ASN A 100 -16.82 -34.31 18.57
CA ASN A 100 -16.51 -34.57 19.97
C ASN A 100 -17.65 -33.99 20.81
N SER A 101 -18.28 -34.83 21.63
CA SER A 101 -19.43 -34.38 22.40
C SER A 101 -18.97 -33.64 23.66
N THR A 102 -18.04 -32.71 23.49
CA THR A 102 -17.65 -31.79 24.55
C THR A 102 -17.74 -30.38 24.00
N TRP A 103 -17.52 -30.24 22.69
CA TRP A 103 -17.78 -28.97 22.02
C TRP A 103 -19.26 -28.65 22.03
N SER A 104 -20.10 -29.65 21.76
CA SER A 104 -21.54 -29.51 21.87
C SER A 104 -22.16 -30.88 21.70
N ASN A 105 -23.22 -31.16 22.46
CA ASN A 105 -23.89 -32.46 22.42
C ASN A 105 -25.33 -32.33 21.96
N LYS A 106 -25.66 -31.29 21.21
CA LYS A 106 -27.01 -31.13 20.70
C LYS A 106 -27.26 -32.10 19.56
N SER A 107 -28.50 -32.58 19.46
CA SER A 107 -28.87 -33.55 18.45
C SER A 107 -29.14 -32.83 17.12
N PHE A 108 -29.59 -33.58 16.12
CA PHE A 108 -29.80 -33.00 14.79
C PHE A 108 -30.87 -31.92 14.82
N GLU A 109 -32.01 -32.21 15.47
CA GLU A 109 -33.11 -31.26 15.47
C GLU A 109 -32.82 -30.03 16.31
N GLN A 110 -31.95 -30.14 17.31
CA GLN A 110 -31.65 -29.00 18.17
C GLN A 110 -30.64 -28.05 17.56
N ILE A 111 -30.08 -28.38 16.40
CA ILE A 111 -29.09 -27.55 15.72
C ILE A 111 -29.65 -27.00 14.42
N TRP A 112 -30.07 -27.88 13.51
CA TRP A 112 -30.44 -27.47 12.17
C TRP A 112 -31.87 -26.99 12.05
N ASN A 113 -32.68 -27.13 13.10
CA ASN A 113 -34.05 -26.67 13.08
C ASN A 113 -34.37 -25.71 14.21
N ASN A 114 -33.41 -25.35 15.05
CA ASN A 114 -33.68 -24.52 16.21
C ASN A 114 -32.64 -23.44 16.45
N MET A 115 -31.58 -23.36 15.65
CA MET A 115 -30.49 -22.43 15.89
C MET A 115 -30.12 -21.70 14.61
N THR A 116 -29.66 -20.47 14.77
CA THR A 116 -29.08 -19.71 13.68
C THR A 116 -27.57 -19.82 13.71
N TRP A 117 -26.95 -19.56 12.56
CA TRP A 117 -25.50 -19.69 12.48
C TRP A 117 -24.79 -18.78 13.46
N ILE A 118 -25.39 -17.64 13.80
CA ILE A 118 -24.77 -16.73 14.77
C ILE A 118 -24.81 -17.34 16.17
N GLU A 119 -25.95 -17.89 16.55
CA GLU A 119 -26.07 -18.49 17.88
C GLU A 119 -25.11 -19.66 18.04
N TRP A 120 -25.01 -20.50 17.01
CA TRP A 120 -24.18 -21.69 17.10
C TRP A 120 -22.71 -21.34 17.20
N GLU A 121 -22.22 -20.50 16.29
CA GLU A 121 -20.81 -20.13 16.32
C GLU A 121 -20.42 -19.49 17.63
N ARG A 122 -21.37 -18.89 18.34
CA ARG A 122 -21.10 -18.39 19.67
C ARG A 122 -21.06 -19.50 20.70
N GLU A 123 -21.85 -20.56 20.50
CA GLU A 123 -21.86 -21.66 21.46
C GLU A 123 -20.54 -22.42 21.46
N ILE A 124 -19.99 -22.70 20.29
CA ILE A 124 -18.74 -23.44 20.18
C ILE A 124 -17.55 -22.50 20.03
N SER A 125 -17.71 -21.22 20.40
CA SER A 125 -16.66 -20.25 20.23
C SER A 125 -15.40 -20.60 21.00
N ASN A 126 -15.52 -21.37 22.08
CA ASN A 126 -14.36 -21.74 22.88
C ASN A 126 -13.51 -22.81 22.23
N TYR A 127 -14.06 -23.57 21.28
CA TYR A 127 -13.38 -24.71 20.69
C TYR A 127 -13.07 -24.53 19.22
N THR A 128 -13.30 -23.34 18.65
CA THR A 128 -12.98 -23.13 17.25
C THR A 128 -11.48 -23.25 17.01
N SER A 129 -10.67 -22.67 17.89
CA SER A 129 -9.22 -22.76 17.74
C SER A 129 -8.75 -24.20 17.87
N GLN A 130 -9.32 -24.93 18.84
CA GLN A 130 -8.96 -26.34 18.99
C GLN A 130 -9.39 -27.16 17.78
N ILE A 131 -10.58 -26.88 17.26
CA ILE A 131 -11.08 -27.64 16.11
C ILE A 131 -10.25 -27.33 14.87
N TYR A 132 -9.81 -26.08 14.71
CA TYR A 132 -9.00 -25.73 13.55
C TYR A 132 -7.71 -26.52 13.53
N ASP A 133 -7.05 -26.66 14.68
CA ASP A 133 -5.80 -27.40 14.73
C ASP A 133 -6.02 -28.87 14.37
N ILE A 134 -7.11 -29.46 14.85
CA ILE A 134 -7.40 -30.86 14.57
C ILE A 134 -7.62 -31.07 13.07
N LEU A 135 -8.34 -30.14 12.43
CA LEU A 135 -8.62 -30.31 11.01
C LEU A 135 -7.34 -30.31 10.18
N THR A 136 -6.41 -29.41 10.51
CA THR A 136 -5.11 -29.42 9.82
C THR A 136 -4.36 -30.71 10.08
N GLU A 137 -4.34 -31.17 11.33
CA GLU A 137 -3.64 -32.40 11.65
C GLU A 137 -4.27 -33.59 10.93
N SER A 138 -5.59 -33.60 10.80
CA SER A 138 -6.26 -34.70 10.11
C SER A 138 -5.86 -34.74 8.64
N GLN A 139 -5.87 -33.60 7.97
CA GLN A 139 -5.47 -33.57 6.56
C GLN A 139 -4.02 -34.00 6.39
N PHE A 140 -3.16 -33.65 7.34
CA PHE A 140 -1.76 -34.05 7.25
C PHE A 140 -1.63 -35.57 7.31
N GLN A 141 -2.42 -36.23 8.15
CA GLN A 141 -2.34 -37.68 8.27
C GLN A 141 -2.77 -38.36 6.99
N GLN A 142 -3.78 -37.83 6.30
CA GLN A 142 -4.21 -38.44 5.05
C GLN A 142 -3.09 -38.43 4.02
N ASP A 143 -2.34 -37.33 3.95
CA ASP A 143 -1.24 -37.24 2.99
C ASP A 143 -0.09 -38.15 3.41
N ILE A 144 0.19 -38.24 4.70
CA ILE A 144 1.19 -39.20 5.18
C ILE A 144 0.75 -40.62 4.85
N ASN A 145 -0.51 -40.95 5.12
CA ASN A 145 -1.00 -42.31 4.87
C ASN A 145 -1.10 -42.63 3.38
N GLU A 146 -1.02 -41.62 2.52
CA GLU A 146 -1.08 -41.85 1.08
C GLU A 146 0.30 -42.04 0.47
N VAL A 147 1.30 -41.30 0.97
CA VAL A 147 2.65 -41.42 0.42
C VAL A 147 3.18 -42.83 0.64
N ASP A 148 3.00 -43.38 1.84
CA ASP A 148 3.50 -44.71 2.17
C ASP A 148 2.45 -45.79 1.95
N LEU A 149 1.53 -45.57 1.02
CA LEU A 149 0.53 -46.56 0.62
C LEU A 149 0.56 -46.85 -0.87
N LEU A 150 1.05 -45.92 -1.69
CA LEU A 150 1.10 -46.10 -3.13
C LEU A 150 2.49 -46.55 -3.57
N ALA B 1 -24.32 -38.75 18.30
CA ALA B 1 -24.08 -40.15 17.95
C ALA B 1 -22.65 -40.33 17.45
N GLU B 2 -22.29 -41.58 17.13
CA GLU B 2 -20.98 -41.86 16.55
C GLU B 2 -20.92 -41.45 15.08
N ASN B 3 -22.07 -41.26 14.44
CA ASN B 3 -22.12 -41.00 13.01
C ASN B 3 -21.87 -39.54 12.66
N LEU B 4 -21.55 -38.69 13.63
CA LEU B 4 -21.39 -37.26 13.40
C LEU B 4 -19.93 -36.93 13.15
N TRP B 5 -19.68 -36.14 12.12
CA TRP B 5 -18.33 -35.73 11.72
C TRP B 5 -18.31 -34.23 11.50
N VAL B 6 -17.12 -33.65 11.61
CA VAL B 6 -16.97 -32.20 11.47
C VAL B 6 -17.04 -31.84 9.99
N THR B 7 -17.87 -30.85 9.67
CA THR B 7 -18.06 -30.39 8.30
C THR B 7 -17.80 -28.89 8.24
N VAL B 8 -17.21 -28.45 7.14
CA VAL B 8 -16.82 -27.06 6.96
C VAL B 8 -17.75 -26.42 5.95
N TYR B 9 -18.45 -25.37 6.38
CA TYR B 9 -19.38 -24.64 5.53
C TYR B 9 -18.75 -23.29 5.17
N TYR B 10 -18.68 -23.00 3.89
CA TYR B 10 -18.13 -21.74 3.39
C TYR B 10 -19.28 -20.85 2.92
N GLY B 11 -19.23 -19.58 3.29
CA GLY B 11 -20.30 -18.66 2.99
C GLY B 11 -21.33 -18.47 4.08
N VAL B 12 -20.99 -18.81 5.33
CA VAL B 12 -21.96 -18.73 6.43
C VAL B 12 -22.31 -17.27 6.70
N PRO B 13 -23.58 -16.94 6.97
CA PRO B 13 -23.97 -15.55 7.32
C PRO B 13 -23.76 -15.23 8.80
N VAL B 14 -22.52 -14.89 9.14
CA VAL B 14 -22.16 -14.55 10.51
C VAL B 14 -21.22 -13.36 10.46
N TRP B 15 -21.34 -12.47 11.44
CA TRP B 15 -20.52 -11.28 11.53
C TRP B 15 -20.10 -11.05 12.98
N LYS B 16 -19.21 -10.07 13.16
CA LYS B 16 -18.81 -9.64 14.49
C LYS B 16 -18.46 -8.16 14.44
N ASP B 17 -18.60 -7.48 15.57
CA ASP B 17 -18.27 -6.07 15.63
C ASP B 17 -16.79 -5.85 15.34
N ALA B 18 -16.50 -4.83 14.54
CA ALA B 18 -15.13 -4.56 14.13
C ALA B 18 -15.00 -3.10 13.74
N ASP B 19 -13.75 -2.65 13.66
CA ASP B 19 -13.41 -1.31 13.20
C ASP B 19 -12.50 -1.43 11.98
N THR B 20 -12.78 -0.63 10.96
CA THR B 20 -12.08 -0.75 9.69
C THR B 20 -11.97 0.61 9.03
N THR B 21 -11.32 0.63 7.87
CA THR B 21 -11.14 1.83 7.09
C THR B 21 -12.31 1.99 6.13
N LEU B 22 -13.00 3.12 6.20
CA LEU B 22 -14.09 3.44 5.30
C LEU B 22 -13.60 4.45 4.27
N PHE B 23 -13.84 4.16 3.00
CA PHE B 23 -13.48 5.06 1.93
C PHE B 23 -14.71 5.80 1.42
N CYS B 24 -14.47 6.82 0.59
CA CYS B 24 -15.51 7.71 0.13
C CYS B 24 -16.08 7.24 -1.21
N ALA B 25 -17.31 7.68 -1.48
CA ALA B 25 -17.97 7.41 -2.76
C ALA B 25 -19.00 8.50 -2.99
N SER B 26 -18.87 9.20 -4.11
CA SER B 26 -19.73 10.35 -4.39
C SER B 26 -20.33 10.22 -5.79
N ASP B 27 -21.49 10.85 -5.97
CA ASP B 27 -22.17 10.80 -7.25
C ASP B 27 -21.40 11.57 -8.31
N ALA B 28 -21.39 11.03 -9.53
CA ALA B 28 -20.67 11.69 -10.62
C ALA B 28 -21.38 12.94 -11.10
N LYS B 29 -22.70 13.02 -10.92
CA LYS B 29 -23.43 14.20 -11.39
C LYS B 29 -22.96 15.46 -10.66
N ALA B 30 -22.75 15.38 -9.34
CA ALA B 30 -22.17 16.49 -8.61
C ALA B 30 -20.71 16.73 -8.96
N HIS B 31 -20.09 15.80 -9.68
CA HIS B 31 -18.69 15.91 -10.07
C HIS B 31 -18.61 16.69 -11.38
N GLU B 32 -17.45 16.69 -12.03
CA GLU B 32 -17.24 17.30 -13.34
C GLU B 32 -17.79 18.72 -13.40
N THR B 33 -17.63 19.47 -12.31
CA THR B 33 -17.88 20.91 -12.31
C THR B 33 -16.59 21.72 -12.24
N GLU B 34 -15.46 21.08 -11.97
CA GLU B 34 -14.16 21.75 -11.90
C GLU B 34 -14.17 22.87 -10.87
N ALA B 35 -14.97 22.72 -9.82
CA ALA B 35 -15.05 23.71 -8.76
C ALA B 35 -14.10 23.42 -7.60
N HIS B 36 -13.46 22.25 -7.58
CA HIS B 36 -12.51 21.88 -6.54
C HIS B 36 -13.12 22.05 -5.15
N ASN B 37 -14.16 21.28 -4.90
CA ASN B 37 -14.79 21.27 -3.59
C ASN B 37 -13.82 20.73 -2.55
N ILE B 38 -13.93 21.24 -1.32
CA ILE B 38 -13.01 20.82 -0.26
C ILE B 38 -13.25 19.37 0.12
N TRP B 39 -14.52 18.99 0.34
CA TRP B 39 -14.80 17.74 1.02
C TRP B 39 -14.73 16.54 0.08
N ALA B 40 -15.67 16.44 -0.86
CA ALA B 40 -15.80 15.26 -1.71
C ALA B 40 -15.00 15.47 -2.98
N THR B 41 -13.68 15.35 -2.83
CA THR B 41 -12.76 15.70 -3.90
C THR B 41 -12.84 14.65 -5.01
N HIS B 42 -11.96 14.78 -6.00
CA HIS B 42 -11.93 13.87 -7.13
C HIS B 42 -11.55 12.45 -6.72
N ALA B 43 -10.94 12.28 -5.56
CA ALA B 43 -10.43 10.97 -5.16
C ALA B 43 -11.53 9.98 -4.80
N CYS B 44 -12.77 10.43 -4.66
CA CYS B 44 -13.87 9.54 -4.30
C CYS B 44 -14.26 8.69 -5.49
N VAL B 45 -14.38 7.39 -5.28
CA VAL B 45 -14.78 6.47 -6.34
C VAL B 45 -16.25 6.74 -6.68
N PRO B 46 -16.69 6.50 -7.91
CA PRO B 46 -18.11 6.71 -8.24
C PRO B 46 -18.99 5.80 -7.41
N THR B 47 -20.15 6.32 -7.05
CA THR B 47 -21.10 5.56 -6.24
C THR B 47 -21.76 4.48 -7.08
N ASP B 48 -22.39 3.54 -6.39
CA ASP B 48 -23.07 2.43 -7.06
C ASP B 48 -24.37 2.93 -7.68
N PRO B 49 -24.59 2.73 -8.99
CA PRO B 49 -25.87 3.15 -9.58
C PRO B 49 -27.08 2.49 -8.96
N ASN B 50 -26.95 1.25 -8.49
CA ASN B 50 -28.07 0.49 -7.93
C ASN B 50 -27.66 -0.03 -6.56
N PRO B 51 -27.77 0.80 -5.52
CA PRO B 51 -27.44 0.34 -4.17
C PRO B 51 -28.38 -0.77 -3.73
N GLN B 52 -27.84 -1.69 -2.94
CA GLN B 52 -28.58 -2.84 -2.43
C GLN B 52 -28.75 -2.68 -0.92
N GLU B 53 -30.00 -2.75 -0.47
CA GLU B 53 -30.33 -2.72 0.96
C GLU B 53 -31.17 -3.96 1.25
N ILE B 54 -30.62 -4.87 2.05
CA ILE B 54 -31.21 -6.19 2.29
C ILE B 54 -31.81 -6.21 3.67
N TYR B 55 -33.09 -6.55 3.76
CA TYR B 55 -33.76 -6.64 5.05
C TYR B 55 -33.53 -8.01 5.66
N MET B 56 -32.98 -8.02 6.86
CA MET B 56 -32.68 -9.25 7.60
C MET B 56 -33.78 -9.42 8.64
N GLU B 57 -34.59 -10.46 8.48
CA GLU B 57 -35.91 -10.49 9.11
C GLU B 57 -35.84 -10.84 10.59
N ASN B 58 -35.39 -12.04 10.92
CA ASN B 58 -35.41 -12.49 12.31
C ASN B 58 -34.14 -12.10 13.06
N VAL B 59 -33.74 -10.84 12.98
CA VAL B 59 -32.43 -10.41 13.48
C VAL B 59 -32.63 -9.26 14.46
N THR B 60 -32.05 -9.39 15.65
CA THR B 60 -32.00 -8.34 16.65
C THR B 60 -30.54 -8.03 16.93
N GLU B 61 -30.14 -6.78 16.76
CA GLU B 61 -28.75 -6.37 16.92
C GLU B 61 -28.68 -5.21 17.90
N ASN B 62 -27.57 -5.14 18.62
CA ASN B 62 -27.35 -4.10 19.62
C ASN B 62 -26.60 -2.94 18.98
N PHE B 63 -27.27 -1.80 18.86
CA PHE B 63 -26.66 -0.58 18.35
C PHE B 63 -26.31 0.33 19.51
N ASN B 64 -25.25 1.12 19.32
CA ASN B 64 -24.79 2.02 20.39
C ASN B 64 -24.10 3.22 19.73
N MET B 65 -24.86 4.30 19.57
CA MET B 65 -24.20 5.56 19.29
C MET B 65 -23.58 6.10 20.58
N TRP B 66 -22.81 7.16 20.45
CA TRP B 66 -21.97 7.65 21.55
C TRP B 66 -20.76 6.75 21.74
N LYS B 67 -20.70 5.64 21.01
CA LYS B 67 -19.57 4.72 21.01
C LYS B 67 -19.32 4.19 19.61
N ASN B 68 -19.72 4.95 18.60
CA ASN B 68 -19.60 4.53 17.21
C ASN B 68 -18.30 5.06 16.64
N ASN B 69 -17.45 4.16 16.15
CA ASN B 69 -16.16 4.56 15.61
C ASN B 69 -16.25 5.23 14.25
N MET B 70 -17.41 5.18 13.60
CA MET B 70 -17.55 5.89 12.33
C MET B 70 -17.61 7.40 12.57
N VAL B 71 -18.05 7.83 13.75
CA VAL B 71 -18.09 9.25 14.04
C VAL B 71 -16.69 9.81 14.22
N GLU B 72 -15.84 9.11 14.98
CA GLU B 72 -14.47 9.58 15.15
C GLU B 72 -13.71 9.55 13.83
N GLN B 73 -13.96 8.54 13.00
CA GLN B 73 -13.30 8.48 11.70
C GLN B 73 -13.69 9.65 10.83
N MET B 74 -14.97 10.02 10.83
CA MET B 74 -15.42 11.13 10.00
C MET B 74 -14.78 12.43 10.44
N GLN B 75 -14.65 12.64 11.75
CA GLN B 75 -14.01 13.84 12.26
C GLN B 75 -12.54 13.89 11.86
N GLU B 76 -11.85 12.76 11.91
CA GLU B 76 -10.46 12.73 11.48
C GLU B 76 -10.34 13.09 10.01
N ASP B 77 -11.25 12.58 9.18
CA ASP B 77 -11.19 12.85 7.75
C ASP B 77 -11.57 14.29 7.45
N ILE B 78 -12.59 14.82 8.14
CA ILE B 78 -13.05 16.17 7.85
C ILE B 78 -11.95 17.19 8.16
N ILE B 79 -11.28 17.04 9.30
CA ILE B 79 -10.20 17.94 9.64
C ILE B 79 -9.03 17.77 8.69
N SER B 80 -8.72 16.53 8.30
CA SER B 80 -7.58 16.28 7.43
C SER B 80 -7.80 16.91 6.05
N LEU B 81 -9.01 16.81 5.52
CA LEU B 81 -9.30 17.45 4.24
C LEU B 81 -9.20 18.95 4.33
N TRP B 82 -9.65 19.52 5.45
CA TRP B 82 -9.58 20.97 5.62
C TRP B 82 -8.14 21.47 5.58
N ASP B 83 -7.23 20.76 6.26
CA ASP B 83 -5.87 21.25 6.39
C ASP B 83 -5.12 21.15 5.06
N GLN B 84 -5.34 20.07 4.30
CA GLN B 84 -4.58 19.91 3.06
C GLN B 84 -5.05 20.84 1.95
N SER B 85 -6.35 21.16 1.91
CA SER B 85 -6.84 22.08 0.89
C SER B 85 -6.30 23.48 1.08
N LEU B 86 -5.97 23.85 2.32
CA LEU B 86 -5.40 25.16 2.61
C LEU B 86 -3.89 25.18 2.52
N LYS B 87 -3.24 24.03 2.39
CA LYS B 87 -1.78 24.01 2.38
C LYS B 87 -1.20 24.83 1.24
N PRO B 88 -1.67 24.70 -0.01
CA PRO B 88 -1.07 25.48 -1.11
C PRO B 88 -1.40 26.95 -1.07
N CYS B 89 -2.31 27.39 -0.22
CA CYS B 89 -2.81 28.76 -0.28
C CYS B 89 -1.76 29.71 0.31
N VAL B 90 -2.11 31.00 0.31
CA VAL B 90 -1.16 32.08 0.59
C VAL B 90 -1.19 32.41 2.07
N LYS B 91 -0.02 32.44 2.70
CA LYS B 91 0.10 32.86 4.08
C LYS B 91 -0.08 34.37 4.19
N LEU B 92 -0.62 34.81 5.32
CA LEU B 92 -0.91 36.21 5.56
C LEU B 92 -0.04 36.78 6.68
N THR B 93 1.23 36.37 6.72
CA THR B 93 2.16 36.95 7.69
C THR B 93 2.34 38.44 7.51
N PRO B 94 2.44 39.00 6.30
CA PRO B 94 2.68 40.44 6.18
C PRO B 94 1.57 41.29 6.77
N LEU B 95 0.38 40.73 7.02
CA LEU B 95 -0.72 41.51 7.53
C LEU B 95 -0.69 41.66 9.05
N CYS B 96 0.25 41.01 9.73
CA CYS B 96 0.45 41.27 11.16
C CYS B 96 1.38 42.48 11.31
N VAL B 97 0.79 43.64 11.04
CA VAL B 97 1.44 44.93 11.24
C VAL B 97 0.44 45.83 11.96
N THR B 98 0.91 47.01 12.36
CA THR B 98 0.05 47.94 13.08
C THR B 98 -0.99 48.54 12.13
N LEU B 99 -2.24 48.51 12.56
CA LEU B 99 -3.36 49.05 11.78
C LEU B 99 -3.86 50.31 12.46
N SER B 100 -4.05 51.37 11.69
CA SER B 100 -4.63 52.61 12.19
C SER B 100 -6.01 52.75 11.56
N CYS B 101 -7.05 52.57 12.37
CA CYS B 101 -8.41 52.41 11.89
C CYS B 101 -9.26 53.62 12.25
N THR B 102 -10.20 53.96 11.37
CA THR B 102 -11.12 55.07 11.57
C THR B 102 -12.50 54.65 11.09
N ASN B 103 -13.50 55.48 11.39
CA ASN B 103 -14.86 55.18 10.99
C ASN B 103 -14.98 55.19 9.47
N VAL B 104 -15.82 54.30 8.96
CA VAL B 104 -16.02 54.16 7.53
C VAL B 104 -16.95 55.26 7.03
N THR B 105 -16.77 55.67 5.78
CA THR B 105 -17.60 56.68 5.14
C THR B 105 -18.01 56.15 3.76
N LEU B 106 -19.29 56.29 3.43
CA LEU B 106 -19.85 55.72 2.22
C LEU B 106 -20.71 56.76 1.51
N THR B 107 -20.98 56.49 0.23
CA THR B 107 -21.75 57.40 -0.63
C THR B 107 -22.86 56.61 -1.32
N ASN B 108 -24.10 56.84 -0.89
CA ASN B 108 -25.27 56.18 -1.45
C ASN B 108 -26.50 56.79 -0.79
N VAL B 109 -27.68 56.33 -1.22
CA VAL B 109 -28.92 56.72 -0.56
C VAL B 109 -29.65 55.46 -0.09
N ASN B 110 -30.09 54.61 -1.04
CA ASN B 110 -30.54 53.26 -0.73
C ASN B 110 -31.41 53.20 0.52
N TYR B 111 -32.61 53.77 0.47
CA TYR B 111 -33.41 53.94 1.68
C TYR B 111 -33.93 52.60 2.20
N THR B 112 -33.00 51.75 2.64
CA THR B 112 -33.27 50.50 3.33
C THR B 112 -33.78 49.40 2.39
N ASN B 113 -34.16 49.77 1.17
CA ASN B 113 -34.31 48.83 0.07
C ASN B 113 -35.22 47.64 0.40
N ASN B 114 -35.89 47.67 1.55
CA ASN B 114 -36.66 46.51 2.01
C ASN B 114 -37.32 46.87 3.33
N PHE B 115 -38.21 45.97 3.78
CA PHE B 115 -38.91 46.17 5.05
C PHE B 115 -37.97 46.18 6.24
N PRO B 116 -37.05 45.22 6.41
CA PRO B 116 -36.31 45.14 7.66
C PRO B 116 -35.53 46.42 7.95
N ASN B 117 -35.49 46.78 9.23
CA ASN B 117 -34.74 47.97 9.67
C ASN B 117 -33.78 47.58 10.79
N ILE B 118 -33.04 46.49 10.59
CA ILE B 118 -32.11 46.03 11.60
C ILE B 118 -31.05 47.09 11.88
N GLY B 119 -30.49 47.67 10.82
CA GLY B 119 -29.45 48.67 10.96
C GLY B 119 -28.60 48.70 9.71
N ASN B 120 -27.38 49.23 9.87
CA ASN B 120 -26.43 49.31 8.78
C ASN B 120 -25.06 48.89 9.26
N ILE B 121 -24.22 48.44 8.32
CA ILE B 121 -22.89 47.96 8.64
C ILE B 121 -21.99 49.04 9.22
N THR B 122 -22.21 50.30 8.89
CA THR B 122 -21.47 51.37 9.55
C THR B 122 -21.68 51.25 11.05
N ASP B 123 -20.60 51.31 11.80
CA ASP B 123 -20.43 50.94 13.21
C ASP B 123 -20.20 49.45 13.38
N GLU B 124 -20.14 48.69 12.29
CA GLU B 124 -19.77 47.28 12.34
C GLU B 124 -18.48 46.99 11.60
N VAL B 125 -17.94 47.96 10.86
CA VAL B 125 -16.67 47.81 10.14
C VAL B 125 -15.81 49.02 10.44
N ARG B 126 -14.52 48.87 10.18
CA ARG B 126 -13.55 49.94 10.34
C ARG B 126 -12.72 50.08 9.07
N ASN B 127 -12.26 51.30 8.82
CA ASN B 127 -11.40 51.59 7.68
C ASN B 127 -9.96 51.72 8.18
N CYS B 128 -9.15 50.70 7.90
CA CYS B 128 -7.81 50.59 8.46
C CYS B 128 -6.77 50.74 7.36
N SER B 129 -5.69 51.43 7.68
CA SER B 129 -4.57 51.64 6.77
C SER B 129 -3.29 51.10 7.39
N PHE B 130 -2.42 50.54 6.56
CA PHE B 130 -1.20 49.91 7.06
C PHE B 130 -0.15 49.91 5.95
N ASN B 131 1.06 49.50 6.32
CA ASN B 131 2.19 49.40 5.40
C ASN B 131 2.48 47.94 5.11
N VAL B 132 2.51 47.58 3.83
CA VAL B 132 2.89 46.24 3.42
C VAL B 132 4.07 46.35 2.45
N THR B 133 4.56 45.23 1.97
CA THR B 133 5.67 45.19 1.03
C THR B 133 5.16 44.90 -0.37
N THR B 134 5.72 45.59 -1.35
CA THR B 134 5.39 45.34 -2.75
C THR B 134 6.09 44.07 -3.20
N GLU B 135 6.04 43.77 -4.50
CA GLU B 135 6.75 42.60 -5.00
C GLU B 135 8.25 42.70 -4.73
N ILE B 136 8.77 43.92 -4.55
CA ILE B 136 10.17 44.14 -4.21
C ILE B 136 10.28 44.24 -2.71
N ARG B 137 11.14 43.47 -2.08
CA ARG B 137 11.13 43.39 -0.60
C ARG B 137 11.54 44.71 0.03
N ASP B 138 12.42 45.47 -0.55
CA ASP B 138 12.86 46.69 0.11
C ASP B 138 12.05 47.91 -0.29
N LYS B 139 10.79 47.74 -0.64
CA LYS B 139 9.90 48.85 -0.95
C LYS B 139 8.59 48.64 -0.22
N LYS B 140 8.12 49.70 0.46
CA LYS B 140 6.90 49.64 1.27
C LYS B 140 5.81 50.48 0.62
N GLN B 141 4.58 50.00 0.69
CA GLN B 141 3.43 50.72 0.17
C GLN B 141 2.37 50.82 1.25
N LYS B 142 1.60 51.90 1.21
CA LYS B 142 0.52 52.13 2.14
C LYS B 142 -0.80 51.78 1.48
N VAL B 143 -1.55 50.86 2.09
CA VAL B 143 -2.81 50.40 1.55
C VAL B 143 -3.87 50.50 2.65
N TYR B 144 -5.12 50.30 2.25
CA TYR B 144 -6.26 50.38 3.14
C TYR B 144 -7.18 49.20 2.89
N ALA B 145 -7.96 48.85 3.91
CA ALA B 145 -8.93 47.77 3.80
C ALA B 145 -10.00 47.99 4.85
N LEU B 146 -11.17 47.41 4.60
CA LEU B 146 -12.28 47.47 5.54
C LEU B 146 -12.36 46.16 6.29
N PHE B 147 -12.29 46.23 7.61
CA PHE B 147 -12.28 45.06 8.48
C PHE B 147 -13.47 45.12 9.42
N TYR B 148 -14.04 43.96 9.71
CA TYR B 148 -15.08 43.86 10.73
C TYR B 148 -14.45 44.00 12.11
N LYS B 149 -15.17 44.66 13.02
CA LYS B 149 -14.63 44.89 14.35
C LYS B 149 -14.32 43.60 15.08
N LEU B 150 -14.94 42.48 14.67
CA LEU B 150 -14.63 41.20 15.28
C LEU B 150 -13.26 40.67 14.88
N ASP B 151 -12.71 41.13 13.76
CA ASP B 151 -11.46 40.63 13.23
C ASP B 151 -10.25 41.44 13.67
N ILE B 152 -10.45 42.53 14.40
CA ILE B 152 -9.36 43.41 14.82
C ILE B 152 -9.51 43.68 16.30
N VAL B 153 -8.40 43.56 17.03
CA VAL B 153 -8.37 43.80 18.47
C VAL B 153 -7.42 44.95 18.74
N GLN B 154 -7.91 45.95 19.49
CA GLN B 154 -7.08 47.09 19.84
C GLN B 154 -5.97 46.67 20.80
N MET B 155 -4.79 47.26 20.63
CA MET B 155 -3.64 46.95 21.47
C MET B 155 -3.32 48.09 22.43
N GLU B 156 -3.15 49.31 21.93
CA GLU B 156 -2.90 50.48 22.75
C GLU B 156 -2.82 51.67 21.79
N ASN B 157 -2.67 52.87 22.34
CA ASN B 157 -2.55 54.07 21.53
C ASN B 157 -3.77 54.21 20.62
N LYS B 158 -4.90 54.53 21.26
CA LYS B 158 -6.21 54.46 20.63
C LYS B 158 -6.15 54.92 19.19
N ASN B 159 -6.94 54.24 18.35
CA ASN B 159 -6.89 54.32 16.88
C ASN B 159 -5.75 53.49 16.31
N SER B 160 -5.23 52.53 17.07
CA SER B 160 -4.19 51.61 16.60
C SER B 160 -4.62 50.19 16.96
N TYR B 161 -4.78 49.33 15.95
CA TYR B 161 -5.35 48.01 16.11
C TYR B 161 -4.42 46.94 15.54
N ARG B 162 -4.88 45.70 15.58
CA ARG B 162 -4.17 44.58 14.97
C ARG B 162 -5.15 43.44 14.77
N LEU B 163 -4.78 42.51 13.90
CA LEU B 163 -5.62 41.33 13.68
C LEU B 163 -5.59 40.42 14.91
N ILE B 164 -6.71 39.76 15.16
CA ILE B 164 -6.84 38.98 16.38
C ILE B 164 -5.86 37.81 16.40
N ASN B 165 -5.63 37.19 15.24
CA ASN B 165 -4.88 35.95 15.17
C ASN B 165 -3.38 36.15 15.31
N CYS B 166 -2.89 37.39 15.32
CA CYS B 166 -1.46 37.61 15.19
C CYS B 166 -0.66 37.19 16.42
N ASN B 167 -1.32 36.86 17.54
CA ASN B 167 -0.63 36.37 18.72
C ASN B 167 -0.95 34.91 19.02
N THR B 168 -1.71 34.24 18.15
CA THR B 168 -2.03 32.83 18.33
C THR B 168 -1.43 31.97 17.21
N SER B 169 -1.68 32.31 15.95
CA SER B 169 -1.15 31.54 14.85
C SER B 169 -1.27 32.34 13.57
N VAL B 170 -0.59 31.86 12.54
CA VAL B 170 -0.68 32.47 11.21
C VAL B 170 -1.88 31.88 10.49
N CYS B 171 -2.52 32.71 9.67
CA CYS B 171 -3.74 32.33 8.96
C CYS B 171 -3.50 32.40 7.46
N LYS B 172 -3.97 31.40 6.75
CA LYS B 172 -3.88 31.34 5.30
C LYS B 172 -5.15 31.87 4.67
N GLN B 173 -5.01 32.46 3.49
CA GLN B 173 -6.14 32.99 2.74
C GLN B 173 -6.72 31.87 1.87
N ALA B 174 -8.00 31.59 2.02
CA ALA B 174 -8.62 30.53 1.25
C ALA B 174 -8.44 30.79 -0.24
N CYS B 175 -7.98 29.77 -0.95
CA CYS B 175 -7.70 29.93 -2.37
C CYS B 175 -9.00 30.23 -3.11
N PRO B 176 -8.99 31.15 -4.08
CA PRO B 176 -10.25 31.60 -4.68
C PRO B 176 -11.04 30.49 -5.37
N LYS B 177 -10.37 29.51 -5.96
CA LYS B 177 -11.06 28.46 -6.69
C LYS B 177 -11.66 27.39 -5.79
N ILE B 178 -11.32 27.39 -4.50
CA ILE B 178 -11.85 26.38 -3.59
C ILE B 178 -13.31 26.68 -3.28
N SER B 179 -14.13 25.63 -3.26
CA SER B 179 -15.56 25.74 -3.01
C SER B 179 -15.90 25.09 -1.68
N PHE B 180 -16.74 25.77 -0.90
CA PHE B 180 -17.12 25.29 0.42
C PHE B 180 -18.46 24.56 0.41
N ASP B 181 -19.04 24.33 -0.76
CA ASP B 181 -20.35 23.71 -0.85
C ASP B 181 -20.27 22.27 -0.33
N PRO B 182 -21.04 21.89 0.70
CA PRO B 182 -21.05 20.49 1.15
C PRO B 182 -21.89 19.62 0.23
N ILE B 183 -21.22 18.66 -0.41
CA ILE B 183 -21.93 17.71 -1.26
C ILE B 183 -21.88 16.34 -0.59
N PRO B 184 -22.88 15.49 -0.79
CA PRO B 184 -22.99 14.28 0.03
C PRO B 184 -21.77 13.36 -0.12
N ILE B 185 -21.45 12.68 0.98
CA ILE B 185 -20.38 11.68 1.01
C ILE B 185 -20.98 10.36 1.45
N HIS B 186 -20.68 9.30 0.70
CA HIS B 186 -21.11 7.95 1.05
C HIS B 186 -19.92 7.21 1.62
N TYR B 187 -20.03 6.75 2.86
CA TYR B 187 -18.99 5.98 3.50
C TYR B 187 -19.22 4.50 3.24
N CYS B 188 -18.21 3.84 2.67
CA CYS B 188 -18.31 2.46 2.24
C CYS B 188 -17.31 1.61 3.01
N THR B 189 -17.37 0.31 2.80
CA THR B 189 -16.54 -0.64 3.54
C THR B 189 -15.74 -1.50 2.56
N PRO B 190 -14.61 -2.03 3.00
CA PRO B 190 -13.89 -3.00 2.18
C PRO B 190 -14.70 -4.27 2.02
N ALA B 191 -14.41 -5.01 0.94
CA ALA B 191 -15.04 -6.31 0.76
C ALA B 191 -14.65 -7.23 1.91
N GLY B 192 -15.63 -7.92 2.46
CA GLY B 192 -15.44 -8.71 3.66
C GLY B 192 -15.94 -8.05 4.93
N TYR B 193 -16.40 -6.81 4.84
CA TYR B 193 -17.07 -6.10 5.92
C TYR B 193 -18.47 -5.73 5.46
N ALA B 194 -19.26 -5.19 6.39
CA ALA B 194 -20.62 -4.79 6.08
C ALA B 194 -21.07 -3.74 7.07
N ILE B 195 -22.15 -3.05 6.74
CA ILE B 195 -22.75 -2.04 7.61
C ILE B 195 -24.16 -2.49 7.95
N LEU B 196 -24.48 -2.47 9.23
CA LEU B 196 -25.83 -2.78 9.71
C LEU B 196 -26.59 -1.49 9.91
N LYS B 197 -27.82 -1.45 9.40
CA LYS B 197 -28.66 -0.25 9.45
C LYS B 197 -29.89 -0.57 10.28
N CYS B 198 -30.23 0.33 11.21
CA CYS B 198 -31.40 0.18 12.06
C CYS B 198 -32.57 0.90 11.41
N ASN B 199 -33.65 0.16 11.14
CA ASN B 199 -34.80 0.68 10.42
C ASN B 199 -35.95 1.06 11.32
N GLU B 200 -35.76 1.09 12.63
CA GLU B 200 -36.82 1.45 13.54
C GLU B 200 -37.09 2.95 13.46
N LYS B 201 -38.38 3.31 13.36
CA LYS B 201 -38.72 4.73 13.23
C LYS B 201 -38.44 5.49 14.51
N ASN B 202 -38.88 4.97 15.64
CA ASN B 202 -38.69 5.60 16.94
C ASN B 202 -37.64 4.78 17.68
N PHE B 203 -36.37 5.10 17.44
CA PHE B 203 -35.25 4.39 18.01
C PHE B 203 -34.29 5.40 18.61
N ASN B 204 -34.09 5.33 19.93
CA ASN B 204 -33.10 6.17 20.56
C ASN B 204 -31.71 5.62 20.24
N GLY B 205 -30.68 6.19 20.84
CA GLY B 205 -29.33 5.87 20.41
C GLY B 205 -28.96 4.42 20.63
N THR B 206 -29.22 3.90 21.83
CA THR B 206 -28.70 2.63 22.25
C THR B 206 -29.83 1.62 22.44
N GLY B 207 -29.45 0.35 22.56
CA GLY B 207 -30.39 -0.71 22.79
C GLY B 207 -30.55 -1.59 21.56
N PRO B 208 -31.23 -2.73 21.73
CA PRO B 208 -31.42 -3.64 20.59
C PRO B 208 -32.34 -3.03 19.53
N CYS B 209 -31.98 -3.24 18.27
CA CYS B 209 -32.78 -2.83 17.13
C CYS B 209 -33.33 -4.09 16.47
N LYS B 210 -34.65 -4.18 16.40
CA LYS B 210 -35.32 -5.38 15.92
C LYS B 210 -35.63 -5.36 14.43
N ASN B 211 -35.19 -4.34 13.71
CA ASN B 211 -35.47 -4.19 12.28
C ASN B 211 -34.19 -3.89 11.52
N VAL B 212 -33.14 -4.66 11.78
CA VAL B 212 -31.85 -4.41 11.15
C VAL B 212 -31.92 -4.75 9.66
N SER B 213 -31.16 -4.02 8.86
CA SER B 213 -30.98 -4.34 7.46
C SER B 213 -29.51 -4.14 7.08
N SER B 214 -29.11 -4.79 6.00
CA SER B 214 -27.72 -4.79 5.56
C SER B 214 -27.54 -3.85 4.38
N VAL B 215 -26.46 -3.07 4.41
CA VAL B 215 -26.09 -2.18 3.33
C VAL B 215 -24.59 -2.27 3.12
N GLN B 216 -24.09 -1.61 2.07
CA GLN B 216 -22.67 -1.57 1.77
C GLN B 216 -22.08 -0.17 1.87
N CYS B 217 -22.86 0.88 1.65
CA CYS B 217 -22.42 2.25 1.83
C CYS B 217 -23.50 3.02 2.56
N THR B 218 -23.10 4.01 3.34
CA THR B 218 -24.07 4.87 3.99
C THR B 218 -24.78 5.72 2.94
N HIS B 219 -25.81 6.44 3.37
CA HIS B 219 -26.47 7.38 2.49
C HIS B 219 -25.65 8.66 2.40
N GLY B 220 -26.03 9.53 1.47
CA GLY B 220 -25.32 10.78 1.28
C GLY B 220 -25.31 11.62 2.53
N ILE B 221 -24.15 11.79 3.15
CA ILE B 221 -24.00 12.55 4.38
C ILE B 221 -23.31 13.86 4.04
N LYS B 222 -23.97 14.97 4.32
CA LYS B 222 -23.39 16.28 4.06
C LYS B 222 -22.50 16.70 5.23
N PRO B 223 -21.32 17.25 4.96
CA PRO B 223 -20.45 17.69 6.07
C PRO B 223 -20.83 19.06 6.61
N VAL B 224 -22.06 19.51 6.35
CA VAL B 224 -22.52 20.81 6.85
C VAL B 224 -22.09 21.00 8.28
N VAL B 225 -21.60 22.20 8.59
CA VAL B 225 -21.09 22.54 9.91
C VAL B 225 -21.97 23.63 10.50
N SER B 226 -22.41 23.42 11.74
CA SER B 226 -23.23 24.39 12.45
C SER B 226 -23.06 24.14 13.95
N THR B 227 -23.54 25.09 14.75
CA THR B 227 -23.31 25.06 16.19
C THR B 227 -24.58 24.81 16.99
N GLN B 228 -25.60 25.63 16.83
CA GLN B 228 -26.81 25.53 17.65
C GLN B 228 -27.91 24.75 16.95
N LEU B 229 -27.96 24.81 15.62
CA LEU B 229 -29.01 24.17 14.84
C LEU B 229 -28.37 23.30 13.77
N LEU B 230 -28.91 22.09 13.59
CA LEU B 230 -28.46 21.23 12.51
C LEU B 230 -29.19 21.62 11.24
N LEU B 231 -28.46 21.78 10.15
CA LEU B 231 -28.99 22.33 8.92
C LEU B 231 -28.80 21.33 7.78
N ASN B 232 -29.77 21.30 6.87
CA ASN B 232 -29.69 20.49 5.66
C ASN B 232 -29.46 19.02 5.97
N GLY B 233 -30.02 18.53 7.07
CA GLY B 233 -29.89 17.16 7.47
C GLY B 233 -30.99 16.29 6.91
N SER B 234 -31.20 15.14 7.54
CA SER B 234 -32.23 14.20 7.17
C SER B 234 -33.29 14.16 8.27
N LEU B 235 -34.55 14.31 7.88
CA LEU B 235 -35.62 14.38 8.86
C LEU B 235 -35.85 13.02 9.50
N ALA B 236 -36.43 13.04 10.69
CA ALA B 236 -36.82 11.80 11.35
C ALA B 236 -38.03 11.19 10.63
N GLU B 237 -38.19 9.88 10.80
CA GLU B 237 -39.25 9.15 10.12
C GLU B 237 -40.53 9.12 10.93
N GLY B 238 -40.46 8.64 12.17
CA GLY B 238 -41.65 8.52 12.99
C GLY B 238 -42.08 9.82 13.64
N GLU B 239 -41.25 10.36 14.51
CA GLU B 239 -41.60 11.59 15.22
C GLU B 239 -40.32 12.16 15.84
N ILE B 240 -40.47 13.25 16.60
CA ILE B 240 -39.33 13.89 17.21
C ILE B 240 -38.66 12.94 18.19
N ILE B 241 -37.33 12.85 18.12
CA ILE B 241 -36.55 11.96 18.96
C ILE B 241 -35.59 12.80 19.78
N ILE B 242 -35.56 12.56 21.09
CA ILE B 242 -34.63 13.21 21.99
C ILE B 242 -33.56 12.19 22.35
N ARG B 243 -32.34 12.43 21.90
CA ARG B 243 -31.23 11.49 22.07
C ARG B 243 -30.17 12.13 22.94
N SER B 244 -29.83 11.48 24.05
CA SER B 244 -28.78 11.95 24.93
C SER B 244 -28.09 10.74 25.55
N GLU B 245 -26.78 10.84 25.74
CA GLU B 245 -26.05 9.72 26.33
C GLU B 245 -26.58 9.38 27.70
N ASN B 246 -26.93 10.39 28.48
CA ASN B 246 -27.62 10.17 29.75
C ASN B 246 -28.38 11.45 30.08
N LEU B 247 -29.71 11.40 30.02
CA LEU B 247 -30.50 12.59 30.31
C LEU B 247 -30.37 13.04 31.75
N THR B 248 -29.90 12.16 32.64
CA THR B 248 -29.67 12.56 34.02
C THR B 248 -28.42 13.43 34.13
N ASN B 249 -27.39 13.11 33.37
CA ASN B 249 -26.15 13.88 33.39
C ASN B 249 -26.32 15.15 32.57
N ASN B 250 -26.13 16.31 33.21
CA ASN B 250 -26.29 17.58 32.52
C ASN B 250 -25.07 17.99 31.73
N ALA B 251 -23.95 17.29 31.88
CA ALA B 251 -22.76 17.56 31.07
C ALA B 251 -22.88 16.98 29.67
N LYS B 252 -23.93 16.20 29.39
CA LYS B 252 -24.12 15.58 28.09
C LYS B 252 -25.11 16.42 27.28
N THR B 253 -24.76 16.66 26.02
CA THR B 253 -25.61 17.49 25.16
C THR B 253 -26.81 16.68 24.67
N ILE B 254 -27.97 17.33 24.67
CA ILE B 254 -29.22 16.73 24.18
C ILE B 254 -29.36 17.07 22.71
N ILE B 255 -29.64 16.07 21.89
CA ILE B 255 -29.85 16.26 20.45
C ILE B 255 -31.32 16.05 20.15
N VAL B 256 -31.95 17.05 19.53
CA VAL B 256 -33.33 16.98 19.11
C VAL B 256 -33.36 16.80 17.61
N HIS B 257 -34.19 15.88 17.13
CA HIS B 257 -34.25 15.53 15.72
C HIS B 257 -35.69 15.72 15.25
N LEU B 258 -35.90 16.70 14.38
CA LEU B 258 -37.24 17.08 13.95
C LEU B 258 -37.74 16.16 12.86
N ASN B 259 -39.05 15.90 12.87
CA ASN B 259 -39.68 15.17 11.78
C ASN B 259 -40.30 16.08 10.74
N LYS B 260 -40.32 17.39 10.98
CA LYS B 260 -40.83 18.36 10.00
C LYS B 260 -39.81 19.48 9.87
N SER B 261 -39.36 19.73 8.65
CA SER B 261 -38.34 20.73 8.42
C SER B 261 -38.89 22.13 8.60
N VAL B 262 -38.05 23.03 9.11
CA VAL B 262 -38.39 24.44 9.28
C VAL B 262 -37.38 25.26 8.49
N GLU B 263 -37.88 26.10 7.59
CA GLU B 263 -37.03 26.87 6.68
C GLU B 263 -36.35 28.02 7.42
N ILE B 264 -35.07 28.22 7.15
CA ILE B 264 -34.33 29.39 7.59
C ILE B 264 -33.74 30.06 6.36
N ASN B 265 -33.97 31.37 6.22
CA ASN B 265 -33.65 32.11 5.01
C ASN B 265 -32.73 33.26 5.39
N CYS B 266 -31.45 33.13 5.09
CA CYS B 266 -30.43 34.09 5.49
C CYS B 266 -29.86 34.79 4.26
N THR B 267 -29.53 36.08 4.41
CA THR B 267 -29.02 36.88 3.31
C THR B 267 -28.10 37.95 3.86
N ARG B 268 -27.21 38.43 3.00
CA ARG B 268 -26.28 39.52 3.33
C ARG B 268 -26.57 40.68 2.38
N PRO B 269 -27.41 41.65 2.78
CA PRO B 269 -27.89 42.64 1.82
C PRO B 269 -26.83 43.61 1.34
N SER B 270 -25.69 43.71 2.00
CA SER B 270 -24.68 44.67 1.61
C SER B 270 -24.16 44.36 0.21
N ASN B 271 -23.29 45.24 -0.29
CA ASN B 271 -22.72 45.11 -1.63
C ASN B 271 -21.24 45.42 -1.52
N ASN B 272 -20.44 44.39 -1.27
CA ASN B 272 -19.01 44.54 -1.04
C ASN B 272 -18.25 44.39 -2.35
N THR B 273 -17.14 45.11 -2.45
CA THR B 273 -16.27 45.05 -3.62
C THR B 273 -14.97 44.35 -3.24
N ARG B 274 -14.56 43.39 -4.06
CA ARG B 274 -13.34 42.63 -3.84
C ARG B 274 -12.20 43.28 -4.61
N THR B 275 -11.17 43.71 -3.90
CA THR B 275 -10.00 44.31 -4.49
C THR B 275 -8.76 43.59 -3.97
N SER B 276 -7.71 43.56 -4.78
CA SER B 276 -6.52 42.78 -4.48
C SER B 276 -5.27 43.66 -4.50
N VAL B 277 -4.39 43.44 -3.53
CA VAL B 277 -3.08 44.06 -3.48
C VAL B 277 -2.04 42.97 -3.37
N THR B 278 -0.80 43.32 -3.71
CA THR B 278 0.33 42.40 -3.64
C THR B 278 1.09 42.68 -2.35
N ILE B 279 1.23 41.67 -1.52
CA ILE B 279 1.96 41.79 -0.25
C ILE B 279 3.32 41.14 -0.29
N GLY B 280 3.68 40.46 -1.37
CA GLY B 280 4.96 39.82 -1.50
C GLY B 280 5.10 39.13 -2.85
N PRO B 281 6.26 38.53 -3.10
CA PRO B 281 6.48 37.89 -4.40
C PRO B 281 5.52 36.75 -4.64
N GLY B 282 4.60 36.92 -5.59
CA GLY B 282 3.61 35.90 -5.89
C GLY B 282 2.46 35.83 -4.92
N GLN B 283 2.42 36.70 -3.91
CA GLN B 283 1.39 36.69 -2.88
C GLN B 283 0.44 37.86 -3.12
N VAL B 284 -0.86 37.56 -3.17
CA VAL B 284 -1.89 38.56 -3.44
C VAL B 284 -2.96 38.43 -2.37
N PHE B 285 -3.37 39.57 -1.81
CA PHE B 285 -4.30 39.62 -0.70
C PHE B 285 -5.61 40.25 -1.16
N TYR B 286 -6.72 39.54 -0.97
CA TYR B 286 -8.04 40.01 -1.35
C TYR B 286 -8.70 40.71 -0.17
N ARG B 287 -9.14 41.94 -0.38
CA ARG B 287 -9.73 42.74 0.68
C ARG B 287 -11.03 43.38 0.21
N THR B 288 -11.82 43.83 1.16
CA THR B 288 -13.05 44.56 0.86
C THR B 288 -12.70 46.02 0.64
N GLY B 289 -12.57 46.42 -0.63
CA GLY B 289 -12.18 47.78 -0.92
C GLY B 289 -13.22 48.79 -0.49
N ASP B 290 -14.49 48.53 -0.80
CA ASP B 290 -15.56 49.47 -0.50
C ASP B 290 -16.88 48.72 -0.49
N ILE B 291 -17.88 49.35 0.12
CA ILE B 291 -19.24 48.81 0.21
C ILE B 291 -20.17 49.92 -0.27
N ILE B 292 -20.51 49.89 -1.55
CA ILE B 292 -21.33 50.92 -2.16
C ILE B 292 -22.67 50.31 -2.56
N GLY B 293 -23.73 51.09 -2.39
CA GLY B 293 -25.07 50.62 -2.69
C GLY B 293 -25.84 50.35 -1.42
N ASP B 294 -26.47 49.18 -1.35
CA ASP B 294 -27.21 48.79 -0.15
C ASP B 294 -26.24 48.58 1.01
N ILE B 295 -26.62 49.04 2.19
CA ILE B 295 -25.84 48.84 3.40
C ILE B 295 -26.83 48.48 4.51
N ARG B 296 -26.82 47.22 4.92
CA ARG B 296 -27.71 46.75 5.98
C ARG B 296 -27.09 45.53 6.64
N LYS B 297 -27.41 45.36 7.92
CA LYS B 297 -26.90 44.20 8.65
C LYS B 297 -27.46 42.91 8.05
N ALA B 298 -26.65 41.87 8.09
CA ALA B 298 -27.11 40.55 7.66
C ALA B 298 -28.18 40.06 8.60
N TYR B 299 -29.10 39.25 8.08
CA TYR B 299 -30.22 38.77 8.87
C TYR B 299 -30.71 37.44 8.32
N CYS B 300 -31.47 36.72 9.15
CA CYS B 300 -32.10 35.48 8.78
C CYS B 300 -33.60 35.57 9.06
N GLU B 301 -34.40 35.02 8.15
CA GLU B 301 -35.86 35.07 8.24
C GLU B 301 -36.38 33.70 8.66
N ILE B 302 -37.20 33.68 9.70
CA ILE B 302 -37.84 32.47 10.18
C ILE B 302 -39.34 32.72 10.29
N ASN B 303 -40.13 31.82 9.72
CA ASN B 303 -41.58 31.89 9.88
C ASN B 303 -41.93 31.69 11.35
N GLY B 304 -42.56 32.69 11.96
CA GLY B 304 -42.82 32.62 13.38
C GLY B 304 -43.74 31.49 13.77
N THR B 305 -44.80 31.26 13.00
CA THR B 305 -45.77 30.23 13.35
C THR B 305 -45.13 28.84 13.32
N LYS B 306 -44.33 28.55 12.29
CA LYS B 306 -43.72 27.23 12.20
C LYS B 306 -42.83 26.94 13.39
N TRP B 307 -41.99 27.91 13.78
CA TRP B 307 -41.08 27.68 14.90
C TRP B 307 -41.86 27.43 16.19
N ASN B 308 -42.93 28.20 16.43
CA ASN B 308 -43.71 27.99 17.63
C ASN B 308 -44.32 26.59 17.65
N GLU B 309 -44.79 26.12 16.51
CA GLU B 309 -45.27 24.74 16.43
C GLU B 309 -44.14 23.76 16.70
N THR B 310 -42.99 23.95 16.04
CA THR B 310 -41.87 23.03 16.21
C THR B 310 -41.35 23.08 17.64
N LEU B 311 -41.31 24.27 18.25
CA LEU B 311 -40.95 24.38 19.64
C LEU B 311 -42.02 23.84 20.58
N LYS B 312 -43.24 23.64 20.10
CA LYS B 312 -44.32 23.11 20.94
C LYS B 312 -44.34 21.59 20.96
N GLN B 313 -44.08 20.95 19.81
CA GLN B 313 -43.96 19.50 19.80
C GLN B 313 -42.75 19.05 20.60
N VAL B 314 -41.64 19.78 20.49
CA VAL B 314 -40.42 19.40 21.19
C VAL B 314 -40.63 19.40 22.69
N VAL B 315 -41.25 20.45 23.22
CA VAL B 315 -41.51 20.50 24.65
C VAL B 315 -42.46 19.36 25.06
N GLY B 316 -43.30 18.92 24.13
CA GLY B 316 -44.13 17.76 24.42
C GLY B 316 -43.33 16.51 24.69
N LYS B 317 -42.28 16.27 23.89
CA LYS B 317 -41.43 15.11 24.11
C LYS B 317 -40.57 15.30 25.36
N LEU B 318 -40.14 16.53 25.65
CA LEU B 318 -39.33 16.77 26.84
C LEU B 318 -40.13 16.45 28.10
N LYS B 319 -41.41 16.82 28.14
CA LYS B 319 -42.21 16.57 29.32
C LYS B 319 -42.31 15.08 29.65
N GLU B 320 -42.11 14.21 28.66
CA GLU B 320 -42.12 12.78 28.93
C GLU B 320 -40.92 12.37 29.77
N HIS B 321 -39.73 12.86 29.43
CA HIS B 321 -38.54 12.55 30.20
C HIS B 321 -38.45 13.36 31.49
N PHE B 322 -39.18 14.47 31.57
CA PHE B 322 -39.22 15.32 32.76
C PHE B 322 -40.70 15.50 33.10
N PRO B 323 -41.29 14.54 33.82
CA PRO B 323 -42.76 14.50 33.91
C PRO B 323 -43.42 15.70 34.58
N ASN B 324 -43.02 16.00 35.81
CA ASN B 324 -43.75 16.96 36.65
C ASN B 324 -43.06 18.32 36.69
N LYS B 325 -42.40 18.73 35.61
CA LYS B 325 -41.65 19.97 35.60
C LYS B 325 -42.01 20.79 34.37
N THR B 326 -41.93 22.10 34.51
CA THR B 326 -42.17 23.02 33.41
C THR B 326 -40.89 23.27 32.63
N ILE B 327 -41.03 23.40 31.32
CA ILE B 327 -39.90 23.49 30.39
C ILE B 327 -39.82 24.90 29.86
N SER B 328 -38.63 25.50 29.95
CA SER B 328 -38.38 26.82 29.40
C SER B 328 -37.07 26.81 28.63
N PHE B 329 -36.98 27.68 27.63
CA PHE B 329 -35.80 27.81 26.79
C PHE B 329 -35.17 29.17 27.03
N GLN B 330 -33.85 29.21 27.10
CA GLN B 330 -33.13 30.44 27.38
C GLN B 330 -31.93 30.58 26.47
N PRO B 331 -31.49 31.80 26.20
CA PRO B 331 -30.31 32.00 25.34
C PRO B 331 -29.05 31.53 26.04
N PRO B 332 -28.00 31.21 25.28
CA PRO B 332 -26.78 30.69 25.91
C PRO B 332 -26.21 31.66 26.92
N SER B 333 -25.61 31.09 27.97
CA SER B 333 -25.13 31.87 29.11
C SER B 333 -23.72 32.39 28.95
N GLY B 334 -23.00 31.99 27.91
CA GLY B 334 -21.66 32.50 27.69
C GLY B 334 -20.85 31.54 26.82
N GLY B 335 -19.58 31.89 26.67
CA GLY B 335 -18.66 31.08 25.91
C GLY B 335 -18.08 31.81 24.71
N ASP B 336 -17.46 31.06 23.80
CA ASP B 336 -16.93 31.66 22.59
C ASP B 336 -18.06 32.08 21.67
N LEU B 337 -17.72 32.88 20.66
CA LEU B 337 -18.75 33.38 19.75
C LEU B 337 -19.39 32.26 18.95
N GLU B 338 -18.70 31.14 18.78
CA GLU B 338 -19.29 30.01 18.07
C GLU B 338 -20.37 29.33 18.90
N ILE B 339 -20.27 29.43 20.23
CA ILE B 339 -21.24 28.78 21.10
C ILE B 339 -22.46 29.67 21.30
N THR B 340 -22.25 30.96 21.52
CA THR B 340 -23.35 31.85 21.87
C THR B 340 -24.17 32.30 20.66
N MET B 341 -23.73 32.01 19.45
CA MET B 341 -24.44 32.43 18.25
C MET B 341 -24.44 31.30 17.22
N HIS B 342 -25.47 31.29 16.39
CA HIS B 342 -25.63 30.24 15.39
C HIS B 342 -24.63 30.51 14.26
N HIS B 343 -23.63 29.65 14.16
CA HIS B 343 -22.56 29.80 13.18
C HIS B 343 -22.78 28.83 12.03
N PHE B 344 -22.71 29.33 10.80
CA PHE B 344 -22.85 28.50 9.63
C PHE B 344 -22.09 29.17 8.48
N ASN B 345 -22.22 28.59 7.28
CA ASN B 345 -21.52 29.05 6.09
C ASN B 345 -22.51 29.23 4.96
N CYS B 346 -22.23 30.19 4.08
CA CYS B 346 -23.09 30.45 2.93
C CYS B 346 -22.24 31.08 1.83
N ARG B 347 -21.90 30.29 0.81
CA ARG B 347 -21.13 30.78 -0.32
C ARG B 347 -19.76 31.30 0.11
N GLY B 348 -19.20 30.74 1.18
CA GLY B 348 -17.90 31.13 1.64
C GLY B 348 -17.90 32.27 2.64
N GLU B 349 -19.05 32.88 2.91
CA GLU B 349 -19.18 33.90 3.94
C GLU B 349 -19.68 33.23 5.21
N PHE B 350 -18.98 33.46 6.32
CA PHE B 350 -19.25 32.79 7.58
C PHE B 350 -20.11 33.69 8.46
N PHE B 351 -21.28 33.20 8.84
CA PHE B 351 -22.26 33.97 9.58
C PHE B 351 -22.25 33.60 11.06
N TYR B 352 -22.74 34.52 11.88
CA TYR B 352 -22.92 34.29 13.31
C TYR B 352 -24.22 34.98 13.71
N CYS B 353 -25.31 34.21 13.78
CA CYS B 353 -26.62 34.77 14.00
C CYS B 353 -27.04 34.64 15.46
N ASN B 354 -27.82 35.62 15.92
CA ASN B 354 -28.10 35.76 17.33
C ASN B 354 -28.94 34.60 17.86
N THR B 355 -30.15 34.45 17.34
CA THR B 355 -31.07 33.38 17.76
C THR B 355 -31.37 33.47 19.26
N THR B 356 -31.87 34.64 19.66
CA THR B 356 -32.40 34.80 21.01
C THR B 356 -33.92 34.82 21.03
N GLN B 357 -34.55 35.26 19.93
CA GLN B 357 -36.00 35.20 19.85
C GLN B 357 -36.49 33.76 19.75
N LEU B 358 -35.65 32.87 19.23
CA LEU B 358 -36.06 31.48 19.06
C LEU B 358 -36.05 30.71 20.37
N PHE B 359 -35.20 31.10 21.32
CA PHE B 359 -34.96 30.34 22.53
C PHE B 359 -35.18 31.21 23.76
N ASN B 360 -36.31 31.92 23.80
CA ASN B 360 -36.71 32.69 24.98
C ASN B 360 -38.22 32.50 25.16
N SER B 361 -38.59 31.50 25.96
CA SER B 361 -39.98 31.21 26.22
C SER B 361 -40.09 30.29 27.42
N THR B 362 -41.32 30.19 27.95
CA THR B 362 -41.62 29.31 29.07
C THR B 362 -42.96 28.64 28.82
N TRP B 363 -43.02 27.33 29.03
CA TRP B 363 -44.21 26.53 28.81
C TRP B 363 -44.62 25.96 30.16
N ILE B 364 -45.49 26.68 30.86
CA ILE B 364 -45.78 26.40 32.26
C ILE B 364 -46.58 25.12 32.39
N ASN B 365 -47.80 25.09 31.82
CA ASN B 365 -48.65 23.92 31.93
C ASN B 365 -49.50 23.65 30.70
N SER B 366 -49.42 24.48 29.67
CA SER B 366 -50.33 24.37 28.53
C SER B 366 -51.78 24.35 29.00
N THR B 367 -52.09 25.22 29.97
CA THR B 367 -53.43 25.23 30.55
C THR B 367 -54.47 25.56 29.49
N THR B 368 -54.21 26.56 28.66
CA THR B 368 -55.13 26.95 27.59
C THR B 368 -54.34 27.16 26.32
N ILE B 369 -55.02 27.01 25.18
CA ILE B 369 -54.40 27.22 23.88
C ILE B 369 -54.33 28.71 23.59
N LYS B 370 -53.13 29.20 23.32
CA LYS B 370 -52.90 30.61 23.01
C LYS B 370 -52.65 30.74 21.51
N GLU B 371 -53.41 31.61 20.85
CA GLU B 371 -53.36 31.76 19.41
C GLU B 371 -52.86 33.15 19.05
N TYR B 372 -51.95 33.21 18.07
CA TYR B 372 -51.41 34.46 17.56
C TYR B 372 -51.29 34.34 16.05
N ASN B 373 -51.27 35.48 15.38
CA ASN B 373 -51.23 35.48 13.92
C ASN B 373 -49.80 35.54 13.41
N ASP B 374 -49.64 35.24 12.12
CA ASP B 374 -48.33 34.99 11.54
C ASP B 374 -47.42 36.20 11.67
N THR B 375 -46.17 35.94 12.04
CA THR B 375 -45.12 36.94 12.07
C THR B 375 -43.83 36.32 11.55
N ILE B 376 -42.95 37.18 11.02
CA ILE B 376 -41.64 36.75 10.55
C ILE B 376 -40.61 37.18 11.58
N ILE B 377 -39.74 36.25 11.97
CA ILE B 377 -38.69 36.53 12.94
C ILE B 377 -37.42 36.89 12.18
N TYR B 378 -36.85 38.05 12.49
CA TYR B 378 -35.61 38.52 11.89
C TYR B 378 -34.50 38.40 12.91
N LEU B 379 -33.46 37.64 12.58
CA LEU B 379 -32.35 37.40 13.48
C LEU B 379 -31.13 38.17 13.00
N PRO B 380 -30.63 39.15 13.74
CA PRO B 380 -29.41 39.84 13.29
C PRO B 380 -28.23 38.87 13.23
N CYS B 381 -27.41 39.03 12.21
CA CYS B 381 -26.25 38.17 11.99
C CYS B 381 -25.02 39.03 11.75
N LYS B 382 -23.87 38.50 12.15
CA LYS B 382 -22.58 39.13 11.96
C LYS B 382 -21.71 38.26 11.07
N ILE B 383 -20.87 38.90 10.27
CA ILE B 383 -19.95 38.21 9.38
C ILE B 383 -18.55 38.30 9.98
N LYS B 384 -17.74 37.28 9.73
CA LYS B 384 -16.37 37.23 10.20
C LYS B 384 -15.48 36.69 9.09
N GLN B 385 -14.21 37.08 9.12
CA GLN B 385 -13.24 36.66 8.11
C GLN B 385 -12.11 35.81 8.67
N ILE B 386 -11.65 36.08 9.89
CA ILE B 386 -10.67 35.23 10.55
C ILE B 386 -11.42 34.07 11.20
N ILE B 387 -11.24 32.86 10.66
CA ILE B 387 -12.08 31.72 10.99
C ILE B 387 -11.25 30.68 11.73
N ASN B 388 -11.76 30.24 12.88
CA ASN B 388 -11.17 29.14 13.65
C ASN B 388 -12.33 28.24 14.08
N MET B 389 -12.66 27.26 13.24
CA MET B 389 -13.83 26.41 13.49
C MET B 389 -13.51 25.15 14.26
N TRP B 390 -12.25 24.71 14.31
CA TRP B 390 -11.90 23.44 14.92
C TRP B 390 -11.34 23.62 16.33
N GLN B 391 -11.83 24.63 17.05
CA GLN B 391 -11.43 24.85 18.43
C GLN B 391 -9.91 24.93 18.56
N GLY B 392 -9.28 25.64 17.63
CA GLY B 392 -7.84 25.79 17.66
C GLY B 392 -7.07 24.50 17.45
N VAL B 393 -7.57 23.62 16.60
CA VAL B 393 -6.90 22.38 16.26
C VAL B 393 -6.35 22.42 14.84
N GLY B 394 -7.17 22.82 13.87
CA GLY B 394 -6.78 22.89 12.49
C GLY B 394 -6.11 24.20 12.14
N GLN B 395 -5.95 24.42 10.83
CA GLN B 395 -5.31 25.62 10.32
C GLN B 395 -6.30 26.77 10.29
N CYS B 396 -5.89 27.92 10.79
CA CYS B 396 -6.71 29.11 10.70
C CYS B 396 -6.83 29.56 9.26
N MET B 397 -7.97 30.16 8.92
CA MET B 397 -8.26 30.54 7.56
C MET B 397 -8.77 31.98 7.51
N TYR B 398 -8.46 32.67 6.42
CA TYR B 398 -9.00 33.98 6.12
C TYR B 398 -9.89 33.87 4.89
N ALA B 399 -11.14 34.30 5.02
CA ALA B 399 -12.11 34.13 3.95
C ALA B 399 -12.18 35.39 3.10
N PRO B 400 -11.74 35.36 1.84
CA PRO B 400 -11.86 36.56 1.02
C PRO B 400 -13.31 36.95 0.82
N PRO B 401 -13.60 38.24 0.63
CA PRO B 401 -15.00 38.65 0.44
C PRO B 401 -15.59 38.09 -0.84
N ILE B 402 -16.91 37.90 -0.83
CA ILE B 402 -17.65 37.44 -1.99
C ILE B 402 -18.35 38.65 -2.61
N ARG B 403 -18.18 38.82 -3.92
CA ARG B 403 -18.77 39.96 -4.60
C ARG B 403 -20.29 39.83 -4.64
N GLY B 404 -20.97 40.96 -4.49
CA GLY B 404 -22.40 41.02 -4.68
C GLY B 404 -23.18 40.68 -3.43
N LYS B 405 -24.46 40.38 -3.64
CA LYS B 405 -25.37 40.02 -2.57
C LYS B 405 -25.37 38.51 -2.36
N ILE B 406 -25.54 38.09 -1.11
CA ILE B 406 -25.46 36.70 -0.72
C ILE B 406 -26.81 36.28 -0.15
N ASN B 407 -27.33 35.15 -0.61
CA ASN B 407 -28.58 34.59 -0.12
C ASN B 407 -28.46 33.09 -0.04
N CYS B 408 -28.99 32.51 1.04
CA CYS B 408 -28.97 31.08 1.25
C CYS B 408 -30.25 30.65 1.95
N VAL B 409 -30.82 29.53 1.51
CA VAL B 409 -32.03 28.98 2.10
C VAL B 409 -31.74 27.54 2.48
N SER B 410 -31.95 27.21 3.76
CA SER B 410 -31.60 25.89 4.26
C SER B 410 -32.68 25.42 5.23
N ASN B 411 -32.71 24.12 5.46
CA ASN B 411 -33.65 23.50 6.38
C ASN B 411 -33.05 23.41 7.77
N ILE B 412 -33.91 23.42 8.78
CA ILE B 412 -33.53 23.14 10.15
C ILE B 412 -34.01 21.74 10.48
N THR B 413 -33.08 20.87 10.88
CA THR B 413 -33.39 19.47 11.13
C THR B 413 -33.26 19.07 12.59
N GLY B 414 -32.50 19.80 13.40
CA GLY B 414 -32.36 19.45 14.80
C GLY B 414 -31.86 20.61 15.62
N ILE B 415 -31.82 20.38 16.94
CA ILE B 415 -31.35 21.38 17.90
C ILE B 415 -30.42 20.69 18.88
N LEU B 416 -29.31 21.36 19.22
CA LEU B 416 -28.39 20.88 20.23
C LEU B 416 -28.58 21.72 21.49
N LEU B 417 -29.20 21.13 22.51
CA LEU B 417 -29.54 21.82 23.74
C LEU B 417 -28.57 21.41 24.85
N THR B 418 -28.67 22.11 25.98
CA THR B 418 -27.81 21.84 27.13
C THR B 418 -28.58 22.18 28.40
N ARG B 419 -29.17 21.16 29.02
CA ARG B 419 -29.88 21.36 30.29
C ARG B 419 -28.91 21.78 31.38
N ASP B 420 -29.38 22.64 32.27
CA ASP B 420 -28.57 23.16 33.36
C ASP B 420 -28.99 22.56 34.69
N GLY B 421 -28.00 22.32 35.55
CA GLY B 421 -28.20 21.59 36.78
C GLY B 421 -28.78 22.45 37.88
N GLY B 422 -28.81 21.88 39.07
CA GLY B 422 -29.31 22.56 40.25
C GLY B 422 -29.72 21.57 41.31
N ASP B 423 -29.92 22.09 42.53
CA ASP B 423 -30.27 21.28 43.69
C ASP B 423 -31.65 21.57 44.23
N ALA B 424 -31.95 22.84 44.54
CA ALA B 424 -33.22 23.23 45.14
C ALA B 424 -34.05 24.12 44.24
N ASN B 425 -33.47 25.22 43.74
CA ASN B 425 -34.21 26.13 42.87
C ASN B 425 -34.58 25.44 41.57
N ALA B 426 -33.66 24.65 40.99
CA ALA B 426 -33.93 23.98 39.72
C ALA B 426 -34.97 22.88 39.86
N THR B 427 -35.26 22.44 41.09
CA THR B 427 -36.28 21.43 41.33
C THR B 427 -37.65 22.04 41.59
N ASN B 428 -37.79 23.36 41.50
CA ASN B 428 -39.07 24.01 41.73
C ASN B 428 -39.92 23.97 40.47
N ASP B 429 -40.10 22.77 39.91
CA ASP B 429 -40.94 22.56 38.74
C ASP B 429 -40.52 23.45 37.58
N THR B 430 -39.23 23.38 37.24
CA THR B 430 -38.72 24.15 36.12
C THR B 430 -37.46 23.48 35.58
N GLU B 431 -37.29 23.52 34.26
CA GLU B 431 -36.11 23.01 33.59
C GLU B 431 -35.78 23.94 32.43
N THR B 432 -34.60 24.54 32.46
CA THR B 432 -34.17 25.45 31.41
C THR B 432 -33.18 24.74 30.49
N PHE B 433 -33.42 24.86 29.19
CA PHE B 433 -32.54 24.32 28.16
C PHE B 433 -31.98 25.48 27.34
N ARG B 434 -30.67 25.44 27.09
CA ARG B 434 -30.01 26.50 26.35
C ARG B 434 -29.38 25.92 25.09
N PRO B 435 -29.52 26.60 23.95
CA PRO B 435 -29.01 26.03 22.70
C PRO B 435 -27.49 25.91 22.70
N GLY B 436 -27.00 25.03 21.83
CA GLY B 436 -25.58 24.84 21.67
C GLY B 436 -25.00 23.91 22.70
N GLY B 437 -23.76 23.51 22.44
CA GLY B 437 -23.04 22.58 23.30
C GLY B 437 -22.37 21.49 22.50
N GLY B 438 -21.73 20.59 23.21
CA GLY B 438 -21.07 19.48 22.56
C GLY B 438 -19.93 19.97 21.67
N ASN B 439 -19.73 19.26 20.57
CA ASN B 439 -18.68 19.59 19.61
C ASN B 439 -19.19 19.29 18.22
N ILE B 440 -18.29 19.36 17.24
CA ILE B 440 -18.67 19.07 15.86
C ILE B 440 -19.00 17.61 15.67
N LYS B 441 -18.54 16.74 16.58
CA LYS B 441 -18.86 15.32 16.47
C LYS B 441 -20.36 15.09 16.57
N ASP B 442 -21.04 15.83 17.44
CA ASP B 442 -22.49 15.68 17.56
C ASP B 442 -23.21 16.10 16.28
N ASN B 443 -22.58 16.91 15.43
CA ASN B 443 -23.18 17.23 14.15
C ASN B 443 -23.19 16.05 13.20
N TRP B 444 -22.41 15.00 13.50
CA TRP B 444 -22.37 13.81 12.67
C TRP B 444 -22.86 12.56 13.39
N ARG B 445 -23.02 12.61 14.72
CA ARG B 445 -23.78 11.56 15.38
C ARG B 445 -25.23 11.55 14.96
N SER B 446 -25.75 12.70 14.52
CA SER B 446 -27.13 12.80 14.08
C SER B 446 -27.37 12.13 12.74
N GLU B 447 -26.32 11.82 11.99
CA GLU B 447 -26.43 11.12 10.72
C GLU B 447 -25.95 9.69 10.79
N LEU B 448 -24.95 9.39 11.62
CA LEU B 448 -24.36 8.07 11.72
C LEU B 448 -24.89 7.29 12.92
N TYR B 449 -26.03 7.68 13.46
CA TYR B 449 -26.56 7.00 14.64
C TYR B 449 -27.19 5.66 14.31
N LYS B 450 -27.49 5.39 13.04
CA LYS B 450 -28.21 4.19 12.63
C LYS B 450 -27.33 3.16 11.95
N TYR B 451 -26.01 3.31 12.04
CA TYR B 451 -25.09 2.45 11.31
C TYR B 451 -24.12 1.77 12.26
N LYS B 452 -23.53 0.68 11.79
CA LYS B 452 -22.67 -0.16 12.61
C LYS B 452 -21.83 -1.02 11.69
N VAL B 453 -20.51 -0.96 11.85
CA VAL B 453 -19.60 -1.72 11.01
C VAL B 453 -19.34 -3.07 11.65
N VAL B 454 -19.42 -4.13 10.85
CA VAL B 454 -19.17 -5.49 11.31
C VAL B 454 -18.25 -6.18 10.32
N GLN B 455 -17.63 -7.26 10.79
CA GLN B 455 -16.74 -8.07 9.96
C GLN B 455 -17.41 -9.41 9.69
N ILE B 456 -17.43 -9.82 8.42
CA ILE B 456 -18.06 -11.07 8.06
C ILE B 456 -17.14 -12.23 8.40
N GLU B 457 -17.74 -13.32 8.90
CA GLU B 457 -17.01 -14.52 9.29
C GLU B 457 -17.64 -15.70 8.53
N PRO B 458 -17.25 -15.92 7.28
CA PRO B 458 -17.95 -16.87 6.43
C PRO B 458 -17.55 -18.33 6.61
N LEU B 459 -16.82 -18.68 7.66
CA LEU B 459 -16.34 -20.03 7.87
C LEU B 459 -17.11 -20.66 9.02
N GLY B 460 -17.85 -21.72 8.72
CA GLY B 460 -18.68 -22.39 9.71
C GLY B 460 -18.28 -23.83 9.90
N ILE B 461 -18.38 -24.31 11.13
CA ILE B 461 -18.03 -25.68 11.50
C ILE B 461 -19.23 -26.29 12.19
N ALA B 462 -19.71 -27.42 11.66
CA ALA B 462 -20.94 -28.03 12.15
C ALA B 462 -20.81 -29.55 12.13
N PRO B 463 -21.58 -30.25 12.94
CA PRO B 463 -21.60 -31.73 12.85
C PRO B 463 -22.62 -32.23 11.86
N THR B 464 -22.21 -33.10 10.94
CA THR B 464 -23.11 -33.75 10.02
C THR B 464 -22.75 -35.23 9.94
N LYS B 465 -23.51 -35.98 9.13
CA LYS B 465 -23.30 -37.40 8.98
C LYS B 465 -22.44 -37.74 7.77
N CYS B 466 -21.96 -36.74 7.04
CA CYS B 466 -21.13 -36.97 5.87
C CYS B 466 -19.68 -37.18 6.28
N LYS B 467 -19.08 -38.27 5.80
CA LYS B 467 -17.68 -38.59 6.07
C LYS B 467 -16.88 -38.52 4.79
N ARG B 468 -15.67 -37.97 4.89
CA ARG B 468 -14.81 -37.86 3.72
C ARG B 468 -14.45 -39.24 3.20
N ARG B 469 -14.54 -39.42 1.89
CA ARG B 469 -14.26 -40.70 1.26
C ARG B 469 -12.75 -40.90 1.14
N VAL B 470 -12.23 -41.88 1.87
CA VAL B 470 -10.80 -42.19 1.80
C VAL B 470 -10.52 -43.02 0.56
N VAL B 471 -9.38 -42.77 -0.08
CA VAL B 471 -8.99 -43.50 -1.27
C VAL B 471 -8.59 -44.92 -0.90
N GLN C 1 2.96 15.24 37.05
CA GLN C 1 1.89 15.34 38.06
C GLN C 1 0.75 16.23 37.56
N VAL C 2 -0.28 16.37 38.38
CA VAL C 2 -1.42 17.22 38.07
C VAL C 2 -1.70 18.08 39.29
N GLN C 3 -1.86 19.39 39.07
CA GLN C 3 -2.07 20.32 40.16
C GLN C 3 -2.99 21.45 39.72
N LEU C 4 -3.79 21.92 40.66
CA LEU C 4 -4.74 23.02 40.44
C LEU C 4 -4.41 24.13 41.43
N LEU C 5 -3.50 25.01 41.06
CA LEU C 5 -3.06 26.08 41.95
C LEU C 5 -4.15 27.14 42.07
N GLN C 6 -4.48 27.50 43.29
CA GLN C 6 -5.47 28.51 43.59
C GLN C 6 -4.79 29.85 43.88
N SER C 7 -5.61 30.88 44.06
CA SER C 7 -5.13 32.19 44.50
C SER C 7 -5.35 32.31 46.01
N GLY C 8 -4.89 33.43 46.57
CA GLY C 8 -5.01 33.67 47.99
C GLY C 8 -6.41 34.09 48.39
N ALA C 9 -6.60 34.16 49.70
CA ALA C 9 -7.90 34.56 50.24
C ALA C 9 -8.19 36.01 49.88
N ALA C 10 -9.48 36.33 49.83
CA ALA C 10 -9.93 37.66 49.45
C ALA C 10 -10.96 38.16 50.44
N VAL C 11 -10.86 39.45 50.79
CA VAL C 11 -11.81 40.12 51.67
C VAL C 11 -12.44 41.25 50.87
N THR C 12 -13.77 41.31 50.86
CA THR C 12 -14.49 42.29 50.08
C THR C 12 -15.65 42.86 50.90
N LYS C 13 -16.33 43.85 50.32
CA LYS C 13 -17.46 44.51 50.92
C LYS C 13 -18.75 44.06 50.24
N PRO C 14 -19.89 44.18 50.92
CA PRO C 14 -21.16 43.79 50.28
C PRO C 14 -21.41 44.63 49.02
N GLY C 15 -21.96 43.99 48.01
CA GLY C 15 -22.22 44.63 46.74
C GLY C 15 -21.03 44.72 45.82
N ALA C 16 -19.86 44.22 46.23
CA ALA C 16 -18.66 44.29 45.42
C ALA C 16 -18.55 43.04 44.55
N SER C 17 -17.39 42.83 43.94
CA SER C 17 -17.15 41.65 43.11
C SER C 17 -15.84 41.01 43.52
N VAL C 18 -15.71 39.71 43.21
CA VAL C 18 -14.53 38.93 43.54
C VAL C 18 -14.07 38.20 42.30
N ARG C 19 -12.78 37.84 42.28
CA ARG C 19 -12.17 37.16 41.14
C ARG C 19 -11.29 36.04 41.69
N VAL C 20 -11.85 34.84 41.80
CA VAL C 20 -11.11 33.67 42.24
C VAL C 20 -10.47 33.03 41.02
N SER C 21 -9.22 32.59 41.16
CA SER C 21 -8.44 32.05 40.06
C SER C 21 -8.00 30.63 40.37
N CYS C 22 -7.98 29.80 39.33
CA CYS C 22 -7.51 28.42 39.41
C CYS C 22 -6.59 28.16 38.24
N GLU C 23 -5.49 27.46 38.50
CA GLU C 23 -4.42 27.25 37.52
C GLU C 23 -4.17 25.76 37.34
N ALA C 24 -4.37 25.27 36.12
CA ALA C 24 -4.15 23.86 35.79
C ALA C 24 -3.01 23.75 34.80
N SER C 25 -2.03 22.90 35.10
CA SER C 25 -0.80 22.88 34.30
C SER C 25 -0.39 21.49 33.83
N GLY C 26 -0.62 20.45 34.62
CA GLY C 26 0.08 19.20 34.39
C GLY C 26 -0.68 18.09 33.68
N TYR C 27 -1.45 18.42 32.66
CA TYR C 27 -2.17 17.42 31.88
C TYR C 27 -2.80 18.10 30.68
N ASN C 28 -3.59 17.34 29.92
CA ASN C 28 -4.36 17.87 28.81
C ASN C 28 -5.61 18.52 29.38
N ILE C 29 -5.52 19.82 29.65
CA ILE C 29 -6.61 20.52 30.32
C ILE C 29 -7.86 20.56 29.46
N ARG C 30 -7.71 20.51 28.14
CA ARG C 30 -8.87 20.71 27.26
C ARG C 30 -9.88 19.57 27.35
N ASP C 31 -9.43 18.37 27.70
CA ASP C 31 -10.28 17.19 27.59
C ASP C 31 -11.06 16.88 28.87
N TYR C 32 -10.94 17.70 29.91
CA TYR C 32 -11.63 17.45 31.17
C TYR C 32 -12.35 18.71 31.61
N PHE C 33 -13.59 18.55 32.07
CA PHE C 33 -14.35 19.67 32.60
C PHE C 33 -13.77 20.11 33.93
N ILE C 34 -13.98 21.39 34.26
CA ILE C 34 -13.56 21.95 35.54
C ILE C 34 -14.80 22.50 36.23
N HIS C 35 -15.13 21.95 37.39
CA HIS C 35 -16.27 22.37 38.17
C HIS C 35 -15.82 23.28 39.30
N TRP C 36 -16.76 24.05 39.84
CA TRP C 36 -16.52 24.96 40.94
C TRP C 36 -17.45 24.61 42.08
N TRP C 37 -16.88 24.46 43.28
CA TRP C 37 -17.63 24.07 44.47
C TRP C 37 -17.52 25.15 45.53
N ARG C 38 -18.60 25.30 46.29
CA ARG C 38 -18.70 26.32 47.34
C ARG C 38 -19.05 25.64 48.65
N GLN C 39 -18.25 25.91 49.68
CA GLN C 39 -18.43 25.28 51.00
C GLN C 39 -18.51 26.37 52.05
N ALA C 40 -19.73 26.67 52.49
CA ALA C 40 -19.90 27.65 53.56
C ALA C 40 -19.32 27.10 54.86
N PRO C 41 -18.87 27.96 55.77
CA PRO C 41 -18.34 27.46 57.05
C PRO C 41 -19.43 26.75 57.84
N GLY C 42 -19.11 25.54 58.31
CA GLY C 42 -20.03 24.76 59.08
C GLY C 42 -21.07 24.00 58.29
N GLN C 43 -21.00 24.03 56.96
CA GLN C 43 -21.95 23.34 56.09
C GLN C 43 -21.18 22.46 55.11
N GLY C 44 -21.93 21.77 54.26
CA GLY C 44 -21.36 20.93 53.23
C GLY C 44 -21.03 21.71 51.99
N LEU C 45 -20.72 20.98 50.91
CA LEU C 45 -20.36 21.58 49.65
C LEU C 45 -21.59 21.95 48.85
N GLN C 46 -21.44 22.94 47.98
CA GLN C 46 -22.46 23.32 47.02
C GLN C 46 -21.84 23.36 45.63
N TRP C 47 -22.67 23.12 44.63
CA TRP C 47 -22.23 23.08 43.24
C TRP C 47 -22.44 24.45 42.61
N VAL C 48 -21.37 25.02 42.05
CA VAL C 48 -21.48 26.32 41.39
C VAL C 48 -21.68 26.16 39.89
N GLY C 49 -20.91 25.30 39.25
CA GLY C 49 -21.07 25.06 37.82
C GLY C 49 -19.81 24.47 37.23
N TRP C 50 -19.91 24.08 35.97
CA TRP C 50 -18.79 23.59 35.21
C TRP C 50 -18.57 24.46 33.98
N ILE C 51 -17.34 24.46 33.49
CA ILE C 51 -16.96 25.21 32.30
C ILE C 51 -16.25 24.24 31.36
N ASN C 52 -16.65 24.26 30.09
CA ASN C 52 -16.00 23.47 29.06
C ASN C 52 -14.73 24.18 28.62
N PRO C 53 -13.54 23.70 29.01
CA PRO C 53 -12.32 24.43 28.63
C PRO C 53 -12.11 24.56 27.14
N LYS C 54 -12.62 23.63 26.33
CA LYS C 54 -12.46 23.75 24.89
C LYS C 54 -13.17 24.97 24.34
N THR C 55 -14.43 25.18 24.76
CA THR C 55 -15.25 26.23 24.20
C THR C 55 -15.62 27.32 25.21
N GLY C 56 -15.29 27.15 26.48
CA GLY C 56 -15.62 28.16 27.46
C GLY C 56 -17.08 28.23 27.81
N GLN C 57 -17.86 27.20 27.51
CA GLN C 57 -19.28 27.22 27.78
C GLN C 57 -19.53 26.94 29.26
N PRO C 58 -20.17 27.85 30.00
CA PRO C 58 -20.45 27.59 31.41
C PRO C 58 -21.84 26.98 31.60
N ASN C 59 -22.10 26.58 32.85
CA ASN C 59 -23.39 26.01 33.22
C ASN C 59 -23.54 26.14 34.73
N ASN C 60 -24.53 26.90 35.17
CA ASN C 60 -24.72 27.17 36.58
C ASN C 60 -26.17 26.94 36.99
N PRO C 61 -26.43 26.64 38.25
CA PRO C 61 -27.82 26.47 38.72
C PRO C 61 -28.60 27.78 38.61
N ARG C 62 -29.91 27.66 38.84
CA ARG C 62 -30.76 28.84 38.89
C ARG C 62 -30.30 29.81 39.98
N GLN C 63 -29.75 29.28 41.07
CA GLN C 63 -29.35 30.13 42.18
C GLN C 63 -28.28 31.14 41.76
N PHE C 64 -27.34 30.71 40.91
CA PHE C 64 -26.19 31.51 40.52
C PHE C 64 -26.35 32.12 39.13
N GLN C 65 -27.58 32.44 38.73
CA GLN C 65 -27.83 33.03 37.42
C GLN C 65 -27.72 34.54 37.50
N GLY C 66 -26.92 35.11 36.59
CA GLY C 66 -26.70 36.54 36.59
C GLY C 66 -25.70 37.02 37.60
N ARG C 67 -25.08 36.11 38.36
CA ARG C 67 -24.08 36.47 39.36
C ARG C 67 -22.74 35.82 39.09
N VAL C 68 -22.71 34.53 38.84
CA VAL C 68 -21.46 33.81 38.59
C VAL C 68 -21.15 33.86 37.11
N SER C 69 -19.89 34.15 36.77
CA SER C 69 -19.43 34.20 35.40
C SER C 69 -18.14 33.38 35.33
N LEU C 70 -18.23 32.16 34.81
CA LEU C 70 -17.08 31.27 34.70
C LEU C 70 -16.41 31.49 33.36
N THR C 71 -15.14 31.89 33.38
CA THR C 71 -14.36 32.13 32.18
C THR C 71 -12.99 31.47 32.35
N ARG C 72 -12.34 31.17 31.22
CA ARG C 72 -11.03 30.55 31.23
C ARG C 72 -10.13 31.27 30.24
N HIS C 73 -8.82 31.22 30.52
CA HIS C 73 -7.81 31.81 29.65
C HIS C 73 -6.76 30.74 29.38
N ALA C 74 -6.43 30.54 28.12
CA ALA C 74 -5.53 29.48 27.69
C ALA C 74 -4.20 30.06 27.22
N SER C 75 -3.11 29.37 27.56
CA SER C 75 -1.80 29.79 27.10
C SER C 75 -1.72 29.65 25.59
N TRP C 76 -0.59 30.10 25.02
CA TRP C 76 -0.44 30.07 23.58
C TRP C 76 -0.43 28.64 23.05
N ASP C 77 0.18 27.71 23.79
CA ASP C 77 0.28 26.32 23.39
C ASP C 77 -0.55 25.40 24.26
N PHE C 78 -1.47 25.95 25.05
CA PHE C 78 -2.39 25.17 25.88
C PHE C 78 -1.67 24.33 26.93
N ASP C 79 -0.40 24.63 27.22
CA ASP C 79 0.28 23.91 28.29
C ASP C 79 -0.39 24.17 29.63
N THR C 80 -0.75 25.43 29.90
CA THR C 80 -1.35 25.81 31.17
C THR C 80 -2.61 26.62 30.91
N TYR C 81 -3.52 26.57 31.88
CA TYR C 81 -4.81 27.24 31.78
C TYR C 81 -5.06 28.04 33.05
N SER C 82 -5.87 29.07 32.94
CA SER C 82 -6.32 29.85 34.08
C SER C 82 -7.84 29.90 34.04
N PHE C 83 -8.48 29.47 35.12
CA PHE C 83 -9.93 29.45 35.23
C PHE C 83 -10.36 30.48 36.27
N TYR C 84 -11.27 31.35 35.89
CA TYR C 84 -11.70 32.46 36.73
C TYR C 84 -13.16 32.27 37.12
N MET C 85 -13.49 32.76 38.31
CA MET C 85 -14.86 32.77 38.81
C MET C 85 -15.15 34.15 39.37
N ASP C 86 -16.25 34.76 38.92
CA ASP C 86 -16.60 36.12 39.29
C ASP C 86 -17.97 36.13 39.95
N LEU C 87 -18.07 36.83 41.08
CA LEU C 87 -19.34 37.06 41.76
C LEU C 87 -19.67 38.54 41.64
N LYS C 88 -20.89 38.85 41.22
CA LYS C 88 -21.25 40.23 40.93
C LYS C 88 -21.82 40.93 42.16
N ALA C 89 -22.93 40.41 42.69
CA ALA C 89 -23.57 40.99 43.87
C ALA C 89 -23.29 40.07 45.06
N LEU C 90 -22.68 40.63 46.09
CA LEU C 90 -22.22 39.86 47.23
C LEU C 90 -23.05 40.20 48.47
N ARG C 91 -23.33 39.17 49.26
CA ARG C 91 -24.05 39.31 50.53
C ARG C 91 -23.26 38.57 51.60
N SER C 92 -23.80 38.55 52.81
CA SER C 92 -23.19 37.76 53.87
C SER C 92 -23.21 36.27 53.57
N ASP C 93 -24.20 35.81 52.80
CA ASP C 93 -24.34 34.40 52.49
C ASP C 93 -23.22 33.88 51.59
N ASP C 94 -22.44 34.76 50.96
CA ASP C 94 -21.42 34.35 50.01
C ASP C 94 -20.08 34.09 50.66
N THR C 95 -19.99 34.15 51.99
CA THR C 95 -18.76 33.78 52.68
C THR C 95 -18.59 32.27 52.64
N ALA C 96 -17.52 31.79 52.02
CA ALA C 96 -17.29 30.37 51.89
C ALA C 96 -15.90 30.16 51.29
N VAL C 97 -15.54 28.89 51.12
CA VAL C 97 -14.29 28.48 50.48
C VAL C 97 -14.64 27.89 49.11
N TYR C 98 -13.95 28.36 48.07
CA TYR C 98 -14.27 28.00 46.70
C TYR C 98 -13.18 27.10 46.14
N PHE C 99 -13.58 25.95 45.60
CA PHE C 99 -12.67 24.96 45.06
C PHE C 99 -12.89 24.81 43.55
N CYS C 100 -11.79 24.61 42.82
CA CYS C 100 -11.85 24.18 41.43
C CYS C 100 -11.43 22.72 41.36
N ALA C 101 -12.27 21.89 40.75
CA ALA C 101 -12.07 20.45 40.72
C ALA C 101 -12.06 19.95 39.28
N ARG C 102 -11.26 18.92 39.04
CA ARG C 102 -11.09 18.35 37.70
C ARG C 102 -11.95 17.09 37.61
N GLN C 103 -13.12 17.21 36.99
CA GLN C 103 -13.94 16.03 36.71
C GLN C 103 -13.16 15.10 35.79
N ARG C 104 -13.17 13.80 36.12
CA ARG C 104 -12.33 12.83 35.42
C ARG C 104 -13.10 11.97 34.43
N SER C 105 -14.31 11.53 34.75
CA SER C 105 -15.04 10.62 33.90
C SER C 105 -16.53 10.85 34.08
N ASP C 106 -17.34 10.04 33.40
CA ASP C 106 -18.79 10.21 33.43
C ASP C 106 -19.38 9.96 34.81
N TYR C 107 -18.63 9.34 35.71
CA TYR C 107 -19.07 9.23 37.10
C TYR C 107 -19.00 10.55 37.84
N TRP C 108 -18.40 11.57 37.23
CA TRP C 108 -18.11 12.84 37.89
C TRP C 108 -17.14 12.63 39.05
N ASP C 109 -16.04 11.95 38.74
CA ASP C 109 -14.98 11.72 39.72
C ASP C 109 -14.08 12.95 39.82
N PHE C 110 -13.98 13.51 41.00
CA PHE C 110 -13.14 14.69 41.24
C PHE C 110 -11.91 14.23 42.01
N ASP C 111 -10.93 13.73 41.27
CA ASP C 111 -9.70 13.24 41.89
C ASP C 111 -8.78 14.36 42.31
N VAL C 112 -8.77 15.47 41.57
CA VAL C 112 -7.89 16.60 41.84
C VAL C 112 -8.74 17.78 42.27
N TRP C 113 -8.37 18.40 43.39
CA TRP C 113 -9.06 19.56 43.92
C TRP C 113 -8.05 20.67 44.17
N GLY C 114 -8.52 21.91 44.11
CA GLY C 114 -7.69 23.03 44.48
C GLY C 114 -7.57 23.16 45.99
N SER C 115 -6.55 23.91 46.42
CA SER C 115 -6.31 24.07 47.85
C SER C 115 -7.49 24.72 48.55
N GLY C 116 -8.07 25.75 47.94
CA GLY C 116 -9.18 26.46 48.53
C GLY C 116 -8.91 27.95 48.65
N THR C 117 -9.93 28.78 48.43
CA THR C 117 -9.81 30.22 48.52
C THR C 117 -10.89 30.74 49.46
N GLN C 118 -10.48 31.36 50.56
CA GLN C 118 -11.42 31.88 51.54
C GLN C 118 -11.92 33.24 51.09
N VAL C 119 -13.21 33.32 50.76
CA VAL C 119 -13.86 34.56 50.37
C VAL C 119 -14.77 34.97 51.52
N THR C 120 -14.56 36.17 52.03
CA THR C 120 -15.34 36.71 53.15
C THR C 120 -15.78 38.12 52.84
N VAL C 121 -16.91 38.51 53.40
CA VAL C 121 -17.45 39.84 53.19
C VAL C 121 -17.54 40.58 54.52
N ASP D 1 -33.42 14.61 38.84
CA ASP D 1 -34.18 13.86 39.88
C ASP D 1 -33.28 12.81 40.53
N ILE D 2 -32.48 13.25 41.50
CA ILE D 2 -31.62 12.36 42.27
C ILE D 2 -32.05 12.44 43.72
N GLN D 3 -32.37 11.29 44.31
CA GLN D 3 -32.71 11.19 45.72
C GLN D 3 -31.54 10.55 46.45
N MET D 4 -31.05 11.21 47.48
CA MET D 4 -29.96 10.70 48.30
C MET D 4 -30.17 11.10 49.75
N THR D 5 -29.67 10.26 50.65
CA THR D 5 -29.82 10.50 52.08
C THR D 5 -28.80 9.65 52.83
N GLN D 6 -28.01 10.30 53.69
CA GLN D 6 -27.06 9.61 54.55
C GLN D 6 -27.68 9.54 55.94
N SER D 7 -28.21 8.37 56.30
CA SER D 7 -28.94 8.25 57.55
C SER D 7 -28.08 8.57 58.76
N PRO D 8 -26.87 8.03 58.93
CA PRO D 8 -26.06 8.41 60.08
C PRO D 8 -25.57 9.84 59.96
N SER D 9 -25.61 10.57 61.09
CA SER D 9 -25.13 11.93 61.15
C SER D 9 -23.72 11.99 61.74
N SER D 10 -23.53 11.43 62.93
CA SER D 10 -22.22 11.33 63.54
C SER D 10 -22.18 10.07 64.38
N LEU D 11 -20.98 9.52 64.55
CA LEU D 11 -20.79 8.30 65.32
C LEU D 11 -19.45 8.35 66.02
N SER D 12 -19.30 7.47 67.02
CA SER D 12 -18.14 7.53 67.91
C SER D 12 -17.39 6.20 67.93
N ALA D 13 -17.12 5.65 66.75
CA ALA D 13 -16.38 4.40 66.68
C ALA D 13 -15.02 4.55 67.36
N SER D 14 -14.61 3.49 68.06
CA SER D 14 -13.36 3.49 68.79
C SER D 14 -12.21 3.26 67.81
N VAL D 15 -11.01 3.03 68.35
CA VAL D 15 -9.83 2.81 67.54
C VAL D 15 -9.71 1.33 67.22
N GLY D 16 -9.30 1.03 65.98
CA GLY D 16 -9.12 -0.35 65.55
C GLY D 16 -10.39 -1.05 65.13
N ASP D 17 -11.54 -0.40 65.22
CA ASP D 17 -12.81 -1.03 64.88
C ASP D 17 -13.07 -0.90 63.37
N THR D 18 -14.05 -1.66 62.90
CA THR D 18 -14.55 -1.56 61.54
C THR D 18 -15.93 -0.91 61.59
N VAL D 19 -16.08 0.21 60.90
CA VAL D 19 -17.31 1.00 60.94
C VAL D 19 -17.77 1.23 59.50
N THR D 20 -19.08 1.11 59.28
CA THR D 20 -19.67 1.28 57.96
C THR D 20 -20.66 2.45 58.00
N ILE D 21 -20.59 3.30 56.98
CA ILE D 21 -21.52 4.40 56.81
C ILE D 21 -22.32 4.14 55.55
N THR D 22 -23.64 4.31 55.64
CA THR D 22 -24.56 3.96 54.58
C THR D 22 -25.10 5.21 53.90
N CYS D 23 -25.12 5.19 52.57
CA CYS D 23 -25.71 6.25 51.77
C CYS D 23 -26.58 5.62 50.70
N GLN D 24 -27.85 6.01 50.66
CA GLN D 24 -28.79 5.57 49.64
C GLN D 24 -28.78 6.57 48.50
N ALA D 25 -28.45 6.11 47.29
CA ALA D 25 -28.27 7.00 46.16
C ALA D 25 -28.92 6.42 44.91
N ASN D 26 -29.62 7.28 44.18
CA ASN D 26 -30.24 6.92 42.90
C ASN D 26 -29.36 7.44 41.77
N GLY D 27 -28.26 6.74 41.55
CA GLY D 27 -27.31 7.12 40.51
C GLY D 27 -25.91 6.75 40.93
N TYR D 28 -24.94 7.23 40.15
CA TYR D 28 -23.55 7.00 40.49
C TYR D 28 -23.23 7.60 41.85
N LEU D 29 -22.38 6.91 42.62
CA LEU D 29 -21.98 7.38 43.94
C LEU D 29 -20.46 7.32 44.07
N ASN D 30 -19.89 8.37 44.65
CA ASN D 30 -18.47 8.46 44.94
C ASN D 30 -18.28 8.82 46.41
N TRP D 31 -17.14 8.42 46.96
CA TRP D 31 -16.84 8.61 48.37
C TRP D 31 -15.65 9.54 48.53
N TYR D 32 -15.81 10.59 49.33
CA TYR D 32 -14.75 11.57 49.58
C TYR D 32 -14.50 11.68 51.08
N GLN D 33 -13.26 11.99 51.42
CA GLN D 33 -12.84 12.25 52.80
C GLN D 33 -12.28 13.66 52.89
N GLN D 34 -12.75 14.42 53.87
CA GLN D 34 -12.35 15.82 54.02
C GLN D 34 -11.96 16.07 55.47
N ARG D 35 -10.74 16.58 55.67
CA ARG D 35 -10.27 16.98 56.99
C ARG D 35 -10.88 18.34 57.34
N ARG D 36 -10.42 18.95 58.43
CA ARG D 36 -10.92 20.25 58.84
C ARG D 36 -10.42 21.32 57.87
N GLY D 37 -11.33 21.83 57.05
CA GLY D 37 -10.99 22.93 56.15
C GLY D 37 -9.94 22.60 55.12
N LYS D 38 -10.01 21.41 54.52
CA LYS D 38 -9.09 20.99 53.48
C LYS D 38 -9.86 20.54 52.25
N ALA D 39 -9.12 20.32 51.17
CA ALA D 39 -9.73 19.88 49.92
C ALA D 39 -10.08 18.40 50.00
N PRO D 40 -11.34 18.02 49.77
CA PRO D 40 -11.69 16.59 49.85
C PRO D 40 -10.90 15.77 48.84
N LYS D 41 -10.62 14.54 49.22
CA LYS D 41 -9.96 13.58 48.34
C LYS D 41 -10.91 12.42 48.03
N LEU D 42 -10.66 11.79 46.89
CA LEU D 42 -11.53 10.72 46.38
C LEU D 42 -11.01 9.38 46.86
N LEU D 43 -11.87 8.62 47.54
CA LEU D 43 -11.51 7.29 48.00
C LEU D 43 -12.07 6.23 47.07
N ILE D 44 -13.39 6.20 46.92
CA ILE D 44 -14.10 5.18 46.14
C ILE D 44 -15.00 5.89 45.15
N TYR D 45 -14.84 5.58 43.86
CA TYR D 45 -15.68 6.11 42.80
C TYR D 45 -16.49 4.99 42.16
N ASP D 46 -17.77 5.25 41.92
CA ASP D 46 -18.75 4.29 41.44
C ASP D 46 -19.26 3.39 42.56
N GLY D 47 -18.77 3.54 43.79
CA GLY D 47 -19.24 2.78 44.92
C GLY D 47 -18.45 1.53 45.22
N SER D 48 -17.58 1.08 44.32
CA SER D 48 -16.81 -0.13 44.53
C SER D 48 -15.34 -0.03 44.17
N LYS D 49 -14.93 0.92 43.33
CA LYS D 49 -13.58 0.94 42.80
C LYS D 49 -12.65 1.73 43.72
N LEU D 50 -11.46 1.20 43.92
CA LEU D 50 -10.46 1.86 44.76
C LEU D 50 -9.63 2.82 43.95
N GLU D 51 -9.46 4.04 44.47
CA GLU D 51 -8.64 5.03 43.80
C GLU D 51 -7.17 4.68 43.95
N ARG D 52 -6.37 5.08 42.96
CA ARG D 52 -4.95 4.79 42.95
C ARG D 52 -4.27 5.68 43.99
N GLY D 53 -3.87 5.08 45.11
CA GLY D 53 -3.18 5.80 46.15
C GLY D 53 -3.75 5.56 47.54
N VAL D 54 -5.06 5.42 47.64
CA VAL D 54 -5.67 5.13 48.95
C VAL D 54 -5.29 3.72 49.39
N PRO D 55 -4.94 3.49 50.65
CA PRO D 55 -4.59 2.13 51.07
C PRO D 55 -5.80 1.19 50.98
N SER D 56 -5.50 -0.11 50.99
CA SER D 56 -6.52 -1.13 50.92
C SER D 56 -7.43 -1.15 52.14
N ARG D 57 -7.19 -0.30 53.13
CA ARG D 57 -8.05 -0.26 54.30
C ARG D 57 -9.49 0.09 53.93
N PHE D 58 -9.66 1.07 53.04
CA PHE D 58 -11.00 1.51 52.67
C PHE D 58 -11.59 0.58 51.61
N SER D 59 -12.90 0.34 51.72
CA SER D 59 -13.60 -0.48 50.74
C SER D 59 -15.09 -0.17 50.84
N GLY D 60 -15.80 -0.49 49.77
CA GLY D 60 -17.24 -0.29 49.72
C GLY D 60 -17.86 -1.14 48.64
N ARG D 61 -19.14 -1.45 48.82
CA ARG D 61 -19.87 -2.27 47.87
C ARG D 61 -21.33 -1.84 47.85
N ARG D 62 -22.03 -2.24 46.79
CA ARG D 62 -23.37 -1.78 46.50
C ARG D 62 -24.34 -2.96 46.46
N TRP D 63 -25.57 -2.72 46.92
CA TRP D 63 -26.66 -3.67 46.75
C TRP D 63 -27.95 -2.87 46.66
N GLY D 64 -28.60 -2.93 45.50
CA GLY D 64 -29.81 -2.15 45.32
C GLY D 64 -29.52 -0.67 45.34
N GLN D 65 -30.36 0.07 46.07
CA GLN D 65 -30.23 1.52 46.19
C GLN D 65 -29.57 1.94 47.50
N GLU D 66 -28.61 1.16 47.98
CA GLU D 66 -27.95 1.44 49.25
C GLU D 66 -26.47 1.08 49.13
N TYR D 67 -25.61 2.01 49.54
CA TYR D 67 -24.17 1.87 49.44
C TYR D 67 -23.55 1.81 50.83
N ASN D 68 -22.38 1.21 50.93
CA ASN D 68 -21.65 1.08 52.18
C ASN D 68 -20.19 1.47 51.99
N LEU D 69 -19.67 2.28 52.90
CA LEU D 69 -18.26 2.59 52.98
C LEU D 69 -17.75 2.03 54.30
N THR D 70 -16.78 1.12 54.23
CA THR D 70 -16.28 0.40 55.40
C THR D 70 -14.82 0.77 55.61
N ILE D 71 -14.49 1.12 56.86
CA ILE D 71 -13.11 1.42 57.25
C ILE D 71 -12.75 0.41 58.33
N ASN D 72 -12.00 -0.62 57.96
CA ASN D 72 -11.51 -1.62 58.89
C ASN D 72 -10.10 -1.26 59.32
N ASN D 73 -9.77 -1.61 60.57
CA ASN D 73 -8.48 -1.27 61.16
C ASN D 73 -8.30 0.25 61.17
N LEU D 74 -9.21 0.90 61.90
CA LEU D 74 -9.21 2.35 62.00
C LEU D 74 -7.87 2.85 62.53
N GLN D 75 -7.51 4.06 62.13
CA GLN D 75 -6.26 4.68 62.55
C GLN D 75 -6.55 6.05 63.15
N PRO D 76 -5.65 6.55 64.00
CA PRO D 76 -5.83 7.93 64.51
C PRO D 76 -5.81 8.98 63.42
N GLU D 77 -5.17 8.70 62.28
CA GLU D 77 -5.12 9.64 61.18
C GLU D 77 -6.24 9.45 60.18
N ASP D 78 -7.18 8.54 60.44
CA ASP D 78 -8.36 8.34 59.61
C ASP D 78 -9.59 9.00 60.19
N ILE D 79 -9.42 10.13 60.88
CA ILE D 79 -10.52 10.86 61.48
C ILE D 79 -10.81 12.06 60.58
N ALA D 80 -12.01 12.10 60.01
CA ALA D 80 -12.39 13.16 59.08
C ALA D 80 -13.89 13.03 58.82
N THR D 81 -14.39 13.82 57.87
CA THR D 81 -15.77 13.73 57.42
C THR D 81 -15.81 13.06 56.05
N TYR D 82 -16.84 12.23 55.83
CA TYR D 82 -16.95 11.41 54.64
C TYR D 82 -18.22 11.75 53.88
N PHE D 83 -18.09 11.91 52.56
CA PHE D 83 -19.17 12.32 51.69
C PHE D 83 -19.55 11.20 50.73
N CYS D 84 -20.84 11.08 50.44
CA CYS D 84 -21.33 10.32 49.30
C CYS D 84 -21.83 11.32 48.28
N GLN D 85 -21.28 11.28 47.07
CA GLN D 85 -21.50 12.31 46.07
C GLN D 85 -22.17 11.72 44.84
N VAL D 86 -23.21 12.39 44.36
CA VAL D 86 -23.83 12.11 43.08
C VAL D 86 -23.51 13.33 42.22
N TYR D 87 -23.97 13.36 40.97
CA TYR D 87 -23.45 14.32 40.00
C TYR D 87 -23.23 15.70 40.58
N GLU D 88 -24.29 16.39 41.00
CA GLU D 88 -24.15 17.71 41.60
C GLU D 88 -24.82 17.82 42.96
N PHE D 89 -25.18 16.70 43.58
CA PHE D 89 -25.80 16.69 44.89
C PHE D 89 -24.83 16.09 45.90
N VAL D 90 -24.61 16.81 47.00
CA VAL D 90 -23.74 16.36 48.07
C VAL D 90 -24.46 16.63 49.39
N VAL D 91 -24.40 15.68 50.30
CA VAL D 91 -25.03 15.81 51.62
C VAL D 91 -23.94 15.97 52.66
N PRO D 92 -24.22 16.63 53.79
CA PRO D 92 -23.21 16.71 54.85
C PRO D 92 -22.78 15.31 55.30
N GLY D 93 -21.48 15.14 55.49
CA GLY D 93 -20.92 13.84 55.79
C GLY D 93 -21.06 13.48 57.25
N THR D 94 -20.30 12.46 57.66
CA THR D 94 -20.29 11.97 59.03
C THR D 94 -18.92 12.22 59.64
N ARG D 95 -18.91 12.86 60.80
CA ARG D 95 -17.67 13.19 61.48
C ARG D 95 -17.26 12.05 62.41
N LEU D 96 -15.96 11.78 62.45
CA LEU D 96 -15.41 10.70 63.27
C LEU D 96 -14.73 11.24 64.52
N ASP D 97 -14.83 10.48 65.59
CA ASP D 97 -14.16 10.84 66.85
C ASP D 97 -13.95 9.55 67.64
N LEU D 98 -13.00 9.61 68.58
CA LEU D 98 -12.66 8.45 69.38
C LEU D 98 -13.38 8.48 70.72
N ALA E 1 -54.99 -38.99 7.07
CA ALA E 1 -55.93 -39.48 8.11
C ALA E 1 -55.46 -40.81 8.67
N ILE E 2 -54.34 -40.80 9.38
CA ILE E 2 -53.74 -42.01 9.94
C ILE E 2 -54.21 -42.15 11.38
N TYR E 3 -54.85 -43.27 11.69
CA TYR E 3 -55.35 -43.52 13.03
C TYR E 3 -54.27 -44.23 13.85
N LEU E 4 -54.14 -43.81 15.11
CA LEU E 4 -53.17 -44.40 16.02
C LEU E 4 -53.91 -45.26 17.03
N THR E 5 -53.52 -46.52 17.12
CA THR E 5 -54.08 -47.46 18.08
C THR E 5 -52.95 -48.00 18.96
N GLN E 6 -53.13 -47.92 20.27
CA GLN E 6 -52.13 -48.41 21.20
C GLN E 6 -52.77 -49.30 22.26
N SER E 7 -52.08 -50.38 22.60
CA SER E 7 -52.51 -51.38 23.56
C SER E 7 -51.32 -51.75 24.42
N PRO E 8 -51.55 -52.22 25.65
CA PRO E 8 -52.80 -52.47 26.37
C PRO E 8 -53.43 -51.24 27.02
N SER E 9 -54.73 -51.31 27.30
CA SER E 9 -55.43 -50.18 27.90
C SER E 9 -54.88 -49.86 29.29
N SER E 10 -54.59 -50.89 30.09
CA SER E 10 -54.15 -50.70 31.46
C SER E 10 -52.94 -51.58 31.74
N LEU E 11 -52.11 -51.13 32.68
CA LEU E 11 -50.89 -51.83 33.06
C LEU E 11 -50.85 -51.96 34.57
N SER E 12 -51.06 -53.17 35.08
CA SER E 12 -50.85 -53.44 36.50
C SER E 12 -49.36 -53.37 36.79
N ALA E 13 -48.97 -52.44 37.66
CA ALA E 13 -47.56 -52.16 37.87
C ALA E 13 -47.28 -51.92 39.35
N SER E 14 -46.00 -52.07 39.69
CA SER E 14 -45.48 -51.77 41.02
C SER E 14 -44.07 -51.22 40.82
N VAL E 15 -43.29 -51.16 41.89
CA VAL E 15 -41.94 -50.60 41.82
C VAL E 15 -41.00 -51.64 41.21
N GLY E 16 -40.23 -51.21 40.20
CA GLY E 16 -39.16 -52.03 39.68
C GLY E 16 -39.57 -53.19 38.79
N GLU E 17 -40.13 -52.88 37.61
CA GLU E 17 -40.37 -53.90 36.61
C GLU E 17 -40.36 -53.25 35.23
N ARG E 18 -40.31 -54.09 34.21
CA ARG E 18 -40.25 -53.62 32.82
C ARG E 18 -41.68 -53.48 32.29
N VAL E 19 -42.21 -52.26 32.37
CA VAL E 19 -43.52 -51.96 31.82
C VAL E 19 -43.34 -51.41 30.42
N THR E 20 -44.08 -51.98 29.47
CA THR E 20 -43.94 -51.62 28.06
C THR E 20 -45.30 -51.22 27.51
N ILE E 21 -45.35 -50.09 26.82
CA ILE E 21 -46.55 -49.59 26.16
C ILE E 21 -46.28 -49.55 24.67
N THR E 22 -47.17 -50.15 23.88
CA THR E 22 -47.00 -50.27 22.44
C THR E 22 -48.03 -49.41 21.74
N CYS E 23 -47.57 -48.63 20.75
CA CYS E 23 -48.43 -47.77 19.95
C CYS E 23 -48.32 -48.20 18.50
N ARG E 24 -49.38 -48.81 17.97
CA ARG E 24 -49.44 -49.20 16.58
C ARG E 24 -49.80 -48.01 15.71
N ALA E 25 -49.68 -48.19 14.39
CA ALA E 25 -50.05 -47.17 13.44
C ALA E 25 -50.79 -47.82 12.28
N SER E 26 -51.73 -47.07 11.70
CA SER E 26 -52.47 -47.53 10.53
C SER E 26 -51.73 -47.29 9.22
N GLN E 27 -50.55 -46.67 9.29
CA GLN E 27 -49.75 -46.43 8.10
C GLN E 27 -48.33 -46.11 8.54
N ASP E 28 -47.39 -46.22 7.62
CA ASP E 28 -45.99 -45.93 7.90
C ASP E 28 -45.84 -44.49 8.34
N ILE E 29 -45.44 -44.27 9.60
CA ILE E 29 -45.23 -42.93 10.12
C ILE E 29 -43.76 -42.62 10.36
N GLY E 30 -42.86 -43.50 9.92
CA GLY E 30 -41.44 -43.22 10.10
C GLY E 30 -41.07 -43.16 11.57
N ASP E 31 -40.10 -42.31 11.88
CA ASP E 31 -39.63 -42.11 13.24
C ASP E 31 -40.29 -40.92 13.92
N THR E 32 -41.36 -40.38 13.32
CA THR E 32 -42.01 -39.17 13.82
C THR E 32 -43.12 -39.57 14.78
N LEU E 33 -42.74 -39.82 16.03
CA LEU E 33 -43.69 -40.13 17.08
C LEU E 33 -43.23 -39.50 18.38
N ALA E 34 -44.20 -39.17 19.24
CA ALA E 34 -43.92 -38.53 20.51
C ALA E 34 -44.74 -39.20 21.60
N TRP E 35 -44.24 -39.13 22.83
CA TRP E 35 -44.90 -39.70 23.99
C TRP E 35 -45.14 -38.60 25.02
N TYR E 36 -46.35 -38.58 25.58
CA TYR E 36 -46.76 -37.57 26.55
C TYR E 36 -47.17 -38.24 27.85
N GLN E 37 -46.77 -37.64 28.97
CA GLN E 37 -47.15 -38.10 30.29
C GLN E 37 -48.08 -37.07 30.91
N GLN E 38 -49.27 -37.50 31.30
CA GLN E 38 -50.29 -36.60 31.84
C GLN E 38 -50.58 -36.99 33.28
N GLN E 39 -50.16 -36.16 34.22
CA GLN E 39 -50.56 -36.33 35.60
C GLN E 39 -51.94 -35.71 35.81
N PRO E 40 -52.70 -36.19 36.79
CA PRO E 40 -54.05 -35.63 37.01
C PRO E 40 -53.98 -34.14 37.28
N GLY E 41 -54.90 -33.41 36.66
CA GLY E 41 -55.00 -31.97 36.84
C GLY E 41 -53.93 -31.16 36.17
N ARG E 42 -53.14 -31.76 35.27
CA ARG E 42 -52.06 -31.07 34.59
C ARG E 42 -52.11 -31.33 33.10
N PRO E 43 -51.57 -30.43 32.29
CA PRO E 43 -51.52 -30.66 30.84
C PRO E 43 -50.53 -31.77 30.51
N PRO E 44 -50.70 -32.44 29.38
CA PRO E 44 -49.75 -33.49 29.01
C PRO E 44 -48.33 -32.95 28.92
N PHE E 45 -47.37 -33.76 29.36
CA PHE E 45 -45.97 -33.40 29.36
C PHE E 45 -45.21 -34.31 28.40
N LEU E 46 -44.51 -33.70 27.44
CA LEU E 46 -43.72 -34.47 26.50
C LEU E 46 -42.54 -35.11 27.20
N VAL E 47 -42.31 -36.41 26.95
CA VAL E 47 -41.20 -37.16 27.52
C VAL E 47 -40.26 -37.66 26.43
N VAL E 48 -40.81 -38.21 25.36
CA VAL E 48 -40.03 -38.76 24.26
C VAL E 48 -40.56 -38.18 22.96
N TYR E 49 -39.66 -37.65 22.14
CA TYR E 49 -40.00 -37.19 20.80
C TYR E 49 -39.04 -37.82 19.80
N ARG E 50 -39.52 -37.94 18.56
CA ARG E 50 -38.79 -38.61 17.50
C ARG E 50 -38.71 -40.12 17.73
N ALA E 51 -39.42 -40.61 18.74
CA ALA E 51 -39.53 -42.04 19.02
C ALA E 51 -38.27 -42.59 19.66
N SER E 52 -37.25 -41.76 19.83
CA SER E 52 -36.00 -42.18 20.47
C SER E 52 -35.37 -41.16 21.38
N THR E 53 -35.61 -39.86 21.17
CA THR E 53 -34.97 -38.82 21.95
C THR E 53 -35.76 -38.53 23.21
N LEU E 54 -35.05 -38.10 24.25
CA LEU E 54 -35.63 -37.82 25.56
C LEU E 54 -35.71 -36.31 25.78
N ASN E 55 -36.88 -35.84 26.20
CA ASN E 55 -37.07 -34.42 26.46
C ASN E 55 -36.20 -33.99 27.65
N TYR E 56 -36.10 -32.67 27.81
CA TYR E 56 -35.32 -32.12 28.91
C TYR E 56 -35.96 -32.50 30.25
N GLY E 57 -35.12 -32.93 31.19
CA GLY E 57 -35.56 -33.14 32.55
C GLY E 57 -36.17 -34.49 32.85
N VAL E 58 -36.37 -35.34 31.85
CA VAL E 58 -36.95 -36.66 32.08
C VAL E 58 -35.86 -37.60 32.58
N PRO E 59 -36.15 -38.49 33.52
CA PRO E 59 -35.13 -39.45 33.96
C PRO E 59 -34.72 -40.40 32.84
N SER E 60 -33.46 -40.82 32.89
CA SER E 60 -32.90 -41.67 31.85
C SER E 60 -33.55 -43.04 31.78
N ARG E 61 -34.27 -43.47 32.83
CA ARG E 61 -34.87 -44.80 32.82
C ARG E 61 -35.87 -44.94 31.68
N PHE E 62 -36.46 -43.84 31.23
CA PHE E 62 -37.37 -43.90 30.09
C PHE E 62 -36.60 -44.26 28.83
N SER E 63 -37.32 -44.85 27.87
CA SER E 63 -36.71 -45.17 26.59
C SER E 63 -37.81 -45.47 25.59
N GLY E 64 -37.49 -45.27 24.31
CA GLY E 64 -38.41 -45.57 23.24
C GLY E 64 -37.66 -46.09 22.04
N GLY E 65 -38.39 -46.74 21.13
CA GLY E 65 -37.76 -47.32 19.97
C GLY E 65 -38.81 -47.76 18.96
N GLY E 66 -38.32 -48.40 17.92
CA GLY E 66 -39.16 -48.86 16.83
C GLY E 66 -39.25 -47.83 15.71
N SER E 67 -39.77 -48.28 14.58
CA SER E 67 -39.95 -47.40 13.44
C SER E 67 -40.97 -48.02 12.50
N GLY E 68 -41.51 -47.19 11.61
CA GLY E 68 -42.47 -47.64 10.63
C GLY E 68 -43.89 -47.73 11.16
N THR E 69 -44.19 -48.80 11.90
CA THR E 69 -45.53 -48.98 12.47
C THR E 69 -45.47 -49.42 13.92
N ARG E 70 -44.35 -50.02 14.34
CA ARG E 70 -44.20 -50.56 15.69
C ARG E 70 -43.37 -49.61 16.54
N PHE E 71 -43.91 -49.22 17.69
CA PHE E 71 -43.23 -48.33 18.62
C PHE E 71 -43.50 -48.79 20.04
N THR E 72 -42.57 -48.52 20.95
CA THR E 72 -42.66 -48.95 22.33
C THR E 72 -42.17 -47.85 23.25
N LEU E 73 -42.65 -47.88 24.51
CA LEU E 73 -42.17 -47.02 25.56
C LEU E 73 -41.91 -47.88 26.79
N THR E 74 -40.66 -47.96 27.22
CA THR E 74 -40.25 -48.85 28.29
C THR E 74 -39.59 -48.06 29.42
N ILE E 75 -39.85 -48.49 30.66
CA ILE E 75 -39.25 -47.90 31.84
C ILE E 75 -38.72 -49.04 32.70
N SER E 76 -37.50 -48.87 33.21
CA SER E 76 -36.79 -49.97 33.87
C SER E 76 -37.10 -50.04 35.37
N SER E 77 -37.32 -48.88 35.99
CA SER E 77 -37.26 -48.75 37.44
C SER E 77 -38.49 -48.02 37.99
N LEU E 78 -39.69 -48.54 37.75
CA LEU E 78 -40.89 -47.71 37.79
C LEU E 78 -41.14 -47.20 39.20
N GLN E 79 -40.49 -46.10 39.53
CA GLN E 79 -40.66 -45.40 40.79
C GLN E 79 -42.09 -44.89 40.88
N PRO E 80 -42.56 -44.44 42.05
CA PRO E 80 -43.96 -44.03 42.19
C PRO E 80 -44.31 -42.70 41.54
N ALA E 81 -43.39 -42.07 40.81
CA ALA E 81 -43.67 -40.83 40.11
C ALA E 81 -44.26 -41.05 38.73
N ASP E 82 -44.04 -42.23 38.14
CA ASP E 82 -44.53 -42.51 36.79
C ASP E 82 -46.00 -42.93 36.82
N SER E 83 -46.85 -42.10 37.40
CA SER E 83 -48.29 -42.36 37.38
C SER E 83 -48.92 -41.64 36.20
N GLY E 84 -50.24 -41.67 36.11
CA GLY E 84 -50.94 -41.00 35.03
C GLY E 84 -50.99 -41.83 33.76
N THR E 85 -51.61 -41.31 32.72
CA THR E 85 -51.75 -42.00 31.45
C THR E 85 -50.73 -41.49 30.44
N TYR E 86 -50.66 -42.19 29.31
CA TYR E 86 -49.68 -41.91 28.27
C TYR E 86 -50.37 -41.88 26.90
N PHE E 87 -49.87 -41.02 26.02
CA PHE E 87 -50.41 -40.88 24.68
C PHE E 87 -49.27 -40.89 23.65
N CYS E 88 -49.57 -41.40 22.46
CA CYS E 88 -48.65 -41.37 21.34
C CYS E 88 -49.24 -40.54 20.22
N GLN E 89 -48.43 -39.65 19.65
CA GLN E 89 -48.86 -38.74 18.59
C GLN E 89 -47.95 -38.89 17.38
N GLN E 90 -48.56 -38.83 16.20
CA GLN E 90 -47.82 -38.88 14.94
C GLN E 90 -47.72 -37.47 14.35
N PHE E 91 -46.58 -37.20 13.71
CA PHE E 91 -46.22 -35.83 13.34
C PHE E 91 -45.75 -35.76 11.89
N LYS E 92 -46.49 -36.40 10.98
CA LYS E 92 -46.17 -36.23 9.56
C LYS E 92 -47.39 -36.04 8.66
N THR E 93 -48.61 -36.25 9.14
CA THR E 93 -49.77 -36.19 8.28
C THR E 93 -50.51 -34.87 8.51
N PHE E 94 -51.42 -34.52 7.61
CA PHE E 94 -52.15 -33.26 7.74
C PHE E 94 -52.78 -33.11 9.12
N PRO E 95 -53.47 -34.10 9.68
CA PRO E 95 -53.78 -34.05 11.12
C PRO E 95 -52.76 -34.82 11.95
N PHE E 96 -52.41 -34.27 13.11
CA PHE E 96 -51.46 -34.90 14.03
C PHE E 96 -52.27 -35.60 15.12
N THR E 97 -52.83 -36.75 14.75
CA THR E 97 -53.74 -37.46 15.64
C THR E 97 -53.01 -38.03 16.85
N PHE E 98 -53.76 -38.20 17.94
CA PHE E 98 -53.26 -38.77 19.18
C PHE E 98 -53.66 -40.24 19.26
N GLY E 99 -53.36 -40.87 20.40
CA GLY E 99 -53.73 -42.24 20.64
C GLY E 99 -54.78 -42.36 21.74
N PRO E 100 -55.48 -43.50 21.78
CA PRO E 100 -56.55 -43.64 22.79
C PRO E 100 -56.08 -43.40 24.21
N GLY E 101 -54.90 -43.89 24.58
CA GLY E 101 -54.34 -43.65 25.89
C GLY E 101 -54.32 -44.89 26.77
N THR E 102 -53.28 -45.01 27.60
CA THR E 102 -53.14 -46.13 28.51
C THR E 102 -52.80 -45.62 29.90
N LYS E 103 -53.39 -46.24 30.92
CA LYS E 103 -53.21 -45.86 32.31
C LYS E 103 -52.37 -46.93 33.01
N VAL E 104 -51.43 -46.49 33.84
CA VAL E 104 -50.57 -47.40 34.59
C VAL E 104 -51.05 -47.42 36.04
N GLU E 105 -51.24 -48.62 36.58
CA GLU E 105 -51.75 -48.79 37.93
C GLU E 105 -50.60 -48.83 38.93
N VAL E 106 -50.58 -47.88 39.85
CA VAL E 106 -49.56 -47.83 40.89
C VAL E 106 -50.16 -47.27 42.17
N GLN F 1 -37.76 -19.46 30.61
CA GLN F 1 -38.39 -18.54 29.64
C GLN F 1 -39.65 -19.14 29.02
N SER F 2 -40.54 -18.27 28.54
CA SER F 2 -41.71 -18.70 27.80
C SER F 2 -42.77 -19.30 28.71
N TYR F 3 -44.03 -18.91 28.52
CA TYR F 3 -45.12 -19.45 29.30
C TYR F 3 -46.43 -19.02 28.65
N LEU F 4 -47.36 -19.96 28.46
CA LEU F 4 -48.63 -19.70 27.81
C LEU F 4 -49.74 -19.77 28.85
N VAL F 5 -50.61 -18.77 28.86
CA VAL F 5 -51.72 -18.68 29.79
C VAL F 5 -53.00 -18.47 28.99
N GLN F 6 -54.03 -19.25 29.31
CA GLN F 6 -55.32 -19.14 28.66
C GLN F 6 -56.26 -18.29 29.51
N SER F 7 -57.51 -18.19 29.09
CA SER F 7 -58.52 -17.42 29.79
C SER F 7 -59.23 -18.32 30.81
N GLY F 8 -60.25 -17.77 31.48
CA GLY F 8 -60.99 -18.52 32.45
C GLY F 8 -62.06 -19.38 31.80
N PRO F 9 -62.70 -20.25 32.58
CA PRO F 9 -63.75 -21.11 32.02
C PRO F 9 -64.97 -20.32 31.61
N GLU F 10 -65.73 -20.87 30.66
CA GLU F 10 -66.96 -20.28 30.19
C GLU F 10 -68.06 -21.32 30.17
N VAL F 11 -69.29 -20.87 30.39
CA VAL F 11 -70.49 -21.70 30.29
C VAL F 11 -71.39 -21.05 29.25
N LYS F 12 -71.40 -21.62 28.05
CA LYS F 12 -72.08 -21.02 26.91
C LYS F 12 -73.27 -21.88 26.49
N LYS F 13 -74.39 -21.23 26.21
CA LYS F 13 -75.57 -21.94 25.76
C LYS F 13 -75.32 -22.55 24.38
N PRO F 14 -75.85 -23.74 24.10
CA PRO F 14 -75.62 -24.33 22.79
C PRO F 14 -76.12 -23.43 21.67
N GLY F 15 -75.37 -23.45 20.55
CA GLY F 15 -75.67 -22.61 19.42
C GLY F 15 -74.93 -21.29 19.39
N THR F 16 -74.31 -20.89 20.50
CA THR F 16 -73.62 -19.61 20.58
C THR F 16 -72.21 -19.75 19.99
N ALA F 17 -71.42 -18.70 20.12
CA ALA F 17 -70.03 -18.70 19.65
C ALA F 17 -69.11 -18.37 20.83
N VAL F 18 -68.01 -19.10 20.94
CA VAL F 18 -67.06 -18.95 22.03
C VAL F 18 -65.69 -18.68 21.45
N LYS F 19 -64.99 -17.70 22.01
CA LYS F 19 -63.62 -17.38 21.64
C LYS F 19 -62.75 -17.49 22.89
N VAL F 20 -61.67 -18.26 22.77
CA VAL F 20 -60.73 -18.45 23.86
C VAL F 20 -59.37 -17.95 23.41
N SER F 21 -58.70 -17.20 24.29
CA SER F 21 -57.44 -16.54 23.97
C SER F 21 -56.33 -17.13 24.81
N CYS F 22 -55.22 -17.48 24.15
CA CYS F 22 -54.01 -17.95 24.81
C CYS F 22 -52.95 -16.88 24.66
N GLN F 23 -52.42 -16.40 25.78
CA GLN F 23 -51.47 -15.30 25.80
C GLN F 23 -50.07 -15.84 25.99
N ALA F 24 -49.17 -15.50 25.08
CA ALA F 24 -47.78 -15.92 25.13
C ALA F 24 -46.90 -14.76 25.58
N SER F 25 -45.90 -15.05 26.40
CA SER F 25 -45.03 -14.01 26.91
C SER F 25 -43.69 -14.62 27.30
N ARG F 26 -42.69 -13.75 27.44
CA ARG F 26 -41.35 -14.10 27.92
C ARG F 26 -40.53 -14.89 26.91
N TYR F 27 -40.88 -14.81 25.62
CA TYR F 27 -40.11 -15.49 24.59
C TYR F 27 -40.49 -14.90 23.24
N PRO F 28 -39.68 -15.12 22.20
CA PRO F 28 -40.03 -14.60 20.86
C PRO F 28 -41.30 -15.24 20.34
N PHE F 29 -42.37 -14.47 20.23
CA PHE F 29 -43.67 -15.04 19.91
C PHE F 29 -43.68 -15.63 18.50
N THR F 30 -43.10 -14.92 17.54
CA THR F 30 -43.25 -15.29 16.13
C THR F 30 -42.40 -16.48 15.72
N PHE F 31 -41.46 -16.91 16.56
CA PHE F 31 -40.52 -17.95 16.15
C PHE F 31 -41.15 -19.33 16.15
N PHE F 32 -42.01 -19.63 17.12
CA PHE F 32 -42.56 -20.96 17.32
C PHE F 32 -44.05 -20.99 17.02
N GLY F 33 -44.49 -22.03 16.33
CA GLY F 33 -45.89 -22.18 16.02
C GLY F 33 -46.72 -22.57 17.22
N ILE F 34 -48.04 -22.40 17.07
CA ILE F 34 -49.00 -22.65 18.14
C ILE F 34 -50.02 -23.68 17.66
N SER F 35 -50.36 -24.63 18.52
CA SER F 35 -51.33 -25.66 18.22
C SER F 35 -52.43 -25.65 19.27
N TRP F 36 -53.63 -26.07 18.87
CA TRP F 36 -54.77 -26.18 19.77
C TRP F 36 -55.25 -27.63 19.79
N VAL F 37 -55.45 -28.16 20.99
CA VAL F 37 -56.00 -29.50 21.17
C VAL F 37 -57.08 -29.44 22.23
N ARG F 38 -58.05 -30.34 22.13
CA ARG F 38 -59.16 -30.44 23.07
C ARG F 38 -59.22 -31.84 23.65
N GLN F 39 -59.46 -31.91 24.95
CA GLN F 39 -59.45 -33.18 25.70
C GLN F 39 -60.76 -33.28 26.48
N ALA F 40 -61.72 -34.04 25.95
CA ALA F 40 -62.99 -34.19 26.64
C ALA F 40 -62.78 -34.94 27.95
N PRO F 41 -63.62 -34.69 28.96
CA PRO F 41 -63.44 -35.38 30.24
C PRO F 41 -63.49 -36.89 30.07
N GLY F 42 -62.61 -37.57 30.78
CA GLY F 42 -62.53 -39.01 30.69
C GLY F 42 -62.18 -39.52 29.30
N LYS F 43 -61.37 -38.76 28.56
CA LYS F 43 -60.99 -39.11 27.21
C LYS F 43 -59.55 -38.66 26.97
N GLY F 44 -59.09 -38.81 25.73
CA GLY F 44 -57.77 -38.39 25.35
C GLY F 44 -57.79 -37.13 24.51
N PRO F 45 -56.66 -36.43 24.44
CA PRO F 45 -56.62 -35.18 23.67
C PRO F 45 -56.94 -35.41 22.20
N GLN F 46 -57.54 -34.39 21.59
CA GLN F 46 -57.86 -34.39 20.16
C GLN F 46 -57.19 -33.19 19.51
N TRP F 47 -56.54 -33.43 18.37
CA TRP F 47 -55.86 -32.36 17.66
C TRP F 47 -56.87 -31.56 16.85
N MET F 48 -56.77 -30.23 16.92
CA MET F 48 -57.70 -29.34 16.25
C MET F 48 -57.06 -28.55 15.12
N GLY F 49 -55.99 -27.81 15.41
CA GLY F 49 -55.37 -26.99 14.38
C GLY F 49 -54.02 -26.48 14.80
N TRP F 50 -53.29 -25.94 13.83
CA TRP F 50 -51.95 -25.41 14.03
C TRP F 50 -51.85 -24.07 13.32
N ILE F 51 -51.45 -23.04 14.07
CA ILE F 51 -51.38 -21.68 13.55
C ILE F 51 -49.94 -21.18 13.68
N SER F 52 -49.42 -20.59 12.61
CA SER F 52 -48.09 -20.01 12.61
C SER F 52 -48.20 -18.52 12.94
N PRO F 53 -47.70 -18.06 14.09
CA PRO F 53 -47.78 -16.63 14.41
C PRO F 53 -46.81 -15.75 13.63
N TYR F 54 -46.11 -16.30 12.65
CA TYR F 54 -45.16 -15.53 11.85
C TYR F 54 -45.82 -14.99 10.58
N ASN F 55 -46.36 -15.88 9.75
CA ASN F 55 -47.03 -15.50 8.51
C ASN F 55 -48.52 -15.77 8.53
N GLY F 56 -49.08 -16.20 9.65
CA GLY F 56 -50.51 -16.41 9.77
C GLY F 56 -51.04 -17.67 9.11
N HIS F 57 -50.19 -18.42 8.41
CA HIS F 57 -50.62 -19.65 7.78
C HIS F 57 -51.21 -20.59 8.83
N ALA F 58 -52.36 -21.19 8.50
CA ALA F 58 -53.11 -22.01 9.44
C ALA F 58 -53.41 -23.37 8.83
N ILE F 59 -53.57 -24.36 9.70
CA ILE F 59 -53.96 -25.71 9.30
C ILE F 59 -55.09 -26.17 10.22
N TYR F 60 -56.14 -26.73 9.63
CA TYR F 60 -57.35 -27.10 10.36
C TYR F 60 -57.65 -28.58 10.17
N LEU F 61 -58.68 -29.04 10.88
CA LEU F 61 -59.16 -30.41 10.79
C LEU F 61 -60.51 -30.44 10.06
N ASP F 62 -60.69 -31.45 9.21
CA ASP F 62 -61.81 -31.43 8.27
C ASP F 62 -63.14 -31.23 8.98
N GLU F 63 -63.40 -32.01 10.03
CA GLU F 63 -64.65 -31.87 10.77
C GLU F 63 -64.82 -30.46 11.30
N LEU F 64 -63.72 -29.80 11.69
CA LEU F 64 -63.75 -28.43 12.15
C LEU F 64 -63.42 -27.43 11.05
N LYS F 65 -63.32 -27.90 9.80
CA LYS F 65 -62.90 -27.01 8.72
C LYS F 65 -63.85 -25.83 8.55
N ASP F 66 -65.15 -26.09 8.53
CA ASP F 66 -66.14 -25.05 8.28
C ASP F 66 -66.64 -24.37 9.53
N ARG F 67 -66.21 -24.82 10.72
CA ARG F 67 -66.68 -24.25 11.97
C ARG F 67 -65.62 -23.49 12.75
N LEU F 68 -64.35 -23.82 12.56
CA LEU F 68 -63.26 -23.29 13.38
C LEU F 68 -62.36 -22.39 12.54
N THR F 69 -61.98 -21.25 13.11
CA THR F 69 -61.02 -20.36 12.50
C THR F 69 -60.04 -19.88 13.57
N LEU F 70 -58.76 -19.85 13.23
CA LEU F 70 -57.71 -19.44 14.15
C LEU F 70 -57.08 -18.15 13.66
N THR F 71 -56.91 -17.19 14.58
CA THR F 71 -56.28 -15.92 14.28
C THR F 71 -55.22 -15.64 15.34
N THR F 72 -54.19 -14.91 14.93
CA THR F 72 -53.07 -14.59 15.80
C THR F 72 -52.83 -13.08 15.80
N ASP F 73 -52.44 -12.57 16.96
CA ASP F 73 -52.13 -11.16 17.14
C ASP F 73 -50.68 -11.03 17.59
N THR F 74 -49.96 -10.09 16.97
CA THR F 74 -48.53 -9.95 17.18
C THR F 74 -48.16 -8.90 18.22
N ASP F 75 -48.82 -7.74 18.21
CA ASP F 75 -48.37 -6.62 19.04
C ASP F 75 -48.43 -6.98 20.53
N THR F 76 -49.51 -7.63 20.97
CA THR F 76 -49.64 -8.05 22.36
C THR F 76 -49.34 -9.53 22.55
N THR F 77 -48.93 -10.24 21.50
CA THR F 77 -48.51 -11.64 21.60
C THR F 77 -49.60 -12.49 22.24
N THR F 78 -50.73 -12.59 21.55
CA THR F 78 -51.86 -13.38 21.99
C THR F 78 -52.40 -14.21 20.84
N ALA F 79 -52.81 -15.44 21.15
CA ALA F 79 -53.38 -16.36 20.17
C ALA F 79 -54.85 -16.57 20.50
N TYR F 80 -55.71 -16.40 19.49
CA TYR F 80 -57.15 -16.47 19.65
C TYR F 80 -57.70 -17.68 18.91
N MET F 81 -58.68 -18.34 19.51
CA MET F 81 -59.40 -19.44 18.86
C MET F 81 -60.88 -19.24 19.08
N GLU F 82 -61.64 -19.19 17.99
CA GLU F 82 -63.08 -19.01 18.04
C GLU F 82 -63.77 -20.20 17.40
N LEU F 83 -64.83 -20.67 18.05
CA LEU F 83 -65.62 -21.78 17.56
C LEU F 83 -67.09 -21.40 17.57
N ARG F 84 -67.80 -21.74 16.50
CA ARG F 84 -69.21 -21.40 16.33
C ARG F 84 -70.02 -22.67 16.10
N ASN F 85 -71.33 -22.55 16.32
CA ASN F 85 -72.24 -23.70 16.24
C ASN F 85 -71.82 -24.77 17.25
N LEU F 86 -71.88 -24.40 18.52
CA LEU F 86 -71.37 -25.25 19.60
C LEU F 86 -72.36 -26.40 19.84
N ARG F 87 -72.02 -27.58 19.35
CA ARG F 87 -72.82 -28.76 19.63
C ARG F 87 -72.70 -29.16 21.09
N SER F 88 -73.63 -30.00 21.54
CA SER F 88 -73.64 -30.41 22.93
C SER F 88 -72.43 -31.24 23.30
N ALA F 89 -71.74 -31.82 22.31
CA ALA F 89 -70.60 -32.70 22.56
C ALA F 89 -69.27 -31.96 22.54
N ASP F 90 -69.28 -30.64 22.41
CA ASP F 90 -68.04 -29.87 22.34
C ASP F 90 -67.45 -29.58 23.72
N THR F 91 -68.12 -29.97 24.80
CA THR F 91 -67.60 -29.73 26.14
C THR F 91 -66.29 -30.49 26.32
N ALA F 92 -65.20 -29.76 26.49
CA ALA F 92 -63.89 -30.36 26.67
C ALA F 92 -62.93 -29.30 27.18
N VAL F 93 -61.79 -29.76 27.69
CA VAL F 93 -60.71 -28.88 28.12
C VAL F 93 -59.87 -28.53 26.91
N TYR F 94 -59.64 -27.24 26.69
CA TYR F 94 -58.94 -26.75 25.51
C TYR F 94 -57.55 -26.26 25.91
N PHE F 95 -56.54 -26.71 25.18
CA PHE F 95 -55.15 -26.38 25.45
C PHE F 95 -54.54 -25.64 24.26
N CYS F 96 -53.61 -24.74 24.57
CA CYS F 96 -52.76 -24.11 23.57
C CYS F 96 -51.33 -24.58 23.80
N ALA F 97 -50.71 -25.12 22.75
CA ALA F 97 -49.41 -25.76 22.86
C ALA F 97 -48.41 -25.09 21.95
N ARG F 98 -47.22 -24.82 22.49
CA ARG F 98 -46.15 -24.22 21.70
C ARG F 98 -45.33 -25.32 21.02
N ASP F 99 -44.82 -25.01 19.83
CA ASP F 99 -44.03 -25.97 19.08
C ASP F 99 -42.70 -26.25 19.76
N HIS F 100 -42.20 -27.47 19.53
CA HIS F 100 -40.93 -27.89 20.11
C HIS F 100 -39.78 -27.05 19.57
N THR F 101 -39.74 -26.82 18.25
CA THR F 101 -38.67 -26.06 17.63
C THR F 101 -39.22 -25.06 16.61
N ARG F 102 -38.34 -24.35 15.92
CA ARG F 102 -38.76 -23.35 14.94
C ARG F 102 -39.10 -23.94 13.58
N GLN F 103 -38.85 -25.23 13.37
CA GLN F 103 -39.07 -25.83 12.06
C GLN F 103 -39.15 -27.34 12.23
N ASP F 104 -40.26 -27.93 11.81
CA ASP F 104 -40.47 -29.37 11.93
C ASP F 104 -40.35 -29.81 13.39
N SER F 105 -41.28 -29.29 14.21
CA SER F 105 -41.14 -29.41 15.65
C SER F 105 -41.22 -30.87 16.10
N ARG F 106 -42.26 -31.58 15.70
CA ARG F 106 -42.50 -32.95 16.13
C ARG F 106 -42.48 -33.04 17.67
N GLY F 107 -43.36 -32.27 18.27
CA GLY F 107 -43.49 -32.23 19.72
C GLY F 107 -43.97 -30.87 20.18
N TYR F 108 -44.54 -30.84 21.38
CA TYR F 108 -45.05 -29.61 21.98
C TYR F 108 -44.28 -29.33 23.26
N ASP F 109 -43.71 -28.13 23.34
CA ASP F 109 -42.84 -27.80 24.46
C ASP F 109 -43.65 -27.37 25.69
N PHE F 110 -44.51 -26.37 25.54
CA PHE F 110 -45.24 -25.80 26.66
C PHE F 110 -46.72 -25.73 26.34
N TRP F 111 -47.53 -25.93 27.37
CA TRP F 111 -48.99 -25.95 27.27
C TRP F 111 -49.57 -24.83 28.12
N GLY F 112 -50.90 -24.71 28.05
CA GLY F 112 -51.65 -23.87 28.96
C GLY F 112 -52.33 -24.70 30.03
N GLN F 113 -52.90 -24.00 31.01
CA GLN F 113 -53.58 -24.66 32.11
C GLN F 113 -54.91 -25.27 31.71
N GLY F 114 -55.45 -24.90 30.57
CA GLY F 114 -56.71 -25.47 30.11
C GLY F 114 -57.88 -24.54 30.35
N THR F 115 -58.92 -24.68 29.52
CA THR F 115 -60.14 -23.88 29.64
C THR F 115 -61.32 -24.80 29.37
N LEU F 116 -61.98 -25.22 30.45
CA LEU F 116 -63.14 -26.11 30.33
C LEU F 116 -64.37 -25.29 29.96
N VAL F 117 -65.00 -25.65 28.84
CA VAL F 117 -66.21 -24.97 28.36
C VAL F 117 -67.35 -25.97 28.37
N THR F 118 -68.51 -25.55 28.87
CA THR F 118 -69.67 -26.42 29.02
C THR F 118 -70.71 -26.02 27.99
N VAL F 119 -71.13 -26.99 27.17
CA VAL F 119 -72.17 -26.77 26.18
C VAL F 119 -73.06 -28.01 26.11
N ALA G 6 5.55 -28.16 -34.86
CA ALA G 6 5.09 -27.68 -33.55
C ALA G 6 6.25 -27.08 -32.77
N MET G 7 6.07 -25.83 -32.33
CA MET G 7 7.09 -25.13 -31.56
C MET G 7 6.43 -24.42 -30.39
N ILE G 8 7.20 -24.24 -29.31
CA ILE G 8 6.69 -23.53 -28.15
C ILE G 8 6.63 -22.04 -28.45
N PHE G 9 5.60 -21.39 -27.93
CA PHE G 9 5.37 -19.97 -28.14
C PHE G 9 5.78 -19.19 -26.90
N GLY G 10 5.79 -17.87 -27.05
CA GLY G 10 6.00 -16.97 -25.93
C GLY G 10 4.67 -16.54 -25.32
N PHE G 11 4.75 -15.49 -24.52
CA PHE G 11 3.55 -14.95 -23.90
C PHE G 11 2.64 -14.36 -24.96
N LEU G 12 1.43 -14.90 -25.07
CA LEU G 12 0.43 -14.46 -26.03
C LEU G 12 0.86 -14.65 -27.47
N GLY G 13 1.78 -15.58 -27.73
CA GLY G 13 2.20 -15.84 -29.09
C GLY G 13 1.15 -16.55 -29.93
N ALA G 14 0.20 -17.21 -29.28
CA ALA G 14 -0.88 -17.92 -29.97
C ALA G 14 -2.20 -17.17 -29.90
N ALA G 15 -2.15 -15.84 -29.79
CA ALA G 15 -3.38 -15.06 -29.75
C ALA G 15 -4.11 -15.09 -31.07
N GLY G 16 -3.38 -15.22 -32.18
CA GLY G 16 -3.98 -15.22 -33.49
C GLY G 16 -4.40 -16.57 -34.02
N SER G 17 -4.00 -17.65 -33.36
CA SER G 17 -4.32 -18.99 -33.82
C SER G 17 -5.69 -19.41 -33.31
N THR G 18 -6.28 -20.39 -34.01
CA THR G 18 -7.59 -20.88 -33.62
C THR G 18 -7.51 -21.53 -32.23
N MET G 19 -8.69 -21.86 -31.69
CA MET G 19 -8.72 -22.45 -30.35
C MET G 19 -8.03 -23.80 -30.32
N GLY G 20 -8.27 -24.63 -31.32
CA GLY G 20 -7.72 -25.98 -31.31
C GLY G 20 -6.22 -25.99 -31.13
N ALA G 21 -5.53 -24.98 -31.65
CA ALA G 21 -4.09 -24.86 -31.51
C ALA G 21 -3.66 -23.95 -30.38
N ALA G 22 -4.49 -22.98 -30.01
CA ALA G 22 -4.13 -22.08 -28.92
C ALA G 22 -4.23 -22.75 -27.56
N SER G 23 -5.12 -23.73 -27.41
CA SER G 23 -5.31 -24.39 -26.13
C SER G 23 -4.13 -25.27 -25.74
N ASN G 24 -3.18 -25.50 -26.63
CA ASN G 24 -1.98 -26.25 -26.32
C ASN G 24 -0.89 -25.37 -25.71
N THR G 25 -1.17 -24.09 -25.46
CA THR G 25 -0.21 -23.16 -24.90
C THR G 25 -0.80 -22.41 -23.70
N LEU G 26 -1.67 -23.06 -22.95
CA LEU G 26 -2.32 -22.39 -21.82
C LEU G 26 -1.33 -22.12 -20.69
N THR G 27 -0.39 -23.02 -20.45
CA THR G 27 0.56 -22.83 -19.35
C THR G 27 1.48 -21.64 -19.59
N VAL G 28 1.61 -21.17 -20.83
CA VAL G 28 2.46 -20.02 -21.11
C VAL G 28 1.86 -18.77 -20.51
N GLN G 29 0.56 -18.56 -20.72
CA GLN G 29 -0.13 -17.40 -20.16
C GLN G 29 -0.35 -17.54 -18.66
N ALA G 30 -0.72 -18.74 -18.21
CA ALA G 30 -1.00 -18.93 -16.80
C ALA G 30 0.23 -18.73 -15.93
N ARG G 31 1.41 -19.05 -16.47
CA ARG G 31 2.63 -18.95 -15.68
C ARG G 31 3.03 -17.52 -15.38
N GLN G 32 2.50 -16.54 -16.11
CA GLN G 32 2.79 -15.13 -15.87
C GLN G 32 1.48 -14.43 -15.50
N LEU G 33 1.11 -14.54 -14.21
CA LEU G 33 -0.03 -13.81 -13.66
C LEU G 33 0.27 -13.11 -12.34
N LEU G 34 1.31 -13.51 -11.61
CA LEU G 34 1.62 -12.88 -10.33
C LEU G 34 3.09 -12.53 -10.18
N SER G 35 3.98 -13.17 -10.94
CA SER G 35 5.42 -12.97 -10.79
C SER G 35 5.93 -12.01 -11.85
N GLY G 36 6.71 -11.02 -11.41
CA GLY G 36 7.31 -10.07 -12.31
C GLY G 36 8.45 -9.35 -11.63
N ILE G 37 9.09 -8.45 -12.38
CA ILE G 37 10.19 -7.67 -11.83
C ILE G 37 9.73 -6.61 -10.84
N VAL G 38 8.43 -6.39 -10.71
CA VAL G 38 7.93 -5.39 -9.78
C VAL G 38 8.25 -5.73 -8.34
N GLN G 39 8.45 -7.01 -8.03
CA GLN G 39 8.75 -7.45 -6.68
C GLN G 39 10.24 -7.39 -6.35
N GLN G 40 11.01 -6.61 -7.10
CA GLN G 40 12.44 -6.52 -6.88
C GLN G 40 12.70 -5.56 -5.70
N GLN G 41 13.98 -5.30 -5.43
CA GLN G 41 14.37 -4.53 -4.25
C GLN G 41 14.35 -3.03 -4.48
N SER G 42 14.04 -2.57 -5.69
CA SER G 42 13.99 -1.13 -5.98
C SER G 42 15.35 -0.47 -5.78
N ASN G 43 16.40 -1.15 -6.23
CA ASN G 43 17.76 -0.62 -6.12
C ASN G 43 18.05 -0.13 -4.70
N HIS G 53 13.23 12.50 2.35
CA HIS G 53 13.28 11.70 1.13
C HIS G 53 13.20 10.22 1.43
N LEU G 54 12.02 9.75 1.83
CA LEU G 54 11.81 8.34 2.06
C LEU G 54 11.72 7.62 0.71
N LEU G 55 12.56 6.60 0.53
CA LEU G 55 12.66 5.96 -0.78
C LEU G 55 11.35 5.35 -1.24
N GLN G 56 10.44 5.04 -0.32
CA GLN G 56 9.15 4.47 -0.66
C GLN G 56 8.02 5.51 -0.63
N LEU G 57 8.36 6.79 -0.48
CA LEU G 57 7.40 7.86 -0.66
C LEU G 57 7.72 8.72 -1.87
N THR G 58 8.77 8.40 -2.60
CA THR G 58 9.14 9.17 -3.78
C THR G 58 8.07 8.97 -4.87
N VAL G 59 8.28 9.61 -6.02
CA VAL G 59 7.30 9.54 -7.09
C VAL G 59 7.12 8.10 -7.54
N TRP G 60 8.21 7.37 -7.72
CA TRP G 60 8.14 5.99 -8.15
C TRP G 60 8.19 4.99 -7.00
N GLY G 61 8.38 5.46 -5.77
CA GLY G 61 8.19 4.58 -4.64
C GLY G 61 6.73 4.21 -4.47
N ILE G 62 5.83 5.09 -4.88
CA ILE G 62 4.39 4.83 -4.78
C ILE G 62 3.90 4.06 -5.99
N LYS G 63 4.34 4.44 -7.19
CA LYS G 63 3.89 3.76 -8.39
C LYS G 63 4.29 2.29 -8.37
N GLN G 64 5.37 1.94 -7.68
CA GLN G 64 5.73 0.54 -7.54
C GLN G 64 4.84 -0.16 -6.51
N LEU G 65 4.52 0.53 -5.42
CA LEU G 65 3.67 -0.07 -4.40
C LEU G 65 2.28 -0.39 -4.95
N GLN G 66 1.70 0.55 -5.71
CA GLN G 66 0.38 0.30 -6.28
C GLN G 66 0.44 -0.65 -7.46
N ALA G 67 1.62 -0.88 -8.03
CA ALA G 67 1.76 -1.93 -9.03
C ALA G 67 1.81 -3.30 -8.39
N ARG G 68 2.33 -3.40 -7.17
CA ARG G 68 2.37 -4.69 -6.48
C ARG G 68 0.99 -5.11 -6.02
N VAL G 69 0.20 -4.17 -5.51
CA VAL G 69 -1.17 -4.49 -5.11
C VAL G 69 -2.02 -4.80 -6.33
N LEU G 70 -1.80 -4.08 -7.42
CA LEU G 70 -2.55 -4.34 -8.64
C LEU G 70 -2.28 -5.75 -9.16
N ALA G 71 -1.02 -6.16 -9.15
CA ALA G 71 -0.67 -7.49 -9.65
C ALA G 71 -1.26 -8.59 -8.80
N VAL G 72 -1.64 -8.29 -7.56
CA VAL G 72 -2.19 -9.31 -6.68
C VAL G 72 -3.69 -9.44 -6.87
N GLU G 73 -4.40 -8.31 -6.96
CA GLU G 73 -5.84 -8.35 -7.19
C GLU G 73 -6.16 -9.00 -8.53
N ARG G 74 -5.35 -8.75 -9.54
CA ARG G 74 -5.56 -9.40 -10.84
C ARG G 74 -5.43 -10.91 -10.73
N TYR G 75 -4.53 -11.39 -9.88
CA TYR G 75 -4.40 -12.83 -9.69
C TYR G 75 -5.54 -13.39 -8.87
N LEU G 76 -5.94 -12.70 -7.80
CA LEU G 76 -6.99 -13.21 -6.93
C LEU G 76 -8.35 -13.13 -7.59
N GLU G 77 -8.54 -12.19 -8.52
CA GLU G 77 -9.83 -12.07 -9.18
C GLU G 77 -10.17 -13.33 -9.96
N VAL G 78 -9.19 -13.87 -10.70
CA VAL G 78 -9.41 -15.11 -11.42
C VAL G 78 -9.49 -16.29 -10.45
N GLN G 79 -8.64 -16.30 -9.43
CA GLN G 79 -8.63 -17.42 -8.49
C GLN G 79 -9.90 -17.50 -7.67
N LYS G 80 -10.59 -16.38 -7.46
CA LYS G 80 -11.84 -16.43 -6.72
C LYS G 80 -12.87 -17.28 -7.45
N PHE G 81 -12.96 -17.12 -8.76
CA PHE G 81 -13.94 -17.87 -9.54
C PHE G 81 -13.58 -19.35 -9.64
N LEU G 82 -12.29 -19.67 -9.76
CA LEU G 82 -11.90 -21.06 -9.84
C LEU G 82 -12.33 -21.82 -8.58
N GLY G 83 -12.21 -21.19 -7.42
CA GLY G 83 -12.61 -21.85 -6.20
C GLY G 83 -14.10 -22.10 -6.12
N LEU G 84 -14.90 -21.11 -6.50
CA LEU G 84 -16.35 -21.26 -6.42
C LEU G 84 -16.84 -22.38 -7.33
N TRP G 85 -16.24 -22.52 -8.51
CA TRP G 85 -16.66 -23.52 -9.49
C TRP G 85 -16.05 -24.89 -9.25
N GLY G 86 -15.20 -25.03 -8.23
CA GLY G 86 -14.59 -26.32 -7.96
C GLY G 86 -13.47 -26.69 -8.90
N CYS G 87 -12.85 -25.72 -9.54
CA CYS G 87 -11.81 -25.96 -10.53
C CYS G 87 -10.41 -25.57 -10.02
N SER G 88 -10.25 -25.47 -8.71
CA SER G 88 -8.97 -25.07 -8.16
C SER G 88 -7.89 -26.09 -8.51
N GLY G 89 -6.72 -25.59 -8.91
CA GLY G 89 -5.61 -26.46 -9.19
C GLY G 89 -5.66 -27.15 -10.54
N LYS G 90 -6.47 -26.67 -11.47
CA LYS G 90 -6.61 -27.29 -12.78
C LYS G 90 -6.39 -26.27 -13.87
N ILE G 91 -5.72 -26.69 -14.94
CA ILE G 91 -5.59 -25.84 -16.12
C ILE G 91 -6.88 -25.88 -16.93
N ILE G 92 -7.33 -27.07 -17.30
CA ILE G 92 -8.61 -27.26 -17.98
C ILE G 92 -9.51 -28.05 -17.04
N CYS G 93 -10.65 -27.48 -16.69
CA CYS G 93 -11.57 -28.06 -15.73
C CYS G 93 -12.90 -28.32 -16.41
N CYS G 94 -13.43 -29.53 -16.25
CA CYS G 94 -14.72 -29.90 -16.79
C CYS G 94 -15.81 -29.67 -15.74
N THR G 95 -16.97 -29.26 -16.20
CA THR G 95 -18.09 -28.92 -15.33
C THR G 95 -19.28 -29.81 -15.66
N ALA G 96 -20.33 -29.69 -14.86
CA ALA G 96 -21.58 -30.44 -15.06
C ALA G 96 -22.71 -29.54 -15.54
N VAL G 97 -22.38 -28.40 -16.14
CA VAL G 97 -23.36 -27.45 -16.64
C VAL G 97 -23.55 -27.72 -18.14
N PRO G 98 -24.73 -28.17 -18.58
CA PRO G 98 -24.93 -28.36 -20.01
C PRO G 98 -24.82 -27.04 -20.76
N TRP G 99 -24.31 -27.12 -21.99
CA TRP G 99 -24.24 -25.91 -22.81
C TRP G 99 -25.63 -25.54 -23.31
N ASN G 100 -25.97 -24.27 -23.17
CA ASN G 100 -27.28 -23.76 -23.55
C ASN G 100 -27.16 -23.15 -24.94
N SER G 101 -27.94 -23.65 -25.89
CA SER G 101 -27.80 -23.22 -27.27
C SER G 101 -28.52 -21.89 -27.49
N THR G 102 -28.27 -20.93 -26.62
CA THR G 102 -28.72 -19.56 -26.79
C THR G 102 -27.51 -18.65 -26.63
N TRP G 103 -26.55 -19.09 -25.81
CA TRP G 103 -25.28 -18.41 -25.72
C TRP G 103 -24.51 -18.49 -27.04
N SER G 104 -24.50 -19.68 -27.65
CA SER G 104 -23.94 -19.85 -28.98
C SER G 104 -24.28 -21.25 -29.46
N ASN G 105 -24.73 -21.36 -30.72
CA ASN G 105 -25.15 -22.62 -31.29
C ASN G 105 -24.19 -23.12 -32.37
N LYS G 106 -22.95 -22.65 -32.35
CA LYS G 106 -21.95 -23.13 -33.30
C LYS G 106 -21.55 -24.56 -32.98
N SER G 107 -21.16 -25.29 -34.02
CA SER G 107 -20.78 -26.68 -33.87
C SER G 107 -19.29 -26.79 -33.54
N PHE G 108 -18.78 -28.01 -33.44
CA PHE G 108 -17.40 -28.22 -33.04
C PHE G 108 -16.43 -27.58 -34.04
N GLU G 109 -16.66 -27.81 -35.33
CA GLU G 109 -15.73 -27.30 -36.34
C GLU G 109 -15.79 -25.79 -36.47
N GLN G 110 -16.93 -25.19 -36.13
CA GLN G 110 -17.09 -23.75 -36.28
C GLN G 110 -16.51 -22.96 -35.12
N ILE G 111 -16.04 -23.64 -34.07
CA ILE G 111 -15.42 -23.00 -32.93
C ILE G 111 -13.93 -23.32 -32.87
N TRP G 112 -13.58 -24.60 -32.77
CA TRP G 112 -12.20 -24.99 -32.50
C TRP G 112 -11.32 -25.00 -33.74
N ASN G 113 -11.89 -24.83 -34.93
CA ASN G 113 -11.11 -24.79 -36.16
C ASN G 113 -11.32 -23.53 -36.97
N ASN G 114 -12.13 -22.58 -36.49
CA ASN G 114 -12.45 -21.40 -37.27
C ASN G 114 -12.46 -20.11 -36.46
N MET G 115 -12.25 -20.17 -35.15
CA MET G 115 -12.37 -19.01 -34.29
C MET G 115 -11.16 -18.90 -33.38
N THR G 116 -10.81 -17.67 -33.03
CA THR G 116 -9.76 -17.41 -32.05
C THR G 116 -10.39 -17.09 -30.71
N TRP G 117 -9.61 -17.26 -29.66
CA TRP G 117 -10.14 -17.06 -28.31
C TRP G 117 -10.65 -15.64 -28.13
N ILE G 118 -10.03 -14.66 -28.79
CA ILE G 118 -10.52 -13.29 -28.68
C ILE G 118 -11.86 -13.13 -29.39
N GLU G 119 -11.99 -13.70 -30.59
CA GLU G 119 -13.25 -13.60 -31.31
C GLU G 119 -14.39 -14.24 -30.55
N TRP G 120 -14.13 -15.42 -29.97
CA TRP G 120 -15.20 -16.16 -29.30
C TRP G 120 -15.65 -15.44 -28.03
N GLU G 121 -14.71 -15.04 -27.18
CA GLU G 121 -15.08 -14.41 -25.93
C GLU G 121 -15.89 -13.13 -26.15
N ARG G 122 -15.76 -12.51 -27.32
CA ARG G 122 -16.64 -11.40 -27.66
C ARG G 122 -18.03 -11.87 -28.07
N GLU G 123 -18.11 -13.04 -28.71
CA GLU G 123 -19.42 -13.55 -29.15
C GLU G 123 -20.31 -13.86 -27.96
N ILE G 124 -19.77 -14.50 -26.93
CA ILE G 124 -20.55 -14.87 -25.76
C ILE G 124 -20.39 -13.84 -24.64
N SER G 125 -19.94 -12.62 -24.97
CA SER G 125 -19.69 -11.61 -23.95
C SER G 125 -20.96 -11.20 -23.22
N ASN G 126 -22.13 -11.37 -23.83
CA ASN G 126 -23.38 -10.97 -23.18
C ASN G 126 -23.84 -11.99 -22.13
N TYR G 127 -23.35 -13.22 -22.19
CA TYR G 127 -23.83 -14.28 -21.30
C TYR G 127 -22.77 -14.77 -20.33
N THR G 128 -21.61 -14.13 -20.26
CA THR G 128 -20.59 -14.58 -19.32
C THR G 128 -21.06 -14.46 -17.89
N SER G 129 -21.70 -13.34 -17.54
CA SER G 129 -22.19 -13.14 -16.18
C SER G 129 -23.25 -14.19 -15.83
N GLN G 130 -24.17 -14.45 -16.76
CA GLN G 130 -25.16 -15.50 -16.53
C GLN G 130 -24.50 -16.85 -16.38
N ILE G 131 -23.48 -17.13 -17.20
CA ILE G 131 -22.80 -18.42 -17.12
C ILE G 131 -22.02 -18.53 -15.81
N TYR G 132 -21.41 -17.44 -15.36
CA TYR G 132 -20.64 -17.48 -14.12
C TYR G 132 -21.55 -17.86 -12.95
N ASP G 133 -22.74 -17.25 -12.88
CA ASP G 133 -23.65 -17.57 -11.79
C ASP G 133 -24.11 -19.01 -11.86
N ILE G 134 -24.39 -19.51 -13.07
CA ILE G 134 -24.80 -20.90 -13.23
C ILE G 134 -23.70 -21.84 -12.76
N LEU G 135 -22.45 -21.55 -13.14
CA LEU G 135 -21.35 -22.40 -12.74
C LEU G 135 -21.21 -22.46 -11.23
N THR G 136 -21.32 -21.31 -10.56
CA THR G 136 -21.25 -21.29 -9.10
C THR G 136 -22.38 -22.08 -8.48
N GLU G 137 -23.60 -21.90 -8.98
CA GLU G 137 -24.74 -22.62 -8.42
C GLU G 137 -24.62 -24.12 -8.63
N SER G 138 -24.08 -24.53 -9.77
CA SER G 138 -23.93 -25.95 -10.04
C SER G 138 -23.00 -26.62 -9.03
N GLN G 139 -21.85 -25.99 -8.74
CA GLN G 139 -20.94 -26.54 -7.76
C GLN G 139 -21.58 -26.61 -6.38
N PHE G 140 -22.46 -25.65 -6.07
CA PHE G 140 -23.15 -25.68 -4.78
C PHE G 140 -24.05 -26.91 -4.66
N GLN G 141 -24.75 -27.26 -5.74
CA GLN G 141 -25.63 -28.43 -5.69
C GLN G 141 -24.85 -29.71 -5.50
N GLN G 142 -23.64 -29.80 -6.05
CA GLN G 142 -22.84 -31.01 -5.87
C GLN G 142 -22.49 -31.21 -4.41
N ASP G 143 -22.14 -30.14 -3.70
CA ASP G 143 -21.83 -30.26 -2.29
C ASP G 143 -23.08 -30.53 -1.46
N ILE G 144 -24.20 -29.92 -1.81
CA ILE G 144 -25.45 -30.21 -1.13
C ILE G 144 -25.84 -31.67 -1.33
N ASN G 145 -25.76 -32.16 -2.57
CA ASN G 145 -26.12 -33.53 -2.85
C ASN G 145 -25.17 -34.54 -2.25
N GLU G 146 -23.98 -34.12 -1.83
CA GLU G 146 -23.02 -35.03 -1.23
C GLU G 146 -23.16 -35.12 0.28
N VAL G 147 -23.49 -34.00 0.93
CA VAL G 147 -23.64 -34.01 2.39
C VAL G 147 -24.77 -34.94 2.80
N ASP G 148 -25.90 -34.88 2.09
CA ASP G 148 -27.05 -35.72 2.41
C ASP G 148 -27.07 -37.01 1.61
N LEU G 149 -25.89 -37.51 1.22
CA LEU G 149 -25.75 -38.78 0.53
C LEU G 149 -24.80 -39.75 1.23
N LEU G 150 -23.84 -39.24 2.00
CA LEU G 150 -22.88 -40.08 2.69
C LEU G 150 -23.31 -40.35 4.14
N ALA H 1 -25.33 -30.03 -29.87
CA ALA H 1 -25.81 -31.34 -29.47
C ALA H 1 -26.08 -31.38 -27.96
N GLU H 2 -26.63 -32.49 -27.50
CA GLU H 2 -26.86 -32.68 -26.07
C GLU H 2 -25.58 -33.02 -25.32
N ASN H 3 -24.54 -33.44 -26.01
CA ASN H 3 -23.32 -33.92 -25.38
C ASN H 3 -22.38 -32.78 -24.98
N LEU H 4 -22.77 -31.53 -25.19
CA LEU H 4 -21.89 -30.40 -24.94
C LEU H 4 -22.12 -29.86 -23.53
N TRP H 5 -21.01 -29.59 -22.83
CA TRP H 5 -21.04 -29.08 -21.47
C TRP H 5 -20.07 -27.92 -21.36
N VAL H 6 -20.26 -27.10 -20.32
CA VAL H 6 -19.45 -25.91 -20.13
C VAL H 6 -18.10 -26.32 -19.55
N THR H 7 -17.02 -25.89 -20.20
CA THR H 7 -15.66 -26.21 -19.79
C THR H 7 -14.90 -24.93 -19.52
N VAL H 8 -14.11 -24.91 -18.46
CA VAL H 8 -13.41 -23.72 -18.00
C VAL H 8 -11.93 -23.88 -18.35
N TYR H 9 -11.42 -22.98 -19.17
CA TYR H 9 -10.02 -22.98 -19.59
C TYR H 9 -9.28 -21.86 -18.88
N TYR H 10 -8.16 -22.20 -18.26
CA TYR H 10 -7.32 -21.23 -17.57
C TYR H 10 -6.06 -20.99 -18.39
N GLY H 11 -5.66 -19.75 -18.52
CA GLY H 11 -4.52 -19.38 -19.33
C GLY H 11 -4.83 -18.97 -20.75
N VAL H 12 -6.04 -18.51 -21.02
CA VAL H 12 -6.46 -18.20 -22.39
C VAL H 12 -5.76 -16.92 -22.86
N PRO H 13 -5.32 -16.83 -24.12
CA PRO H 13 -4.74 -15.57 -24.64
C PRO H 13 -5.79 -14.56 -25.11
N VAL H 14 -6.31 -13.79 -24.16
CA VAL H 14 -7.30 -12.76 -24.45
C VAL H 14 -6.97 -11.53 -23.61
N TRP H 15 -7.23 -10.35 -24.17
CA TRP H 15 -6.96 -9.09 -23.49
C TRP H 15 -8.05 -8.08 -23.81
N LYS H 16 -8.10 -7.03 -23.00
CA LYS H 16 -8.97 -5.89 -23.24
C LYS H 16 -8.16 -4.61 -23.07
N ASP H 17 -8.62 -3.53 -23.68
CA ASP H 17 -8.00 -2.24 -23.46
C ASP H 17 -8.22 -1.81 -22.01
N ALA H 18 -7.15 -1.31 -21.38
CA ALA H 18 -7.23 -0.95 -19.98
C ALA H 18 -6.20 0.13 -19.68
N ASP H 19 -6.33 0.72 -18.49
CA ASP H 19 -5.40 1.72 -17.98
C ASP H 19 -4.95 1.29 -16.60
N THR H 20 -3.64 1.43 -16.34
CA THR H 20 -3.07 0.93 -15.10
C THR H 20 -1.92 1.83 -14.69
N THR H 21 -1.20 1.43 -13.65
CA THR H 21 -0.06 2.16 -13.12
C THR H 21 1.21 1.52 -13.65
N LEU H 22 1.98 2.28 -14.43
CA LEU H 22 3.24 1.82 -14.98
C LEU H 22 4.37 2.31 -14.07
N PHE H 23 5.23 1.40 -13.65
CA PHE H 23 6.39 1.76 -12.85
C PHE H 23 7.63 1.84 -13.73
N CYS H 24 8.70 2.40 -13.15
CA CYS H 24 9.92 2.68 -13.88
C CYS H 24 10.91 1.52 -13.74
N ALA H 25 11.77 1.39 -14.75
CA ALA H 25 12.86 0.43 -14.73
C ALA H 25 14.00 1.01 -15.54
N SER H 26 15.20 1.03 -14.97
CA SER H 26 16.35 1.65 -15.60
C SER H 26 17.56 0.73 -15.49
N ASP H 27 18.49 0.91 -16.42
CA ASP H 27 19.68 0.07 -16.46
C ASP H 27 20.62 0.41 -15.29
N ALA H 28 21.26 -0.63 -14.76
CA ALA H 28 22.16 -0.43 -13.63
C ALA H 28 23.48 0.22 -14.05
N LYS H 29 23.89 0.03 -15.30
CA LYS H 29 25.16 0.60 -15.75
C LYS H 29 25.15 2.12 -15.63
N ALA H 30 24.04 2.75 -16.03
CA ALA H 30 23.89 4.18 -15.84
C ALA H 30 23.74 4.55 -14.36
N HIS H 31 23.54 3.57 -13.49
CA HIS H 31 23.36 3.80 -12.07
C HIS H 31 24.72 3.81 -11.38
N GLU H 32 24.73 3.90 -10.05
CA GLU H 32 25.94 3.87 -9.24
C GLU H 32 26.97 4.89 -9.73
N THR H 33 26.49 6.09 -10.07
CA THR H 33 27.35 7.23 -10.33
C THR H 33 27.23 8.30 -9.25
N GLU H 34 26.25 8.19 -8.35
CA GLU H 34 26.06 9.13 -7.25
C GLU H 34 25.91 10.56 -7.75
N ALA H 35 25.37 10.72 -8.95
CA ALA H 35 25.12 12.04 -9.52
C ALA H 35 23.73 12.57 -9.18
N HIS H 36 22.87 11.76 -8.58
CA HIS H 36 21.52 12.19 -8.20
C HIS H 36 20.79 12.83 -9.37
N ASN H 37 20.59 12.03 -10.41
CA ASN H 37 19.84 12.49 -11.58
C ASN H 37 18.40 12.79 -11.20
N ILE H 38 17.83 13.81 -11.85
CA ILE H 38 16.46 14.19 -11.55
C ILE H 38 15.49 13.10 -11.98
N TRP H 39 15.63 12.60 -13.21
CA TRP H 39 14.54 11.86 -13.83
C TRP H 39 14.48 10.42 -13.35
N ALA H 40 15.49 9.61 -13.66
CA ALA H 40 15.46 8.18 -13.38
C ALA H 40 16.23 7.93 -12.08
N THR H 41 15.56 8.21 -10.98
CA THR H 41 16.22 8.20 -9.69
C THR H 41 16.52 6.77 -9.25
N HIS H 42 17.03 6.64 -8.03
CA HIS H 42 17.39 5.34 -7.49
C HIS H 42 16.19 4.42 -7.31
N ALA H 43 14.97 4.97 -7.28
CA ALA H 43 13.79 4.18 -7.01
C ALA H 43 13.42 3.23 -8.15
N CYS H 44 13.99 3.39 -9.33
CA CYS H 44 13.65 2.53 -10.44
C CYS H 44 14.27 1.15 -10.27
N VAL H 45 13.47 0.12 -10.44
CA VAL H 45 13.93 -1.26 -10.30
C VAL H 45 14.89 -1.57 -11.45
N PRO H 46 15.86 -2.46 -11.28
CA PRO H 46 16.75 -2.80 -12.39
C PRO H 46 15.99 -3.41 -13.55
N THR H 47 16.41 -3.06 -14.76
CA THR H 47 15.75 -3.57 -15.96
C THR H 47 16.09 -5.04 -16.17
N ASP H 48 15.25 -5.71 -16.95
CA ASP H 48 15.46 -7.12 -17.23
C ASP H 48 16.68 -7.30 -18.13
N PRO H 49 17.66 -8.12 -17.75
CA PRO H 49 18.81 -8.32 -18.64
C PRO H 49 18.45 -8.92 -19.99
N ASN H 50 17.36 -9.70 -20.06
CA ASN H 50 16.97 -10.40 -21.28
C ASN H 50 15.50 -10.10 -21.57
N PRO H 51 15.20 -8.93 -22.14
CA PRO H 51 13.81 -8.61 -22.46
C PRO H 51 13.24 -9.57 -23.49
N GLN H 52 11.94 -9.83 -23.36
CA GLN H 52 11.22 -10.74 -24.25
C GLN H 52 10.25 -9.93 -25.09
N GLU H 53 10.35 -10.08 -26.41
CA GLU H 53 9.43 -9.47 -27.37
C GLU H 53 8.87 -10.58 -28.24
N ILE H 54 7.58 -10.85 -28.09
CA ILE H 54 6.92 -12.00 -28.72
C ILE H 54 6.10 -11.50 -29.89
N TYR H 55 6.36 -12.03 -31.07
CA TYR H 55 5.64 -11.66 -32.28
C TYR H 55 4.35 -12.47 -32.37
N MET H 56 3.22 -11.78 -32.34
CA MET H 56 1.90 -12.42 -32.43
C MET H 56 1.45 -12.32 -33.88
N GLU H 57 1.29 -13.47 -34.53
CA GLU H 57 1.30 -13.51 -35.99
C GLU H 57 -0.03 -13.08 -36.59
N ASN H 58 -1.09 -13.85 -36.36
CA ASN H 58 -2.37 -13.57 -37.00
C ASN H 58 -3.20 -12.57 -36.21
N VAL H 59 -2.62 -11.44 -35.81
CA VAL H 59 -3.27 -10.51 -34.91
C VAL H 59 -3.31 -9.13 -35.54
N THR H 60 -4.49 -8.51 -35.54
CA THR H 60 -4.68 -7.14 -35.98
C THR H 60 -5.29 -6.36 -34.83
N GLU H 61 -4.62 -5.30 -34.40
CA GLU H 61 -5.05 -4.51 -33.25
C GLU H 61 -5.23 -3.06 -33.68
N ASN H 62 -6.19 -2.39 -33.06
CA ASN H 62 -6.46 -0.99 -33.35
C ASN H 62 -5.65 -0.12 -32.40
N PHE H 63 -4.69 0.62 -32.96
CA PHE H 63 -3.89 1.55 -32.17
C PHE H 63 -4.37 2.97 -32.40
N ASN H 64 -4.21 3.81 -31.38
CA ASN H 64 -4.69 5.19 -31.46
C ASN H 64 -3.86 6.02 -30.48
N MET H 65 -2.88 6.74 -31.00
CA MET H 65 -2.24 7.79 -30.23
C MET H 65 -3.14 9.03 -30.34
N TRP H 66 -2.81 10.09 -29.62
CA TRP H 66 -3.69 11.23 -29.37
C TRP H 66 -4.79 10.86 -28.40
N LYS H 67 -4.91 9.59 -28.02
CA LYS H 67 -5.81 9.14 -26.97
C LYS H 67 -5.13 8.10 -26.10
N ASN H 68 -3.80 8.06 -26.11
CA ASN H 68 -3.03 7.11 -25.34
C ASN H 68 -2.84 7.62 -23.93
N ASN H 69 -3.19 6.81 -22.94
CA ASN H 69 -3.02 7.22 -21.55
C ASN H 69 -1.59 7.05 -21.05
N MET H 70 -0.73 6.40 -21.83
CA MET H 70 0.68 6.35 -21.46
C MET H 70 1.32 7.72 -21.53
N VAL H 71 0.83 8.58 -22.41
CA VAL H 71 1.38 9.93 -22.54
C VAL H 71 0.99 10.78 -21.35
N GLU H 72 -0.29 10.75 -20.96
CA GLU H 72 -0.74 11.55 -19.83
C GLU H 72 -0.04 11.12 -18.54
N GLN H 73 0.15 9.81 -18.36
CA GLN H 73 0.85 9.33 -17.18
C GLN H 73 2.28 9.84 -17.15
N MET H 74 2.97 9.82 -18.30
CA MET H 74 4.35 10.29 -18.32
C MET H 74 4.44 11.77 -18.03
N GLN H 75 3.41 12.54 -18.41
CA GLN H 75 3.39 13.96 -18.08
C GLN H 75 3.36 14.17 -16.56
N GLU H 76 2.51 13.42 -15.87
CA GLU H 76 2.42 13.58 -14.42
C GLU H 76 3.72 13.22 -13.74
N ASP H 77 4.35 12.12 -14.16
CA ASP H 77 5.59 11.70 -13.53
C ASP H 77 6.70 12.71 -13.79
N ILE H 78 6.81 13.22 -15.01
CA ILE H 78 7.89 14.14 -15.34
C ILE H 78 7.77 15.42 -14.50
N ILE H 79 6.57 15.96 -14.37
CA ILE H 79 6.39 17.16 -13.57
C ILE H 79 6.57 16.85 -12.10
N SER H 80 6.06 15.70 -11.63
CA SER H 80 6.16 15.36 -10.22
C SER H 80 7.61 15.18 -9.80
N LEU H 81 8.41 14.53 -10.64
CA LEU H 81 9.83 14.35 -10.33
C LEU H 81 10.55 15.69 -10.29
N TRP H 82 10.18 16.60 -11.19
CA TRP H 82 10.82 17.92 -11.21
C TRP H 82 10.56 18.66 -9.92
N ASP H 83 9.33 18.63 -9.41
CA ASP H 83 8.99 19.42 -8.24
C ASP H 83 9.67 18.90 -7.00
N GLN H 84 9.68 17.58 -6.79
CA GLN H 84 10.24 17.05 -5.55
C GLN H 84 11.75 17.20 -5.48
N SER H 85 12.44 17.12 -6.61
CA SER H 85 13.89 17.29 -6.59
C SER H 85 14.28 18.70 -6.21
N LEU H 86 13.41 19.68 -6.47
CA LEU H 86 13.68 21.06 -6.12
C LEU H 86 13.20 21.43 -4.72
N LYS H 87 12.44 20.56 -4.06
CA LYS H 87 11.90 20.91 -2.75
C LYS H 87 12.98 21.19 -1.72
N PRO H 88 14.02 20.37 -1.59
CA PRO H 88 15.04 20.64 -0.56
C PRO H 88 15.94 21.82 -0.88
N CYS H 89 15.88 22.36 -2.09
CA CYS H 89 16.85 23.37 -2.51
C CYS H 89 16.53 24.70 -1.82
N VAL H 90 17.31 25.72 -2.19
CA VAL H 90 17.32 27.01 -1.49
C VAL H 90 16.38 27.97 -2.19
N LYS H 91 15.47 28.57 -1.44
CA LYS H 91 14.62 29.62 -1.97
C LYS H 91 15.42 30.90 -2.19
N LEU H 92 15.01 31.67 -3.20
CA LEU H 92 15.69 32.91 -3.57
C LEU H 92 14.81 34.12 -3.28
N THR H 93 14.10 34.09 -2.15
CA THR H 93 13.30 35.25 -1.75
C THR H 93 14.15 36.50 -1.54
N PRO H 94 15.30 36.43 -0.89
CA PRO H 94 16.07 37.66 -0.64
C PRO H 94 16.51 38.38 -1.90
N LEU H 95 16.51 37.71 -3.05
CA LEU H 95 16.98 38.34 -4.27
C LEU H 95 15.92 39.19 -4.94
N CYS H 96 14.69 39.21 -4.43
CA CYS H 96 13.69 40.16 -4.91
C CYS H 96 13.87 41.50 -4.20
N VAL H 97 14.95 42.18 -4.58
CA VAL H 97 15.25 43.52 -4.12
C VAL H 97 15.54 44.38 -5.35
N THR H 98 15.72 45.67 -5.12
CA THR H 98 16.01 46.59 -6.21
C THR H 98 17.44 46.40 -6.69
N LEU H 99 17.61 46.26 -7.99
CA LEU H 99 18.90 46.11 -8.63
C LEU H 99 19.26 47.39 -9.37
N SER H 100 20.51 47.81 -9.24
CA SER H 100 21.03 48.98 -9.97
C SER H 100 22.10 48.46 -10.94
N CYS H 101 21.73 48.36 -12.20
CA CYS H 101 22.55 47.68 -13.20
C CYS H 101 23.25 48.67 -14.12
N THR H 102 24.45 48.29 -14.57
CA THR H 102 25.25 49.09 -15.48
C THR H 102 25.92 48.17 -16.49
N ASN H 103 26.50 48.78 -17.52
CA ASN H 103 27.18 48.02 -18.56
C ASN H 103 28.37 47.27 -17.98
N VAL H 104 28.60 46.08 -18.51
CA VAL H 104 29.69 45.23 -18.03
C VAL H 104 31.01 45.70 -18.62
N THR H 105 32.08 45.58 -17.84
CA THR H 105 33.43 45.90 -18.27
C THR H 105 34.32 44.70 -18.02
N LEU H 106 35.11 44.32 -19.03
CA LEU H 106 35.90 43.10 -18.96
C LEU H 106 37.30 43.39 -19.46
N THR H 107 38.24 42.51 -19.07
CA THR H 107 39.65 42.65 -19.39
C THR H 107 40.14 41.37 -20.05
N ASN H 108 40.47 41.44 -21.34
CA ASN H 108 40.97 40.31 -22.10
C ASN H 108 41.33 40.82 -23.49
N VAL H 109 41.86 39.92 -24.33
CA VAL H 109 42.07 40.23 -25.74
C VAL H 109 41.33 39.22 -26.61
N ASN H 110 41.74 37.95 -26.56
CA ASN H 110 40.94 36.85 -27.08
C ASN H 110 40.30 37.18 -28.43
N TYR H 111 41.10 37.34 -29.47
CA TYR H 111 40.58 37.85 -30.74
C TYR H 111 39.68 36.83 -31.43
N THR H 112 38.54 36.56 -30.80
CA THR H 112 37.45 35.75 -31.36
C THR H 112 37.77 34.26 -31.38
N ASN H 113 39.04 33.89 -31.17
CA ASN H 113 39.41 32.53 -30.80
C ASN H 113 38.96 31.48 -31.81
N ASN H 114 38.33 31.90 -32.91
CA ASN H 114 37.73 30.93 -33.84
C ASN H 114 37.12 31.71 -35.01
N PHE H 115 36.64 30.96 -36.00
CA PHE H 115 36.04 31.55 -37.19
C PHE H 115 34.79 32.37 -36.88
N PRO H 116 33.81 31.86 -36.13
CA PRO H 116 32.53 32.55 -36.03
C PRO H 116 32.69 33.96 -35.47
N ASN H 117 31.92 34.89 -36.03
CA ASN H 117 31.93 36.28 -35.61
C ASN H 117 30.52 36.72 -35.27
N ILE H 118 29.80 35.91 -34.50
CA ILE H 118 28.41 36.24 -34.15
C ILE H 118 28.38 37.53 -33.34
N GLY H 119 29.27 37.65 -32.37
CA GLY H 119 29.29 38.82 -31.50
C GLY H 119 29.94 38.47 -30.18
N ASN H 120 29.64 39.30 -29.17
CA ASN H 120 30.13 39.09 -27.83
C ASN H 120 29.00 39.31 -26.83
N ILE H 121 29.16 38.70 -25.65
CA ILE H 121 28.12 38.76 -24.62
C ILE H 121 27.94 40.16 -24.05
N THR H 122 28.92 41.04 -24.20
CA THR H 122 28.69 42.43 -23.83
C THR H 122 27.55 43.00 -24.66
N ASP H 123 26.64 43.69 -24.00
CA ASP H 123 25.32 44.12 -24.48
C ASP H 123 24.30 42.99 -24.34
N GLU H 124 24.67 41.85 -23.76
CA GLU H 124 23.74 40.78 -23.45
C GLU H 124 23.66 40.47 -21.96
N VAL H 125 24.53 41.08 -21.14
CA VAL H 125 24.51 40.92 -19.70
C VAL H 125 24.62 42.30 -19.06
N ARG H 126 24.25 42.37 -17.79
CA ARG H 126 24.34 43.59 -17.00
C ARG H 126 25.04 43.31 -15.68
N ASN H 127 25.73 44.32 -15.18
CA ASN H 127 26.44 44.25 -13.90
C ASN H 127 25.57 44.94 -12.86
N CYS H 128 24.92 44.16 -12.01
CA CYS H 128 23.92 44.67 -11.08
C CYS H 128 24.41 44.53 -9.65
N SER H 129 24.23 45.58 -8.86
CA SER H 129 24.59 45.59 -7.45
C SER H 129 23.35 45.78 -6.61
N PHE H 130 23.32 45.13 -5.45
CA PHE H 130 22.14 45.16 -4.59
C PHE H 130 22.56 44.84 -3.17
N ASN H 131 21.60 44.99 -2.25
CA ASN H 131 21.80 44.72 -0.83
C ASN H 131 21.13 43.42 -0.45
N VAL H 132 21.87 42.53 0.18
CA VAL H 132 21.31 41.29 0.71
C VAL H 132 21.60 41.23 2.20
N THR H 133 21.18 40.16 2.87
CA THR H 133 21.38 39.99 4.30
C THR H 133 22.48 38.99 4.56
N THR H 134 23.40 39.35 5.45
CA THR H 134 24.42 38.42 5.90
C THR H 134 23.74 37.29 6.66
N GLU H 135 24.53 36.30 7.11
CA GLU H 135 23.95 35.25 7.94
C GLU H 135 23.28 35.84 9.17
N ILE H 136 23.71 37.02 9.60
CA ILE H 136 23.06 37.75 10.69
C ILE H 136 21.98 38.62 10.08
N ARG H 137 20.76 38.52 10.61
CA ARG H 137 19.62 39.17 9.98
C ARG H 137 19.79 40.69 9.93
N ASP H 138 20.25 41.29 11.03
CA ASP H 138 20.29 42.75 11.15
C ASP H 138 21.57 43.36 10.59
N LYS H 139 22.26 42.64 9.69
CA LYS H 139 23.40 43.18 8.97
C LYS H 139 23.18 42.99 7.49
N LYS H 140 23.38 44.05 6.71
CA LYS H 140 23.18 44.04 5.28
C LYS H 140 24.51 44.25 4.56
N GLN H 141 24.71 43.51 3.47
CA GLN H 141 25.91 43.62 2.66
C GLN H 141 25.52 43.99 1.24
N LYS H 142 26.41 44.72 0.58
CA LYS H 142 26.23 45.11 -0.82
C LYS H 142 27.05 44.16 -1.69
N VAL H 143 26.38 43.47 -2.60
CA VAL H 143 27.01 42.50 -3.48
C VAL H 143 26.68 42.86 -4.92
N TYR H 144 27.31 42.14 -5.84
CA TYR H 144 27.13 42.36 -7.26
C TYR H 144 27.04 41.01 -7.97
N ALA H 145 26.42 41.02 -9.14
CA ALA H 145 26.32 39.81 -9.96
C ALA H 145 26.10 40.24 -11.40
N LEU H 146 26.43 39.33 -12.32
CA LEU H 146 26.20 39.54 -13.75
C LEU H 146 24.96 38.77 -14.15
N PHE H 147 23.91 39.50 -14.55
CA PHE H 147 22.64 38.91 -14.91
C PHE H 147 22.38 39.12 -16.40
N TYR H 148 21.80 38.12 -17.04
CA TYR H 148 21.40 38.25 -18.42
C TYR H 148 20.21 39.19 -18.54
N LYS H 149 20.19 39.98 -19.61
CA LYS H 149 19.12 40.95 -19.78
C LYS H 149 17.75 40.28 -19.81
N LEU H 150 17.68 39.02 -20.22
CA LEU H 150 16.40 38.31 -20.25
C LEU H 150 15.87 38.04 -18.85
N ASP H 151 16.74 38.04 -17.83
CA ASP H 151 16.35 37.70 -16.47
C ASP H 151 16.01 38.92 -15.63
N ILE H 152 16.12 40.12 -16.16
CA ILE H 152 15.87 41.34 -15.40
C ILE H 152 14.98 42.25 -16.22
N VAL H 153 13.98 42.83 -15.56
CA VAL H 153 13.02 43.74 -16.19
C VAL H 153 13.08 45.08 -15.45
N GLN H 154 13.30 46.17 -16.19
CA GLN H 154 13.34 47.47 -15.56
C GLN H 154 11.94 47.85 -15.08
N MET H 155 11.88 48.49 -13.91
CA MET H 155 10.60 48.88 -13.32
C MET H 155 10.33 50.37 -13.51
N GLU H 156 11.28 51.22 -13.14
CA GLU H 156 11.21 52.65 -13.32
C GLU H 156 12.52 53.22 -12.79
N ASN H 157 12.70 54.53 -12.95
CA ASN H 157 13.92 55.18 -12.47
C ASN H 157 15.14 54.52 -13.13
N LYS H 158 15.26 54.77 -14.43
CA LYS H 158 16.20 54.06 -15.29
C LYS H 158 17.51 53.81 -14.57
N ASN H 159 18.11 52.65 -14.86
CA ASN H 159 19.23 52.05 -14.13
C ASN H 159 18.77 51.39 -12.84
N SER H 160 17.48 51.06 -12.73
CA SER H 160 16.95 50.33 -11.58
C SER H 160 16.08 49.20 -12.10
N TYR H 161 16.46 47.95 -11.79
CA TYR H 161 15.86 46.77 -12.39
C TYR H 161 15.34 45.84 -11.30
N ARG H 162 14.80 44.70 -11.73
CA ARG H 162 14.36 43.66 -10.82
C ARG H 162 14.30 42.35 -11.59
N LEU H 163 14.33 41.24 -10.86
CA LEU H 163 14.19 39.94 -11.49
C LEU H 163 12.76 39.75 -11.99
N ILE H 164 12.63 39.04 -13.11
CA ILE H 164 11.33 38.93 -13.76
C ILE H 164 10.34 38.19 -12.88
N ASN H 165 10.79 37.14 -12.19
CA ASN H 165 9.88 36.26 -11.47
C ASN H 165 9.30 36.88 -10.22
N CYS H 166 9.80 38.04 -9.79
CA CYS H 166 9.48 38.53 -8.46
C CYS H 166 8.03 38.98 -8.31
N ASN H 167 7.27 39.09 -9.40
CA ASN H 167 5.86 39.41 -9.32
C ASN H 167 4.95 38.25 -9.72
N THR H 168 5.52 37.07 -9.99
CA THR H 168 4.73 35.90 -10.34
C THR H 168 4.86 34.81 -9.28
N SER H 169 6.09 34.41 -8.95
CA SER H 169 6.29 33.36 -7.96
C SER H 169 7.74 33.39 -7.50
N VAL H 170 8.00 32.70 -6.39
CA VAL H 170 9.35 32.56 -5.87
C VAL H 170 10.04 31.41 -6.59
N CYS H 171 11.35 31.55 -6.79
CA CYS H 171 12.13 30.59 -7.55
C CYS H 171 13.19 29.98 -6.66
N LYS H 172 13.33 28.65 -6.72
CA LYS H 172 14.36 27.94 -5.99
C LYS H 172 15.60 27.79 -6.85
N GLN H 173 16.74 27.61 -6.19
CA GLN H 173 18.02 27.45 -6.88
C GLN H 173 18.33 25.96 -7.00
N ALA H 174 18.53 25.49 -8.23
CA ALA H 174 18.83 24.09 -8.45
C ALA H 174 20.03 23.67 -7.61
N CYS H 175 19.88 22.60 -6.86
CA CYS H 175 20.94 22.17 -5.96
C CYS H 175 22.17 21.73 -6.77
N PRO H 176 23.37 22.05 -6.30
CA PRO H 176 24.56 21.80 -7.13
C PRO H 176 24.78 20.35 -7.51
N LYS H 177 24.43 19.41 -6.64
CA LYS H 177 24.66 17.99 -6.91
C LYS H 177 23.63 17.38 -7.84
N ILE H 178 22.56 18.09 -8.16
CA ILE H 178 21.51 17.57 -9.03
C ILE H 178 22.00 17.58 -10.47
N SER H 179 21.73 16.51 -11.19
CA SER H 179 22.14 16.35 -12.58
C SER H 179 20.92 16.35 -13.49
N PHE H 180 21.01 17.08 -14.60
CA PHE H 180 19.90 17.20 -15.55
C PHE H 180 20.02 16.24 -16.72
N ASP H 181 21.02 15.35 -16.70
CA ASP H 181 21.24 14.45 -17.82
C ASP H 181 20.05 13.51 -17.97
N PRO H 182 19.39 13.47 -19.14
CA PRO H 182 18.29 12.50 -19.32
C PRO H 182 18.83 11.12 -19.63
N ILE H 183 18.54 10.17 -18.75
CA ILE H 183 18.92 8.78 -18.98
C ILE H 183 17.65 7.97 -19.27
N PRO H 184 17.73 6.90 -20.05
CA PRO H 184 16.51 6.25 -20.52
C PRO H 184 15.66 5.70 -19.37
N ILE H 185 14.35 5.70 -19.59
CA ILE H 185 13.38 5.17 -18.65
C ILE H 185 12.55 4.11 -19.36
N HIS H 186 12.40 2.96 -18.74
CA HIS H 186 11.55 1.89 -19.26
C HIS H 186 10.26 1.86 -18.45
N TYR H 187 9.13 1.97 -19.13
CA TYR H 187 7.83 1.93 -18.49
C TYR H 187 7.28 0.52 -18.55
N CYS H 188 7.03 -0.08 -17.40
CA CYS H 188 6.65 -1.46 -17.28
C CYS H 188 5.25 -1.58 -16.69
N THR H 189 4.66 -2.75 -16.85
CA THR H 189 3.31 -3.02 -16.38
C THR H 189 3.33 -4.01 -15.23
N PRO H 190 2.33 -4.01 -14.36
CA PRO H 190 2.21 -5.08 -13.37
C PRO H 190 1.83 -6.40 -14.04
N ALA H 191 1.94 -7.47 -13.27
CA ALA H 191 1.53 -8.77 -13.78
C ALA H 191 0.03 -8.79 -14.00
N GLY H 192 -0.39 -9.46 -15.08
CA GLY H 192 -1.78 -9.43 -15.49
C GLY H 192 -2.10 -8.35 -16.50
N TYR H 193 -1.15 -7.48 -16.83
CA TYR H 193 -1.28 -6.50 -17.89
C TYR H 193 -0.15 -6.73 -18.89
N ALA H 194 -0.28 -6.11 -20.06
CA ALA H 194 0.72 -6.27 -21.10
C ALA H 194 0.72 -5.04 -21.99
N ILE H 195 1.80 -4.87 -22.74
CA ILE H 195 1.96 -3.77 -23.68
C ILE H 195 2.02 -4.35 -25.08
N LEU H 196 1.15 -3.87 -25.96
CA LEU H 196 1.18 -4.24 -27.36
C LEU H 196 2.02 -3.23 -28.13
N LYS H 197 2.80 -3.71 -29.08
CA LYS H 197 3.73 -2.90 -29.84
C LYS H 197 3.44 -3.07 -31.33
N CYS H 198 3.36 -1.97 -32.05
CA CYS H 198 3.10 -1.99 -33.49
C CYS H 198 4.44 -1.99 -34.22
N ASN H 199 4.67 -3.03 -35.03
CA ASN H 199 5.93 -3.21 -35.72
C ASN H 199 5.89 -2.77 -37.18
N GLU H 200 4.85 -2.06 -37.59
CA GLU H 200 4.77 -1.57 -38.95
C GLU H 200 5.75 -0.42 -39.16
N LYS H 201 6.51 -0.48 -40.25
CA LYS H 201 7.53 0.55 -40.49
C LYS H 201 6.87 1.89 -40.84
N ASN H 202 5.90 1.87 -41.74
CA ASN H 202 5.18 3.07 -42.16
C ASN H 202 3.80 3.00 -41.55
N PHE H 203 3.68 3.49 -40.32
CA PHE H 203 2.43 3.44 -39.57
C PHE H 203 2.15 4.82 -39.00
N ASN H 204 1.02 5.41 -39.38
CA ASN H 204 0.61 6.67 -38.80
C ASN H 204 0.01 6.40 -37.42
N GLY H 205 -0.55 7.43 -36.79
CA GLY H 205 -0.95 7.29 -35.40
C GLY H 205 -2.04 6.28 -35.19
N THR H 206 -3.10 6.35 -35.99
CA THR H 206 -4.32 5.62 -35.75
C THR H 206 -4.58 4.59 -36.84
N GLY H 207 -5.39 3.59 -36.50
CA GLY H 207 -5.80 2.58 -37.44
C GLY H 207 -5.30 1.21 -37.05
N PRO H 208 -5.76 0.18 -37.77
CA PRO H 208 -5.32 -1.18 -37.45
C PRO H 208 -3.86 -1.40 -37.78
N CYS H 209 -3.17 -2.11 -36.89
CA CYS H 209 -1.78 -2.50 -37.08
C CYS H 209 -1.75 -4.00 -37.26
N LYS H 210 -1.24 -4.45 -38.40
CA LYS H 210 -1.27 -5.87 -38.78
C LYS H 210 -0.04 -6.63 -38.30
N ASN H 211 0.87 -5.99 -37.57
CA ASN H 211 2.12 -6.61 -37.15
C ASN H 211 2.36 -6.37 -35.66
N VAL H 212 1.35 -6.64 -34.84
CA VAL H 212 1.46 -6.41 -33.40
C VAL H 212 2.41 -7.42 -32.79
N SER H 213 3.11 -6.99 -31.75
CA SER H 213 3.93 -7.88 -30.92
C SER H 213 3.73 -7.50 -29.46
N SER H 214 4.06 -8.43 -28.58
CA SER H 214 3.84 -8.28 -27.14
C SER H 214 5.17 -8.04 -26.44
N VAL H 215 5.20 -7.04 -25.56
CA VAL H 215 6.35 -6.75 -24.74
C VAL H 215 5.88 -6.54 -23.30
N GLN H 216 6.85 -6.39 -22.40
CA GLN H 216 6.56 -6.14 -20.99
C GLN H 216 7.03 -4.78 -20.51
N CYS H 217 7.98 -4.17 -21.20
CA CYS H 217 8.46 -2.83 -20.87
C CYS H 217 8.80 -2.10 -22.17
N THR H 218 8.51 -0.81 -22.22
CA THR H 218 8.89 -0.02 -23.39
C THR H 218 10.40 0.12 -23.46
N HIS H 219 10.89 0.41 -24.65
CA HIS H 219 12.30 0.69 -24.81
C HIS H 219 12.67 1.93 -24.01
N GLY H 220 13.97 2.13 -23.81
CA GLY H 220 14.44 3.27 -23.05
C GLY H 220 13.98 4.57 -23.67
N ILE H 221 13.24 5.37 -22.91
CA ILE H 221 12.69 6.64 -23.38
C ILE H 221 13.38 7.76 -22.63
N LYS H 222 14.02 8.65 -23.36
CA LYS H 222 14.68 9.78 -22.73
C LYS H 222 13.69 10.91 -22.49
N PRO H 223 13.72 11.54 -21.32
CA PRO H 223 12.80 12.66 -21.06
C PRO H 223 13.28 13.97 -21.65
N VAL H 224 14.21 13.92 -22.61
CA VAL H 224 14.72 15.12 -23.25
C VAL H 224 13.58 16.09 -23.54
N VAL H 225 13.80 17.36 -23.22
CA VAL H 225 12.79 18.41 -23.37
C VAL H 225 13.28 19.39 -24.42
N SER H 226 12.42 19.68 -25.40
CA SER H 226 12.74 20.63 -26.46
C SER H 226 11.43 21.17 -27.01
N THR H 227 11.53 22.26 -27.79
CA THR H 227 10.34 22.97 -28.25
C THR H 227 10.10 22.82 -29.74
N GLN H 228 11.08 23.15 -30.58
CA GLN H 228 10.86 23.17 -32.01
C GLN H 228 11.37 21.92 -32.71
N LEU H 229 12.40 21.29 -32.18
CA LEU H 229 12.97 20.08 -32.78
C LEU H 229 13.12 19.03 -31.70
N LEU H 230 12.68 17.81 -32.00
CA LEU H 230 12.93 16.70 -31.11
C LEU H 230 14.38 16.27 -31.22
N LEU H 231 15.02 16.00 -30.08
CA LEU H 231 16.44 15.73 -30.04
C LEU H 231 16.72 14.43 -29.30
N ASN H 232 17.76 13.74 -29.74
CA ASN H 232 18.22 12.51 -29.08
C ASN H 232 17.12 11.46 -29.02
N GLY H 233 16.24 11.44 -30.01
CA GLY H 233 15.16 10.49 -30.07
C GLY H 233 15.54 9.21 -30.79
N SER H 234 14.52 8.50 -31.26
CA SER H 234 14.70 7.27 -32.02
C SER H 234 14.22 7.50 -33.44
N LEU H 235 15.06 7.15 -34.41
CA LEU H 235 14.75 7.40 -35.81
C LEU H 235 13.62 6.49 -36.28
N ALA H 236 12.97 6.92 -37.36
CA ALA H 236 11.97 6.07 -37.99
C ALA H 236 12.64 4.92 -38.73
N GLU H 237 11.90 3.83 -38.90
CA GLU H 237 12.43 2.64 -39.54
C GLU H 237 12.28 2.68 -41.06
N GLY H 238 11.06 2.89 -41.54
CA GLY H 238 10.82 2.90 -42.97
C GLY H 238 11.21 4.19 -43.66
N GLU H 239 10.54 5.28 -43.31
CA GLU H 239 10.80 6.57 -43.96
C GLU H 239 10.16 7.66 -43.12
N ILE H 240 10.22 8.90 -43.63
CA ILE H 240 9.68 10.03 -42.91
C ILE H 240 8.17 9.87 -42.79
N ILE H 241 7.64 10.10 -41.59
CA ILE H 241 6.21 9.96 -41.30
C ILE H 241 5.69 11.31 -40.83
N ILE H 242 4.59 11.73 -41.42
CA ILE H 242 3.90 12.96 -41.02
C ILE H 242 2.68 12.54 -40.22
N ARG H 243 2.70 12.81 -38.91
CA ARG H 243 1.66 12.37 -38.00
C ARG H 243 0.94 13.58 -37.42
N SER H 244 -0.37 13.60 -37.55
CA SER H 244 -1.18 14.69 -37.03
C SER H 244 -2.57 14.16 -36.72
N GLU H 245 -3.18 14.69 -35.65
CA GLU H 245 -4.51 14.21 -35.26
C GLU H 245 -5.51 14.42 -36.37
N ASN H 246 -5.45 15.57 -37.04
CA ASN H 246 -6.25 15.80 -38.24
C ASN H 246 -5.53 16.85 -39.08
N LEU H 247 -4.96 16.43 -40.21
CA LEU H 247 -4.23 17.34 -41.06
C LEU H 247 -5.10 18.47 -41.60
N THR H 248 -6.42 18.28 -41.61
CA THR H 248 -7.31 19.35 -42.03
C THR H 248 -7.42 20.44 -40.97
N ASN H 249 -7.45 20.06 -39.70
CA ASN H 249 -7.54 21.01 -38.60
C ASN H 249 -6.16 21.65 -38.38
N ASN H 250 -6.07 22.97 -38.57
CA ASN H 250 -4.80 23.65 -38.41
C ASN H 250 -4.48 23.96 -36.96
N ALA H 251 -5.42 23.76 -36.04
CA ALA H 251 -5.14 23.91 -34.62
C ALA H 251 -4.36 22.75 -34.05
N LYS H 252 -4.20 21.66 -34.81
CA LYS H 252 -3.47 20.48 -34.36
C LYS H 252 -2.05 20.53 -34.90
N THR H 253 -1.08 20.23 -34.03
CA THR H 253 0.31 20.28 -34.42
C THR H 253 0.69 19.06 -35.27
N ILE H 254 1.62 19.28 -36.18
CA ILE H 254 2.13 18.24 -37.07
C ILE H 254 3.49 17.79 -36.54
N ILE H 255 3.65 16.47 -36.39
CA ILE H 255 4.90 15.90 -35.91
C ILE H 255 5.58 15.20 -37.08
N VAL H 256 6.74 15.70 -37.47
CA VAL H 256 7.55 15.11 -38.53
C VAL H 256 8.62 14.25 -37.86
N HIS H 257 8.78 13.03 -38.36
CA HIS H 257 9.69 12.06 -37.75
C HIS H 257 10.69 11.61 -38.80
N LEU H 258 11.97 11.89 -38.54
CA LEU H 258 13.01 11.68 -39.53
C LEU H 258 13.53 10.25 -39.48
N ASN H 259 13.93 9.73 -40.65
CA ASN H 259 14.61 8.44 -40.72
C ASN H 259 16.11 8.58 -40.83
N LYS H 260 16.63 9.80 -40.97
CA LYS H 260 18.06 10.06 -41.03
C LYS H 260 18.37 11.15 -40.02
N SER H 261 19.28 10.87 -39.09
CA SER H 261 19.60 11.83 -38.06
C SER H 261 20.43 12.98 -38.61
N VAL H 262 20.19 14.19 -38.08
CA VAL H 262 20.93 15.39 -38.44
C VAL H 262 21.58 15.93 -37.19
N GLU H 263 22.90 16.06 -37.21
CA GLU H 263 23.67 16.50 -36.07
C GLU H 263 23.48 17.99 -35.83
N ILE H 264 23.27 18.38 -34.58
CA ILE H 264 23.29 19.77 -34.16
C ILE H 264 24.33 19.90 -33.05
N ASN H 265 25.25 20.84 -33.21
CA ASN H 265 26.42 20.98 -32.36
C ASN H 265 26.39 22.37 -31.73
N CYS H 266 26.10 22.43 -30.43
CA CYS H 266 25.90 23.67 -29.71
C CYS H 266 26.97 23.85 -28.64
N THR H 267 27.48 25.07 -28.51
CA THR H 267 28.54 25.36 -27.56
C THR H 267 28.35 26.76 -27.00
N ARG H 268 28.88 26.97 -25.80
CA ARG H 268 28.87 28.27 -25.13
C ARG H 268 30.32 28.71 -24.96
N PRO H 269 30.86 29.51 -25.88
CA PRO H 269 32.31 29.78 -25.87
C PRO H 269 32.79 30.60 -24.69
N SER H 270 31.90 31.29 -23.99
CA SER H 270 32.33 32.17 -22.91
C SER H 270 33.00 31.36 -21.81
N ASN H 271 33.52 32.06 -20.82
CA ASN H 271 34.23 31.47 -19.69
C ASN H 271 33.75 32.17 -18.42
N ASN H 272 32.69 31.62 -17.82
CA ASN H 272 32.08 32.23 -16.64
C ASN H 272 32.71 31.67 -15.38
N THR H 273 32.72 32.49 -14.34
CA THR H 273 33.25 32.11 -13.03
C THR H 273 32.10 32.03 -12.05
N ARG H 274 32.02 30.93 -11.31
CA ARG H 274 30.96 30.72 -10.33
C ARG H 274 31.46 31.19 -8.96
N THR H 275 30.78 32.18 -8.39
CA THR H 275 31.10 32.70 -7.07
C THR H 275 29.84 32.65 -6.22
N SER H 276 30.02 32.49 -4.92
CA SER H 276 28.91 32.29 -4.00
C SER H 276 28.93 33.31 -2.88
N VAL H 277 27.74 33.83 -2.54
CA VAL H 277 27.54 34.69 -1.39
C VAL H 277 26.54 34.00 -0.47
N THR H 278 26.48 34.49 0.76
CA THR H 278 25.53 34.02 1.75
C THR H 278 24.43 35.06 1.89
N ILE H 279 23.19 34.65 1.59
CA ILE H 279 22.04 35.55 1.67
C ILE H 279 21.20 35.32 2.91
N GLY H 280 21.51 34.31 3.70
CA GLY H 280 20.76 34.02 4.91
C GLY H 280 21.33 32.82 5.62
N PRO H 281 20.77 32.48 6.79
CA PRO H 281 21.32 31.35 7.55
C PRO H 281 21.18 30.03 6.80
N GLY H 282 22.32 29.48 6.38
CA GLY H 282 22.33 28.24 5.63
C GLY H 282 21.98 28.39 4.16
N GLN H 283 21.73 29.61 3.69
CA GLN H 283 21.36 29.87 2.31
C GLN H 283 22.54 30.51 1.58
N VAL H 284 22.94 29.90 0.47
CA VAL H 284 24.06 30.36 -0.33
C VAL H 284 23.58 30.51 -1.76
N PHE H 285 23.97 31.61 -2.41
CA PHE H 285 23.53 31.97 -3.75
C PHE H 285 24.73 31.94 -4.68
N TYR H 286 24.63 31.13 -5.74
CA TYR H 286 25.69 31.01 -6.73
C TYR H 286 25.44 31.99 -7.88
N ARG H 287 26.44 32.80 -8.19
CA ARG H 287 26.30 33.84 -9.20
C ARG H 287 27.51 33.84 -10.12
N THR H 288 27.35 34.48 -11.27
CA THR H 288 28.44 34.65 -12.24
C THR H 288 29.23 35.88 -11.82
N GLY H 289 30.33 35.66 -11.10
CA GLY H 289 31.13 36.78 -10.64
C GLY H 289 31.75 37.56 -11.77
N ASP H 290 32.35 36.87 -12.74
CA ASP H 290 33.04 37.52 -13.83
C ASP H 290 33.12 36.57 -15.02
N ILE H 291 33.36 37.14 -16.18
CA ILE H 291 33.51 36.39 -17.43
C ILE H 291 34.83 36.85 -18.06
N ILE H 292 35.91 36.14 -17.77
CA ILE H 292 37.23 36.52 -18.25
C ILE H 292 37.69 35.48 -19.26
N GLY H 293 38.51 35.93 -20.21
CA GLY H 293 38.99 35.07 -21.27
C GLY H 293 38.19 35.27 -22.54
N ASP H 294 37.64 34.19 -23.07
CA ASP H 294 36.85 34.25 -24.29
C ASP H 294 35.47 34.82 -24.00
N ILE H 295 35.02 35.75 -24.83
CA ILE H 295 33.68 36.30 -24.76
C ILE H 295 33.06 36.27 -26.14
N ARG H 296 32.04 35.44 -26.33
CA ARG H 296 31.36 35.32 -27.60
C ARG H 296 29.95 34.79 -27.35
N LYS H 297 29.03 35.15 -28.22
CA LYS H 297 27.67 34.64 -28.11
C LYS H 297 27.66 33.15 -28.35
N ALA H 298 26.78 32.45 -27.62
CA ALA H 298 26.61 31.02 -27.85
C ALA H 298 26.01 30.78 -29.22
N TYR H 299 26.31 29.62 -29.79
CA TYR H 299 25.88 29.32 -31.15
C TYR H 299 25.74 27.82 -31.32
N CYS H 300 25.02 27.42 -32.37
CA CYS H 300 24.86 26.02 -32.75
C CYS H 300 25.26 25.85 -34.20
N GLU H 301 25.92 24.74 -34.50
CA GLU H 301 26.42 24.45 -35.85
C GLU H 301 25.56 23.37 -36.50
N ILE H 302 25.11 23.65 -37.71
CA ILE H 302 24.36 22.69 -38.51
C ILE H 302 25.04 22.58 -39.88
N ASN H 303 25.24 21.34 -40.32
CA ASN H 303 25.72 21.12 -41.69
C ASN H 303 24.64 21.55 -42.67
N GLY H 304 24.97 22.52 -43.52
CA GLY H 304 23.96 23.09 -44.40
C GLY H 304 23.40 22.08 -45.39
N THR H 305 24.26 21.26 -45.98
CA THR H 305 23.81 20.31 -46.99
C THR H 305 22.85 19.28 -46.39
N LYS H 306 23.17 18.77 -45.20
CA LYS H 306 22.31 17.77 -44.58
C LYS H 306 20.92 18.33 -44.33
N TRP H 307 20.83 19.56 -43.81
CA TRP H 307 19.52 20.13 -43.55
C TRP H 307 18.72 20.31 -44.83
N ASN H 308 19.37 20.76 -45.91
CA ASN H 308 18.68 20.89 -47.18
C ASN H 308 18.01 19.58 -47.57
N GLU H 309 18.76 18.49 -47.54
CA GLU H 309 18.18 17.18 -47.86
C GLU H 309 17.05 16.83 -46.90
N THR H 310 17.33 16.91 -45.60
CA THR H 310 16.31 16.55 -44.62
C THR H 310 15.09 17.46 -44.73
N LEU H 311 15.31 18.72 -45.15
CA LEU H 311 14.18 19.59 -45.45
C LEU H 311 13.58 19.32 -46.83
N LYS H 312 14.32 18.64 -47.71
CA LYS H 312 13.82 18.35 -49.05
C LYS H 312 12.98 17.08 -49.07
N GLN H 313 13.39 16.04 -48.34
CA GLN H 313 12.56 14.84 -48.23
C GLN H 313 11.24 15.14 -47.54
N VAL H 314 11.27 15.99 -46.51
CA VAL H 314 10.05 16.28 -45.76
C VAL H 314 9.01 16.92 -46.65
N VAL H 315 9.41 17.93 -47.43
CA VAL H 315 8.47 18.56 -48.34
C VAL H 315 7.97 17.56 -49.37
N GLY H 316 8.75 16.52 -49.63
CA GLY H 316 8.27 15.44 -50.49
C GLY H 316 7.08 14.72 -49.89
N LYS H 317 7.14 14.43 -48.59
CA LYS H 317 6.01 13.78 -47.93
C LYS H 317 4.85 14.74 -47.74
N LEU H 318 5.14 16.02 -47.48
CA LEU H 318 4.07 16.99 -47.31
C LEU H 318 3.27 17.15 -48.60
N LYS H 319 3.94 17.14 -49.75
CA LYS H 319 3.25 17.31 -51.01
C LYS H 319 2.26 16.20 -51.28
N GLU H 320 2.38 15.06 -50.60
CA GLU H 320 1.39 14.00 -50.76
C GLU H 320 0.08 14.36 -50.09
N HIS H 321 0.12 14.88 -48.87
CA HIS H 321 -1.08 15.30 -48.18
C HIS H 321 -1.63 16.63 -48.69
N PHE H 322 -0.81 17.42 -49.36
CA PHE H 322 -1.21 18.70 -49.94
C PHE H 322 -0.79 18.66 -51.41
N PRO H 323 -1.59 18.04 -52.27
CA PRO H 323 -1.10 17.66 -53.60
C PRO H 323 -0.70 18.81 -54.51
N ASN H 324 -1.61 19.75 -54.76
CA ASN H 324 -1.43 20.75 -55.81
C ASN H 324 -0.92 22.08 -55.27
N LYS H 325 -0.43 22.12 -54.04
CA LYS H 325 -0.03 23.35 -53.40
C LYS H 325 1.47 23.34 -53.14
N THR H 326 2.08 24.54 -53.18
CA THR H 326 3.49 24.69 -52.89
C THR H 326 3.71 24.85 -51.40
N ILE H 327 4.84 24.34 -50.93
CA ILE H 327 5.14 24.25 -49.50
C ILE H 327 6.31 25.18 -49.18
N SER H 328 6.13 26.02 -48.16
CA SER H 328 7.16 26.92 -47.71
C SER H 328 7.22 26.90 -46.19
N PHE H 329 8.41 27.14 -45.65
CA PHE H 329 8.65 27.16 -44.22
C PHE H 329 8.97 28.59 -43.78
N GLN H 330 8.44 28.99 -42.64
CA GLN H 330 8.63 30.34 -42.15
C GLN H 330 8.89 30.33 -40.66
N PRO H 331 9.60 31.35 -40.14
CA PRO H 331 9.88 31.40 -38.71
C PRO H 331 8.61 31.68 -37.92
N PRO H 332 8.58 31.34 -36.63
CA PRO H 332 7.34 31.50 -35.86
C PRO H 332 6.88 32.94 -35.84
N SER H 333 5.56 33.11 -35.77
CA SER H 333 4.94 34.42 -35.87
C SER H 333 4.81 35.14 -34.53
N GLY H 334 5.11 34.49 -33.42
CA GLY H 334 5.05 35.14 -32.13
C GLY H 334 4.86 34.14 -31.02
N GLY H 335 4.65 34.67 -29.83
CA GLY H 335 4.42 33.85 -28.65
C GLY H 335 5.50 34.05 -27.60
N ASP H 336 5.58 33.13 -26.65
CA ASP H 336 6.61 33.20 -25.63
C ASP H 336 7.97 32.85 -26.22
N LEU H 337 9.02 33.09 -25.44
CA LEU H 337 10.36 32.81 -25.92
C LEU H 337 10.60 31.32 -26.11
N GLU H 338 9.88 30.48 -25.38
CA GLU H 338 10.02 29.03 -25.57
C GLU H 338 9.42 28.59 -26.89
N ILE H 339 8.46 29.35 -27.44
CA ILE H 339 7.82 28.97 -28.68
C ILE H 339 8.60 29.48 -29.88
N THR H 340 9.07 30.72 -29.83
CA THR H 340 9.72 31.33 -30.98
C THR H 340 11.19 30.94 -31.12
N MET H 341 11.77 30.25 -30.14
CA MET H 341 13.16 29.87 -30.20
C MET H 341 13.34 28.44 -29.72
N HIS H 342 14.32 27.75 -30.29
CA HIS H 342 14.58 26.36 -29.96
C HIS H 342 15.17 26.29 -28.56
N HIS H 343 14.37 25.82 -27.61
CA HIS H 343 14.77 25.74 -26.21
C HIS H 343 15.22 24.32 -25.89
N PHE H 344 16.37 24.19 -25.24
CA PHE H 344 16.87 22.89 -24.83
C PHE H 344 17.84 23.09 -23.67
N ASN H 345 18.40 21.97 -23.19
CA ASN H 345 19.28 21.96 -22.04
C ASN H 345 20.62 21.34 -22.43
N CYS H 346 21.68 21.80 -21.78
CA CYS H 346 23.01 21.26 -22.03
C CYS H 346 23.87 21.47 -20.78
N ARG H 347 24.09 20.41 -20.02
CA ARG H 347 24.91 20.47 -18.82
C ARG H 347 24.37 21.46 -17.80
N GLY H 348 23.05 21.62 -17.75
CA GLY H 348 22.43 22.51 -16.81
C GLY H 348 22.30 23.94 -17.28
N GLU H 349 22.84 24.27 -18.45
CA GLU H 349 22.68 25.60 -19.04
C GLU H 349 21.56 25.53 -20.07
N PHE H 350 20.58 26.42 -19.93
CA PHE H 350 19.38 26.39 -20.75
C PHE H 350 19.53 27.36 -21.91
N PHE H 351 19.45 26.83 -23.13
CA PHE H 351 19.69 27.59 -24.35
C PHE H 351 18.37 28.00 -25.00
N TYR H 352 18.45 29.03 -25.83
CA TYR H 352 17.32 29.47 -26.65
C TYR H 352 17.91 29.90 -27.99
N CYS H 353 17.83 29.02 -28.98
CA CYS H 353 18.48 29.25 -30.27
C CYS H 353 17.47 29.72 -31.30
N ASN H 354 17.93 30.59 -32.21
CA ASN H 354 17.04 31.31 -33.09
C ASN H 354 16.33 30.37 -34.07
N THR H 355 17.11 29.69 -34.91
CA THR H 355 16.56 28.77 -35.92
C THR H 355 15.61 29.50 -36.88
N THR H 356 16.15 30.53 -37.52
CA THR H 356 15.46 31.18 -38.62
C THR H 356 16.03 30.81 -39.97
N GLN H 357 17.33 30.51 -40.03
CA GLN H 357 17.92 30.04 -41.27
C GLN H 357 17.41 28.65 -41.62
N LEU H 358 17.00 27.87 -40.63
CA LEU H 358 16.53 26.51 -40.90
C LEU H 358 15.14 26.50 -41.51
N PHE H 359 14.32 27.50 -41.18
CA PHE H 359 12.90 27.50 -41.53
C PHE H 359 12.53 28.77 -42.29
N ASN H 360 13.33 29.08 -43.33
CA ASN H 360 13.01 30.18 -44.23
C ASN H 360 13.36 29.72 -45.65
N SER H 361 12.36 29.19 -46.34
CA SER H 361 12.57 28.68 -47.70
C SER H 361 11.22 28.51 -48.37
N THR H 362 11.25 28.32 -49.68
CA THR H 362 10.05 28.07 -50.47
C THR H 362 10.37 27.02 -51.53
N TRP H 363 9.44 26.09 -51.73
CA TRP H 363 9.59 24.98 -52.67
C TRP H 363 8.42 25.07 -53.65
N ILE H 364 8.62 25.77 -54.75
CA ILE H 364 7.53 26.11 -55.64
C ILE H 364 7.06 24.89 -56.41
N ASN H 365 7.94 24.30 -57.24
CA ASN H 365 7.57 23.16 -58.05
C ASN H 365 8.68 22.12 -58.12
N SER H 366 9.92 22.46 -57.77
CA SER H 366 11.08 21.59 -58.00
C SER H 366 11.28 21.36 -59.50
N THR H 367 11.15 22.46 -60.26
CA THR H 367 11.26 22.36 -61.72
C THR H 367 12.63 21.84 -62.13
N THR H 368 13.68 22.37 -61.51
CA THR H 368 15.06 21.98 -61.82
C THR H 368 15.82 21.77 -60.53
N ILE H 369 16.87 20.95 -60.61
CA ILE H 369 17.71 20.67 -59.45
C ILE H 369 18.70 21.82 -59.28
N LYS H 370 18.72 22.40 -58.09
CA LYS H 370 19.62 23.50 -57.76
C LYS H 370 20.71 22.97 -56.84
N GLU H 371 21.97 23.24 -57.19
CA GLU H 371 23.12 22.70 -56.49
C GLU H 371 23.94 23.82 -55.88
N TYR H 372 24.36 23.63 -54.63
CA TYR H 372 25.23 24.55 -53.92
C TYR H 372 26.22 23.75 -53.09
N ASN H 373 27.35 24.36 -52.76
CA ASN H 373 28.39 23.64 -52.05
C ASN H 373 28.18 23.72 -50.54
N ASP H 374 28.97 22.91 -49.82
CA ASP H 374 28.76 22.74 -48.38
C ASP H 374 28.96 24.06 -47.65
N THR H 375 28.05 24.35 -46.72
CA THR H 375 28.17 25.49 -45.82
C THR H 375 27.72 25.06 -44.43
N ILE H 376 28.24 25.76 -43.42
CA ILE H 376 27.86 25.53 -42.04
C ILE H 376 26.92 26.64 -41.62
N ILE H 377 25.82 26.29 -40.98
CA ILE H 377 24.83 27.25 -40.50
C ILE H 377 25.09 27.49 -39.02
N TYR H 378 25.31 28.74 -38.66
CA TYR H 378 25.53 29.15 -37.27
C TYR H 378 24.27 29.82 -36.75
N LEU H 379 23.70 29.26 -35.70
CA LEU H 379 22.47 29.77 -35.11
C LEU H 379 22.79 30.50 -33.82
N PRO H 380 22.59 31.81 -33.72
CA PRO H 380 22.82 32.49 -32.45
C PRO H 380 21.88 31.96 -31.37
N CYS H 381 22.40 31.83 -30.16
CA CYS H 381 21.63 31.31 -29.04
C CYS H 381 21.80 32.22 -27.83
N LYS H 382 20.80 32.22 -26.96
CA LYS H 382 20.80 32.98 -25.74
C LYS H 382 20.69 32.04 -24.55
N ILE H 383 21.25 32.45 -23.42
CA ILE H 383 21.22 31.67 -22.20
C ILE H 383 20.31 32.37 -21.21
N LYS H 384 19.54 31.60 -20.46
CA LYS H 384 18.64 32.13 -19.44
C LYS H 384 18.85 31.36 -18.15
N GLN H 385 18.64 32.05 -17.02
CA GLN H 385 18.80 31.44 -15.71
C GLN H 385 17.50 31.26 -14.95
N ILE H 386 16.54 32.17 -15.11
CA ILE H 386 15.21 31.99 -14.53
C ILE H 386 14.41 31.12 -15.48
N ILE H 387 14.09 29.90 -15.06
CA ILE H 387 13.56 28.87 -15.94
C ILE H 387 12.12 28.56 -15.54
N ASN H 388 11.22 28.61 -16.51
CA ASN H 388 9.81 28.22 -16.34
C ASN H 388 9.44 27.40 -17.56
N MET H 389 9.63 26.08 -17.46
CA MET H 389 9.44 25.20 -18.62
C MET H 389 8.05 24.58 -18.70
N TRP H 390 7.28 24.58 -17.61
CA TRP H 390 6.01 23.89 -17.56
C TRP H 390 4.83 24.86 -17.71
N GLN H 391 5.02 25.93 -18.48
CA GLN H 391 3.96 26.87 -18.77
C GLN H 391 3.32 27.39 -17.48
N GLY H 392 4.15 27.70 -16.50
CA GLY H 392 3.66 28.20 -15.22
C GLY H 392 2.83 27.20 -14.45
N VAL H 393 3.18 25.92 -14.50
CA VAL H 393 2.50 24.87 -13.76
C VAL H 393 3.38 24.35 -12.63
N GLY H 394 4.64 24.07 -12.91
CA GLY H 394 5.56 23.54 -11.93
C GLY H 394 6.25 24.64 -11.14
N GLN H 395 7.36 24.27 -10.51
CA GLN H 395 8.13 25.17 -9.68
C GLN H 395 9.16 25.89 -10.52
N CYS H 396 9.24 27.22 -10.36
CA CYS H 396 10.27 27.98 -11.05
C CYS H 396 11.64 27.62 -10.49
N MET H 397 12.65 27.71 -11.34
CA MET H 397 13.99 27.27 -10.99
C MET H 397 15.01 28.31 -11.45
N TYR H 398 16.07 28.44 -10.66
CA TYR H 398 17.22 29.27 -11.01
C TYR H 398 18.42 28.35 -11.21
N ALA H 399 19.05 28.46 -12.38
CA ALA H 399 20.12 27.56 -12.75
C ALA H 399 21.47 28.21 -12.46
N PRO H 400 22.24 27.72 -11.49
CA PRO H 400 23.55 28.33 -11.25
C PRO H 400 24.44 28.18 -12.46
N PRO H 401 25.38 29.10 -12.65
CA PRO H 401 26.26 29.02 -13.81
C PRO H 401 27.17 27.80 -13.73
N ILE H 402 27.54 27.28 -14.90
CA ILE H 402 28.45 26.15 -15.03
C ILE H 402 29.84 26.70 -15.34
N ARG H 403 30.83 26.27 -14.57
CA ARG H 403 32.19 26.74 -14.78
C ARG H 403 32.75 26.26 -16.11
N GLY H 404 33.50 27.12 -16.77
CA GLY H 404 34.21 26.74 -17.97
C GLY H 404 33.37 26.83 -19.22
N LYS H 405 33.87 26.15 -20.25
CA LYS H 405 33.22 26.12 -21.56
C LYS H 405 32.26 24.95 -21.63
N ILE H 406 31.22 25.11 -22.44
CA ILE H 406 30.13 24.14 -22.56
C ILE H 406 30.02 23.72 -24.01
N ASN H 407 29.91 22.41 -24.25
CA ASN H 407 29.73 21.87 -25.58
C ASN H 407 28.80 20.66 -25.51
N CYS H 408 27.86 20.59 -26.45
CA CYS H 408 26.90 19.50 -26.50
C CYS H 408 26.64 19.14 -27.95
N VAL H 409 26.63 17.84 -28.25
CA VAL H 409 26.35 17.33 -29.58
C VAL H 409 25.18 16.38 -29.47
N SER H 410 24.10 16.67 -30.20
CA SER H 410 22.88 15.90 -30.12
C SER H 410 22.28 15.73 -31.50
N ASN H 411 21.50 14.66 -31.65
CA ASN H 411 20.82 14.34 -32.89
C ASN H 411 19.52 15.10 -33.00
N ILE H 412 19.10 15.36 -34.24
CA ILE H 412 17.76 15.87 -34.53
C ILE H 412 16.95 14.74 -35.12
N THR H 413 15.83 14.40 -34.46
CA THR H 413 15.01 13.27 -34.85
C THR H 413 13.66 13.65 -35.41
N GLY H 414 13.16 14.86 -35.12
CA GLY H 414 11.86 15.26 -35.61
C GLY H 414 11.69 16.76 -35.55
N ILE H 415 10.57 17.22 -36.09
CA ILE H 415 10.21 18.63 -36.12
C ILE H 415 8.73 18.76 -35.77
N LEU H 416 8.39 19.78 -35.01
CA LEU H 416 7.01 20.11 -34.68
C LEU H 416 6.63 21.36 -35.47
N LEU H 417 5.67 21.22 -36.38
CA LEU H 417 5.25 22.30 -37.26
C LEU H 417 3.81 22.69 -36.97
N THR H 418 3.42 23.86 -37.48
CA THR H 418 2.07 24.38 -37.27
C THR H 418 1.62 25.08 -38.56
N ARG H 419 0.78 24.39 -39.33
CA ARG H 419 0.22 24.98 -40.54
C ARG H 419 -0.72 26.11 -40.19
N ASP H 420 -0.77 27.12 -41.05
CA ASP H 420 -1.61 28.29 -40.85
C ASP H 420 -2.76 28.31 -41.85
N GLY H 421 -3.93 28.74 -41.38
CA GLY H 421 -5.15 28.63 -42.14
C GLY H 421 -5.33 29.75 -43.14
N GLY H 422 -6.53 29.81 -43.70
CA GLY H 422 -6.86 30.84 -44.67
C GLY H 422 -8.03 30.42 -45.53
N ASP H 423 -8.57 31.39 -46.26
CA ASP H 423 -9.73 31.18 -47.12
C ASP H 423 -9.41 31.33 -48.60
N ALA H 424 -8.86 32.48 -49.01
CA ALA H 424 -8.61 32.78 -50.41
C ALA H 424 -7.12 32.89 -50.72
N ASN H 425 -6.38 33.74 -49.98
CA ASN H 425 -4.96 33.88 -50.24
C ASN H 425 -4.21 32.59 -49.96
N ALA H 426 -4.56 31.90 -48.87
CA ALA H 426 -3.88 30.66 -48.51
C ALA H 426 -4.17 29.54 -49.50
N THR H 427 -5.23 29.66 -50.30
CA THR H 427 -5.56 28.67 -51.31
C THR H 427 -4.89 28.95 -52.65
N ASN H 428 -4.07 29.98 -52.74
CA ASN H 428 -3.38 30.31 -53.98
C ASN H 428 -2.15 29.46 -54.16
N ASP H 429 -2.31 28.14 -54.06
CA ASP H 429 -1.22 27.19 -54.28
C ASP H 429 -0.03 27.52 -53.38
N THR H 430 -0.27 27.55 -52.07
CA THR H 430 0.80 27.81 -51.12
C THR H 430 0.36 27.33 -49.75
N GLU H 431 1.31 26.77 -48.99
CA GLU H 431 1.08 26.32 -47.63
C GLU H 431 2.32 26.65 -46.81
N THR H 432 2.17 27.45 -45.78
CA THR H 432 3.28 27.85 -44.92
C THR H 432 3.21 27.07 -43.61
N PHE H 433 4.32 26.45 -43.25
CA PHE H 433 4.46 25.74 -41.99
C PHE H 433 5.49 26.47 -41.12
N ARG H 434 5.17 26.64 -39.85
CA ARG H 434 6.06 27.32 -38.93
C ARG H 434 6.47 26.38 -37.80
N PRO H 435 7.72 26.42 -37.37
CA PRO H 435 8.17 25.48 -36.34
C PRO H 435 7.51 25.73 -35.00
N GLY H 436 7.50 24.69 -34.18
CA GLY H 436 6.99 24.77 -32.83
C GLY H 436 5.48 24.66 -32.79
N GLY H 437 4.98 24.45 -31.57
CA GLY H 437 3.56 24.30 -31.36
C GLY H 437 3.24 23.21 -30.36
N GLY H 438 1.97 22.93 -30.16
CA GLY H 438 1.58 21.87 -29.23
C GLY H 438 2.08 22.16 -27.83
N ASN H 439 2.56 21.12 -27.17
CA ASN H 439 3.07 21.23 -25.81
C ASN H 439 4.14 20.17 -25.61
N ILE H 440 4.59 20.01 -24.37
CA ILE H 440 5.61 19.01 -24.06
C ILE H 440 5.08 17.59 -24.17
N LYS H 441 3.75 17.41 -24.21
CA LYS H 441 3.20 16.08 -24.39
C LYS H 441 3.59 15.51 -25.76
N ASP H 442 3.57 16.35 -26.80
CA ASP H 442 3.94 15.89 -28.12
C ASP H 442 5.40 15.45 -28.18
N ASN H 443 6.24 15.94 -27.26
CA ASN H 443 7.61 15.46 -27.19
C ASN H 443 7.68 13.99 -26.79
N TRP H 444 6.60 13.44 -26.23
CA TRP H 444 6.57 12.05 -25.81
C TRP H 444 5.55 11.22 -26.58
N ARG H 445 4.61 11.84 -27.29
CA ARG H 445 3.81 11.08 -28.24
C ARG H 445 4.70 10.51 -29.34
N SER H 446 5.76 11.22 -29.70
CA SER H 446 6.68 10.75 -30.73
C SER H 446 7.43 9.49 -30.30
N GLU H 447 7.47 9.18 -29.01
CA GLU H 447 8.12 7.98 -28.52
C GLU H 447 7.13 6.89 -28.14
N LEU H 448 5.97 7.24 -27.58
CA LEU H 448 4.99 6.27 -27.13
C LEU H 448 3.85 6.10 -28.13
N TYR H 449 4.10 6.35 -29.41
CA TYR H 449 3.06 6.21 -30.42
C TYR H 449 2.79 4.78 -30.80
N LYS H 450 3.67 3.85 -30.45
CA LYS H 450 3.60 2.46 -30.91
C LYS H 450 3.15 1.51 -29.82
N TYR H 451 2.80 2.00 -28.65
CA TYR H 451 2.49 1.16 -27.51
C TYR H 451 1.03 1.28 -27.12
N LYS H 452 0.57 0.30 -26.32
CA LYS H 452 -0.83 0.21 -25.92
C LYS H 452 -0.92 -0.74 -24.74
N VAL H 453 -1.50 -0.27 -23.65
CA VAL H 453 -1.62 -1.06 -22.43
C VAL H 453 -2.93 -1.84 -22.48
N VAL H 454 -2.85 -3.14 -22.19
CA VAL H 454 -4.02 -4.01 -22.18
C VAL H 454 -3.99 -4.85 -20.90
N GLN H 455 -5.16 -5.37 -20.54
CA GLN H 455 -5.31 -6.26 -19.40
C GLN H 455 -5.57 -7.67 -19.89
N ILE H 456 -4.97 -8.65 -19.23
CA ILE H 456 -5.13 -10.05 -19.63
C ILE H 456 -6.39 -10.61 -18.99
N GLU H 457 -7.08 -11.47 -19.75
CA GLU H 457 -8.30 -12.14 -19.28
C GLU H 457 -8.07 -13.65 -19.47
N PRO H 458 -7.41 -14.31 -18.53
CA PRO H 458 -6.98 -15.69 -18.74
C PRO H 458 -8.05 -16.74 -18.48
N LEU H 459 -9.31 -16.37 -18.39
CA LEU H 459 -10.40 -17.29 -18.08
C LEU H 459 -11.29 -17.42 -19.29
N GLY H 460 -11.50 -18.65 -19.74
CA GLY H 460 -12.27 -18.91 -20.95
C GLY H 460 -13.33 -19.95 -20.74
N ILE H 461 -14.49 -19.73 -21.35
CA ILE H 461 -15.64 -20.63 -21.27
C ILE H 461 -15.89 -21.17 -22.67
N ALA H 462 -15.92 -22.48 -22.81
CA ALA H 462 -16.12 -23.11 -24.10
C ALA H 462 -16.97 -24.37 -23.94
N PRO H 463 -17.67 -24.78 -25.00
CA PRO H 463 -18.39 -26.06 -24.94
C PRO H 463 -17.54 -27.23 -25.38
N THR H 464 -17.49 -28.29 -24.59
CA THR H 464 -16.79 -29.51 -24.95
C THR H 464 -17.67 -30.70 -24.60
N LYS H 465 -17.18 -31.89 -24.90
CA LYS H 465 -17.91 -33.12 -24.64
C LYS H 465 -17.53 -33.76 -23.31
N CYS H 466 -16.66 -33.12 -22.54
CA CYS H 466 -16.22 -33.66 -21.26
C CYS H 466 -17.20 -33.27 -20.16
N LYS H 467 -17.67 -34.27 -19.42
CA LYS H 467 -18.58 -34.06 -18.30
C LYS H 467 -17.88 -34.41 -17.00
N ARG H 468 -18.09 -33.59 -15.98
CA ARG H 468 -17.51 -33.86 -14.67
C ARG H 468 -18.06 -35.17 -14.13
N ARG H 469 -17.16 -36.01 -13.63
CA ARG H 469 -17.55 -37.31 -13.10
C ARG H 469 -18.09 -37.14 -11.69
N VAL H 470 -19.38 -37.43 -11.50
CA VAL H 470 -19.99 -37.35 -10.19
C VAL H 470 -19.59 -38.58 -9.38
N VAL H 471 -19.39 -38.38 -8.09
CA VAL H 471 -19.03 -39.48 -7.20
C VAL H 471 -20.21 -40.43 -7.04
N GLN I 1 -20.69 31.20 -14.44
CA GLN I 1 -21.00 31.50 -15.86
C GLN I 1 -19.72 31.74 -16.65
N VAL I 2 -19.87 32.00 -17.94
CA VAL I 2 -18.75 32.29 -18.84
C VAL I 2 -19.10 33.55 -19.62
N GLN I 3 -18.17 34.49 -19.68
CA GLN I 3 -18.40 35.75 -20.36
C GLN I 3 -17.10 36.27 -20.96
N LEU I 4 -17.21 36.90 -22.13
CA LEU I 4 -16.08 37.47 -22.86
C LEU I 4 -16.35 38.96 -23.03
N LEU I 5 -15.95 39.76 -22.03
CA LEU I 5 -16.21 41.18 -22.08
C LEU I 5 -15.32 41.86 -23.12
N GLN I 6 -15.93 42.68 -23.97
CA GLN I 6 -15.22 43.41 -25.00
C GLN I 6 -14.97 44.84 -24.53
N SER I 7 -14.30 45.62 -25.38
CA SER I 7 -14.11 47.05 -25.16
C SER I 7 -15.07 47.83 -26.07
N GLY I 8 -15.10 49.13 -25.86
CA GLY I 8 -15.98 49.99 -26.63
C GLY I 8 -15.49 50.19 -28.05
N ALA I 9 -16.36 50.79 -28.86
CA ALA I 9 -16.03 51.06 -30.24
C ALA I 9 -14.84 52.02 -30.33
N ALA I 10 -14.17 51.99 -31.48
CA ALA I 10 -12.99 52.82 -31.70
C ALA I 10 -13.06 53.46 -33.08
N VAL I 11 -12.65 54.71 -33.16
CA VAL I 11 -12.57 55.46 -34.42
C VAL I 11 -11.12 55.86 -34.61
N THR I 12 -10.57 55.56 -35.78
CA THR I 12 -9.17 55.83 -36.08
C THR I 12 -9.04 56.40 -37.47
N LYS I 13 -7.81 56.75 -37.84
CA LYS I 13 -7.47 57.32 -39.12
C LYS I 13 -6.67 56.32 -39.95
N PRO I 14 -6.68 56.44 -41.28
CA PRO I 14 -5.91 55.50 -42.10
C PRO I 14 -4.43 55.56 -41.74
N GLY I 15 -3.78 54.40 -41.74
CA GLY I 15 -2.39 54.30 -41.36
C GLY I 15 -2.13 54.23 -39.88
N ALA I 16 -3.16 54.32 -39.04
CA ALA I 16 -3.00 54.29 -37.60
C ALA I 16 -3.03 52.85 -37.11
N SER I 17 -3.17 52.67 -35.79
CA SER I 17 -3.28 51.35 -35.19
C SER I 17 -4.45 51.32 -34.22
N VAL I 18 -4.96 50.11 -33.98
CA VAL I 18 -6.10 49.91 -33.09
C VAL I 18 -5.73 48.82 -32.08
N ARG I 19 -6.42 48.82 -30.95
CA ARG I 19 -6.16 47.86 -29.88
C ARG I 19 -7.52 47.40 -29.33
N VAL I 20 -8.00 46.27 -29.83
CA VAL I 20 -9.25 45.67 -29.38
C VAL I 20 -8.92 44.68 -28.27
N SER I 21 -9.66 44.75 -27.16
CA SER I 21 -9.41 43.90 -26.00
C SER I 21 -10.63 43.03 -25.71
N CYS I 22 -10.37 41.77 -25.38
CA CYS I 22 -11.39 40.82 -24.97
C CYS I 22 -10.95 40.23 -23.65
N GLU I 23 -11.89 40.07 -22.71
CA GLU I 23 -11.57 39.63 -21.36
C GLU I 23 -12.41 38.41 -21.01
N ALA I 24 -11.75 37.32 -20.63
CA ALA I 24 -12.38 36.08 -20.24
C ALA I 24 -12.15 35.83 -18.76
N SER I 25 -13.21 35.53 -18.03
CA SER I 25 -13.13 35.47 -16.57
C SER I 25 -13.66 34.19 -15.95
N GLY I 26 -14.70 33.59 -16.52
CA GLY I 26 -15.46 32.60 -15.79
C GLY I 26 -15.26 31.14 -16.16
N TYR I 27 -14.02 30.72 -16.37
CA TYR I 27 -13.71 29.32 -16.69
C TYR I 27 -12.20 29.15 -16.69
N ASN I 28 -11.74 27.97 -17.09
CA ASN I 28 -10.31 27.70 -17.26
C ASN I 28 -9.92 28.23 -18.63
N ILE I 29 -9.35 29.43 -18.66
CA ILE I 29 -9.03 30.08 -19.93
C ILE I 29 -7.91 29.34 -20.63
N ARG I 30 -6.99 28.74 -19.89
CA ARG I 30 -5.78 28.17 -20.48
C ARG I 30 -6.08 26.98 -21.38
N ASP I 31 -7.23 26.32 -21.21
CA ASP I 31 -7.49 25.05 -21.89
C ASP I 31 -8.35 25.22 -23.14
N TYR I 32 -8.61 26.44 -23.59
CA TYR I 32 -9.46 26.66 -24.76
C TYR I 32 -8.86 27.76 -25.62
N PHE I 33 -8.77 27.50 -26.92
CA PHE I 33 -8.28 28.50 -27.85
C PHE I 33 -9.28 29.64 -27.97
N ILE I 34 -8.75 30.83 -28.27
CA ILE I 34 -9.57 32.01 -28.49
C ILE I 34 -9.34 32.47 -29.92
N HIS I 35 -10.40 32.52 -30.72
CA HIS I 35 -10.33 32.95 -32.10
C HIS I 35 -10.89 34.36 -32.23
N TRP I 36 -10.47 35.05 -33.29
CA TRP I 36 -10.92 36.40 -33.58
C TRP I 36 -11.59 36.41 -34.94
N TRP I 37 -12.78 37.02 -35.00
CA TRP I 37 -13.59 37.04 -36.20
C TRP I 37 -13.84 38.49 -36.61
N ARG I 38 -13.87 38.72 -37.93
CA ARG I 38 -14.08 40.05 -38.51
C ARG I 38 -15.32 40.00 -39.38
N GLN I 39 -16.25 40.92 -39.14
CA GLN I 39 -17.51 40.99 -39.87
C GLN I 39 -17.68 42.39 -40.45
N ALA I 40 -17.40 42.54 -41.73
CA ALA I 40 -17.61 43.83 -42.37
C ALA I 40 -19.12 44.12 -42.45
N PRO I 41 -19.50 45.40 -42.47
CA PRO I 41 -20.92 45.73 -42.57
C PRO I 41 -21.51 45.23 -43.88
N GLY I 42 -22.61 44.48 -43.78
CA GLY I 42 -23.28 43.95 -44.94
C GLY I 42 -22.66 42.68 -45.52
N GLN I 43 -21.67 42.11 -44.85
CA GLN I 43 -21.01 40.89 -45.31
C GLN I 43 -20.99 39.86 -44.19
N GLY I 44 -20.52 38.66 -44.52
CA GLY I 44 -20.41 37.58 -43.55
C GLY I 44 -19.15 37.70 -42.72
N LEU I 45 -19.00 36.75 -41.81
CA LEU I 45 -17.85 36.74 -40.91
C LEU I 45 -16.57 36.38 -41.66
N GLN I 46 -15.45 36.80 -41.11
CA GLN I 46 -14.13 36.43 -41.60
C GLN I 46 -13.28 35.96 -40.44
N TRP I 47 -12.35 35.06 -40.73
CA TRP I 47 -11.49 34.49 -39.70
C TRP I 47 -10.19 35.28 -39.63
N VAL I 48 -9.84 35.73 -38.42
CA VAL I 48 -8.62 36.49 -38.21
C VAL I 48 -7.48 35.61 -37.69
N GLY I 49 -7.76 34.76 -36.73
CA GLY I 49 -6.76 33.83 -36.22
C GLY I 49 -7.10 33.37 -34.82
N TRP I 50 -6.32 32.42 -34.34
CA TRP I 50 -6.44 31.92 -32.98
C TRP I 50 -5.13 32.13 -32.23
N ILE I 51 -5.24 32.23 -30.91
CA ILE I 51 -4.09 32.37 -30.03
C ILE I 51 -4.18 31.30 -28.96
N ASN I 52 -3.08 30.60 -28.74
CA ASN I 52 -2.99 29.60 -27.69
C ASN I 52 -2.76 30.30 -26.35
N PRO I 53 -3.77 30.36 -25.47
CA PRO I 53 -3.57 31.09 -24.22
C PRO I 53 -2.44 30.56 -23.36
N LYS I 54 -2.16 29.26 -23.40
CA LYS I 54 -1.06 28.72 -22.60
C LYS I 54 0.28 29.33 -23.00
N THR I 55 0.54 29.41 -24.30
CA THR I 55 1.84 29.83 -24.80
C THR I 55 1.81 31.11 -25.62
N GLY I 56 0.63 31.65 -25.92
CA GLY I 56 0.55 32.87 -26.68
C GLY I 56 0.88 32.73 -28.15
N GLN I 57 0.94 31.52 -28.67
CA GLN I 57 1.28 31.32 -30.07
C GLN I 57 0.10 31.72 -30.94
N PRO I 58 0.25 32.68 -31.84
CA PRO I 58 -0.84 33.07 -32.73
C PRO I 58 -0.79 32.31 -34.06
N ASN I 59 -1.84 32.51 -34.85
CA ASN I 59 -1.95 31.87 -36.16
C ASN I 59 -2.93 32.67 -36.99
N ASN I 60 -2.46 33.27 -38.09
CA ASN I 60 -3.29 34.13 -38.91
C ASN I 60 -3.16 33.76 -40.38
N PRO I 61 -4.16 34.05 -41.19
CA PRO I 61 -4.06 33.76 -42.63
C PRO I 61 -3.00 34.63 -43.30
N ARG I 62 -2.76 34.31 -44.58
CA ARG I 62 -1.84 35.12 -45.37
C ARG I 62 -2.33 36.57 -45.47
N GLN I 63 -3.64 36.78 -45.45
CA GLN I 63 -4.18 38.13 -45.61
C GLN I 63 -3.72 39.04 -44.47
N PHE I 64 -3.67 38.52 -43.25
CA PHE I 64 -3.37 39.30 -42.06
C PHE I 64 -1.94 39.10 -41.57
N GLN I 65 -0.99 38.88 -42.48
CA GLN I 65 0.40 38.68 -42.09
C GLN I 65 1.12 40.01 -42.04
N GLY I 66 1.82 40.25 -40.93
CA GLY I 66 2.51 41.51 -40.74
C GLY I 66 1.63 42.65 -40.31
N ARG I 67 0.33 42.42 -40.11
CA ARG I 67 -0.59 43.45 -39.66
C ARG I 67 -1.25 43.10 -38.34
N VAL I 68 -1.81 41.91 -38.21
CA VAL I 68 -2.49 41.50 -36.99
C VAL I 68 -1.47 40.90 -36.04
N SER I 69 -1.54 41.30 -34.77
CA SER I 69 -0.67 40.79 -33.72
C SER I 69 -1.54 40.42 -32.53
N LEU I 70 -1.76 39.13 -32.33
CA LEU I 70 -2.61 38.65 -31.23
C LEU I 70 -1.73 38.36 -30.02
N THR I 71 -2.05 39.00 -28.90
CA THR I 71 -1.33 38.81 -27.65
C THR I 71 -2.32 38.66 -26.51
N ARG I 72 -1.89 38.01 -25.44
CA ARG I 72 -2.72 37.81 -24.26
C ARG I 72 -1.94 38.18 -23.01
N HIS I 73 -2.67 38.64 -22.01
CA HIS I 73 -2.10 38.98 -20.71
C HIS I 73 -2.89 38.23 -19.65
N ALA I 74 -2.18 37.54 -18.76
CA ALA I 74 -2.79 36.66 -17.78
C ALA I 74 -2.63 37.24 -16.38
N SER I 75 -3.68 37.08 -15.58
CA SER I 75 -3.64 37.52 -14.19
C SER I 75 -2.61 36.70 -13.43
N TRP I 76 -2.34 37.11 -12.19
CA TRP I 76 -1.32 36.42 -11.39
C TRP I 76 -1.70 34.98 -11.13
N ASP I 77 -2.98 34.73 -10.85
CA ASP I 77 -3.48 33.38 -10.57
C ASP I 77 -4.28 32.81 -11.73
N PHE I 78 -4.22 33.43 -12.90
CA PHE I 78 -4.87 32.93 -14.11
C PHE I 78 -6.40 32.89 -13.98
N ASP I 79 -6.95 33.61 -13.00
CA ASP I 79 -8.41 33.68 -12.90
C ASP I 79 -9.01 34.36 -14.12
N THR I 80 -8.40 35.45 -14.58
CA THR I 80 -8.90 36.23 -15.69
C THR I 80 -7.78 36.50 -16.68
N TYR I 81 -8.15 36.62 -17.95
CA TYR I 81 -7.21 36.87 -19.03
C TYR I 81 -7.68 38.08 -19.82
N SER I 82 -6.73 38.72 -20.50
CA SER I 82 -7.01 39.81 -21.42
C SER I 82 -6.39 39.47 -22.75
N PHE I 83 -7.19 39.45 -23.81
CA PHE I 83 -6.73 39.12 -25.15
C PHE I 83 -6.80 40.37 -26.01
N TYR I 84 -5.70 40.68 -26.68
CA TYR I 84 -5.58 41.90 -27.46
C TYR I 84 -5.41 41.57 -28.93
N MET I 85 -5.87 42.49 -29.78
CA MET I 85 -5.73 42.39 -31.22
C MET I 85 -5.30 43.75 -31.75
N ASP I 86 -4.24 43.78 -32.53
CA ASP I 86 -3.65 45.02 -33.02
C ASP I 86 -3.57 44.98 -34.55
N LEU I 87 -4.00 46.06 -35.18
CA LEU I 87 -3.87 46.24 -36.62
C LEU I 87 -2.86 47.37 -36.87
N LYS I 88 -1.85 47.07 -37.68
CA LYS I 88 -0.76 48.03 -37.86
C LYS I 88 -1.11 49.10 -38.90
N ALA I 89 -1.39 48.68 -40.13
CA ALA I 89 -1.75 49.59 -41.21
C ALA I 89 -3.22 49.42 -41.51
N LEU I 90 -3.98 50.51 -41.46
CA LEU I 90 -5.42 50.49 -41.63
C LEU I 90 -5.81 51.15 -42.94
N ARG I 91 -6.85 50.59 -43.57
CA ARG I 91 -7.43 51.15 -44.77
C ARG I 91 -8.94 51.24 -44.57
N SER I 92 -9.65 51.65 -45.60
CA SER I 92 -11.11 51.66 -45.54
C SER I 92 -11.68 50.26 -45.41
N ASP I 93 -10.96 49.24 -45.90
CA ASP I 93 -11.44 47.87 -45.86
C ASP I 93 -11.48 47.29 -44.45
N ASP I 94 -10.83 47.94 -43.49
CA ASP I 94 -10.74 47.40 -42.14
C ASP I 94 -11.90 47.82 -41.25
N THR I 95 -12.87 48.55 -41.77
CA THR I 95 -14.07 48.88 -41.01
C THR I 95 -14.92 47.62 -40.86
N ALA I 96 -15.14 47.20 -39.61
CA ALA I 96 -15.89 45.98 -39.35
C ALA I 96 -16.14 45.90 -37.84
N VAL I 97 -16.78 44.80 -37.44
CA VAL I 97 -16.99 44.48 -36.03
C VAL I 97 -16.16 43.24 -35.71
N TYR I 98 -15.34 43.34 -34.67
CA TYR I 98 -14.39 42.30 -34.32
C TYR I 98 -14.88 41.55 -33.09
N PHE I 99 -15.00 40.23 -33.21
CA PHE I 99 -15.48 39.37 -32.14
C PHE I 99 -14.35 38.49 -31.63
N CYS I 100 -14.32 38.27 -30.32
CA CYS I 100 -13.48 37.25 -29.71
C CYS I 100 -14.37 36.07 -29.37
N ALA I 101 -13.98 34.88 -29.83
CA ALA I 101 -14.80 33.69 -29.67
C ALA I 101 -13.99 32.60 -28.98
N ARG I 102 -14.70 31.75 -28.25
CA ARG I 102 -14.11 30.67 -27.46
C ARG I 102 -14.42 29.34 -28.11
N GLN I 103 -13.45 28.79 -28.84
CA GLN I 103 -13.58 27.44 -29.37
C GLN I 103 -13.69 26.45 -28.22
N ARG I 104 -14.61 25.50 -28.35
CA ARG I 104 -14.93 24.58 -27.26
C ARG I 104 -14.35 23.19 -27.46
N SER I 105 -14.34 22.66 -28.68
CA SER I 105 -13.89 21.30 -28.92
C SER I 105 -13.35 21.21 -30.34
N ASP I 106 -12.96 20.00 -30.75
CA ASP I 106 -12.35 19.81 -32.05
C ASP I 106 -13.31 20.11 -33.19
N TYR I 107 -14.61 20.19 -32.92
CA TYR I 107 -15.55 20.64 -33.94
C TYR I 107 -15.43 22.12 -34.24
N TRP I 108 -14.65 22.86 -33.44
CA TRP I 108 -14.58 24.32 -33.52
C TRP I 108 -15.94 24.93 -33.20
N ASP I 109 -16.48 24.56 -32.05
CA ASP I 109 -17.77 25.06 -31.58
C ASP I 109 -17.54 26.36 -30.80
N PHE I 110 -18.05 27.47 -31.33
CA PHE I 110 -17.89 28.77 -30.70
C PHE I 110 -19.18 29.07 -29.92
N ASP I 111 -19.28 28.45 -28.74
CA ASP I 111 -20.46 28.62 -27.92
C ASP I 111 -20.55 30.00 -27.29
N VAL I 112 -19.41 30.62 -26.98
CA VAL I 112 -19.36 31.93 -26.33
C VAL I 112 -18.74 32.93 -27.29
N TRP I 113 -19.40 34.06 -27.47
CA TRP I 113 -18.91 35.13 -28.31
C TRP I 113 -18.91 36.43 -27.53
N GLY I 114 -18.00 37.33 -27.90
CA GLY I 114 -18.01 38.66 -27.33
C GLY I 114 -19.11 39.52 -27.93
N SER I 115 -19.40 40.63 -27.25
CA SER I 115 -20.47 41.50 -27.71
C SER I 115 -20.19 42.06 -29.10
N GLY I 116 -18.96 42.49 -29.34
CA GLY I 116 -18.57 43.08 -30.61
C GLY I 116 -17.99 44.47 -30.42
N THR I 117 -16.98 44.81 -31.22
CA THR I 117 -16.33 46.12 -31.15
C THR I 117 -16.34 46.74 -32.54
N GLN I 118 -16.97 47.90 -32.67
CA GLN I 118 -17.06 48.58 -33.95
C GLN I 118 -15.78 49.37 -34.20
N VAL I 119 -15.01 48.95 -35.20
CA VAL I 119 -13.80 49.63 -35.61
C VAL I 119 -14.08 50.30 -36.95
N THR I 120 -13.88 51.61 -37.02
CA THR I 120 -14.13 52.38 -38.22
C THR I 120 -12.96 53.32 -38.48
N VAL I 121 -12.77 53.65 -39.75
CA VAL I 121 -11.69 54.54 -40.15
C VAL I 121 -12.25 55.77 -40.86
N ASP J 1 -8.43 22.32 -47.53
CA ASP J 1 -9.34 22.05 -48.67
C ASP J 1 -10.73 21.71 -48.17
N ILE J 2 -11.54 22.74 -47.94
CA ILE J 2 -12.93 22.60 -47.51
C ILE J 2 -13.81 23.21 -48.58
N GLN J 3 -14.78 22.43 -49.06
CA GLN J 3 -15.75 22.88 -50.05
C GLN J 3 -17.10 22.98 -49.37
N MET J 4 -17.72 24.16 -49.46
CA MET J 4 -19.03 24.38 -48.88
C MET J 4 -19.79 25.41 -49.71
N THR J 5 -21.12 25.28 -49.71
CA THR J 5 -21.97 26.18 -50.47
C THR J 5 -23.38 26.09 -49.91
N GLN J 6 -24.01 27.24 -49.70
CA GLN J 6 -25.39 27.31 -49.23
C GLN J 6 -26.25 27.83 -50.38
N SER J 7 -26.97 26.91 -51.04
CA SER J 7 -27.74 27.29 -52.22
C SER J 7 -28.80 28.33 -51.94
N PRO J 8 -29.64 28.19 -50.91
CA PRO J 8 -30.69 29.20 -50.67
C PRO J 8 -30.09 30.49 -50.12
N SER J 9 -30.19 31.56 -50.90
CA SER J 9 -29.67 32.85 -50.44
C SER J 9 -30.65 33.52 -49.49
N SER J 10 -31.92 33.60 -49.88
CA SER J 10 -32.96 34.16 -49.02
C SER J 10 -34.28 33.49 -49.36
N LEU J 11 -35.19 33.50 -48.39
CA LEU J 11 -36.50 32.88 -48.57
C LEU J 11 -37.52 33.62 -47.72
N SER J 12 -38.79 33.41 -48.03
CA SER J 12 -39.87 34.17 -47.43
C SER J 12 -40.88 33.26 -46.74
N ALA J 13 -40.39 32.32 -45.94
CA ALA J 13 -41.28 31.42 -45.23
C ALA J 13 -42.25 32.22 -44.35
N SER J 14 -43.49 31.75 -44.28
CA SER J 14 -44.51 32.44 -43.50
C SER J 14 -44.34 32.08 -42.03
N VAL J 15 -45.32 32.45 -41.21
CA VAL J 15 -45.27 32.19 -39.78
C VAL J 15 -45.92 30.84 -39.51
N GLY J 16 -45.34 30.07 -38.58
CA GLY J 16 -45.86 28.78 -38.22
C GLY J 16 -45.44 27.64 -39.14
N ASP J 17 -44.70 27.93 -40.20
CA ASP J 17 -44.30 26.90 -41.14
C ASP J 17 -43.01 26.22 -40.68
N THR J 18 -42.65 25.14 -41.37
CA THR J 18 -41.39 24.45 -41.19
C THR J 18 -40.56 24.64 -42.45
N VAL J 19 -39.35 25.17 -42.29
CA VAL J 19 -38.48 25.51 -43.42
C VAL J 19 -37.12 24.87 -43.20
N THR J 20 -36.52 24.40 -44.29
CA THR J 20 -35.22 23.74 -44.25
C THR J 20 -34.23 24.53 -45.08
N ILE J 21 -33.02 24.70 -44.55
CA ILE J 21 -31.91 25.36 -45.24
C ILE J 21 -30.80 24.34 -45.39
N THR J 22 -30.28 24.20 -46.60
CA THR J 22 -29.30 23.17 -46.92
C THR J 22 -27.92 23.78 -47.10
N CYS J 23 -26.92 23.16 -46.47
CA CYS J 23 -25.53 23.57 -46.65
C CYS J 23 -24.70 22.32 -46.90
N GLN J 24 -23.91 22.34 -47.97
CA GLN J 24 -22.96 21.27 -48.24
C GLN J 24 -21.64 21.60 -47.57
N ALA J 25 -20.97 20.57 -47.05
CA ALA J 25 -19.74 20.79 -46.30
C ALA J 25 -18.88 19.54 -46.33
N ASN J 26 -17.59 19.74 -46.60
CA ASN J 26 -16.60 18.66 -46.57
C ASN J 26 -15.84 18.67 -45.24
N GLY J 27 -16.58 18.44 -44.16
CA GLY J 27 -15.99 18.44 -42.85
C GLY J 27 -17.07 18.69 -41.79
N TYR J 28 -16.60 18.95 -40.58
CA TYR J 28 -17.51 19.27 -39.49
C TYR J 28 -18.32 20.51 -39.83
N LEU J 29 -19.59 20.53 -39.42
CA LEU J 29 -20.48 21.64 -39.70
C LEU J 29 -21.21 22.05 -38.42
N ASN J 30 -21.30 23.35 -38.18
CA ASN J 30 -22.03 23.91 -37.06
C ASN J 30 -23.02 24.95 -37.55
N TRP J 31 -24.08 25.18 -36.77
CA TRP J 31 -25.15 26.09 -37.16
C TRP J 31 -25.24 27.24 -36.15
N TYR J 32 -25.15 28.47 -36.66
CA TYR J 32 -25.30 29.67 -35.84
C TYR J 32 -26.42 30.54 -36.41
N GLN J 33 -27.09 31.27 -35.52
CA GLN J 33 -28.03 32.30 -35.93
C GLN J 33 -27.57 33.64 -35.38
N GLN J 34 -27.62 34.67 -36.22
CA GLN J 34 -27.16 36.00 -35.87
C GLN J 34 -28.25 37.01 -36.17
N ARG J 35 -28.63 37.79 -35.16
CA ARG J 35 -29.57 38.88 -35.34
C ARG J 35 -28.89 40.04 -36.07
N ARG J 36 -29.60 41.15 -36.22
CA ARG J 36 -29.04 42.32 -36.87
C ARG J 36 -27.97 42.94 -35.99
N GLY J 37 -26.71 42.79 -36.39
CA GLY J 37 -25.61 43.40 -35.68
C GLY J 37 -25.39 42.89 -34.27
N LYS J 38 -25.54 41.58 -34.06
CA LYS J 38 -25.33 40.95 -32.76
C LYS J 38 -24.35 39.80 -32.89
N ALA J 39 -23.97 39.25 -31.75
CA ALA J 39 -23.02 38.14 -31.71
C ALA J 39 -23.73 36.84 -32.05
N PRO J 40 -23.27 36.08 -33.05
CA PRO J 40 -23.92 34.81 -33.36
C PRO J 40 -23.88 33.87 -32.18
N LYS J 41 -24.90 33.02 -32.08
CA LYS J 41 -24.99 32.00 -31.05
C LYS J 41 -25.09 30.63 -31.69
N LEU J 42 -24.62 29.62 -30.96
CA LEU J 42 -24.51 28.27 -31.48
C LEU J 42 -25.81 27.51 -31.24
N LEU J 43 -26.44 27.05 -32.32
CA LEU J 43 -27.64 26.22 -32.24
C LEU J 43 -27.31 24.73 -32.31
N ILE J 44 -26.71 24.30 -33.42
CA ILE J 44 -26.40 22.90 -33.67
C ILE J 44 -24.92 22.80 -34.01
N TYR J 45 -24.22 21.92 -33.31
CA TYR J 45 -22.80 21.65 -33.58
C TYR J 45 -22.62 20.21 -34.00
N ASP J 46 -21.80 19.99 -35.02
CA ASP J 46 -21.57 18.71 -35.67
C ASP J 46 -22.69 18.37 -36.65
N GLY J 47 -23.72 19.20 -36.78
CA GLY J 47 -24.78 18.98 -37.72
C GLY J 47 -26.00 18.28 -37.17
N SER J 48 -25.90 17.67 -35.99
CA SER J 48 -27.02 16.94 -35.41
C SER J 48 -27.26 17.21 -33.93
N LYS J 49 -26.27 17.70 -33.18
CA LYS J 49 -26.38 17.78 -31.74
C LYS J 49 -26.99 19.12 -31.33
N LEU J 50 -27.91 19.07 -30.37
CA LEU J 50 -28.56 20.28 -29.87
C LEU J 50 -27.74 20.91 -28.76
N GLU J 51 -27.60 22.23 -28.81
CA GLU J 51 -26.89 22.97 -27.78
C GLU J 51 -27.75 23.09 -26.53
N ARG J 52 -27.09 23.09 -25.37
CA ARG J 52 -27.80 23.24 -24.10
C ARG J 52 -28.33 24.65 -23.99
N GLY J 53 -29.64 24.81 -24.13
CA GLY J 53 -30.28 26.11 -24.01
C GLY J 53 -31.24 26.42 -25.14
N VAL J 54 -30.92 26.00 -26.35
CA VAL J 54 -31.83 26.24 -27.47
C VAL J 54 -33.04 25.34 -27.32
N PRO J 55 -34.26 25.83 -27.60
CA PRO J 55 -35.43 24.96 -27.48
C PRO J 55 -35.40 23.82 -28.49
N SER J 56 -36.23 22.82 -28.25
CA SER J 56 -36.31 21.65 -29.12
C SER J 56 -36.86 21.99 -30.50
N ARG J 57 -37.27 23.24 -30.73
CA ARG J 57 -37.79 23.61 -32.05
C ARG J 57 -36.74 23.40 -33.13
N PHE J 58 -35.49 23.76 -32.86
CA PHE J 58 -34.42 23.67 -33.83
C PHE J 58 -33.87 22.25 -33.90
N SER J 59 -33.54 21.82 -35.12
CA SER J 59 -32.98 20.49 -35.31
C SER J 59 -32.40 20.41 -36.71
N GLY J 60 -31.37 19.57 -36.86
CA GLY J 60 -30.74 19.37 -38.14
C GLY J 60 -30.26 17.94 -38.28
N ARG J 61 -30.04 17.53 -39.53
CA ARG J 61 -29.64 16.17 -39.83
C ARG J 61 -28.74 16.15 -41.05
N ARG J 62 -28.01 15.04 -41.20
CA ARG J 62 -26.97 14.91 -42.21
C ARG J 62 -27.17 13.65 -43.03
N TRP J 63 -26.86 13.76 -44.31
CA TRP J 63 -26.76 12.59 -45.19
C TRP J 63 -25.81 12.89 -46.33
N GLY J 64 -24.63 12.28 -46.32
CA GLY J 64 -23.65 12.57 -47.33
C GLY J 64 -23.11 14.00 -47.19
N GLN J 65 -22.82 14.60 -48.34
CA GLN J 65 -22.28 15.95 -48.39
C GLN J 65 -23.41 16.98 -48.38
N GLU J 66 -24.27 16.87 -47.37
CA GLU J 66 -25.43 17.75 -47.26
C GLU J 66 -25.94 17.74 -45.84
N TYR J 67 -26.24 18.92 -45.32
CA TYR J 67 -26.83 19.10 -43.99
C TYR J 67 -28.10 19.92 -44.11
N ASN J 68 -29.06 19.67 -43.21
CA ASN J 68 -30.32 20.39 -43.17
C ASN J 68 -30.49 21.04 -41.81
N LEU J 69 -30.92 22.29 -41.80
CA LEU J 69 -31.35 22.97 -40.59
C LEU J 69 -32.86 23.19 -40.70
N THR J 70 -33.61 22.65 -39.73
CA THR J 70 -35.05 22.66 -39.77
C THR J 70 -35.60 23.47 -38.60
N ILE J 71 -36.52 24.38 -38.89
CA ILE J 71 -37.18 25.19 -37.89
C ILE J 71 -38.67 24.95 -38.03
N ASN J 72 -39.21 24.05 -37.23
CA ASN J 72 -40.65 23.79 -37.20
C ASN J 72 -41.30 24.69 -36.16
N ASN J 73 -42.55 25.07 -36.43
CA ASN J 73 -43.27 25.99 -35.56
C ASN J 73 -42.53 27.32 -35.46
N LEU J 74 -42.41 27.97 -36.61
CA LEU J 74 -41.71 29.23 -36.69
C LEU J 74 -42.36 30.27 -35.79
N GLN J 75 -41.53 31.15 -35.23
CA GLN J 75 -42.00 32.19 -34.34
C GLN J 75 -41.59 33.56 -34.86
N PRO J 76 -42.30 34.63 -34.48
CA PRO J 76 -41.86 35.98 -34.87
C PRO J 76 -40.49 36.35 -34.34
N GLU J 77 -40.03 35.70 -33.27
CA GLU J 77 -38.72 35.97 -32.69
C GLU J 77 -37.63 35.07 -33.24
N ASP J 78 -37.95 34.18 -34.18
CA ASP J 78 -36.98 33.32 -34.83
C ASP J 78 -36.55 33.84 -36.19
N ILE J 79 -36.55 35.16 -36.35
CA ILE J 79 -36.14 35.81 -37.59
C ILE J 79 -34.72 36.31 -37.41
N ALA J 80 -33.81 35.80 -38.22
CA ALA J 80 -32.39 36.16 -38.10
C ALA J 80 -31.68 35.59 -39.34
N THR J 81 -30.35 35.70 -39.35
CA THR J 81 -29.53 35.09 -40.39
C THR J 81 -28.87 33.85 -39.81
N TYR J 82 -28.80 32.79 -40.61
CA TYR J 82 -28.33 31.49 -40.17
C TYR J 82 -27.05 31.11 -40.91
N PHE J 83 -26.08 30.58 -40.17
CA PHE J 83 -24.76 30.26 -40.69
C PHE J 83 -24.54 28.74 -40.65
N CYS J 84 -23.87 28.23 -41.67
CA CYS J 84 -23.28 26.90 -41.64
C CYS J 84 -21.78 27.08 -41.65
N GLN J 85 -21.12 26.60 -40.60
CA GLN J 85 -19.73 26.93 -40.33
C GLN J 85 -18.86 25.70 -40.33
N VAL J 86 -17.72 25.79 -41.02
CA VAL J 86 -16.67 24.77 -40.98
C VAL J 86 -15.50 25.47 -40.29
N TYR J 87 -14.37 24.78 -40.13
CA TYR J 87 -13.31 25.26 -39.24
C TYR J 87 -13.09 26.76 -39.32
N GLU J 88 -12.65 27.26 -40.48
CA GLU J 88 -12.44 28.70 -40.63
C GLU J 88 -13.14 29.27 -41.86
N PHE J 89 -14.03 28.51 -42.49
CA PHE J 89 -14.77 28.95 -43.66
C PHE J 89 -16.22 29.17 -43.27
N VAL J 90 -16.75 30.34 -43.59
CA VAL J 90 -18.13 30.70 -43.27
C VAL J 90 -18.75 31.34 -44.51
N VAL J 91 -19.98 30.97 -44.80
CA VAL J 91 -20.71 31.53 -45.94
C VAL J 91 -21.57 32.69 -45.46
N PRO J 92 -22.01 33.59 -46.34
CA PRO J 92 -22.80 34.74 -45.86
C PRO J 92 -24.03 34.34 -45.07
N GLY J 93 -24.69 33.26 -45.44
CA GLY J 93 -25.87 32.79 -44.74
C GLY J 93 -27.15 33.13 -45.48
N THR J 94 -28.26 32.92 -44.78
CA THR J 94 -29.59 33.18 -45.32
C THR J 94 -30.41 33.96 -44.32
N ARG J 95 -31.28 34.83 -44.83
CA ARG J 95 -32.06 35.74 -44.00
C ARG J 95 -33.54 35.38 -44.07
N LEU J 96 -34.23 35.50 -42.95
CA LEU J 96 -35.64 35.17 -42.84
C LEU J 96 -36.50 36.42 -42.81
N ASP J 97 -37.72 36.29 -43.34
CA ASP J 97 -38.69 37.37 -43.31
C ASP J 97 -40.07 36.76 -43.48
N LEU J 98 -41.09 37.50 -43.05
CA LEU J 98 -42.47 37.04 -43.12
C LEU J 98 -43.15 37.55 -44.38
N ALA K 1 -5.37 -43.33 -51.99
CA ALA K 1 -5.96 -43.39 -53.35
C ALA K 1 -7.38 -43.94 -53.29
N ILE K 2 -8.14 -43.56 -52.26
CA ILE K 2 -9.49 -44.08 -52.08
C ILE K 2 -10.37 -43.60 -53.21
N TYR K 3 -11.04 -44.55 -53.86
CA TYR K 3 -11.98 -44.23 -54.93
C TYR K 3 -13.40 -44.24 -54.38
N LEU K 4 -14.20 -43.28 -54.83
CA LEU K 4 -15.58 -43.13 -54.38
C LEU K 4 -16.52 -43.58 -55.49
N THR K 5 -17.36 -44.56 -55.18
CA THR K 5 -18.37 -45.06 -56.11
C THR K 5 -19.74 -44.82 -55.51
N GLN K 6 -20.61 -44.15 -56.27
CA GLN K 6 -21.95 -43.84 -55.80
C GLN K 6 -22.98 -44.19 -56.86
N SER K 7 -24.10 -44.74 -56.40
CA SER K 7 -25.21 -45.17 -57.24
C SER K 7 -26.50 -44.76 -56.55
N PRO K 8 -27.61 -44.66 -57.31
CA PRO K 8 -27.78 -44.92 -58.74
C PRO K 8 -27.37 -43.74 -59.62
N SER K 9 -27.14 -44.01 -60.91
CA SER K 9 -26.71 -42.96 -61.83
C SER K 9 -27.77 -41.87 -61.97
N SER K 10 -29.04 -42.26 -62.05
CA SER K 10 -30.14 -41.33 -62.25
C SER K 10 -31.28 -41.63 -61.29
N LEU K 11 -32.04 -40.59 -60.96
CA LEU K 11 -33.17 -40.70 -60.04
C LEU K 11 -34.38 -40.05 -60.71
N SER K 12 -35.32 -40.87 -61.17
CA SER K 12 -36.60 -40.35 -61.64
C SER K 12 -37.39 -39.82 -60.44
N ALA K 13 -37.74 -38.54 -60.48
CA ALA K 13 -38.33 -37.88 -59.32
C ALA K 13 -39.37 -36.87 -59.77
N SER K 14 -40.27 -36.57 -58.83
CA SER K 14 -41.27 -35.52 -58.98
C SER K 14 -41.35 -34.78 -57.65
N VAL K 15 -42.40 -33.99 -57.46
CA VAL K 15 -42.53 -33.21 -56.24
C VAL K 15 -43.00 -34.12 -55.11
N GLY K 16 -42.32 -34.02 -53.97
CA GLY K 16 -42.79 -34.67 -52.75
C GLY K 16 -42.58 -36.17 -52.68
N GLU K 17 -41.33 -36.61 -52.62
CA GLU K 17 -41.03 -38.01 -52.34
C GLU K 17 -39.64 -38.11 -51.74
N ARG K 18 -39.37 -39.28 -51.14
CA ARG K 18 -38.09 -39.54 -50.48
C ARG K 18 -37.08 -40.00 -51.52
N VAL K 19 -36.24 -39.09 -51.99
CA VAL K 19 -35.16 -39.41 -52.90
C VAL K 19 -33.90 -39.65 -52.08
N THR K 20 -33.19 -40.73 -52.37
CA THR K 20 -32.00 -41.10 -51.63
C THR K 20 -30.85 -41.35 -52.60
N ILE K 21 -29.71 -40.74 -52.33
CA ILE K 21 -28.49 -40.93 -53.10
C ILE K 21 -27.45 -41.56 -52.18
N THR K 22 -26.87 -42.67 -52.61
CA THR K 22 -25.93 -43.42 -51.80
C THR K 22 -24.53 -43.27 -52.38
N CYS K 23 -23.56 -42.98 -51.50
CA CYS K 23 -22.16 -42.86 -51.88
C CYS K 23 -21.37 -43.89 -51.08
N ARG K 24 -20.83 -44.88 -51.77
CA ARG K 24 -20.00 -45.90 -51.16
C ARG K 24 -18.53 -45.47 -51.18
N ALA K 25 -17.73 -46.16 -50.39
CA ALA K 25 -16.31 -45.89 -50.31
C ALA K 25 -15.52 -47.18 -50.45
N SER K 26 -14.34 -47.08 -51.04
CA SER K 26 -13.45 -48.21 -51.22
C SER K 26 -12.56 -48.48 -50.01
N GLN K 27 -12.66 -47.63 -48.98
CA GLN K 27 -11.87 -47.84 -47.76
C GLN K 27 -12.54 -47.03 -46.66
N ASP K 28 -12.13 -47.31 -45.42
CA ASP K 28 -12.68 -46.61 -44.26
C ASP K 28 -12.48 -45.10 -44.43
N ILE K 29 -13.59 -44.37 -44.59
CA ILE K 29 -13.53 -42.93 -44.81
C ILE K 29 -13.88 -42.12 -43.56
N GLY K 30 -14.54 -42.72 -42.57
CA GLY K 30 -14.97 -41.98 -41.41
C GLY K 30 -16.15 -41.08 -41.72
N ASP K 31 -16.30 -40.03 -40.90
CA ASP K 31 -17.37 -39.07 -41.06
C ASP K 31 -16.98 -37.92 -42.00
N THR K 32 -15.82 -38.02 -42.64
CA THR K 32 -15.29 -36.93 -43.47
C THR K 32 -15.82 -37.09 -44.90
N LEU K 33 -17.05 -36.63 -45.11
CA LEU K 33 -17.66 -36.64 -46.43
C LEU K 33 -18.48 -35.38 -46.60
N ALA K 34 -18.59 -34.94 -47.86
CA ALA K 34 -19.31 -33.71 -48.19
C ALA K 34 -20.18 -33.97 -49.41
N TRP K 35 -21.24 -33.18 -49.54
CA TRP K 35 -22.16 -33.28 -50.66
C TRP K 35 -22.26 -31.92 -51.34
N TYR K 36 -22.16 -31.94 -52.67
CA TYR K 36 -22.19 -30.73 -53.48
C TYR K 36 -23.35 -30.79 -54.45
N GLN K 37 -24.07 -29.68 -54.57
CA GLN K 37 -25.16 -29.53 -55.53
C GLN K 37 -24.69 -28.61 -56.65
N GLN K 38 -24.69 -29.13 -57.87
CA GLN K 38 -24.25 -28.37 -59.04
C GLN K 38 -25.45 -28.12 -59.95
N GLN K 39 -25.76 -26.87 -60.17
CA GLN K 39 -26.77 -26.51 -61.15
C GLN K 39 -26.11 -26.17 -62.48
N PRO K 40 -26.85 -26.23 -63.59
CA PRO K 40 -26.23 -25.95 -64.89
C PRO K 40 -25.63 -24.56 -64.93
N GLY K 41 -24.43 -24.46 -65.52
CA GLY K 41 -23.75 -23.19 -65.66
C GLY K 41 -23.28 -22.57 -64.36
N ARG K 42 -23.31 -23.32 -63.26
CA ARG K 42 -22.92 -22.80 -61.95
C ARG K 42 -21.89 -23.72 -61.31
N PRO K 43 -21.01 -23.18 -60.48
CA PRO K 43 -20.03 -24.03 -59.78
C PRO K 43 -20.71 -24.89 -58.73
N PRO K 44 -20.12 -26.01 -58.35
CA PRO K 44 -20.73 -26.85 -57.32
C PRO K 44 -20.93 -26.08 -56.03
N PHE K 45 -22.07 -26.32 -55.38
CA PHE K 45 -22.43 -25.66 -54.13
C PHE K 45 -22.48 -26.70 -53.02
N LEU K 46 -21.73 -26.45 -51.95
CA LEU K 46 -21.72 -27.36 -50.81
C LEU K 46 -23.05 -27.27 -50.07
N VAL K 47 -23.66 -28.42 -49.81
CA VAL K 47 -24.92 -28.49 -49.08
C VAL K 47 -24.76 -29.21 -47.75
N VAL K 48 -24.08 -30.35 -47.74
CA VAL K 48 -23.87 -31.14 -46.54
C VAL K 48 -22.38 -31.46 -46.43
N TYR K 49 -21.80 -31.16 -45.27
CA TYR K 49 -20.41 -31.51 -44.98
C TYR K 49 -20.36 -32.24 -43.65
N ARG K 50 -19.30 -33.03 -43.48
CA ARG K 50 -19.13 -33.91 -42.33
C ARG K 50 -20.10 -35.07 -42.35
N ALA K 51 -20.91 -35.20 -43.42
CA ALA K 51 -21.85 -36.30 -43.61
C ALA K 51 -23.09 -36.14 -42.74
N SER K 52 -23.11 -35.13 -41.86
CA SER K 52 -24.27 -34.91 -41.01
C SER K 52 -24.67 -33.44 -40.96
N THR K 53 -23.71 -32.54 -41.14
CA THR K 53 -23.95 -31.12 -40.93
C THR K 53 -24.42 -30.46 -42.23
N LEU K 54 -25.20 -29.41 -42.07
CA LEU K 54 -25.79 -28.68 -43.19
C LEU K 54 -25.11 -27.33 -43.36
N ASN K 55 -24.81 -26.98 -44.61
CA ASN K 55 -24.17 -25.72 -44.92
C ASN K 55 -25.14 -24.57 -44.63
N TYR K 56 -24.60 -23.35 -44.72
CA TYR K 56 -25.41 -22.16 -44.49
C TYR K 56 -26.42 -21.99 -45.62
N GLY K 57 -27.66 -21.69 -45.27
CA GLY K 57 -28.68 -21.32 -46.23
C GLY K 57 -29.38 -22.47 -46.93
N VAL K 58 -28.99 -23.71 -46.66
CA VAL K 58 -29.64 -24.86 -47.29
C VAL K 58 -30.96 -25.14 -46.57
N PRO K 59 -32.02 -25.52 -47.27
CA PRO K 59 -33.26 -25.87 -46.58
C PRO K 59 -33.09 -27.12 -45.71
N SER K 60 -33.86 -27.14 -44.62
CA SER K 60 -33.76 -28.22 -43.64
C SER K 60 -34.20 -29.57 -44.19
N ARG K 61 -34.93 -29.60 -45.30
CA ARG K 61 -35.39 -30.88 -45.84
C ARG K 61 -34.22 -31.80 -46.19
N PHE K 62 -33.07 -31.23 -46.51
CA PHE K 62 -31.89 -32.03 -46.79
C PHE K 62 -31.43 -32.75 -45.52
N SER K 63 -30.75 -33.88 -45.72
CA SER K 63 -30.20 -34.62 -44.59
C SER K 63 -29.18 -35.62 -45.10
N GLY K 64 -28.25 -35.98 -44.23
CA GLY K 64 -27.25 -36.97 -44.55
C GLY K 64 -26.90 -37.78 -43.31
N GLY K 65 -26.25 -38.91 -43.56
CA GLY K 65 -25.90 -39.80 -42.46
C GLY K 65 -25.01 -40.93 -42.93
N GLY K 66 -24.69 -41.80 -42.00
CA GLY K 66 -23.82 -42.92 -42.26
C GLY K 66 -22.38 -42.65 -41.83
N SER K 67 -21.60 -43.71 -41.75
CA SER K 67 -20.20 -43.60 -41.38
C SER K 67 -19.47 -44.86 -41.82
N GLY K 68 -18.14 -44.77 -41.86
CA GLY K 68 -17.32 -45.90 -42.22
C GLY K 68 -17.20 -46.10 -43.71
N THR K 69 -18.25 -46.66 -44.33
CA THR K 69 -18.28 -46.82 -45.78
C THR K 69 -19.60 -46.44 -46.44
N ARG K 70 -20.72 -46.43 -45.71
CA ARG K 70 -22.04 -46.21 -46.29
C ARG K 70 -22.54 -44.82 -45.94
N PHE K 71 -22.99 -44.07 -46.94
CA PHE K 71 -23.51 -42.73 -46.74
C PHE K 71 -24.72 -42.51 -47.64
N THR K 72 -25.60 -41.61 -47.21
CA THR K 72 -26.83 -41.31 -47.92
C THR K 72 -27.11 -39.82 -47.89
N LEU K 73 -27.89 -39.36 -48.86
CA LEU K 73 -28.38 -37.99 -48.91
C LEU K 73 -29.85 -38.03 -49.25
N THR K 74 -30.70 -37.63 -48.30
CA THR K 74 -32.14 -37.76 -48.43
C THR K 74 -32.80 -36.39 -48.40
N ILE K 75 -33.80 -36.20 -49.26
CA ILE K 75 -34.61 -34.99 -49.28
C ILE K 75 -36.07 -35.39 -49.08
N SER K 76 -36.71 -34.78 -48.09
CA SER K 76 -38.08 -35.16 -47.75
C SER K 76 -39.07 -34.65 -48.80
N SER K 77 -39.13 -33.33 -48.98
CA SER K 77 -40.05 -32.73 -49.93
C SER K 77 -39.29 -32.17 -51.13
N LEU K 78 -39.17 -32.96 -52.19
CA LEU K 78 -38.35 -32.57 -53.33
C LEU K 78 -39.02 -31.46 -54.12
N GLN K 79 -38.69 -30.22 -53.81
CA GLN K 79 -39.25 -29.05 -54.50
C GLN K 79 -38.53 -28.85 -55.82
N PRO K 80 -39.10 -28.09 -56.77
CA PRO K 80 -38.52 -28.01 -58.12
C PRO K 80 -37.18 -27.28 -58.22
N ALA K 81 -36.68 -26.72 -57.13
CA ALA K 81 -35.34 -26.11 -57.11
C ALA K 81 -34.27 -27.09 -56.66
N ASP K 82 -34.65 -28.36 -56.43
CA ASP K 82 -33.72 -29.38 -55.96
C ASP K 82 -33.16 -30.21 -57.11
N SER K 83 -33.15 -29.66 -58.31
CA SER K 83 -32.67 -30.36 -59.50
C SER K 83 -31.19 -30.09 -59.72
N GLY K 84 -30.53 -31.05 -60.35
CA GLY K 84 -29.11 -30.97 -60.62
C GLY K 84 -28.37 -32.19 -60.09
N THR K 85 -27.14 -32.34 -60.60
CA THR K 85 -26.31 -33.46 -60.22
C THR K 85 -25.66 -33.22 -58.87
N TYR K 86 -25.34 -34.32 -58.18
CA TYR K 86 -24.76 -34.29 -56.85
C TYR K 86 -23.47 -35.10 -56.83
N PHE K 87 -22.52 -34.65 -55.99
CA PHE K 87 -21.24 -35.32 -55.86
C PHE K 87 -20.89 -35.51 -54.40
N CYS K 88 -20.15 -36.57 -54.11
CA CYS K 88 -19.62 -36.82 -52.77
C CYS K 88 -18.10 -36.81 -52.83
N GLN K 89 -17.48 -36.17 -51.83
CA GLN K 89 -16.04 -36.01 -51.77
C GLN K 89 -15.52 -36.52 -50.42
N GLN K 90 -14.33 -37.10 -50.45
CA GLN K 90 -13.68 -37.60 -49.26
C GLN K 90 -12.54 -36.67 -48.85
N PHE K 91 -12.38 -36.49 -47.54
CA PHE K 91 -11.52 -35.44 -47.00
C PHE K 91 -10.60 -36.00 -45.91
N LYS K 92 -10.00 -37.16 -46.15
CA LYS K 92 -9.00 -37.69 -45.23
C LYS K 92 -7.76 -38.25 -45.89
N THR K 93 -7.80 -38.59 -47.18
CA THR K 93 -6.65 -39.18 -47.83
C THR K 93 -5.88 -38.12 -48.61
N PHE K 94 -4.65 -38.46 -48.98
CA PHE K 94 -3.78 -37.50 -49.65
C PHE K 94 -4.47 -36.83 -50.84
N PRO K 95 -5.14 -37.56 -51.75
CA PRO K 95 -6.04 -36.89 -52.69
C PRO K 95 -7.47 -36.88 -52.21
N PHE K 96 -8.17 -35.76 -52.42
CA PHE K 96 -9.56 -35.61 -51.98
C PHE K 96 -10.46 -35.86 -53.19
N THR K 97 -10.58 -37.14 -53.54
CA THR K 97 -11.26 -37.53 -54.78
C THR K 97 -12.76 -37.30 -54.67
N PHE K 98 -13.39 -37.14 -55.84
CA PHE K 98 -14.82 -36.92 -55.96
C PHE K 98 -15.51 -38.23 -56.36
N GLY K 99 -16.82 -38.15 -56.61
CA GLY K 99 -17.57 -39.28 -57.06
C GLY K 99 -18.13 -39.07 -58.45
N PRO K 100 -18.50 -40.16 -59.14
CA PRO K 100 -18.99 -40.01 -60.53
C PRO K 100 -20.14 -39.05 -60.67
N GLY K 101 -21.08 -39.05 -59.73
CA GLY K 101 -22.19 -38.11 -59.75
C GLY K 101 -23.51 -38.74 -60.13
N THR K 102 -24.61 -38.20 -59.61
CA THR K 102 -25.95 -38.70 -59.93
C THR K 102 -26.84 -37.52 -60.26
N LYS K 103 -27.60 -37.65 -61.34
CA LYS K 103 -28.51 -36.61 -61.82
C LYS K 103 -29.93 -36.96 -61.41
N VAL K 104 -30.70 -35.96 -61.00
CA VAL K 104 -32.08 -36.13 -60.59
C VAL K 104 -32.98 -35.56 -61.68
N GLU K 105 -33.98 -36.34 -62.11
CA GLU K 105 -34.86 -35.95 -63.19
C GLU K 105 -36.10 -35.28 -62.62
N VAL K 106 -36.31 -34.02 -63.01
CA VAL K 106 -37.49 -33.27 -62.57
C VAL K 106 -37.99 -32.39 -63.71
N GLN L 1 -17.68 -10.01 -48.42
CA GLN L 1 -16.64 -10.59 -47.51
C GLN L 1 -16.15 -11.93 -48.06
N SER L 2 -16.16 -12.08 -49.37
CA SER L 2 -15.82 -13.34 -50.00
C SER L 2 -15.52 -13.08 -51.48
N TYR L 3 -15.48 -14.15 -52.27
CA TYR L 3 -15.45 -14.16 -53.73
C TYR L 3 -14.05 -14.37 -54.27
N LEU L 4 -13.90 -15.39 -55.12
CA LEU L 4 -12.69 -15.63 -55.88
C LEU L 4 -13.04 -15.52 -57.35
N VAL L 5 -12.30 -14.70 -58.09
CA VAL L 5 -12.56 -14.44 -59.50
C VAL L 5 -11.36 -14.89 -60.32
N GLN L 6 -11.60 -15.69 -61.34
CA GLN L 6 -10.56 -16.23 -62.19
C GLN L 6 -10.39 -15.35 -63.43
N SER L 7 -9.55 -15.80 -64.36
CA SER L 7 -9.30 -15.08 -65.60
C SER L 7 -10.30 -15.55 -66.66
N GLY L 8 -10.12 -15.07 -67.89
CA GLY L 8 -10.99 -15.46 -68.99
C GLY L 8 -10.54 -16.76 -69.64
N PRO L 9 -11.35 -17.27 -70.56
CA PRO L 9 -10.98 -18.51 -71.24
C PRO L 9 -9.77 -18.33 -72.14
N GLU L 10 -9.06 -19.44 -72.37
CA GLU L 10 -7.91 -19.47 -73.25
C GLU L 10 -8.00 -20.65 -74.20
N VAL L 11 -7.49 -20.46 -75.40
CA VAL L 11 -7.43 -21.50 -76.42
C VAL L 11 -5.96 -21.70 -76.74
N LYS L 12 -5.33 -22.66 -76.06
CA LYS L 12 -3.89 -22.89 -76.17
C LYS L 12 -3.63 -24.14 -77.02
N LYS L 13 -2.68 -24.03 -77.94
CA LYS L 13 -2.35 -25.15 -78.79
C LYS L 13 -1.68 -26.26 -77.97
N PRO L 14 -1.82 -27.52 -78.40
CA PRO L 14 -1.21 -28.62 -77.63
C PRO L 14 0.30 -28.44 -77.49
N GLY L 15 0.82 -28.86 -76.33
CA GLY L 15 2.22 -28.78 -76.04
C GLY L 15 2.67 -27.49 -75.41
N THR L 16 1.80 -26.48 -75.32
CA THR L 16 2.16 -25.19 -74.76
C THR L 16 2.01 -25.23 -73.24
N ALA L 17 2.15 -24.06 -72.60
CA ALA L 17 1.98 -23.93 -71.17
C ALA L 17 0.92 -22.87 -70.91
N VAL L 18 0.02 -23.15 -69.96
CA VAL L 18 -1.09 -22.27 -69.63
C VAL L 18 -1.04 -21.97 -68.14
N LYS L 19 -1.18 -20.70 -67.79
CA LYS L 19 -1.25 -20.26 -66.41
C LYS L 19 -2.59 -19.57 -66.18
N VAL L 20 -3.32 -20.01 -65.16
CA VAL L 20 -4.60 -19.43 -64.79
C VAL L 20 -4.48 -18.83 -63.40
N SER L 21 -4.99 -17.61 -63.23
CA SER L 21 -4.85 -16.86 -62.00
C SER L 21 -6.21 -16.72 -61.32
N CYS L 22 -6.25 -17.04 -60.03
CA CYS L 22 -7.44 -16.88 -59.21
C CYS L 22 -7.16 -15.76 -58.21
N GLN L 23 -7.99 -14.72 -58.25
CA GLN L 23 -7.78 -13.53 -57.43
C GLN L 23 -8.75 -13.54 -56.26
N ALA L 24 -8.22 -13.31 -55.06
CA ALA L 24 -9.01 -13.30 -53.83
C ALA L 24 -9.10 -11.88 -53.29
N SER L 25 -10.29 -11.52 -52.80
CA SER L 25 -10.51 -10.17 -52.30
C SER L 25 -11.59 -10.19 -51.24
N ARG L 26 -11.57 -9.15 -50.39
CA ARG L 26 -12.60 -8.87 -49.40
C ARG L 26 -12.58 -9.85 -48.23
N TYR L 27 -11.48 -10.54 -47.98
CA TYR L 27 -11.37 -11.42 -46.82
C TYR L 27 -9.90 -11.68 -46.55
N PRO L 28 -9.55 -12.14 -45.34
CA PRO L 28 -8.14 -12.43 -45.05
C PRO L 28 -7.60 -13.54 -45.92
N PHE L 29 -6.70 -13.19 -46.83
CA PHE L 29 -6.26 -14.16 -47.83
C PHE L 29 -5.50 -15.32 -47.19
N THR L 30 -4.61 -15.03 -46.24
CA THR L 30 -3.70 -16.04 -45.73
C THR L 30 -4.37 -17.04 -44.79
N PHE L 31 -5.61 -16.78 -44.37
CA PHE L 31 -6.22 -17.61 -43.34
C PHE L 31 -6.75 -18.94 -43.88
N PHE L 32 -7.22 -18.96 -45.12
CA PHE L 32 -7.88 -20.14 -45.67
C PHE L 32 -7.08 -20.67 -46.86
N GLY L 33 -7.00 -21.99 -46.95
CA GLY L 33 -6.31 -22.61 -48.07
C GLY L 33 -7.08 -22.49 -49.37
N ILE L 34 -6.40 -22.84 -50.46
CA ILE L 34 -6.98 -22.76 -51.80
C ILE L 34 -6.79 -24.11 -52.48
N SER L 35 -7.85 -24.60 -53.11
CA SER L 35 -7.83 -25.87 -53.84
C SER L 35 -8.18 -25.63 -55.30
N TRP L 36 -7.63 -26.47 -56.17
CA TRP L 36 -7.91 -26.41 -57.60
C TRP L 36 -8.53 -27.73 -58.04
N VAL L 37 -9.66 -27.65 -58.75
CA VAL L 37 -10.30 -28.82 -59.31
C VAL L 37 -10.66 -28.53 -60.76
N ARG L 38 -10.72 -29.59 -61.56
CA ARG L 38 -11.05 -29.50 -62.98
C ARG L 38 -12.23 -30.41 -63.29
N GLN L 39 -13.14 -29.92 -64.12
CA GLN L 39 -14.38 -30.62 -64.45
C GLN L 39 -14.53 -30.66 -65.96
N ALA L 40 -14.17 -31.79 -66.57
CA ALA L 40 -14.29 -31.91 -68.01
C ALA L 40 -15.75 -31.86 -68.43
N PRO L 41 -16.05 -31.38 -69.63
CA PRO L 41 -17.45 -31.31 -70.07
C PRO L 41 -18.11 -32.67 -70.03
N GLY L 42 -19.36 -32.69 -69.56
CA GLY L 42 -20.08 -33.95 -69.43
C GLY L 42 -19.43 -34.93 -68.50
N LYS L 43 -18.77 -34.44 -67.46
CA LYS L 43 -18.07 -35.29 -66.49
C LYS L 43 -18.18 -34.66 -65.11
N GLY L 44 -17.52 -35.28 -64.14
CA GLY L 44 -17.52 -34.79 -62.79
C GLY L 44 -16.21 -34.11 -62.43
N PRO L 45 -16.20 -33.31 -61.37
CA PRO L 45 -14.98 -32.60 -60.99
C PRO L 45 -13.88 -33.57 -60.59
N GLN L 46 -12.64 -33.14 -60.82
CA GLN L 46 -11.45 -33.90 -60.45
C GLN L 46 -10.58 -33.03 -59.56
N TRP L 47 -10.22 -33.55 -58.39
CA TRP L 47 -9.34 -32.82 -57.48
C TRP L 47 -7.91 -32.84 -58.02
N MET L 48 -7.25 -31.68 -57.97
CA MET L 48 -5.90 -31.54 -58.51
C MET L 48 -4.88 -31.21 -57.45
N GLY L 49 -5.09 -30.16 -56.65
CA GLY L 49 -4.09 -29.78 -55.67
C GLY L 49 -4.65 -28.80 -54.66
N TRP L 50 -3.89 -28.64 -53.58
CA TRP L 50 -4.26 -27.76 -52.47
C TRP L 50 -3.04 -26.95 -52.08
N ILE L 51 -3.19 -25.62 -52.05
CA ILE L 51 -2.08 -24.72 -51.76
C ILE L 51 -2.47 -23.86 -50.57
N SER L 52 -1.55 -23.73 -49.61
CA SER L 52 -1.76 -22.91 -48.42
C SER L 52 -1.18 -21.53 -48.69
N PRO L 53 -2.00 -20.47 -48.73
CA PRO L 53 -1.44 -19.14 -49.00
C PRO L 53 -0.75 -18.53 -47.79
N TYR L 54 -0.56 -19.31 -46.73
CA TYR L 54 0.10 -18.83 -45.52
C TYR L 54 1.60 -19.12 -45.56
N ASN L 55 1.97 -20.39 -45.69
CA ASN L 55 3.36 -20.81 -45.72
C ASN L 55 3.78 -21.43 -47.05
N GLY L 56 2.91 -21.39 -48.06
CA GLY L 56 3.26 -21.90 -49.36
C GLY L 56 3.23 -23.41 -49.49
N HIS L 57 3.00 -24.13 -48.41
CA HIS L 57 2.95 -25.58 -48.47
C HIS L 57 1.88 -26.03 -49.46
N ALA L 58 2.21 -26.98 -50.31
CA ALA L 58 1.33 -27.41 -51.39
C ALA L 58 1.18 -28.92 -51.37
N ILE L 59 0.03 -29.37 -51.88
CA ILE L 59 -0.29 -30.78 -52.04
C ILE L 59 -0.67 -31.03 -53.49
N TYR L 60 -0.09 -32.07 -54.09
CA TYR L 60 -0.26 -32.34 -55.51
C TYR L 60 -0.76 -33.76 -55.72
N LEU L 61 -1.31 -33.99 -56.91
CA LEU L 61 -1.79 -35.30 -57.31
C LEU L 61 -0.73 -35.99 -58.17
N ASP L 62 -0.59 -37.31 -57.95
CA ASP L 62 0.53 -38.03 -58.54
C ASP L 62 0.59 -37.86 -60.06
N GLU L 63 -0.53 -38.06 -60.74
CA GLU L 63 -0.55 -37.92 -62.20
C GLU L 63 -0.09 -36.53 -62.62
N LEU L 64 -0.40 -35.51 -61.83
CA LEU L 64 0.03 -34.14 -62.10
C LEU L 64 1.27 -33.75 -61.30
N LYS L 65 1.90 -34.71 -60.63
CA LYS L 65 3.03 -34.37 -59.75
C LYS L 65 4.16 -33.72 -60.52
N ASP L 66 4.52 -34.28 -61.67
CA ASP L 66 5.67 -33.79 -62.44
C ASP L 66 5.29 -32.72 -63.45
N ARG L 67 4.00 -32.43 -63.63
CA ARG L 67 3.55 -31.48 -64.62
C ARG L 67 2.99 -30.19 -64.03
N LEU L 68 2.44 -30.24 -62.82
CA LEU L 68 1.70 -29.13 -62.24
C LEU L 68 2.45 -28.56 -61.05
N THR L 69 2.51 -27.23 -60.98
CA THR L 69 3.06 -26.53 -59.83
C THR L 69 2.16 -25.35 -59.49
N LEU L 70 1.91 -25.17 -58.19
CA LEU L 70 1.05 -24.12 -57.68
C LEU L 70 1.88 -23.10 -56.92
N THR L 71 1.62 -21.82 -57.16
CA THR L 71 2.28 -20.74 -56.47
C THR L 71 1.25 -19.71 -56.03
N THR L 72 1.56 -18.99 -54.96
CA THR L 72 0.65 -18.03 -54.36
C THR L 72 1.37 -16.70 -54.17
N ASP L 73 0.63 -15.61 -54.36
CA ASP L 73 1.13 -14.26 -54.16
C ASP L 73 0.34 -13.59 -53.05
N THR L 74 1.04 -12.97 -52.11
CA THR L 74 0.43 -12.40 -50.91
C THR L 74 0.10 -10.92 -51.05
N ASP L 75 0.98 -10.13 -51.65
CA ASP L 75 0.79 -8.68 -51.66
C ASP L 75 -0.50 -8.30 -52.38
N THR L 76 -0.77 -8.92 -53.53
CA THR L 76 -1.99 -8.65 -54.28
C THR L 76 -3.06 -9.71 -54.07
N THR L 77 -2.81 -10.73 -53.25
CA THR L 77 -3.81 -11.74 -52.91
C THR L 77 -4.34 -12.42 -54.18
N THR L 78 -3.44 -13.11 -54.87
CA THR L 78 -3.78 -13.83 -56.08
C THR L 78 -3.15 -15.22 -56.05
N ALA L 79 -3.90 -16.20 -56.53
CA ALA L 79 -3.44 -17.58 -56.61
C ALA L 79 -3.22 -17.96 -58.07
N TYR L 80 -2.04 -18.51 -58.37
CA TYR L 80 -1.64 -18.83 -59.73
C TYR L 80 -1.54 -20.35 -59.87
N MET L 81 -2.05 -20.87 -60.99
CA MET L 81 -1.88 -22.27 -61.33
C MET L 81 -1.34 -22.36 -62.75
N GLU L 82 -0.22 -23.05 -62.92
CA GLU L 82 0.41 -23.21 -64.22
C GLU L 82 0.52 -24.69 -64.54
N LEU L 83 0.20 -25.03 -65.80
CA LEU L 83 0.27 -26.41 -66.27
C LEU L 83 1.04 -26.43 -67.58
N ARG L 84 1.93 -27.42 -67.71
CA ARG L 84 2.78 -27.56 -68.88
C ARG L 84 2.59 -28.95 -69.48
N ASN L 85 3.00 -29.08 -70.75
CA ASN L 85 2.81 -30.32 -71.50
C ASN L 85 1.32 -30.67 -71.58
N LEU L 86 0.57 -29.78 -72.23
CA LEU L 86 -0.89 -29.87 -72.26
C LEU L 86 -1.31 -30.95 -73.25
N ARG L 87 -1.74 -32.08 -72.71
CA ARG L 87 -2.28 -33.15 -73.54
C ARG L 87 -3.64 -32.75 -74.11
N SER L 88 -4.09 -33.50 -75.11
CA SER L 88 -5.37 -33.19 -75.75
C SER L 88 -6.54 -33.41 -74.82
N ALA L 89 -6.37 -34.19 -73.76
CA ALA L 89 -7.45 -34.51 -72.84
C ALA L 89 -7.55 -33.54 -71.68
N ASP L 90 -6.70 -32.52 -71.61
CA ASP L 90 -6.72 -31.56 -70.52
C ASP L 90 -7.84 -30.55 -70.64
N THR L 91 -8.56 -30.51 -71.75
CA THR L 91 -9.64 -29.56 -71.93
C THR L 91 -10.70 -29.78 -70.86
N ALA L 92 -10.87 -28.81 -69.97
CA ALA L 92 -11.84 -28.91 -68.90
C ALA L 92 -12.01 -27.54 -68.26
N VAL L 93 -13.10 -27.39 -67.52
CA VAL L 93 -13.35 -26.17 -66.75
C VAL L 93 -12.57 -26.26 -65.45
N TYR L 94 -11.80 -25.22 -65.15
CA TYR L 94 -10.93 -25.20 -63.98
C TYR L 94 -11.51 -24.26 -62.93
N PHE L 95 -11.60 -24.75 -61.70
CA PHE L 95 -12.16 -24.00 -60.58
C PHE L 95 -11.10 -23.81 -59.51
N CYS L 96 -11.15 -22.66 -58.84
CA CYS L 96 -10.40 -22.42 -57.61
C CYS L 96 -11.40 -22.28 -56.48
N ALA L 97 -11.26 -23.11 -55.46
CA ALA L 97 -12.23 -23.20 -54.38
C ALA L 97 -11.57 -22.82 -53.06
N ARG L 98 -12.22 -21.95 -52.31
CA ARG L 98 -11.69 -21.53 -51.02
C ARG L 98 -11.93 -22.60 -49.96
N ASP L 99 -11.06 -22.62 -48.97
CA ASP L 99 -11.14 -23.61 -47.91
C ASP L 99 -12.26 -23.26 -46.94
N HIS L 100 -12.93 -24.28 -46.42
CA HIS L 100 -14.10 -24.08 -45.58
C HIS L 100 -13.75 -23.33 -44.30
N THR L 101 -12.75 -23.82 -43.57
CA THR L 101 -12.33 -23.21 -42.31
C THR L 101 -10.82 -23.01 -42.30
N ARG L 102 -10.29 -22.51 -41.18
CA ARG L 102 -8.86 -22.25 -41.08
C ARG L 102 -8.06 -23.49 -40.72
N GLN L 103 -8.71 -24.63 -40.48
CA GLN L 103 -8.02 -25.84 -40.06
C GLN L 103 -8.94 -27.02 -40.29
N ASP L 104 -8.45 -28.05 -40.98
CA ASP L 104 -9.23 -29.27 -41.21
C ASP L 104 -10.61 -28.94 -41.75
N SER L 105 -10.61 -28.33 -42.94
CA SER L 105 -11.83 -27.73 -43.47
C SER L 105 -12.91 -28.76 -43.75
N ARG L 106 -12.59 -29.79 -44.51
CA ARG L 106 -13.58 -30.79 -44.93
C ARG L 106 -14.76 -30.12 -45.62
N GLY L 107 -14.45 -29.40 -46.69
CA GLY L 107 -15.45 -28.71 -47.49
C GLY L 107 -14.84 -27.52 -48.19
N TYR L 108 -15.58 -27.01 -49.18
CA TYR L 108 -15.17 -25.83 -49.93
C TYR L 108 -16.28 -24.80 -49.86
N ASP L 109 -15.92 -23.58 -49.46
CA ASP L 109 -16.92 -22.57 -49.16
C ASP L 109 -17.30 -21.76 -50.40
N PHE L 110 -16.30 -21.21 -51.10
CA PHE L 110 -16.54 -20.36 -52.25
C PHE L 110 -15.71 -20.85 -53.43
N TRP L 111 -16.29 -20.71 -54.62
CA TRP L 111 -15.67 -21.14 -55.87
C TRP L 111 -15.50 -19.94 -56.80
N GLY L 112 -14.89 -20.21 -57.95
CA GLY L 112 -14.83 -19.26 -59.03
C GLY L 112 -15.79 -19.63 -60.16
N GLN L 113 -15.94 -18.71 -61.10
CA GLN L 113 -16.84 -18.93 -62.23
C GLN L 113 -16.34 -19.99 -63.20
N GLY L 114 -15.05 -20.29 -63.19
CA GLY L 114 -14.49 -21.31 -64.06
C GLY L 114 -13.74 -20.71 -65.24
N THR L 115 -12.78 -21.46 -65.76
CA THR L 115 -11.98 -21.05 -66.91
C THR L 115 -11.84 -22.26 -67.82
N LEU L 116 -12.63 -22.29 -68.89
CA LEU L 116 -12.61 -23.41 -69.84
C LEU L 116 -11.46 -23.21 -70.82
N VAL L 117 -10.49 -24.12 -70.77
CA VAL L 117 -9.34 -24.08 -71.66
C VAL L 117 -9.45 -25.23 -72.65
N THR L 118 -9.16 -24.92 -73.92
CA THR L 118 -9.28 -25.88 -75.02
C THR L 118 -7.89 -26.28 -75.47
N VAL L 119 -7.64 -27.58 -75.50
CA VAL L 119 -6.37 -28.13 -75.98
C VAL L 119 -6.63 -29.40 -76.78
N ALA M 6 8.86 -39.00 21.06
CA ALA M 6 8.32 -38.08 20.07
C ALA M 6 7.63 -36.91 20.76
N MET M 7 8.03 -35.69 20.38
CA MET M 7 7.45 -34.48 20.95
C MET M 7 7.20 -33.48 19.83
N ILE M 8 6.20 -32.62 20.04
CA ILE M 8 5.89 -31.58 19.05
C ILE M 8 6.98 -30.51 19.08
N PHE M 9 7.24 -29.92 17.93
CA PHE M 9 8.25 -28.89 17.77
C PHE M 9 7.58 -27.54 17.57
N GLY M 10 8.39 -26.49 17.64
CA GLY M 10 7.96 -25.15 17.30
C GLY M 10 8.26 -24.83 15.85
N PHE M 11 8.18 -23.55 15.53
CA PHE M 11 8.49 -23.09 14.18
C PHE M 11 9.95 -23.33 13.89
N LEU M 12 10.23 -24.09 12.84
CA LEU M 12 11.59 -24.41 12.39
C LEU M 12 12.38 -25.19 13.44
N GLY M 13 11.70 -25.85 14.37
CA GLY M 13 12.40 -26.63 15.37
C GLY M 13 13.07 -27.87 14.85
N ALA M 14 12.59 -28.39 13.71
CA ALA M 14 13.14 -29.60 13.11
C ALA M 14 13.99 -29.28 11.88
N ALA M 15 14.67 -28.14 11.88
CA ALA M 15 15.52 -27.78 10.75
C ALA M 15 16.81 -28.61 10.74
N GLY M 16 17.26 -29.07 11.90
CA GLY M 16 18.47 -29.85 12.00
C GLY M 16 18.30 -31.34 11.92
N SER M 17 17.06 -31.83 11.91
CA SER M 17 16.80 -33.25 11.85
C SER M 17 16.72 -33.72 10.40
N THR M 18 16.94 -35.01 10.20
CA THR M 18 16.88 -35.57 8.87
C THR M 18 15.46 -35.44 8.31
N MET M 19 15.31 -35.75 7.02
CA MET M 19 14.02 -35.61 6.38
C MET M 19 12.98 -36.56 6.97
N GLY M 20 13.38 -37.80 7.24
CA GLY M 20 12.43 -38.77 7.74
C GLY M 20 11.74 -38.30 9.00
N ALA M 21 12.44 -37.52 9.83
CA ALA M 21 11.87 -36.98 11.04
C ALA M 21 11.31 -35.57 10.85
N ALA M 22 11.87 -34.79 9.94
CA ALA M 22 11.39 -33.43 9.71
C ALA M 22 10.08 -33.40 8.95
N SER M 23 9.78 -34.43 8.15
CA SER M 23 8.55 -34.44 7.36
C SER M 23 7.31 -34.63 8.22
N ASN M 24 7.46 -34.98 9.49
CA ASN M 24 6.33 -35.13 10.39
C ASN M 24 5.94 -33.82 11.07
N THR M 25 6.60 -32.72 10.73
CA THR M 25 6.33 -31.42 11.32
C THR M 25 6.10 -30.38 10.23
N LEU M 26 5.41 -30.77 9.16
CA LEU M 26 5.18 -29.83 8.07
C LEU M 26 4.12 -28.80 8.43
N THR M 27 3.07 -29.20 9.15
CA THR M 27 2.00 -28.27 9.47
C THR M 27 2.46 -27.20 10.45
N VAL M 28 3.60 -27.39 11.12
CA VAL M 28 4.09 -26.36 12.03
C VAL M 28 4.59 -25.16 11.25
N GLN M 29 5.34 -25.39 10.17
CA GLN M 29 5.81 -24.30 9.32
C GLN M 29 4.69 -23.76 8.44
N ALA M 30 3.84 -24.63 7.90
CA ALA M 30 2.81 -24.20 6.97
C ALA M 30 1.78 -23.33 7.65
N ARG M 31 1.51 -23.57 8.93
CA ARG M 31 0.48 -22.80 9.62
C ARG M 31 0.86 -21.34 9.81
N GLN M 32 2.15 -21.00 9.69
CA GLN M 32 2.62 -19.63 9.83
C GLN M 32 3.24 -19.19 8.51
N LEU M 33 2.39 -18.74 7.59
CA LEU M 33 2.84 -18.15 6.33
C LEU M 33 2.13 -16.86 5.97
N LEU M 34 0.97 -16.57 6.54
CA LEU M 34 0.25 -15.35 6.21
C LEU M 34 -0.20 -14.64 7.48
N SER M 35 -0.38 -15.39 8.57
CA SER M 35 -0.91 -14.85 9.80
C SER M 35 0.21 -14.35 10.69
N GLY M 36 0.05 -13.13 11.20
CA GLY M 36 1.05 -12.55 12.08
C GLY M 36 0.47 -11.35 12.80
N ILE M 37 1.30 -10.75 13.66
CA ILE M 37 0.88 -9.58 14.43
C ILE M 37 0.87 -8.31 13.59
N VAL M 38 1.35 -8.36 12.36
CA VAL M 38 1.38 -7.17 11.52
C VAL M 38 -0.03 -6.67 11.23
N GLN M 39 -1.02 -7.57 11.25
CA GLN M 39 -2.39 -7.22 10.92
C GLN M 39 -3.19 -6.70 12.11
N GLN M 40 -2.50 -6.18 13.12
CA GLN M 40 -3.17 -5.63 14.30
C GLN M 40 -3.64 -4.21 13.99
N GLN M 41 -4.18 -3.53 15.00
CA GLN M 41 -4.80 -2.23 14.82
C GLN M 41 -3.81 -1.07 14.92
N SER M 42 -2.54 -1.34 15.17
CA SER M 42 -1.52 -0.29 15.25
C SER M 42 -1.82 0.69 16.38
N ASN M 43 -2.25 0.15 17.52
CA ASN M 43 -2.57 0.97 18.69
C ASN M 43 -3.54 2.10 18.33
N HIS M 53 -0.16 15.07 10.68
CA HIS M 53 0.25 13.80 11.27
C HIS M 53 -0.79 12.72 11.03
N LEU M 54 -0.76 12.12 9.84
CA LEU M 54 -1.65 11.01 9.53
C LEU M 54 -1.00 9.73 10.03
N LEU M 55 -1.73 8.97 10.86
CA LEU M 55 -1.14 7.81 11.51
C LEU M 55 -0.67 6.77 10.50
N GLN M 56 -1.18 6.78 9.28
CA GLN M 56 -0.79 5.83 8.25
C GLN M 56 0.28 6.38 7.31
N LEU M 57 0.79 7.59 7.56
CA LEU M 57 1.90 8.14 6.80
C LEU M 57 3.15 8.35 7.66
N THR M 58 3.09 8.01 8.94
CA THR M 58 4.25 8.17 9.80
C THR M 58 5.37 7.24 9.34
N VAL M 59 6.51 7.32 10.04
CA VAL M 59 7.66 6.51 9.65
C VAL M 59 7.32 5.04 9.73
N TRP M 60 6.66 4.62 10.81
CA TRP M 60 6.31 3.22 11.00
C TRP M 60 4.90 2.89 10.52
N GLY M 61 4.11 3.89 10.14
CA GLY M 61 2.88 3.58 9.43
C GLY M 61 3.15 3.02 8.06
N ILE M 62 4.14 3.56 7.35
CA ILE M 62 4.51 3.03 6.05
C ILE M 62 5.20 1.68 6.19
N LYS M 63 6.11 1.55 7.15
CA LYS M 63 6.84 0.31 7.31
C LYS M 63 5.91 -0.85 7.64
N GLN M 64 4.81 -0.58 8.32
CA GLN M 64 3.84 -1.64 8.58
C GLN M 64 3.07 -2.01 7.31
N LEU M 65 2.67 -1.00 6.54
CA LEU M 65 1.90 -1.28 5.33
C LEU M 65 2.70 -2.13 4.35
N GLN M 66 3.99 -1.81 4.17
CA GLN M 66 4.82 -2.61 3.28
C GLN M 66 4.95 -4.04 3.75
N ALA M 67 5.03 -4.24 5.08
CA ALA M 67 5.09 -5.60 5.59
C ALA M 67 3.84 -6.39 5.28
N ARG M 68 2.67 -5.75 5.37
CA ARG M 68 1.42 -6.44 5.08
C ARG M 68 1.38 -6.92 3.64
N VAL M 69 1.84 -6.09 2.70
CA VAL M 69 1.86 -6.50 1.29
C VAL M 69 2.93 -7.57 1.07
N LEU M 70 4.06 -7.47 1.76
CA LEU M 70 5.10 -8.49 1.62
C LEU M 70 4.61 -9.84 2.13
N ALA M 71 3.90 -9.84 3.25
CA ALA M 71 3.37 -11.09 3.79
C ALA M 71 2.37 -11.74 2.87
N VAL M 72 1.71 -10.97 2.00
CA VAL M 72 0.71 -11.54 1.10
C VAL M 72 1.37 -12.07 -0.16
N GLU M 73 2.39 -11.37 -0.67
CA GLU M 73 3.10 -11.84 -1.84
C GLU M 73 3.82 -13.15 -1.57
N ARG M 74 4.41 -13.28 -0.38
CA ARG M 74 5.13 -14.52 -0.05
C ARG M 74 4.19 -15.71 0.01
N TYR M 75 2.99 -15.52 0.57
CA TYR M 75 2.02 -16.60 0.61
C TYR M 75 1.55 -16.97 -0.79
N LEU M 76 1.23 -15.96 -1.60
CA LEU M 76 0.73 -16.22 -2.94
C LEU M 76 1.79 -16.75 -3.88
N GLU M 77 3.06 -16.46 -3.61
CA GLU M 77 4.13 -16.99 -4.47
C GLU M 77 4.17 -18.51 -4.41
N VAL M 78 4.02 -19.08 -3.22
CA VAL M 78 3.99 -20.53 -3.08
C VAL M 78 2.66 -21.09 -3.57
N GLN M 79 1.57 -20.38 -3.31
CA GLN M 79 0.25 -20.88 -3.71
C GLN M 79 0.11 -20.91 -5.23
N LYS M 80 0.80 -20.03 -5.95
CA LYS M 80 0.72 -20.05 -7.40
C LYS M 80 1.23 -21.38 -7.95
N PHE M 81 2.35 -21.87 -7.40
CA PHE M 81 2.92 -23.12 -7.87
C PHE M 81 2.07 -24.32 -7.50
N LEU M 82 1.49 -24.31 -6.30
CA LEU M 82 0.63 -25.43 -5.91
C LEU M 82 -0.54 -25.58 -6.88
N GLY M 83 -1.11 -24.46 -7.32
CA GLY M 83 -2.25 -24.53 -8.23
C GLY M 83 -1.88 -25.08 -9.60
N LEU M 84 -0.75 -24.64 -10.15
CA LEU M 84 -0.37 -25.09 -11.48
C LEU M 84 -0.07 -26.59 -11.50
N TRP M 85 0.39 -27.14 -10.38
CA TRP M 85 0.78 -28.55 -10.31
C TRP M 85 -0.36 -29.46 -9.85
N GLY M 86 -1.54 -28.91 -9.60
CA GLY M 86 -2.65 -29.73 -9.16
C GLY M 86 -2.60 -30.16 -7.73
N CYS M 87 -1.84 -29.46 -6.89
CA CYS M 87 -1.63 -29.83 -5.50
C CYS M 87 -2.33 -28.88 -4.52
N SER M 88 -3.33 -28.14 -4.99
CA SER M 88 -4.04 -27.21 -4.13
C SER M 88 -4.71 -27.96 -2.97
N GLY M 89 -4.55 -27.43 -1.76
CA GLY M 89 -5.20 -28.01 -0.61
C GLY M 89 -4.59 -29.31 -0.13
N LYS M 90 -3.29 -29.50 -0.29
CA LYS M 90 -2.61 -30.71 0.16
C LYS M 90 -1.31 -30.34 0.84
N ILE M 91 -0.97 -31.07 1.91
CA ILE M 91 0.32 -30.87 2.56
C ILE M 91 1.42 -31.60 1.79
N ILE M 92 1.22 -32.89 1.54
CA ILE M 92 2.12 -33.68 0.71
C ILE M 92 1.35 -34.14 -0.50
N CYS M 93 1.82 -33.76 -1.69
CA CYS M 93 1.14 -34.03 -2.94
C CYS M 93 1.99 -34.92 -3.82
N CYS M 94 1.42 -36.00 -4.32
CA CYS M 94 2.10 -36.91 -5.22
C CYS M 94 1.86 -36.49 -6.65
N THR M 95 2.89 -36.60 -7.48
CA THR M 95 2.82 -36.21 -8.88
C THR M 95 3.10 -37.41 -9.77
N ALA M 96 2.95 -37.21 -11.07
CA ALA M 96 3.17 -38.25 -12.07
C ALA M 96 4.44 -38.01 -12.88
N VAL M 97 5.38 -37.24 -12.34
CA VAL M 97 6.64 -36.93 -13.02
C VAL M 97 7.69 -37.89 -12.50
N PRO M 98 8.23 -38.79 -13.33
CA PRO M 98 9.27 -39.69 -12.84
C PRO M 98 10.50 -38.92 -12.41
N TRP M 99 11.17 -39.40 -11.36
CA TRP M 99 12.41 -38.79 -10.93
C TRP M 99 13.51 -39.07 -11.96
N ASN M 100 14.25 -38.02 -12.30
CA ASN M 100 15.33 -38.10 -13.28
C ASN M 100 16.65 -38.24 -12.53
N SER M 101 17.39 -39.31 -12.81
CA SER M 101 18.61 -39.58 -12.06
C SER M 101 19.77 -38.74 -12.58
N THR M 102 19.52 -37.45 -12.77
CA THR M 102 20.56 -36.48 -13.09
C THR M 102 20.45 -35.33 -12.10
N TRP M 103 19.22 -35.08 -11.63
CA TRP M 103 19.03 -34.14 -10.54
C TRP M 103 19.68 -34.65 -9.27
N SER M 104 19.50 -35.93 -8.97
CA SER M 104 20.24 -36.59 -7.89
C SER M 104 19.99 -38.09 -7.99
N ASN M 105 21.05 -38.87 -7.83
CA ASN M 105 20.98 -40.32 -7.93
C ASN M 105 21.15 -41.01 -6.59
N LYS M 106 20.82 -40.32 -5.49
CA LYS M 106 20.92 -40.93 -4.17
C LYS M 106 19.76 -41.87 -3.93
N SER M 107 20.01 -42.91 -3.14
CA SER M 107 19.01 -43.93 -2.86
C SER M 107 18.10 -43.44 -1.74
N PHE M 108 17.22 -44.32 -1.25
CA PHE M 108 16.26 -43.93 -0.24
C PHE M 108 16.95 -43.56 1.07
N GLU M 109 17.84 -44.44 1.56
CA GLU M 109 18.45 -44.21 2.86
C GLU M 109 19.42 -43.03 2.84
N GLN M 110 20.03 -42.75 1.68
CA GLN M 110 20.98 -41.66 1.59
C GLN M 110 20.33 -40.29 1.62
N ILE M 111 19.00 -40.22 1.50
CA ILE M 111 18.27 -38.97 1.53
C ILE M 111 17.46 -38.84 2.82
N TRP M 112 16.55 -39.77 3.07
CA TRP M 112 15.60 -39.61 4.16
C TRP M 112 16.18 -39.99 5.51
N ASN M 113 17.38 -40.57 5.56
CA ASN M 113 18.02 -40.94 6.81
C ASN M 113 19.38 -40.30 6.99
N ASN M 114 19.84 -39.48 6.05
CA ASN M 114 21.18 -38.93 6.13
C ASN M 114 21.26 -37.46 5.74
N MET M 115 20.17 -36.83 5.34
CA MET M 115 20.19 -35.47 4.84
C MET M 115 19.14 -34.64 5.55
N THR M 116 19.38 -33.34 5.62
CA THR M 116 18.40 -32.38 6.10
C THR M 116 17.79 -31.63 4.91
N TRP M 117 16.61 -31.07 5.13
CA TRP M 117 15.94 -30.38 4.02
C TRP M 117 16.78 -29.24 3.48
N ILE M 118 17.60 -28.60 4.32
CA ILE M 118 18.46 -27.53 3.83
C ILE M 118 19.57 -28.08 2.94
N GLU M 119 20.20 -29.18 3.36
CA GLU M 119 21.28 -29.76 2.56
C GLU M 119 20.76 -30.22 1.21
N TRP M 120 19.60 -30.88 1.20
CA TRP M 120 19.07 -31.42 -0.04
C TRP M 120 18.68 -30.32 -1.01
N GLU M 121 17.91 -29.33 -0.54
CA GLU M 121 17.46 -28.27 -1.44
C GLU M 121 18.63 -27.51 -2.03
N ARG M 122 19.78 -27.49 -1.35
CA ARG M 122 20.98 -26.92 -1.97
C ARG M 122 21.57 -27.85 -3.01
N GLU M 123 21.33 -29.16 -2.88
CA GLU M 123 21.91 -30.12 -3.81
C GLU M 123 21.23 -30.06 -5.17
N ILE M 124 19.90 -29.98 -5.19
CA ILE M 124 19.13 -29.92 -6.42
C ILE M 124 18.82 -28.48 -6.81
N SER M 125 19.50 -27.49 -6.21
CA SER M 125 19.18 -26.10 -6.47
C SER M 125 19.38 -25.72 -7.93
N ASN M 126 20.21 -26.45 -8.67
CA ASN M 126 20.41 -26.15 -10.08
C ASN M 126 19.27 -26.64 -10.96
N TYR M 127 18.46 -27.58 -10.47
CA TYR M 127 17.38 -28.16 -11.26
C TYR M 127 16.00 -27.84 -10.72
N THR M 128 15.89 -26.96 -9.73
CA THR M 128 14.57 -26.59 -9.22
C THR M 128 13.76 -25.89 -10.30
N SER M 129 14.39 -24.98 -11.05
CA SER M 129 13.67 -24.29 -12.11
C SER M 129 13.20 -25.25 -13.19
N GLN M 130 14.05 -26.19 -13.58
CA GLN M 130 13.66 -27.18 -14.56
C GLN M 130 12.56 -28.08 -14.03
N ILE M 131 12.66 -28.49 -12.76
CA ILE M 131 11.66 -29.37 -12.18
C ILE M 131 10.31 -28.67 -12.08
N TYR M 132 10.31 -27.38 -11.75
CA TYR M 132 9.05 -26.64 -11.66
C TYR M 132 8.35 -26.63 -13.01
N ASP M 133 9.08 -26.38 -14.08
CA ASP M 133 8.47 -26.31 -15.41
C ASP M 133 7.88 -27.65 -15.81
N ILE M 134 8.59 -28.75 -15.51
CA ILE M 134 8.09 -30.07 -15.86
C ILE M 134 6.79 -30.36 -15.13
N LEU M 135 6.73 -30.03 -13.83
CA LEU M 135 5.53 -30.31 -13.07
C LEU M 135 4.32 -29.59 -13.64
N THR M 136 4.49 -28.32 -14.02
CA THR M 136 3.40 -27.59 -14.66
C THR M 136 2.99 -28.25 -15.97
N GLU M 137 3.98 -28.66 -16.78
CA GLU M 137 3.66 -29.30 -18.05
C GLU M 137 2.96 -30.62 -17.85
N SER M 138 3.31 -31.36 -16.80
CA SER M 138 2.65 -32.64 -16.55
C SER M 138 1.18 -32.45 -16.19
N GLN M 139 0.89 -31.52 -15.29
CA GLN M 139 -0.51 -31.28 -14.93
C GLN M 139 -1.32 -30.83 -16.13
N PHE M 140 -0.69 -30.10 -17.06
CA PHE M 140 -1.39 -29.67 -18.26
C PHE M 140 -1.80 -30.86 -19.12
N GLN M 141 -0.94 -31.88 -19.21
CA GLN M 141 -1.26 -33.05 -20.02
C GLN M 141 -2.40 -33.85 -19.42
N GLN M 142 -2.49 -33.91 -18.09
CA GLN M 142 -3.58 -34.64 -17.45
C GLN M 142 -4.92 -34.03 -17.82
N ASP M 143 -5.01 -32.70 -17.84
CA ASP M 143 -6.26 -32.05 -18.20
C ASP M 143 -6.55 -32.19 -19.68
N ILE M 144 -5.52 -32.12 -20.53
CA ILE M 144 -5.72 -32.38 -21.96
C ILE M 144 -6.19 -33.81 -22.18
N ASN M 145 -5.54 -34.77 -21.52
CA ASN M 145 -5.92 -36.18 -21.69
C ASN M 145 -7.28 -36.50 -21.11
N GLU M 146 -7.83 -35.64 -20.27
CA GLU M 146 -9.14 -35.88 -19.67
C GLU M 146 -10.27 -35.28 -20.48
N VAL M 147 -10.03 -34.13 -21.11
CA VAL M 147 -11.07 -33.50 -21.93
C VAL M 147 -11.42 -34.39 -23.11
N ASP M 148 -10.41 -34.94 -23.78
CA ASP M 148 -10.63 -35.81 -24.93
C ASP M 148 -10.72 -37.28 -24.55
N LEU M 149 -11.14 -37.58 -23.33
CA LEU M 149 -11.37 -38.94 -22.87
C LEU M 149 -12.78 -39.15 -22.33
N LEU M 150 -13.42 -38.10 -21.84
CA LEU M 150 -14.77 -38.20 -21.30
C LEU M 150 -15.81 -37.81 -22.35
N ALA N 1 15.86 -45.89 -8.54
CA ALA N 1 15.08 -46.93 -9.18
C ALA N 1 14.07 -46.34 -10.15
N GLU N 2 13.33 -47.20 -10.84
CA GLU N 2 12.27 -46.73 -11.71
C GLU N 2 11.06 -46.28 -10.92
N ASN N 3 10.88 -46.80 -9.72
CA ASN N 3 9.70 -46.53 -8.91
C ASN N 3 9.74 -45.16 -8.26
N LEU N 4 10.65 -44.26 -8.61
CA LEU N 4 10.75 -42.97 -7.93
C LEU N 4 10.03 -41.90 -8.75
N TRP N 5 9.19 -41.12 -8.08
CA TRP N 5 8.43 -40.05 -8.70
C TRP N 5 8.58 -38.79 -7.87
N VAL N 6 8.37 -37.64 -8.51
CA VAL N 6 8.54 -36.36 -7.84
C VAL N 6 7.36 -36.10 -6.91
N THR N 7 7.67 -35.78 -5.66
CA THR N 7 6.66 -35.47 -4.65
C THR N 7 6.90 -34.07 -4.12
N VAL N 8 5.82 -33.33 -3.94
CA VAL N 8 5.87 -31.92 -3.53
C VAL N 8 5.46 -31.83 -2.07
N TYR N 9 6.38 -31.37 -1.22
CA TYR N 9 6.16 -31.24 0.21
C TYR N 9 5.95 -29.77 0.56
N TYR N 10 4.88 -29.48 1.27
CA TYR N 10 4.56 -28.13 1.70
C TYR N 10 4.82 -27.98 3.19
N GLY N 11 5.44 -26.87 3.58
CA GLY N 11 5.81 -26.66 4.96
C GLY N 11 7.22 -27.07 5.31
N VAL N 12 8.08 -27.24 4.32
CA VAL N 12 9.45 -27.70 4.57
C VAL N 12 10.20 -26.66 5.42
N PRO N 13 11.00 -27.07 6.41
CA PRO N 13 11.82 -26.11 7.18
C PRO N 13 13.13 -25.74 6.50
N VAL N 14 13.05 -24.77 5.59
CA VAL N 14 14.22 -24.28 4.85
C VAL N 14 14.12 -22.76 4.76
N TRP N 15 15.27 -22.09 4.80
CA TRP N 15 15.33 -20.65 4.71
C TRP N 15 16.53 -20.24 3.87
N LYS N 16 16.62 -18.93 3.61
CA LYS N 16 17.77 -18.35 2.94
C LYS N 16 17.94 -16.92 3.43
N ASP N 17 19.15 -16.39 3.27
CA ASP N 17 19.43 -15.02 3.67
C ASP N 17 18.65 -14.05 2.80
N ALA N 18 18.04 -13.05 3.45
CA ALA N 18 17.23 -12.08 2.73
C ALA N 18 17.17 -10.79 3.52
N ASP N 19 16.73 -9.74 2.85
CA ASP N 19 16.52 -8.43 3.45
C ASP N 19 15.08 -8.02 3.22
N THR N 20 14.46 -7.44 4.24
CA THR N 20 13.04 -7.12 4.18
C THR N 20 12.76 -5.90 5.05
N THR N 21 11.48 -5.61 5.23
CA THR N 21 11.03 -4.46 6.01
C THR N 21 10.61 -4.94 7.39
N LEU N 22 11.32 -4.48 8.42
CA LEU N 22 10.99 -4.81 9.80
C LEU N 22 10.14 -3.68 10.38
N PHE N 23 8.98 -4.02 10.90
CA PHE N 23 8.13 -3.03 11.54
C PHE N 23 8.34 -3.06 13.06
N CYS N 24 7.80 -2.06 13.73
CA CYS N 24 8.01 -1.88 15.15
C CYS N 24 6.95 -2.60 15.96
N ALA N 25 7.27 -2.83 17.24
CA ALA N 25 6.32 -3.43 18.18
C ALA N 25 6.78 -3.08 19.58
N SER N 26 5.91 -2.45 20.36
CA SER N 26 6.27 -1.94 21.67
C SER N 26 5.22 -2.35 22.70
N ASP N 27 5.65 -2.39 23.96
CA ASP N 27 4.77 -2.80 25.04
C ASP N 27 3.72 -1.74 25.32
N ALA N 28 2.51 -2.18 25.66
CA ALA N 28 1.43 -1.23 25.94
C ALA N 28 1.59 -0.57 27.29
N LYS N 29 2.27 -1.24 28.24
CA LYS N 29 2.42 -0.66 29.57
C LYS N 29 3.19 0.66 29.51
N ALA N 30 4.28 0.69 28.74
CA ALA N 30 4.99 1.95 28.52
C ALA N 30 4.17 2.94 27.73
N HIS N 31 3.07 2.51 27.11
CA HIS N 31 2.23 3.36 26.30
C HIS N 31 1.13 3.95 27.20
N GLU N 32 0.23 4.75 26.61
CA GLU N 32 -0.90 5.33 27.33
C GLU N 32 -0.44 6.31 28.39
N THR N 33 0.68 6.98 28.15
CA THR N 33 1.15 8.06 29.01
C THR N 33 0.94 9.43 28.37
N GLU N 34 0.59 9.49 27.09
CA GLU N 34 0.34 10.75 26.40
C GLU N 34 1.55 11.67 26.45
N ALA N 35 2.75 11.10 26.59
CA ALA N 35 3.98 11.86 26.61
C ALA N 35 4.54 12.15 25.22
N HIS N 36 4.01 11.51 24.18
CA HIS N 36 4.45 11.73 22.81
C HIS N 36 5.97 11.55 22.70
N ASN N 37 6.40 10.33 22.96
CA ASN N 37 7.81 9.99 22.84
C ASN N 37 8.24 10.09 21.38
N ILE N 38 9.50 10.47 21.17
CA ILE N 38 10.02 10.60 19.81
C ILE N 38 10.09 9.25 19.12
N TRP N 39 10.67 8.26 19.80
CA TRP N 39 11.07 7.05 19.09
C TRP N 39 9.90 6.10 18.87
N ALA N 40 9.38 5.50 19.95
CA ALA N 40 8.40 4.42 19.86
C ALA N 40 7.01 5.03 19.93
N THR N 41 6.59 5.62 18.82
CA THR N 41 5.37 6.40 18.79
C THR N 41 4.16 5.48 18.86
N HIS N 42 2.98 6.09 18.74
CA HIS N 42 1.72 5.36 18.79
C HIS N 42 1.59 4.34 17.66
N ALA N 43 2.34 4.50 16.57
CA ALA N 43 2.15 3.65 15.40
C ALA N 43 2.63 2.22 15.63
N CYS N 44 3.42 1.97 16.66
CA CYS N 44 3.92 0.61 16.89
C CYS N 44 2.80 -0.30 17.34
N VAL N 45 2.71 -1.48 16.73
CA VAL N 45 1.69 -2.45 17.09
C VAL N 45 2.02 -3.03 18.45
N PRO N 46 1.03 -3.45 19.24
CA PRO N 46 1.34 -4.05 20.55
C PRO N 46 2.17 -5.31 20.40
N THR N 47 3.09 -5.51 21.34
CA THR N 47 3.96 -6.67 21.30
C THR N 47 3.20 -7.93 21.71
N ASP N 48 3.77 -9.07 21.37
CA ASP N 48 3.15 -10.34 21.70
C ASP N 48 3.26 -10.61 23.19
N PRO N 49 2.14 -10.88 23.88
CA PRO N 49 2.25 -11.21 25.32
C PRO N 49 3.09 -12.44 25.61
N ASN N 50 3.14 -13.41 24.70
CA ASN N 50 3.85 -14.67 24.90
C ASN N 50 4.78 -14.91 23.73
N PRO N 51 5.94 -14.25 23.71
CA PRO N 51 6.89 -14.49 22.61
C PRO N 51 7.37 -15.93 22.59
N GLN N 52 7.63 -16.42 21.38
CA GLN N 52 8.08 -17.79 21.17
C GLN N 52 9.52 -17.77 20.68
N GLU N 53 10.40 -18.48 21.37
CA GLU N 53 11.79 -18.66 20.99
C GLU N 53 12.06 -20.15 20.89
N ILE N 54 12.30 -20.64 19.67
CA ILE N 54 12.40 -22.05 19.39
C ILE N 54 13.86 -22.41 19.19
N TYR N 55 14.35 -23.38 19.93
CA TYR N 55 15.73 -23.82 19.82
C TYR N 55 15.85 -24.86 18.71
N MET N 56 16.73 -24.60 17.75
CA MET N 56 16.98 -25.50 16.63
C MET N 56 18.28 -26.23 16.91
N GLU N 57 18.20 -27.55 17.10
CA GLU N 57 19.27 -28.27 17.77
C GLU N 57 20.46 -28.52 16.86
N ASN N 58 20.29 -29.29 15.80
CA ASN N 58 21.39 -29.67 14.94
C ASN N 58 21.65 -28.66 13.83
N VAL N 59 21.76 -27.38 14.16
CA VAL N 59 21.82 -26.33 13.17
C VAL N 59 23.05 -25.46 13.42
N THR N 60 23.85 -25.26 12.37
CA THR N 60 24.99 -24.35 12.39
C THR N 60 24.75 -23.31 11.32
N GLU N 61 24.79 -22.04 11.69
CA GLU N 61 24.49 -20.93 10.79
C GLU N 61 25.63 -19.92 10.84
N ASN N 62 25.86 -19.26 9.70
CA ASN N 62 26.94 -18.29 9.57
C ASN N 62 26.37 -16.90 9.82
N PHE N 63 26.73 -16.31 10.96
CA PHE N 63 26.35 -14.95 11.31
C PHE N 63 27.49 -14.01 10.96
N ASN N 64 27.13 -12.76 10.68
CA ASN N 64 28.11 -11.76 10.28
C ASN N 64 27.57 -10.39 10.64
N MET N 65 28.03 -9.83 11.75
CA MET N 65 27.85 -8.41 11.99
C MET N 65 28.91 -7.65 11.19
N TRP N 66 28.76 -6.33 11.15
CA TRP N 66 29.55 -5.49 10.26
C TRP N 66 29.05 -5.62 8.82
N LYS N 67 28.11 -6.54 8.59
CA LYS N 67 27.43 -6.67 7.30
C LYS N 67 25.95 -6.98 7.50
N ASN N 68 25.41 -6.66 8.68
CA ASN N 68 24.03 -6.91 9.00
C ASN N 68 23.17 -5.74 8.53
N ASN N 69 22.14 -6.05 7.74
CA ASN N 69 21.26 -4.99 7.24
C ASN N 69 20.26 -4.51 8.27
N MET N 70 20.10 -5.21 9.39
CA MET N 70 19.24 -4.70 10.45
C MET N 70 19.80 -3.40 11.03
N VAL N 71 21.12 -3.21 10.95
CA VAL N 71 21.73 -2.01 11.50
C VAL N 71 21.44 -0.81 10.62
N GLU N 72 21.62 -0.95 9.31
CA GLU N 72 21.36 0.17 8.40
C GLU N 72 19.89 0.58 8.46
N GLN N 73 18.99 -0.39 8.57
CA GLN N 73 17.57 -0.07 8.66
C GLN N 73 17.27 0.74 9.91
N MET N 74 17.87 0.37 11.05
CA MET N 74 17.60 1.07 12.29
C MET N 74 18.10 2.51 12.21
N GLN N 75 19.29 2.71 11.64
CA GLN N 75 19.80 4.07 11.48
C GLN N 75 18.90 4.90 10.58
N GLU N 76 18.40 4.31 9.50
CA GLU N 76 17.47 5.04 8.64
C GLU N 76 16.20 5.41 9.39
N ASP N 77 15.68 4.48 10.19
CA ASP N 77 14.44 4.75 10.93
C ASP N 77 14.66 5.77 12.03
N ILE N 78 15.79 5.67 12.74
CA ILE N 78 16.03 6.57 13.87
C ILE N 78 16.13 8.02 13.40
N ILE N 79 16.85 8.25 12.30
CA ILE N 79 16.96 9.61 11.78
C ILE N 79 15.62 10.10 11.25
N SER N 80 14.86 9.21 10.60
CA SER N 80 13.57 9.61 10.06
C SER N 80 12.60 10.01 11.17
N LEU N 81 12.59 9.26 12.26
CA LEU N 81 11.73 9.61 13.39
C LEU N 81 12.15 10.94 14.00
N TRP N 82 13.45 11.19 14.09
CA TRP N 82 13.94 12.43 14.66
C TRP N 82 13.47 13.63 13.83
N ASP N 83 13.55 13.52 12.51
CA ASP N 83 13.23 14.66 11.65
C ASP N 83 11.74 14.99 11.69
N GLN N 84 10.87 13.97 11.66
CA GLN N 84 9.45 14.25 11.58
C GLN N 84 8.90 14.82 12.88
N SER N 85 9.45 14.39 14.02
CA SER N 85 8.99 14.90 15.31
C SER N 85 9.37 16.36 15.50
N LEU N 86 10.37 16.86 14.78
CA LEU N 86 10.76 18.25 14.85
C LEU N 86 10.08 19.11 13.78
N LYS N 87 9.39 18.51 12.82
CA LYS N 87 8.80 19.30 11.75
C LYS N 87 7.75 20.28 12.26
N PRO N 88 6.81 19.90 13.12
CA PRO N 88 5.78 20.86 13.54
C PRO N 88 6.30 21.95 14.47
N CYS N 89 7.53 21.84 14.96
CA CYS N 89 8.01 22.74 16.00
C CYS N 89 8.37 24.11 15.38
N VAL N 90 8.93 24.98 16.22
CA VAL N 90 9.09 26.39 15.91
C VAL N 90 10.50 26.64 15.39
N LYS N 91 10.59 27.31 14.24
CA LYS N 91 11.89 27.73 13.71
C LYS N 91 12.43 28.91 14.50
N LEU N 92 13.76 28.97 14.61
CA LEU N 92 14.44 29.98 15.40
C LEU N 92 15.24 30.93 14.51
N THR N 93 14.68 31.29 13.36
CA THR N 93 15.32 32.29 12.51
C THR N 93 15.49 33.64 13.19
N PRO N 94 14.51 34.15 13.95
CA PRO N 94 14.68 35.49 14.54
C PRO N 94 15.84 35.58 15.52
N LEU N 95 16.37 34.46 15.98
CA LEU N 95 17.47 34.51 16.94
C LEU N 95 18.83 34.62 16.27
N CYS N 96 18.89 34.57 14.94
CA CYS N 96 20.13 34.91 14.22
C CYS N 96 20.22 36.42 14.04
N VAL N 97 20.56 37.08 15.13
CA VAL N 97 20.83 38.50 15.16
C VAL N 97 22.10 38.72 15.98
N THR N 98 22.48 39.99 16.14
CA THR N 98 23.66 40.32 16.91
C THR N 98 23.33 40.36 18.39
N LEU N 99 24.11 39.64 19.18
CA LEU N 99 23.94 39.59 20.63
C LEU N 99 25.06 40.35 21.31
N SER N 100 24.71 41.14 22.32
CA SER N 100 25.68 41.85 23.15
C SER N 100 25.74 41.14 24.49
N CYS N 101 26.85 40.42 24.72
CA CYS N 101 26.97 39.51 25.85
C CYS N 101 27.92 40.06 26.89
N THR N 102 27.57 39.88 28.17
CA THR N 102 28.38 40.31 29.28
C THR N 102 28.39 39.22 30.33
N ASN N 103 29.24 39.39 31.35
CA ASN N 103 29.34 38.42 32.42
C ASN N 103 28.04 38.37 33.22
N VAL N 104 27.68 37.16 33.64
CA VAL N 104 26.44 36.95 34.38
C VAL N 104 26.64 37.38 35.83
N THR N 105 25.56 37.82 36.46
CA THR N 105 25.56 38.22 37.86
C THR N 105 24.38 37.57 38.55
N LEU N 106 24.61 37.02 39.75
CA LEU N 106 23.60 36.24 40.45
C LEU N 106 23.57 36.63 41.91
N THR N 107 22.46 36.28 42.58
CA THR N 107 22.22 36.64 43.97
C THR N 107 21.84 35.37 44.74
N ASN N 108 22.74 34.90 45.58
CA ASN N 108 22.53 33.70 46.39
C ASN N 108 23.75 33.53 47.28
N VAL N 109 23.69 32.54 48.18
CA VAL N 109 24.85 32.18 48.98
C VAL N 109 25.22 30.71 48.73
N ASN N 110 24.33 29.78 49.09
CA ASN N 110 24.43 28.39 48.64
C ASN N 110 25.86 27.87 48.69
N TYR N 111 26.42 27.70 49.88
CA TYR N 111 27.85 27.42 50.01
C TYR N 111 28.17 26.01 49.52
N THR N 112 28.01 25.80 48.21
CA THR N 112 28.41 24.59 47.51
C THR N 112 27.49 23.40 47.79
N ASN N 113 26.63 23.51 48.80
CA ASN N 113 25.47 22.64 48.95
C ASN N 113 25.82 21.15 48.93
N ASN N 114 27.12 20.81 48.93
CA ASN N 114 27.53 19.42 48.75
C ASN N 114 29.05 19.36 48.82
N PHE N 115 29.56 18.13 48.87
CA PHE N 115 31.01 17.92 48.92
C PHE N 115 31.73 18.42 47.68
N PRO N 116 31.30 18.10 46.45
CA PRO N 116 32.12 18.42 45.28
C PRO N 116 32.38 19.91 45.15
N ASN N 117 33.58 20.25 44.70
CA ASN N 117 33.97 21.64 44.50
C ASN N 117 34.50 21.81 43.09
N ILE N 118 33.77 21.29 42.10
CA ILE N 118 34.21 21.39 40.71
C ILE N 118 34.31 22.85 40.29
N GLY N 119 33.30 23.64 40.63
CA GLY N 119 33.27 25.03 40.25
C GLY N 119 31.84 25.54 40.19
N ASN N 120 31.66 26.63 39.46
CA ASN N 120 30.34 27.23 39.29
C ASN N 120 30.14 27.61 37.83
N ILE N 121 28.87 27.70 37.44
CA ILE N 121 28.52 28.00 36.05
C ILE N 121 28.98 29.38 35.61
N THR N 122 29.11 30.33 36.54
CA THR N 122 29.69 31.61 36.17
C THR N 122 31.07 31.39 35.57
N ASP N 123 31.33 32.04 34.44
CA ASP N 123 32.42 31.82 33.50
C ASP N 123 32.11 30.67 32.55
N GLU N 124 30.91 30.09 32.61
CA GLU N 124 30.47 29.11 31.64
C GLU N 124 29.21 29.55 30.89
N VAL N 125 28.59 30.66 31.30
CA VAL N 125 27.42 31.21 30.63
C VAL N 125 27.66 32.70 30.42
N ARG N 126 26.88 33.28 29.52
CA ARG N 126 26.93 34.71 29.23
C ARG N 126 25.52 35.28 29.27
N ASN N 127 25.42 36.54 29.65
CA ASN N 127 24.15 37.27 29.67
C ASN N 127 24.08 38.13 28.42
N CYS N 128 23.31 37.70 27.43
CA CYS N 128 23.27 38.33 26.12
C CYS N 128 21.93 39.02 25.92
N SER N 129 21.97 40.19 25.29
CA SER N 129 20.78 40.98 24.99
C SER N 129 20.71 41.23 23.49
N PHE N 130 19.51 41.20 22.94
CA PHE N 130 19.33 41.33 21.49
C PHE N 130 17.94 41.88 21.21
N ASN N 131 17.70 42.16 19.94
CA ASN N 131 16.43 42.72 19.47
C ASN N 131 15.67 41.65 18.68
N VAL N 132 14.43 41.39 19.08
CA VAL N 132 13.56 40.47 18.35
C VAL N 132 12.31 41.22 17.94
N THR N 133 11.41 40.53 17.25
CA THR N 133 10.16 41.12 16.79
C THR N 133 9.00 40.66 17.66
N THR N 134 8.17 41.60 18.06
CA THR N 134 6.94 41.29 18.78
C THR N 134 6.02 40.51 17.85
N GLU N 135 4.84 40.12 18.36
CA GLU N 135 3.85 39.50 17.49
C GLU N 135 3.50 40.40 16.32
N ILE N 136 3.68 41.71 16.47
CA ILE N 136 3.50 42.67 15.39
C ILE N 136 4.84 42.86 14.68
N ARG N 137 4.85 42.71 13.36
CA ARG N 137 6.11 42.67 12.63
C ARG N 137 6.89 43.97 12.79
N ASP N 138 6.21 45.12 12.69
CA ASP N 138 6.89 46.41 12.65
C ASP N 138 7.13 46.98 14.04
N LYS N 139 7.16 46.13 15.07
CA LYS N 139 7.47 46.54 16.43
C LYS N 139 8.54 45.62 16.97
N LYS N 140 9.65 46.19 17.43
CA LYS N 140 10.79 45.43 17.91
C LYS N 140 10.94 45.60 19.41
N GLN N 141 11.34 44.53 20.09
CA GLN N 141 11.56 44.54 21.52
C GLN N 141 12.98 44.07 21.83
N LYS N 142 13.52 44.55 22.93
CA LYS N 142 14.84 44.17 23.40
C LYS N 142 14.68 43.19 24.55
N VAL N 143 15.28 42.00 24.41
CA VAL N 143 15.18 40.95 25.40
C VAL N 143 16.58 40.45 25.74
N TYR N 144 16.64 39.60 26.75
CA TYR N 144 17.90 39.04 27.23
C TYR N 144 17.73 37.55 27.47
N ALA N 145 18.84 36.82 27.44
CA ALA N 145 18.84 35.40 27.72
C ALA N 145 20.23 35.01 28.18
N LEU N 146 20.31 33.86 28.85
CA LEU N 146 21.58 33.30 29.30
C LEU N 146 21.96 32.15 28.38
N PHE N 147 23.09 32.28 27.69
CA PHE N 147 23.55 31.29 26.75
C PHE N 147 24.88 30.71 27.23
N TYR N 148 25.03 29.39 27.06
CA TYR N 148 26.31 28.76 27.33
C TYR N 148 27.33 29.21 26.30
N LYS N 149 28.58 29.38 26.75
CA LYS N 149 29.61 29.85 25.85
C LYS N 149 29.81 28.93 24.66
N LEU N 150 29.40 27.66 24.77
CA LEU N 150 29.52 26.73 23.65
C LEU N 150 28.55 27.05 22.53
N ASP N 151 27.44 27.73 22.83
CA ASP N 151 26.39 27.99 21.86
C ASP N 151 26.55 29.33 21.15
N ILE N 152 27.54 30.13 21.52
CA ILE N 152 27.73 31.46 20.94
C ILE N 152 29.18 31.61 20.51
N VAL N 153 29.38 32.14 19.30
CA VAL N 153 30.71 32.34 18.74
C VAL N 153 30.88 33.82 18.46
N GLN N 154 31.94 34.41 18.99
CA GLN N 154 32.23 35.81 18.75
C GLN N 154 32.56 36.03 17.28
N MET N 155 32.06 37.13 16.72
CA MET N 155 32.29 37.44 15.31
C MET N 155 33.33 38.56 15.15
N GLU N 156 33.10 39.69 15.81
CA GLU N 156 34.03 40.81 15.81
C GLU N 156 33.45 41.90 16.70
N ASN N 157 34.18 42.98 16.92
CA ASN N 157 33.69 44.07 17.76
C ASN N 157 33.35 43.52 19.15
N LYS N 158 34.41 43.16 19.86
CA LYS N 158 34.32 42.39 21.11
C LYS N 158 33.13 42.84 21.94
N ASN N 159 32.50 41.87 22.59
CA ASN N 159 31.19 41.97 23.25
C ASN N 159 30.04 41.89 22.24
N SER N 160 30.31 41.36 21.04
CA SER N 160 29.28 41.13 20.04
C SER N 160 29.41 39.70 19.53
N TYR N 161 28.35 38.91 19.72
CA TYR N 161 28.38 37.47 19.48
C TYR N 161 27.29 37.07 18.50
N ARG N 162 27.15 35.76 18.31
CA ARG N 162 26.09 35.20 17.50
C ARG N 162 26.00 33.71 17.80
N LEU N 163 24.83 33.13 17.51
CA LEU N 163 24.68 31.69 17.68
C LEU N 163 25.51 30.95 16.65
N ILE N 164 26.02 29.78 17.04
CA ILE N 164 26.96 29.07 16.18
C ILE N 164 26.28 28.61 14.90
N ASN N 165 25.03 28.19 14.97
CA ASN N 165 24.36 27.55 13.85
C ASN N 165 23.98 28.53 12.75
N CYS N 166 24.10 29.83 12.97
CA CYS N 166 23.50 30.80 12.06
C CYS N 166 24.17 30.87 10.70
N ASN N 167 25.34 30.25 10.53
CA ASN N 167 25.99 30.19 9.22
C ASN N 167 26.01 28.79 8.63
N THR N 168 25.36 27.82 9.26
CA THR N 168 25.28 26.46 8.75
C THR N 168 23.85 26.07 8.41
N SER N 169 22.92 26.20 9.35
CA SER N 169 21.54 25.83 9.09
C SER N 169 20.64 26.44 10.15
N VAL N 170 19.36 26.45 9.86
CA VAL N 170 18.36 26.92 10.82
C VAL N 170 18.02 25.80 11.78
N CYS N 171 17.69 26.16 13.02
CA CYS N 171 17.44 25.20 14.09
C CYS N 171 16.03 25.38 14.62
N LYS N 172 15.34 24.27 14.82
CA LYS N 172 14.00 24.26 15.37
C LYS N 172 14.05 24.00 16.86
N GLN N 173 13.15 24.64 17.60
CA GLN N 173 13.07 24.46 19.04
C GLN N 173 12.23 23.23 19.35
N ALA N 174 12.79 22.28 20.08
CA ALA N 174 12.06 21.06 20.41
C ALA N 174 10.75 21.40 21.08
N CYS N 175 9.67 20.80 20.61
CA CYS N 175 8.35 21.09 21.15
C CYS N 175 8.29 20.65 22.61
N PRO N 176 7.66 21.43 23.49
CA PRO N 176 7.74 21.13 24.93
C PRO N 176 7.17 19.78 25.31
N LYS N 177 6.12 19.31 24.63
CA LYS N 177 5.49 18.04 25.00
C LYS N 177 6.27 16.83 24.54
N ILE N 178 7.25 17.00 23.65
CA ILE N 178 8.02 15.87 23.15
C ILE N 178 8.91 15.32 24.24
N SER N 179 8.94 14.00 24.38
CA SER N 179 9.73 13.31 25.38
C SER N 179 10.89 12.57 24.71
N PHE N 180 12.07 12.67 25.31
CA PHE N 180 13.28 12.05 24.78
C PHE N 180 13.59 10.70 25.41
N ASP N 181 12.72 10.21 26.29
CA ASP N 181 13.00 8.98 27.00
C ASP N 181 13.05 7.81 26.02
N PRO N 182 14.16 7.06 25.92
CA PRO N 182 14.20 5.89 25.05
C PRO N 182 13.46 4.71 25.67
N ILE N 183 12.38 4.29 25.02
CA ILE N 183 11.66 3.10 25.47
C ILE N 183 11.90 1.98 24.47
N PRO N 184 11.90 0.72 24.91
CA PRO N 184 12.38 -0.36 24.03
C PRO N 184 11.55 -0.49 22.76
N ILE N 185 12.23 -0.94 21.70
CA ILE N 185 11.61 -1.19 20.41
C ILE N 185 11.90 -2.63 20.02
N HIS N 186 10.90 -3.32 19.48
CA HIS N 186 11.05 -4.67 18.96
C HIS N 186 10.90 -4.61 17.44
N TYR N 187 11.91 -5.12 16.73
CA TYR N 187 11.88 -5.14 15.27
C TYR N 187 11.40 -6.50 14.80
N CYS N 188 10.18 -6.56 14.26
CA CYS N 188 9.57 -7.81 13.88
C CYS N 188 9.38 -7.88 12.37
N THR N 189 9.47 -9.10 11.85
CA THR N 189 9.41 -9.38 10.42
C THR N 189 7.99 -9.67 9.96
N PRO N 190 7.73 -9.59 8.67
CA PRO N 190 6.43 -10.05 8.15
C PRO N 190 6.34 -11.56 8.19
N ALA N 191 5.12 -12.05 7.98
CA ALA N 191 4.93 -13.50 7.86
C ALA N 191 5.63 -14.01 6.61
N GLY N 192 6.21 -15.20 6.71
CA GLY N 192 7.04 -15.73 5.66
C GLY N 192 8.52 -15.42 5.80
N TYR N 193 8.88 -14.61 6.79
CA TYR N 193 10.27 -14.34 7.15
C TYR N 193 10.50 -14.77 8.59
N ALA N 194 11.76 -14.82 8.99
CA ALA N 194 12.10 -15.20 10.36
C ALA N 194 13.42 -14.57 10.74
N ILE N 195 13.66 -14.51 12.04
CA ILE N 195 14.90 -13.98 12.61
C ILE N 195 15.62 -15.09 13.33
N LEU N 196 16.90 -15.28 13.00
CA LEU N 196 17.73 -16.26 13.67
C LEU N 196 18.54 -15.57 14.77
N LYS N 197 18.67 -16.25 15.90
CA LYS N 197 19.35 -15.71 17.07
C LYS N 197 20.49 -16.65 17.44
N CYS N 198 21.66 -16.08 17.75
CA CYS N 198 22.82 -16.86 18.16
C CYS N 198 22.88 -16.88 19.68
N ASN N 199 22.83 -18.08 20.26
CA ASN N 199 22.76 -18.26 21.70
C ASN N 199 24.11 -18.57 22.32
N GLU N 200 25.19 -18.45 21.57
CA GLU N 200 26.51 -18.71 22.13
C GLU N 200 26.89 -17.60 23.10
N LYS N 201 27.42 -17.98 24.26
CA LYS N 201 27.79 -16.98 25.26
C LYS N 201 29.01 -16.18 24.83
N ASN N 202 30.04 -16.86 24.36
CA ASN N 202 31.28 -16.23 23.92
C ASN N 202 31.33 -16.36 22.40
N PHE N 203 30.70 -15.40 21.72
CA PHE N 203 30.62 -15.38 20.27
C PHE N 203 31.05 -14.02 19.77
N ASN N 204 32.09 -14.00 18.95
CA ASN N 204 32.51 -12.76 18.33
C ASN N 204 31.57 -12.45 17.17
N GLY N 205 31.88 -11.44 16.38
CA GLY N 205 30.93 -10.94 15.41
C GLY N 205 30.56 -11.96 14.35
N THR N 206 31.57 -12.60 13.76
CA THR N 206 31.41 -13.41 12.57
C THR N 206 31.73 -14.86 12.85
N GLY N 207 31.43 -15.70 11.87
CA GLY N 207 31.72 -17.11 11.96
C GLY N 207 30.48 -17.94 12.23
N PRO N 208 30.62 -19.26 12.19
CA PRO N 208 29.45 -20.12 12.43
C PRO N 208 29.05 -20.14 13.89
N CYS N 209 27.74 -20.01 14.12
CA CYS N 209 27.15 -20.13 15.45
C CYS N 209 26.46 -21.49 15.52
N LYS N 210 26.86 -22.30 16.49
CA LYS N 210 26.38 -23.68 16.60
C LYS N 210 25.18 -23.82 17.53
N ASN N 211 24.65 -22.72 18.05
CA ASN N 211 23.53 -22.75 18.99
C ASN N 211 22.44 -21.79 18.52
N VAL N 212 22.07 -21.88 17.25
CA VAL N 212 21.07 -20.99 16.69
C VAL N 212 19.70 -21.31 17.27
N SER N 213 18.89 -20.28 17.43
CA SER N 213 17.48 -20.43 17.78
C SER N 213 16.65 -19.47 16.94
N SER N 214 15.38 -19.80 16.78
CA SER N 214 14.48 -19.03 15.92
C SER N 214 13.55 -18.19 16.78
N VAL N 215 13.50 -16.90 16.52
CA VAL N 215 12.64 -15.97 17.23
C VAL N 215 11.80 -15.22 16.20
N GLN N 216 10.58 -14.88 16.59
CA GLN N 216 9.72 -14.12 15.68
C GLN N 216 10.13 -12.67 15.59
N CYS N 217 10.66 -12.09 16.66
CA CYS N 217 11.29 -10.79 16.56
C CYS N 217 12.06 -10.44 17.83
N THR N 218 12.89 -9.41 17.72
CA THR N 218 13.97 -9.18 18.65
C THR N 218 13.44 -8.76 20.02
N HIS N 219 14.36 -8.57 20.96
CA HIS N 219 14.03 -8.08 22.28
C HIS N 219 13.98 -6.56 22.28
N GLY N 220 13.68 -5.98 23.42
CA GLY N 220 13.59 -4.54 23.53
C GLY N 220 14.93 -3.86 23.35
N ILE N 221 15.08 -3.11 22.26
CA ILE N 221 16.30 -2.40 21.94
C ILE N 221 16.07 -0.92 22.18
N LYS N 222 16.81 -0.35 23.11
CA LYS N 222 16.66 1.07 23.41
C LYS N 222 17.46 1.89 22.39
N PRO N 223 16.90 3.00 21.90
CA PRO N 223 17.65 3.84 20.96
C PRO N 223 18.62 4.79 21.64
N VAL N 224 18.98 4.50 22.90
CA VAL N 224 19.92 5.34 23.63
C VAL N 224 21.08 5.74 22.74
N VAL N 225 21.43 7.03 22.77
CA VAL N 225 22.50 7.60 21.96
C VAL N 225 23.64 8.02 22.89
N SER N 226 24.85 7.59 22.56
CA SER N 226 26.04 7.94 23.34
C SER N 226 27.25 7.81 22.42
N THR N 227 28.37 8.39 22.85
CA THR N 227 29.55 8.48 22.01
C THR N 227 30.68 7.58 22.47
N GLN N 228 31.14 7.72 23.71
CA GLN N 228 32.30 6.97 24.17
C GLN N 228 31.93 5.72 24.97
N LEU N 229 30.79 5.74 25.64
CA LEU N 229 30.36 4.63 26.47
C LEU N 229 28.94 4.24 26.08
N LEU N 230 28.72 2.95 25.86
CA LEU N 230 27.36 2.46 25.65
C LEU N 230 26.64 2.41 26.98
N LEU N 231 25.43 2.94 27.03
CA LEU N 231 24.68 3.10 28.28
C LEU N 231 23.35 2.38 28.20
N ASN N 232 22.90 1.85 29.32
CA ASN N 232 21.58 1.25 29.45
C ASN N 232 21.39 0.12 28.43
N GLY N 233 22.45 -0.60 28.12
CA GLY N 233 22.39 -1.70 27.18
C GLY N 233 22.07 -3.02 27.86
N SER N 234 22.44 -4.10 27.19
CA SER N 234 22.28 -5.45 27.70
C SER N 234 23.64 -6.07 27.95
N LEU N 235 23.84 -6.61 29.14
CA LEU N 235 25.14 -7.14 29.51
C LEU N 235 25.44 -8.42 28.74
N ALA N 236 26.73 -8.73 28.63
CA ALA N 236 27.13 -10.01 28.06
C ALA N 236 26.86 -11.12 29.04
N GLU N 237 26.68 -12.33 28.52
CA GLU N 237 26.33 -13.48 29.35
C GLU N 237 27.57 -14.25 29.81
N GLY N 238 28.48 -14.54 28.89
CA GLY N 238 29.65 -15.31 29.23
C GLY N 238 30.73 -14.49 29.91
N GLU N 239 31.29 -13.53 29.20
CA GLU N 239 32.37 -12.70 29.72
C GLU N 239 32.58 -11.53 28.76
N ILE N 240 33.60 -10.72 29.04
CA ILE N 240 33.87 -9.56 28.20
C ILE N 240 34.25 -10.04 26.80
N ILE N 241 33.69 -9.39 25.79
CA ILE N 241 33.92 -9.72 24.39
C ILE N 241 34.50 -8.50 23.70
N ILE N 242 35.58 -8.69 22.97
CA ILE N 242 36.20 -7.64 22.16
C ILE N 242 35.83 -7.91 20.71
N ARG N 243 35.03 -7.04 20.12
CA ARG N 243 34.52 -7.22 18.77
C ARG N 243 35.05 -6.12 17.87
N SER N 244 35.62 -6.51 16.73
CA SER N 244 36.13 -5.56 15.77
C SER N 244 36.14 -6.21 14.39
N GLU N 245 35.86 -5.43 13.36
CA GLU N 245 35.84 -5.98 12.01
C GLU N 245 37.19 -6.58 11.64
N ASN N 246 38.26 -5.92 12.06
CA ASN N 246 39.60 -6.48 11.91
C ASN N 246 40.50 -5.79 12.94
N LEU N 247 40.94 -6.55 13.94
CA LEU N 247 41.79 -5.97 14.98
C LEU N 247 43.14 -5.53 14.43
N THR N 248 43.54 -6.03 13.25
CA THR N 248 44.78 -5.57 12.64
C THR N 248 44.63 -4.17 12.06
N ASN N 249 43.45 -3.88 11.49
CA ASN N 249 43.19 -2.58 10.90
C ASN N 249 42.82 -1.59 12.00
N ASN N 250 43.59 -0.51 12.13
CA ASN N 250 43.33 0.47 13.17
C ASN N 250 42.28 1.51 12.76
N ALA N 251 41.87 1.52 11.50
CA ALA N 251 40.76 2.38 11.08
C ALA N 251 39.41 1.84 11.54
N LYS N 252 39.38 0.62 12.06
CA LYS N 252 38.14 -0.01 12.52
C LYS N 252 38.03 0.14 14.03
N THR N 253 36.87 0.59 14.50
CA THR N 253 36.68 0.78 15.93
C THR N 253 36.49 -0.55 16.63
N ILE N 254 36.88 -0.58 17.90
CA ILE N 254 36.73 -1.75 18.76
C ILE N 254 35.53 -1.52 19.67
N ILE N 255 34.69 -2.54 19.80
CA ILE N 255 33.55 -2.50 20.71
C ILE N 255 33.83 -3.47 21.86
N VAL N 256 33.84 -2.94 23.07
CA VAL N 256 34.03 -3.75 24.28
C VAL N 256 32.69 -3.90 24.95
N HIS N 257 32.35 -5.12 25.33
CA HIS N 257 31.03 -5.44 25.88
C HIS N 257 31.22 -6.06 27.26
N LEU N 258 30.74 -5.37 28.29
CA LEU N 258 30.98 -5.78 29.66
C LEU N 258 29.96 -6.80 30.11
N ASN N 259 30.40 -7.72 30.99
CA ASN N 259 29.49 -8.65 31.63
C ASN N 259 29.06 -8.21 33.02
N LYS N 260 29.60 -7.09 33.52
CA LYS N 260 29.23 -6.56 34.82
C LYS N 260 28.98 -5.06 34.65
N SER N 261 27.76 -4.63 34.93
CA SER N 261 27.39 -3.23 34.75
C SER N 261 28.13 -2.35 35.74
N VAL N 262 28.43 -1.12 35.31
CA VAL N 262 29.04 -0.10 36.15
C VAL N 262 28.12 1.11 36.18
N GLU N 263 27.75 1.55 37.37
CA GLU N 263 26.82 2.65 37.54
C GLU N 263 27.51 3.98 37.27
N ILE N 264 26.86 4.83 36.49
CA ILE N 264 27.28 6.21 36.28
C ILE N 264 26.13 7.12 36.68
N ASN N 265 26.42 8.08 37.54
CA ASN N 265 25.42 8.91 38.21
C ASN N 265 25.71 10.37 37.89
N CYS N 266 24.91 10.95 37.00
CA CYS N 266 25.12 12.30 36.51
C CYS N 266 24.01 13.22 36.98
N THR N 267 24.35 14.45 37.33
CA THR N 267 23.38 15.40 37.86
C THR N 267 23.78 16.81 37.43
N ARG N 268 22.77 17.68 37.35
CA ARG N 268 22.98 19.10 37.04
C ARG N 268 22.53 19.91 38.24
N PRO N 269 23.44 20.32 39.13
CA PRO N 269 23.01 20.90 40.40
C PRO N 269 22.42 22.29 40.29
N SER N 270 22.60 22.98 39.17
CA SER N 270 22.09 24.34 39.05
C SER N 270 20.57 24.34 39.15
N ASN N 271 20.01 25.55 39.14
CA ASN N 271 18.57 25.76 39.27
C ASN N 271 18.18 26.82 38.25
N ASN N 272 17.83 26.38 37.04
CA ASN N 272 17.51 27.29 35.94
C ASN N 272 16.03 27.57 35.91
N THR N 273 15.68 28.75 35.38
CA THR N 273 14.30 29.19 35.26
C THR N 273 13.95 29.29 33.78
N ARG N 274 12.83 28.67 33.39
CA ARG N 274 12.37 28.69 32.01
C ARG N 274 11.42 29.87 31.83
N THR N 275 11.81 30.82 31.00
CA THR N 275 10.98 31.97 30.69
C THR N 275 10.80 32.05 29.18
N SER N 276 9.66 32.57 28.75
CA SER N 276 9.28 32.55 27.34
C SER N 276 9.01 33.97 26.83
N VAL N 277 9.49 34.25 25.63
CA VAL N 277 9.17 35.48 24.91
C VAL N 277 8.55 35.10 23.57
N THR N 278 7.83 36.05 22.98
CA THR N 278 7.23 35.88 21.67
C THR N 278 8.14 36.54 20.64
N ILE N 279 8.66 35.73 19.72
CA ILE N 279 9.54 36.24 18.67
C ILE N 279 8.81 36.44 17.35
N GLY N 280 7.54 36.05 17.26
CA GLY N 280 6.77 36.19 16.04
C GLY N 280 5.36 35.70 16.22
N PRO N 281 4.53 35.82 15.18
CA PRO N 281 3.13 35.39 15.32
C PRO N 281 3.00 33.90 15.59
N GLY N 282 2.56 33.56 16.79
CA GLY N 282 2.42 32.17 17.17
C GLY N 282 3.72 31.47 17.52
N GLN N 283 4.84 32.19 17.51
CA GLN N 283 6.15 31.63 17.79
C GLN N 283 6.63 32.12 19.15
N VAL N 284 6.96 31.17 20.03
CA VAL N 284 7.39 31.47 21.39
C VAL N 284 8.72 30.78 21.64
N PHE N 285 9.65 31.51 22.23
CA PHE N 285 11.01 31.05 22.46
C PHE N 285 11.25 30.88 23.95
N TYR N 286 11.63 29.67 24.36
CA TYR N 286 11.91 29.36 25.75
C TYR N 286 13.39 29.58 26.04
N ARG N 287 13.68 30.39 27.06
CA ARG N 287 15.05 30.74 27.39
C ARG N 287 15.28 30.58 28.89
N THR N 288 16.55 30.55 29.27
CA THR N 288 16.93 30.53 30.68
C THR N 288 16.97 31.95 31.19
N GLY N 289 15.89 32.37 31.87
CA GLY N 289 15.84 33.72 32.39
C GLY N 289 16.90 34.00 33.44
N ASP N 290 17.05 33.09 34.40
CA ASP N 290 17.96 33.29 35.51
C ASP N 290 18.30 31.95 36.13
N ILE N 291 19.40 31.93 36.87
CA ILE N 291 19.84 30.73 37.59
C ILE N 291 20.07 31.16 39.03
N ILE N 292 19.05 30.99 39.87
CA ILE N 292 19.10 31.42 41.26
C ILE N 292 19.12 30.19 42.16
N GLY N 293 19.76 30.34 43.31
CA GLY N 293 19.90 29.25 44.25
C GLY N 293 21.23 28.56 44.08
N ASP N 294 21.21 27.24 43.97
CA ASP N 294 22.44 26.48 43.77
C ASP N 294 23.04 26.79 42.40
N ILE N 295 24.35 26.97 42.36
CA ILE N 295 25.08 27.19 41.11
C ILE N 295 26.37 26.37 41.18
N ARG N 296 26.45 25.33 40.36
CA ARG N 296 27.63 24.48 40.34
C ARG N 296 27.69 23.78 39.00
N LYS N 297 28.91 23.44 38.59
CA LYS N 297 29.09 22.72 37.33
C LYS N 297 28.45 21.33 37.43
N ALA N 298 27.89 20.88 36.31
CA ALA N 298 27.37 19.53 36.25
C ALA N 298 28.50 18.53 36.35
N TYR N 299 28.20 17.34 36.87
CA TYR N 299 29.22 16.34 37.09
C TYR N 299 28.59 14.95 37.07
N CYS N 300 29.44 13.93 36.91
CA CYS N 300 29.05 12.54 36.96
C CYS N 300 29.89 11.81 38.00
N GLU N 301 29.26 10.91 38.74
CA GLU N 301 29.92 10.15 39.80
C GLU N 301 30.15 8.72 39.34
N ILE N 302 31.40 8.26 39.47
CA ILE N 302 31.77 6.88 39.19
C ILE N 302 32.46 6.30 40.41
N ASN N 303 32.09 5.08 40.79
CA ASN N 303 32.81 4.37 41.83
C ASN N 303 34.19 3.99 41.33
N GLY N 304 35.23 4.50 41.99
CA GLY N 304 36.58 4.30 41.49
C GLY N 304 36.97 2.83 41.46
N THR N 305 36.64 2.08 42.50
CA THR N 305 37.05 0.68 42.57
C THR N 305 36.42 -0.13 41.46
N LYS N 306 35.13 0.08 41.20
CA LYS N 306 34.46 -0.68 40.15
C LYS N 306 35.10 -0.44 38.79
N TRP N 307 35.41 0.81 38.48
CA TRP N 307 36.04 1.10 37.19
C TRP N 307 37.42 0.45 37.10
N ASN N 308 38.20 0.49 38.18
CA ASN N 308 39.50 -0.20 38.17
C ASN N 308 39.33 -1.65 37.77
N GLU N 309 38.37 -2.35 38.37
CA GLU N 309 38.13 -3.75 38.03
C GLU N 309 37.69 -3.88 36.58
N THR N 310 36.69 -3.11 36.18
CA THR N 310 36.17 -3.22 34.81
C THR N 310 37.25 -2.85 33.79
N LEU N 311 38.09 -1.87 34.12
CA LEU N 311 39.23 -1.57 33.28
C LEU N 311 40.33 -2.62 33.39
N LYS N 312 40.33 -3.42 34.46
CA LYS N 312 41.35 -4.44 34.65
C LYS N 312 41.02 -5.74 33.94
N GLN N 313 39.76 -6.16 33.96
CA GLN N 313 39.36 -7.33 33.17
C GLN N 313 39.50 -7.06 31.68
N VAL N 314 39.16 -5.86 31.24
CA VAL N 314 39.22 -5.53 29.82
C VAL N 314 40.65 -5.65 29.30
N VAL N 315 41.61 -5.09 30.03
CA VAL N 315 43.00 -5.22 29.61
C VAL N 315 43.41 -6.69 29.61
N GLY N 316 42.77 -7.51 30.44
CA GLY N 316 43.05 -8.93 30.40
C GLY N 316 42.66 -9.57 29.08
N LYS N 317 41.51 -9.19 28.55
CA LYS N 317 41.08 -9.73 27.25
C LYS N 317 41.92 -9.15 26.12
N LEU N 318 42.30 -7.87 26.23
CA LEU N 318 43.12 -7.26 25.20
C LEU N 318 44.49 -7.92 25.10
N LYS N 319 45.08 -8.29 26.23
CA LYS N 319 46.39 -8.94 26.18
C LYS N 319 46.35 -10.26 25.43
N GLU N 320 45.17 -10.85 25.25
CA GLU N 320 45.08 -12.06 24.45
C GLU N 320 45.26 -11.77 22.96
N HIS N 321 44.60 -10.72 22.47
CA HIS N 321 44.74 -10.35 21.07
C HIS N 321 46.05 -9.62 20.79
N PHE N 322 46.68 -9.05 21.81
CA PHE N 322 47.97 -8.36 21.70
C PHE N 322 48.89 -9.00 22.73
N PRO N 323 49.51 -10.14 22.41
CA PRO N 323 50.13 -10.97 23.46
C PRO N 323 51.28 -10.32 24.22
N ASN N 324 52.31 -9.88 23.50
CA ASN N 324 53.58 -9.49 24.12
C ASN N 324 53.71 -7.98 24.28
N LYS N 325 52.60 -7.25 24.35
CA LYS N 325 52.62 -5.80 24.40
C LYS N 325 51.85 -5.31 25.62
N THR N 326 52.28 -4.16 26.14
CA THR N 326 51.61 -3.53 27.27
C THR N 326 50.49 -2.63 26.78
N ILE N 327 49.41 -2.57 27.55
CA ILE N 327 48.18 -1.89 27.14
C ILE N 327 48.00 -0.67 28.02
N SER N 328 47.77 0.48 27.38
CA SER N 328 47.52 1.73 28.09
C SER N 328 46.36 2.45 27.42
N PHE N 329 45.64 3.24 28.21
CA PHE N 329 44.50 4.01 27.74
C PHE N 329 44.84 5.49 27.84
N GLN N 330 44.43 6.25 26.83
CA GLN N 330 44.70 7.68 26.79
C GLN N 330 43.47 8.44 26.34
N PRO N 331 43.34 9.70 26.74
CA PRO N 331 42.16 10.48 26.33
C PRO N 331 42.19 10.78 24.85
N PRO N 332 41.05 11.07 24.24
CA PRO N 332 41.02 11.27 22.79
C PRO N 332 41.94 12.40 22.35
N SER N 333 42.49 12.25 21.14
CA SER N 333 43.51 13.16 20.64
C SER N 333 42.94 14.36 19.90
N GLY N 334 41.64 14.42 19.67
CA GLY N 334 41.05 15.56 19.02
C GLY N 334 39.73 15.21 18.36
N GLY N 335 39.22 16.16 17.60
CA GLY N 335 37.97 15.98 16.89
C GLY N 335 36.88 16.90 17.39
N ASP N 336 35.65 16.65 16.99
CA ASP N 336 34.53 17.45 17.44
C ASP N 336 34.25 17.19 18.91
N LEU N 337 33.43 18.05 19.51
CA LEU N 337 33.11 17.90 20.93
C LEU N 337 32.36 16.61 21.23
N GLU N 338 31.71 16.01 20.23
CA GLU N 338 31.03 14.75 20.45
C GLU N 338 32.01 13.57 20.51
N ILE N 339 33.21 13.75 19.98
CA ILE N 339 34.20 12.68 19.97
C ILE N 339 35.10 12.73 21.19
N THR N 340 35.49 13.93 21.62
CA THR N 340 36.42 14.07 22.72
C THR N 340 35.75 14.03 24.09
N MET N 341 34.43 14.03 24.16
CA MET N 341 33.72 14.04 25.43
C MET N 341 32.54 13.09 25.36
N HIS N 342 32.17 12.53 26.52
CA HIS N 342 31.08 11.56 26.61
C HIS N 342 29.76 12.30 26.49
N HIS N 343 29.13 12.19 25.32
CA HIS N 343 27.87 12.88 25.05
C HIS N 343 26.71 11.95 25.29
N PHE N 344 25.73 12.40 26.07
CA PHE N 344 24.53 11.62 26.33
C PHE N 344 23.38 12.60 26.62
N ASN N 345 22.25 12.04 27.01
CA ASN N 345 21.02 12.80 27.22
C ASN N 345 20.46 12.48 28.59
N CYS N 346 19.79 13.47 29.19
CA CYS N 346 19.17 13.29 30.50
C CYS N 346 18.00 14.25 30.62
N ARG N 347 16.78 13.72 30.52
CA ARG N 347 15.57 14.53 30.70
C ARG N 347 15.53 15.71 29.74
N GLY N 348 16.12 15.55 28.56
CA GLY N 348 16.13 16.60 27.57
C GLY N 348 17.31 17.53 27.65
N GLU N 349 18.16 17.40 28.67
CA GLU N 349 19.39 18.17 28.77
C GLU N 349 20.54 17.34 28.21
N PHE N 350 21.29 17.92 27.29
CA PHE N 350 22.35 17.20 26.58
C PHE N 350 23.69 17.50 27.24
N PHE N 351 24.35 16.46 27.74
CA PHE N 351 25.58 16.59 28.49
C PHE N 351 26.80 16.28 27.62
N TYR N 352 27.95 16.75 28.08
CA TYR N 352 29.25 16.45 27.45
C TYR N 352 30.27 16.33 28.58
N CYS N 353 30.54 15.11 28.99
CA CYS N 353 31.38 14.86 30.16
C CYS N 353 32.81 14.51 29.75
N ASN N 354 33.76 14.95 30.56
CA ASN N 354 35.16 14.91 30.17
C ASN N 354 35.65 13.48 30.00
N THR N 355 35.63 12.69 31.09
CA THR N 355 36.08 11.30 31.06
C THR N 355 37.55 11.21 30.64
N THR N 356 38.40 11.89 31.40
CA THR N 356 39.84 11.73 31.28
C THR N 356 40.44 10.93 32.41
N GLN N 357 39.85 10.98 33.60
CA GLN N 357 40.31 10.13 34.69
C GLN N 357 40.03 8.66 34.40
N LEU N 358 38.99 8.37 33.61
CA LEU N 358 38.64 6.99 33.34
C LEU N 358 39.60 6.33 32.36
N PHE N 359 40.21 7.11 31.47
CA PHE N 359 41.02 6.59 30.37
C PHE N 359 42.41 7.20 30.39
N ASN N 360 43.05 7.17 31.56
CA ASN N 360 44.45 7.60 31.69
C ASN N 360 45.13 6.63 32.65
N SER N 361 45.76 5.59 32.08
CA SER N 361 46.44 4.59 32.88
C SER N 361 47.35 3.78 31.98
N THR N 362 48.22 2.99 32.61
CA THR N 362 49.13 2.09 31.91
C THR N 362 49.28 0.81 32.70
N TRP N 363 49.18 -0.32 32.03
CA TRP N 363 49.26 -1.65 32.64
C TRP N 363 50.50 -2.32 32.06
N ILE N 364 51.62 -2.15 32.75
CA ILE N 364 52.92 -2.53 32.20
C ILE N 364 53.02 -4.05 32.11
N ASN N 365 52.96 -4.74 33.24
CA ASN N 365 53.07 -6.19 33.24
C ASN N 365 52.23 -6.87 34.31
N SER N 366 51.52 -6.13 35.16
CA SER N 366 50.81 -6.70 36.30
C SER N 366 51.77 -7.52 37.15
N THR N 367 52.97 -6.99 37.37
CA THR N 367 53.97 -7.72 38.14
C THR N 367 53.50 -8.01 39.55
N THR N 368 52.91 -7.01 40.21
CA THR N 368 52.41 -7.15 41.57
C THR N 368 51.05 -6.51 41.68
N ILE N 369 50.26 -6.98 42.64
CA ILE N 369 48.93 -6.45 42.86
C ILE N 369 49.03 -5.17 43.67
N LYS N 370 48.44 -4.09 43.13
CA LYS N 370 48.43 -2.79 43.78
C LYS N 370 47.04 -2.53 44.33
N GLU N 371 46.95 -2.14 45.60
CA GLU N 371 45.69 -1.99 46.30
C GLU N 371 45.52 -0.55 46.76
N TYR N 372 44.31 -0.03 46.60
CA TYR N 372 43.95 1.31 47.06
C TYR N 372 42.52 1.27 47.58
N ASN N 373 42.18 2.24 48.42
CA ASN N 373 40.85 2.24 49.02
C ASN N 373 39.86 2.97 48.11
N ASP N 374 38.57 2.80 48.43
CA ASP N 374 37.50 3.27 47.57
C ASP N 374 37.55 4.79 47.43
N THR N 375 37.38 5.26 46.20
CA THR N 375 37.27 6.68 45.91
C THR N 375 36.19 6.88 44.86
N ILE N 376 35.62 8.08 44.85
CA ILE N 376 34.61 8.46 43.87
C ILE N 376 35.26 9.37 42.85
N ILE N 377 35.01 9.10 41.57
CA ILE N 377 35.55 9.89 40.48
C ILE N 377 34.46 10.86 40.02
N TYR N 378 34.77 12.15 40.05
CA TYR N 378 33.86 13.20 39.62
C TYR N 378 34.31 13.70 38.25
N LEU N 379 33.43 13.63 37.27
CA LEU N 379 33.74 14.03 35.90
C LEU N 379 33.05 15.34 35.57
N PRO N 380 33.77 16.44 35.33
CA PRO N 380 33.10 17.67 34.94
C PRO N 380 32.35 17.48 33.62
N CYS N 381 31.17 18.08 33.54
CA CYS N 381 30.33 17.98 32.35
C CYS N 381 29.86 19.37 31.94
N LYS N 382 29.58 19.52 30.65
CA LYS N 382 29.08 20.76 30.09
C LYS N 382 27.74 20.49 29.42
N ILE N 383 26.87 21.50 29.44
CA ILE N 383 25.55 21.41 28.82
C ILE N 383 25.56 22.25 27.55
N LYS N 384 24.86 21.78 26.53
CA LYS N 384 24.73 22.48 25.27
C LYS N 384 23.27 22.50 24.84
N GLN N 385 22.87 23.57 24.17
CA GLN N 385 21.50 23.72 23.71
C GLN N 385 21.34 23.60 22.21
N ILE N 386 22.32 24.06 21.42
CA ILE N 386 22.30 23.84 19.98
C ILE N 386 22.88 22.45 19.73
N ILE N 387 22.06 21.55 19.20
CA ILE N 387 22.37 20.13 19.14
C ILE N 387 22.46 19.69 17.68
N ASN N 388 23.58 19.03 17.34
CA ASN N 388 23.78 18.41 16.03
C ASN N 388 24.35 17.02 16.30
N MET N 389 23.48 16.04 16.45
CA MET N 389 23.91 14.69 16.82
C MET N 389 24.15 13.77 15.63
N TRP N 390 23.65 14.13 14.45
CA TRP N 390 23.74 13.25 13.28
C TRP N 390 24.81 13.69 12.31
N GLN N 391 25.90 14.27 12.82
CA GLN N 391 27.04 14.67 12.00
C GLN N 391 26.59 15.57 10.85
N GLY N 392 25.69 16.50 11.16
CA GLY N 392 25.19 17.42 10.15
C GLY N 392 24.41 16.76 9.05
N VAL N 393 23.62 15.73 9.38
CA VAL N 393 22.76 15.04 8.42
C VAL N 393 21.29 15.38 8.68
N GLY N 394 20.85 15.28 9.93
CA GLY N 394 19.48 15.54 10.29
C GLY N 394 19.24 17.01 10.59
N GLN N 395 18.06 17.28 11.13
CA GLN N 395 17.65 18.64 11.45
C GLN N 395 18.30 19.09 12.75
N CYS N 396 18.82 20.31 12.76
CA CYS N 396 19.36 20.88 13.99
C CYS N 396 18.23 21.16 14.98
N MET N 397 18.55 21.07 16.27
CA MET N 397 17.56 21.23 17.31
C MET N 397 18.08 22.18 18.38
N TYR N 398 17.16 22.91 18.99
CA TYR N 398 17.44 23.74 20.16
C TYR N 398 16.66 23.17 21.33
N ALA N 399 17.37 22.85 22.42
CA ALA N 399 16.75 22.19 23.56
C ALA N 399 16.36 23.22 24.60
N PRO N 400 15.07 23.45 24.87
CA PRO N 400 14.69 24.40 25.90
C PRO N 400 15.18 23.94 27.27
N PRO N 401 15.42 24.86 28.19
CA PRO N 401 15.89 24.45 29.53
C PRO N 401 14.83 23.66 30.28
N ILE N 402 15.30 22.79 31.17
CA ILE N 402 14.44 22.00 32.04
C ILE N 402 14.44 22.66 33.42
N ARG N 403 13.25 22.92 33.95
CA ARG N 403 13.14 23.57 35.26
C ARG N 403 13.66 22.66 36.35
N GLY N 404 14.37 23.26 37.32
CA GLY N 404 14.78 22.55 38.50
C GLY N 404 16.09 21.80 38.34
N LYS N 405 16.29 20.86 39.26
CA LYS N 405 17.48 20.03 39.29
C LYS N 405 17.27 18.78 38.47
N ILE N 406 18.35 18.30 37.84
CA ILE N 406 18.33 17.17 36.94
C ILE N 406 19.21 16.08 37.50
N ASN N 407 18.74 14.84 37.48
CA ASN N 407 19.50 13.70 37.95
C ASN N 407 19.18 12.48 37.10
N CYS N 408 20.22 11.75 36.70
CA CYS N 408 20.07 10.54 35.91
C CYS N 408 21.05 9.49 36.42
N VAL N 409 20.57 8.27 36.56
CA VAL N 409 21.40 7.12 36.94
C VAL N 409 21.26 6.09 35.85
N SER N 410 22.38 5.69 35.25
CA SER N 410 22.36 4.78 34.11
C SER N 410 23.52 3.80 34.23
N ASN N 411 23.38 2.68 33.54
CA ASN N 411 24.39 1.64 33.51
C ASN N 411 25.39 1.89 32.39
N ILE N 412 26.62 1.41 32.59
CA ILE N 412 27.63 1.37 31.55
C ILE N 412 27.75 -0.07 31.08
N THR N 413 27.53 -0.30 29.79
CA THR N 413 27.50 -1.64 29.23
C THR N 413 28.66 -1.92 28.30
N GLY N 414 29.28 -0.90 27.71
CA GLY N 414 30.37 -1.12 26.77
C GLY N 414 31.22 0.11 26.60
N ILE N 415 32.29 -0.06 25.85
CA ILE N 415 33.23 1.02 25.53
C ILE N 415 33.57 0.93 24.06
N LEU N 416 33.71 2.07 23.40
CA LEU N 416 34.16 2.15 22.01
C LEU N 416 35.56 2.75 21.99
N LEU N 417 36.54 1.98 21.53
CA LEU N 417 37.94 2.38 21.55
C LEU N 417 38.46 2.52 20.14
N THR N 418 39.67 3.08 20.02
CA THR N 418 40.31 3.28 18.72
C THR N 418 41.81 3.15 18.91
N ARG N 419 42.34 1.97 18.58
CA ARG N 419 43.77 1.75 18.65
C ARG N 419 44.50 2.62 17.64
N ASP N 420 45.68 3.10 18.02
CA ASP N 420 46.47 3.97 17.17
C ASP N 420 47.67 3.22 16.59
N GLY N 421 47.99 3.54 15.34
CA GLY N 421 48.98 2.81 14.60
C GLY N 421 50.40 3.21 14.94
N GLY N 422 51.33 2.72 14.12
CA GLY N 422 52.74 3.00 14.30
C GLY N 422 53.58 1.92 13.67
N ASP N 423 54.87 2.23 13.48
CA ASP N 423 55.82 1.34 12.84
C ASP N 423 56.91 0.85 13.79
N ALA N 424 57.64 1.76 14.42
CA ALA N 424 58.76 1.41 15.28
C ALA N 424 58.53 1.77 16.74
N ASN N 425 58.14 3.01 17.02
CA ASN N 425 57.87 3.39 18.40
C ASN N 425 56.69 2.62 18.99
N ALA N 426 55.64 2.44 18.19
CA ALA N 426 54.45 1.72 18.65
C ALA N 426 54.69 0.23 18.85
N THR N 427 55.77 -0.30 18.29
CA THR N 427 56.12 -1.72 18.46
C THR N 427 57.00 -1.95 19.68
N ASN N 428 57.28 -0.91 20.46
CA ASN N 428 58.12 -1.04 21.64
C ASN N 428 57.32 -1.57 22.82
N ASP N 429 56.61 -2.67 22.61
CA ASP N 429 55.83 -3.32 23.67
C ASP N 429 54.87 -2.32 24.32
N THR N 430 54.05 -1.69 23.49
CA THR N 430 53.05 -0.77 24.00
C THR N 430 51.93 -0.62 22.98
N GLU N 431 50.70 -0.51 23.47
CA GLU N 431 49.53 -0.27 22.63
C GLU N 431 48.63 0.70 23.37
N THR N 432 48.31 1.83 22.74
CA THR N 432 47.45 2.85 23.34
C THR N 432 46.08 2.79 22.67
N PHE N 433 45.03 2.75 23.49
CA PHE N 433 43.66 2.80 23.04
C PHE N 433 43.01 4.08 23.55
N ARG N 434 42.21 4.71 22.71
CA ARG N 434 41.54 5.95 23.08
C ARG N 434 40.04 5.80 22.89
N PRO N 435 39.24 6.33 23.81
CA PRO N 435 37.79 6.15 23.70
C PRO N 435 37.21 6.87 22.49
N GLY N 436 36.04 6.42 22.09
CA GLY N 436 35.31 7.04 21.01
C GLY N 436 35.76 6.53 19.65
N GLY N 437 34.94 6.81 18.65
CA GLY N 437 35.23 6.39 17.29
C GLY N 437 33.99 5.88 16.58
N GLY N 438 34.16 5.44 15.34
CA GLY N 438 33.04 4.91 14.60
C GLY N 438 31.95 5.94 14.43
N ASN N 439 30.70 5.48 14.49
CA ASN N 439 29.54 6.35 14.33
C ASN N 439 28.43 5.82 15.24
N ILE N 440 27.22 6.36 15.06
CA ILE N 440 26.10 5.92 15.87
C ILE N 440 25.66 4.51 15.47
N LYS N 441 26.11 4.02 14.32
CA LYS N 441 25.76 2.66 13.93
C LYS N 441 26.35 1.64 14.88
N ASP N 442 27.55 1.89 15.40
CA ASP N 442 28.15 0.98 16.36
C ASP N 442 27.37 0.93 17.66
N ASN N 443 26.61 1.97 17.97
CA ASN N 443 25.76 1.95 19.16
C ASN N 443 24.63 0.95 19.04
N TRP N 444 24.36 0.45 17.84
CA TRP N 444 23.30 -0.52 17.63
C TRP N 444 23.80 -1.83 17.02
N ARG N 445 25.05 -1.89 16.56
CA ARG N 445 25.66 -3.19 16.31
C ARG N 445 25.84 -3.96 17.60
N SER N 446 26.01 -3.27 18.73
CA SER N 446 26.17 -3.94 20.01
C SER N 446 24.90 -4.61 20.48
N GLU N 447 23.76 -4.30 19.87
CA GLU N 447 22.50 -4.94 20.21
C GLU N 447 21.98 -5.88 19.13
N LEU N 448 22.28 -5.60 17.87
CA LEU N 448 21.80 -6.40 16.75
C LEU N 448 22.85 -7.37 16.22
N TYR N 449 23.93 -7.60 16.98
CA TYR N 449 24.98 -8.49 16.51
C TYR N 449 24.57 -9.95 16.49
N LYS N 450 23.54 -10.33 17.25
CA LYS N 450 23.16 -11.71 17.42
C LYS N 450 21.96 -12.12 16.56
N TYR N 451 21.51 -11.25 15.66
CA TYR N 451 20.31 -11.50 14.89
C TYR N 451 20.63 -11.59 13.40
N LYS N 452 19.69 -12.14 12.65
CA LYS N 452 19.87 -12.40 11.23
C LYS N 452 18.50 -12.66 10.61
N VAL N 453 18.17 -11.91 9.57
CA VAL N 453 16.87 -12.01 8.91
C VAL N 453 16.98 -12.96 7.73
N VAL N 454 16.08 -13.95 7.68
CA VAL N 454 16.07 -14.94 6.62
C VAL N 454 14.66 -15.07 6.08
N GLN N 455 14.56 -15.63 4.87
CA GLN N 455 13.29 -15.86 4.21
C GLN N 455 12.99 -17.35 4.20
N ILE N 456 11.76 -17.70 4.58
CA ILE N 456 11.35 -19.10 4.61
C ILE N 456 11.04 -19.57 3.19
N GLU N 457 11.37 -20.83 2.91
CA GLU N 457 11.11 -21.47 1.61
C GLU N 457 10.37 -22.77 1.89
N PRO N 458 9.05 -22.73 2.04
CA PRO N 458 8.31 -23.90 2.51
C PRO N 458 7.96 -24.92 1.43
N LEU N 459 8.52 -24.80 0.24
CA LEU N 459 8.20 -25.71 -0.86
C LEU N 459 9.38 -26.61 -1.13
N GLY N 460 9.17 -27.91 -1.02
CA GLY N 460 10.25 -28.88 -1.16
C GLY N 460 9.87 -29.99 -2.12
N ILE N 461 10.85 -30.38 -2.93
CA ILE N 461 10.68 -31.39 -3.97
C ILE N 461 11.60 -32.55 -3.62
N ALA N 462 11.05 -33.76 -3.56
CA ALA N 462 11.82 -34.94 -3.19
C ALA N 462 11.31 -36.14 -3.97
N PRO N 463 12.15 -37.18 -4.13
CA PRO N 463 11.68 -38.41 -4.78
C PRO N 463 11.06 -39.39 -3.80
N THR N 464 9.89 -39.93 -4.14
CA THR N 464 9.24 -40.96 -3.35
C THR N 464 8.67 -42.01 -4.29
N LYS N 465 8.09 -43.06 -3.70
CA LYS N 465 7.49 -44.14 -4.47
C LYS N 465 6.00 -43.95 -4.69
N CYS N 466 5.44 -42.82 -4.25
CA CYS N 466 4.02 -42.55 -4.45
C CYS N 466 3.80 -41.96 -5.83
N LYS N 467 2.87 -42.53 -6.58
CA LYS N 467 2.51 -42.07 -7.91
C LYS N 467 1.07 -41.57 -7.91
N ARG N 468 0.83 -40.45 -8.59
CA ARG N 468 -0.51 -39.91 -8.68
C ARG N 468 -1.42 -40.89 -9.40
N ARG N 469 -2.60 -41.14 -8.83
CA ARG N 469 -3.54 -42.09 -9.40
C ARG N 469 -4.31 -41.41 -10.53
N VAL N 470 -4.11 -41.89 -11.75
CA VAL N 470 -4.84 -41.35 -12.90
C VAL N 470 -6.25 -41.90 -12.89
N VAL N 471 -7.20 -41.07 -13.31
CA VAL N 471 -8.60 -41.47 -13.36
C VAL N 471 -8.82 -42.47 -14.49
N GLN O 1 35.72 14.04 -12.04
CA GLN O 1 37.09 13.63 -11.62
C GLN O 1 37.26 13.78 -10.11
N VAL O 2 38.41 13.36 -9.60
CA VAL O 2 38.77 13.48 -8.20
C VAL O 2 40.16 14.10 -8.12
N GLN O 3 40.30 15.15 -7.31
CA GLN O 3 41.57 15.84 -7.18
C GLN O 3 41.79 16.25 -5.74
N LEU O 4 43.06 16.21 -5.32
CA LEU O 4 43.48 16.62 -4.00
C LEU O 4 44.51 17.74 -4.17
N LEU O 5 44.03 18.98 -4.30
CA LEU O 5 44.92 20.12 -4.50
C LEU O 5 45.63 20.46 -3.19
N GLN O 6 46.94 20.59 -3.25
CA GLN O 6 47.74 20.96 -2.09
C GLN O 6 48.22 22.40 -2.22
N SER O 7 49.00 22.83 -1.24
CA SER O 7 49.57 24.16 -1.23
C SER O 7 51.02 24.10 -1.71
N GLY O 8 51.65 25.26 -1.83
CA GLY O 8 53.02 25.33 -2.28
C GLY O 8 54.02 24.96 -1.21
N ALA O 9 55.27 24.87 -1.62
CA ALA O 9 56.35 24.53 -0.70
C ALA O 9 56.48 25.59 0.39
N ALA O 10 57.10 25.20 1.50
CA ALA O 10 57.26 26.09 2.64
C ALA O 10 58.67 25.96 3.19
N VAL O 11 59.22 27.09 3.63
CA VAL O 11 60.53 27.14 4.26
C VAL O 11 60.34 27.75 5.65
N THR O 12 60.89 27.10 6.67
CA THR O 12 60.71 27.53 8.05
C THR O 12 62.02 27.39 8.82
N LYS O 13 61.98 27.80 10.07
CA LYS O 13 63.10 27.75 10.99
C LYS O 13 62.88 26.71 12.07
N PRO O 14 63.93 26.19 12.69
CA PRO O 14 63.73 25.22 13.77
C PRO O 14 62.91 25.81 14.90
N GLY O 15 62.05 24.99 15.49
CA GLY O 15 61.17 25.43 16.55
C GLY O 15 59.94 26.17 16.08
N ALA O 16 59.75 26.34 14.78
CA ALA O 16 58.61 27.06 14.23
C ALA O 16 57.44 26.09 14.06
N SER O 17 56.42 26.51 13.31
CA SER O 17 55.29 25.67 12.97
C SER O 17 54.97 25.82 11.49
N VAL O 18 54.36 24.78 10.93
CA VAL O 18 54.01 24.75 9.51
C VAL O 18 52.54 24.38 9.38
N ARG O 19 51.95 24.79 8.27
CA ARG O 19 50.53 24.55 8.00
C ARG O 19 50.40 24.08 6.56
N VAL O 20 50.39 22.76 6.37
CA VAL O 20 50.21 22.16 5.04
C VAL O 20 48.72 21.91 4.83
N SER O 21 48.21 22.34 3.69
CA SER O 21 46.79 22.24 3.38
C SER O 21 46.57 21.37 2.16
N CYS O 22 45.48 20.60 2.19
CA CYS O 22 45.07 19.75 1.08
C CYS O 22 43.58 19.93 0.88
N GLU O 23 43.16 20.01 -0.38
CA GLU O 23 41.78 20.32 -0.71
C GLU O 23 41.20 19.25 -1.61
N ALA O 24 40.06 18.70 -1.21
CA ALA O 24 39.36 17.66 -1.96
C ALA O 24 38.03 18.19 -2.46
N SER O 25 37.78 18.04 -3.75
CA SER O 25 36.61 18.66 -4.37
C SER O 25 35.73 17.70 -5.16
N GLY O 26 36.32 16.72 -5.84
CA GLY O 26 35.60 16.01 -6.88
C GLY O 26 34.88 14.74 -6.48
N TYR O 27 34.32 14.69 -5.28
CA TYR O 27 33.57 13.52 -4.82
C TYR O 27 32.96 13.86 -3.48
N ASN O 28 32.24 12.89 -2.91
CA ASN O 28 31.72 13.03 -1.55
C ASN O 28 32.83 12.68 -0.56
N ILE O 29 33.29 13.69 0.18
CA ILE O 29 34.50 13.55 0.98
C ILE O 29 34.22 12.91 2.34
N ARG O 30 32.99 12.97 2.84
CA ARG O 30 32.72 12.50 4.19
C ARG O 30 32.85 10.98 4.31
N ASP O 31 32.91 10.26 3.20
CA ASP O 31 32.83 8.80 3.22
C ASP O 31 34.17 8.13 2.99
N TYR O 32 35.28 8.87 3.03
CA TYR O 32 36.59 8.30 2.78
C TYR O 32 37.61 8.96 3.68
N PHE O 33 38.40 8.15 4.38
CA PHE O 33 39.46 8.67 5.22
C PHE O 33 40.54 9.33 4.36
N ILE O 34 41.17 10.35 4.92
CA ILE O 34 42.29 11.03 4.27
C ILE O 34 43.52 10.84 5.14
N HIS O 35 44.52 10.16 4.60
CA HIS O 35 45.76 9.88 5.30
C HIS O 35 46.83 10.89 4.88
N TRP O 36 47.82 11.05 5.76
CA TRP O 36 48.94 11.94 5.51
C TRP O 36 50.23 11.13 5.52
N TRP O 37 51.04 11.28 4.48
CA TRP O 37 52.27 10.53 4.30
C TRP O 37 53.45 11.47 4.24
N ARG O 38 54.57 11.04 4.83
CA ARG O 38 55.79 11.83 4.90
C ARG O 38 56.91 11.06 4.21
N GLN O 39 57.61 11.72 3.30
CA GLN O 39 58.68 11.10 2.51
C GLN O 39 59.93 11.97 2.62
N ALA O 40 60.88 11.55 3.44
CA ALA O 40 62.14 12.27 3.53
C ALA O 40 62.93 12.12 2.24
N PRO O 41 63.78 13.09 1.91
CA PRO O 41 64.60 12.95 0.70
C PRO O 41 65.54 11.75 0.80
N GLY O 42 65.51 10.89 -0.22
CA GLY O 42 66.36 9.73 -0.25
C GLY O 42 65.87 8.55 0.56
N GLN O 43 64.65 8.62 1.10
CA GLN O 43 64.08 7.56 1.91
C GLN O 43 62.67 7.24 1.41
N GLY O 44 62.10 6.16 1.93
CA GLY O 44 60.76 5.76 1.57
C GLY O 44 59.71 6.56 2.30
N LEU O 45 58.45 6.24 2.01
CA LEU O 45 57.34 6.95 2.61
C LEU O 45 57.22 6.59 4.09
N GLN O 46 56.59 7.50 4.84
CA GLN O 46 56.27 7.29 6.24
C GLN O 46 54.82 7.67 6.48
N TRP O 47 54.21 7.02 7.48
CA TRP O 47 52.81 7.24 7.80
C TRP O 47 52.70 8.27 8.91
N VAL O 48 51.88 9.30 8.68
CA VAL O 48 51.66 10.35 9.67
C VAL O 48 50.36 10.14 10.43
N GLY O 49 49.28 9.82 9.75
CA GLY O 49 48.03 9.54 10.41
C GLY O 49 46.87 9.72 9.45
N TRP O 50 45.69 9.35 9.93
CA TRP O 50 44.44 9.54 9.20
C TRP O 50 43.49 10.39 10.03
N ILE O 51 42.57 11.07 9.34
CA ILE O 51 41.55 11.87 9.97
C ILE O 51 40.20 11.48 9.40
N ASN O 52 39.23 11.27 10.28
CA ASN O 52 37.87 10.98 9.86
C ASN O 52 37.19 12.28 9.44
N PRO O 53 36.91 12.47 8.15
CA PRO O 53 36.28 13.74 7.74
C PRO O 53 34.93 14.01 8.39
N LYS O 54 34.15 12.97 8.68
CA LYS O 54 32.85 13.19 9.30
C LYS O 54 33.00 13.87 10.67
N THR O 55 33.85 13.32 11.53
CA THR O 55 33.95 13.78 12.90
C THR O 55 35.28 14.45 13.22
N GLY O 56 36.23 14.48 12.30
CA GLY O 56 37.49 15.13 12.55
C GLY O 56 38.42 14.39 13.49
N GLN O 57 38.13 13.14 13.79
CA GLN O 57 38.96 12.38 14.73
C GLN O 57 40.28 12.02 14.08
N PRO O 58 41.42 12.44 14.63
CA PRO O 58 42.71 12.05 14.06
C PRO O 58 43.27 10.79 14.72
N ASN O 59 44.34 10.28 14.13
CA ASN O 59 45.03 9.11 14.67
C ASN O 59 46.46 9.14 14.16
N ASN O 60 47.41 9.29 15.08
CA ASN O 60 48.82 9.41 14.73
C ASN O 60 49.65 8.45 15.56
N PRO O 61 50.83 8.04 15.06
CA PRO O 61 51.70 7.16 15.84
C PRO O 61 52.24 7.80 17.11
N ARG O 62 53.00 7.04 17.89
CA ARG O 62 53.66 7.62 19.06
C ARG O 62 54.70 8.65 18.64
N GLN O 63 55.34 8.44 17.48
CA GLN O 63 56.40 9.35 17.05
C GLN O 63 55.87 10.76 16.87
N PHE O 64 54.68 10.91 16.28
CA PHE O 64 54.08 12.20 16.00
C PHE O 64 53.07 12.61 17.05
N GLN O 65 53.27 12.19 18.30
CA GLN O 65 52.31 12.44 19.36
C GLN O 65 52.65 13.76 20.04
N GLY O 66 51.67 14.65 20.12
CA GLY O 66 51.87 15.96 20.69
C GLY O 66 52.45 16.97 19.73
N ARG O 67 52.74 16.59 18.49
CA ARG O 67 53.29 17.49 17.49
C ARG O 67 52.35 17.68 16.31
N VAL O 68 51.90 16.60 15.68
CA VAL O 68 51.02 16.69 14.53
C VAL O 68 49.60 16.94 15.01
N SER O 69 48.89 17.84 14.34
CA SER O 69 47.50 18.15 14.65
C SER O 69 46.74 18.17 13.33
N LEU O 70 46.00 17.11 13.04
CA LEU O 70 45.24 16.99 11.81
C LEU O 70 43.85 17.55 12.04
N THR O 71 43.48 18.56 11.26
CA THR O 71 42.16 19.17 11.33
C THR O 71 41.63 19.35 9.92
N ARG O 72 40.31 19.43 9.80
CA ARG O 72 39.66 19.61 8.51
C ARG O 72 38.61 20.71 8.62
N HIS O 73 38.38 21.40 7.52
CA HIS O 73 37.36 22.43 7.41
C HIS O 73 36.47 22.09 6.23
N ALA O 74 35.16 22.12 6.46
CA ALA O 74 34.18 21.69 5.47
C ALA O 74 33.39 22.89 4.96
N SER O 75 33.08 22.87 3.67
CA SER O 75 32.27 23.92 3.07
C SER O 75 30.86 23.88 3.66
N TRP O 76 30.05 24.87 3.30
CA TRP O 76 28.70 24.96 3.85
C TRP O 76 27.86 23.77 3.42
N ASP O 77 28.00 23.33 2.17
CA ASP O 77 27.25 22.20 1.63
C ASP O 77 28.12 20.96 1.44
N PHE O 78 29.31 20.94 2.02
CA PHE O 78 30.20 19.78 1.97
C PHE O 78 30.65 19.44 0.55
N ASP O 79 30.51 20.38 -0.39
CA ASP O 79 31.02 20.14 -1.73
C ASP O 79 32.54 19.99 -1.73
N THR O 80 33.24 20.83 -0.98
CA THR O 80 34.68 20.83 -0.94
C THR O 80 35.15 20.84 0.51
N TYR O 81 36.36 20.33 0.72
CA TYR O 81 36.94 20.20 2.05
C TYR O 81 38.35 20.74 2.03
N SER O 82 38.83 21.15 3.20
CA SER O 82 40.21 21.57 3.39
C SER O 82 40.78 20.77 4.55
N PHE O 83 41.88 20.08 4.30
CA PHE O 83 42.55 19.26 5.31
C PHE O 83 43.90 19.88 5.64
N TYR O 84 44.14 20.10 6.93
CA TYR O 84 45.33 20.79 7.39
C TYR O 84 46.20 19.84 8.20
N MET O 85 47.52 20.07 8.14
CA MET O 85 48.49 19.33 8.92
C MET O 85 49.43 20.34 9.55
N ASP O 86 49.56 20.28 10.87
CA ASP O 86 50.36 21.24 11.63
C ASP O 86 51.48 20.51 12.36
N LEU O 87 52.70 21.01 12.22
CA LEU O 87 53.85 20.52 12.96
C LEU O 87 54.23 21.57 14.00
N LYS O 88 54.37 21.14 15.26
CA LYS O 88 54.56 22.07 16.35
C LYS O 88 56.03 22.43 16.57
N ALA O 89 56.86 21.42 16.87
CA ALA O 89 58.28 21.61 17.08
C ALA O 89 59.03 20.96 15.93
N LEU O 90 59.80 21.76 15.20
CA LEU O 90 60.50 21.30 14.01
C LEU O 90 61.97 21.06 14.29
N ARG O 91 62.56 20.18 13.49
CA ARG O 91 63.98 19.88 13.54
C ARG O 91 64.46 19.64 12.12
N SER O 92 65.75 19.33 11.97
CA SER O 92 66.27 18.98 10.66
C SER O 92 65.60 17.72 10.11
N ASP O 93 65.19 16.81 10.99
CA ASP O 93 64.59 15.55 10.56
C ASP O 93 63.25 15.75 9.87
N ASP O 94 62.61 16.90 10.07
CA ASP O 94 61.27 17.12 9.55
C ASP O 94 61.26 17.60 8.10
N THR O 95 62.42 17.76 7.48
CA THR O 95 62.46 18.09 6.07
C THR O 95 61.99 16.89 5.26
N ALA O 96 60.93 17.07 4.49
CA ALA O 96 60.36 15.98 3.70
C ALA O 96 59.30 16.55 2.78
N VAL O 97 58.64 15.67 2.04
CA VAL O 97 57.50 16.01 1.19
C VAL O 97 56.27 15.32 1.77
N TYR O 98 55.22 16.09 2.01
CA TYR O 98 54.03 15.61 2.70
C TYR O 98 52.89 15.42 1.71
N PHE O 99 52.28 14.23 1.73
CA PHE O 99 51.22 13.87 0.80
C PHE O 99 49.91 13.66 1.54
N CYS O 100 48.81 14.05 0.90
CA CYS O 100 47.47 13.74 1.36
C CYS O 100 46.85 12.74 0.38
N ALA O 101 46.40 11.60 0.91
CA ALA O 101 45.91 10.50 0.09
C ALA O 101 44.51 10.10 0.53
N ARG O 102 43.70 9.65 -0.42
CA ARG O 102 42.32 9.26 -0.18
C ARG O 102 42.27 7.74 -0.09
N GLN O 103 42.15 7.21 1.14
CA GLN O 103 41.94 5.79 1.30
C GLN O 103 40.59 5.40 0.71
N ARG O 104 40.58 4.33 -0.08
CA ARG O 104 39.40 3.98 -0.86
C ARG O 104 38.60 2.84 -0.25
N SER O 105 39.24 1.82 0.30
CA SER O 105 38.54 0.65 0.80
C SER O 105 39.34 0.04 1.94
N ASP O 106 38.85 -1.09 2.47
CA ASP O 106 39.47 -1.71 3.62
C ASP O 106 40.86 -2.24 3.32
N TYR O 107 41.24 -2.36 2.05
CA TYR O 107 42.61 -2.71 1.70
C TYR O 107 43.57 -1.56 1.96
N TRP O 108 43.06 -0.38 2.26
CA TRP O 108 43.86 0.84 2.36
C TRP O 108 44.46 1.18 0.99
N ASP O 109 43.61 1.17 -0.02
CA ASP O 109 44.02 1.55 -1.37
C ASP O 109 44.05 3.07 -1.49
N PHE O 110 45.21 3.61 -1.85
CA PHE O 110 45.38 5.05 -2.02
C PHE O 110 45.45 5.33 -3.52
N ASP O 111 44.28 5.44 -4.15
CA ASP O 111 44.21 5.67 -5.58
C ASP O 111 44.52 7.11 -5.94
N VAL O 112 44.19 8.06 -5.06
CA VAL O 112 44.38 9.49 -5.32
C VAL O 112 45.42 10.02 -4.34
N TRP O 113 46.43 10.70 -4.86
CA TRP O 113 47.46 11.33 -4.06
C TRP O 113 47.58 12.79 -4.45
N GLY O 114 47.95 13.62 -3.48
CA GLY O 114 48.23 15.01 -3.77
C GLY O 114 49.59 15.18 -4.44
N SER O 115 49.78 16.36 -5.03
CA SER O 115 51.03 16.62 -5.74
C SER O 115 52.22 16.53 -4.80
N GLY O 116 52.10 17.08 -3.59
CA GLY O 116 53.19 17.08 -2.64
C GLY O 116 53.58 18.48 -2.21
N THR O 117 54.07 18.61 -0.98
CA THR O 117 54.48 19.91 -0.45
C THR O 117 55.86 19.76 0.17
N GLN O 118 56.84 20.48 -0.38
CA GLN O 118 58.21 20.42 0.10
C GLN O 118 58.35 21.30 1.34
N VAL O 119 58.54 20.67 2.49
CA VAL O 119 58.75 21.38 3.75
C VAL O 119 60.22 21.23 4.11
N THR O 120 60.89 22.36 4.30
CA THR O 120 62.31 22.38 4.64
C THR O 120 62.55 23.33 5.81
N VAL O 121 63.58 23.03 6.58
CA VAL O 121 63.93 23.85 7.72
C VAL O 121 65.32 24.45 7.54
N ASP P 1 51.14 -5.74 14.17
CA ASP P 1 52.06 -6.88 13.91
C ASP P 1 52.01 -7.31 12.46
N ILE P 2 52.72 -6.58 11.60
CA ILE P 2 52.83 -6.89 10.18
C ILE P 2 54.29 -7.11 9.86
N GLN P 3 54.60 -8.27 9.29
CA GLN P 3 55.95 -8.60 8.85
C GLN P 3 55.99 -8.51 7.33
N MET P 4 56.94 -7.72 6.82
CA MET P 4 57.11 -7.58 5.39
C MET P 4 58.57 -7.31 5.08
N THR P 5 59.00 -7.70 3.88
CA THR P 5 60.39 -7.53 3.47
C THR P 5 60.47 -7.70 1.96
N GLN P 6 61.05 -6.72 1.28
CA GLN P 6 61.30 -6.78 -0.16
C GLN P 6 62.75 -7.16 -0.35
N SER P 7 63.00 -8.44 -0.64
CA SER P 7 64.38 -8.93 -0.71
C SER P 7 65.19 -8.21 -1.77
N PRO P 8 64.73 -8.04 -3.00
CA PRO P 8 65.52 -7.29 -3.99
C PRO P 8 65.55 -5.81 -3.65
N SER P 9 66.76 -5.24 -3.68
CA SER P 9 66.95 -3.81 -3.45
C SER P 9 66.93 -3.03 -4.76
N SER P 10 67.82 -3.37 -5.69
CA SER P 10 67.84 -2.76 -7.01
C SER P 10 68.28 -3.80 -8.02
N LEU P 11 67.81 -3.63 -9.26
CA LEU P 11 68.13 -4.57 -10.32
C LEU P 11 68.27 -3.80 -11.63
N SER P 12 68.89 -4.47 -12.61
CA SER P 12 69.27 -3.82 -13.86
C SER P 12 68.67 -4.54 -15.06
N ALA P 13 67.37 -4.83 -15.00
CA ALA P 13 66.72 -5.49 -16.12
C ALA P 13 66.83 -4.63 -17.38
N SER P 14 66.99 -5.29 -18.51
CA SER P 14 67.15 -4.60 -19.79
C SER P 14 65.77 -4.17 -20.29
N VAL P 15 65.72 -3.71 -21.54
CA VAL P 15 64.47 -3.25 -22.14
C VAL P 15 63.79 -4.42 -22.83
N GLY P 16 62.47 -4.49 -22.72
CA GLY P 16 61.70 -5.54 -23.34
C GLY P 16 61.63 -6.83 -22.56
N ASP P 17 62.30 -6.92 -21.41
CA ASP P 17 62.32 -8.15 -20.63
C ASP P 17 61.15 -8.19 -19.66
N THR P 18 60.96 -9.37 -19.05
CA THR P 18 59.97 -9.56 -18.00
C THR P 18 60.71 -9.71 -16.68
N VAL P 19 60.38 -8.85 -15.71
CA VAL P 19 61.07 -8.80 -14.43
C VAL P 19 60.02 -8.87 -13.33
N THR P 20 60.31 -9.67 -12.29
CA THR P 20 59.42 -9.84 -11.17
C THR P 20 60.13 -9.41 -9.89
N ILE P 21 59.41 -8.66 -9.05
CA ILE P 21 59.91 -8.23 -7.74
C ILE P 21 59.00 -8.87 -6.69
N THR P 22 59.62 -9.42 -5.65
CA THR P 22 58.90 -10.18 -4.65
C THR P 22 58.85 -9.41 -3.33
N CYS P 23 57.66 -9.35 -2.73
CA CYS P 23 57.48 -8.78 -1.40
C CYS P 23 56.66 -9.74 -0.57
N GLN P 24 57.14 -10.05 0.63
CA GLN P 24 56.39 -10.84 1.59
C GLN P 24 55.56 -9.92 2.47
N ALA P 25 54.37 -10.37 2.84
CA ALA P 25 53.46 -9.52 3.60
C ALA P 25 52.49 -10.37 4.40
N ASN P 26 52.31 -10.01 5.66
CA ASN P 26 51.33 -10.64 6.54
C ASN P 26 50.04 -9.83 6.59
N GLY P 27 49.40 -9.70 5.43
CA GLY P 27 48.18 -8.93 5.33
C GLY P 27 47.95 -8.49 3.91
N TYR P 28 47.00 -7.56 3.75
CA TYR P 28 46.72 -7.01 2.43
C TYR P 28 47.95 -6.34 1.87
N LEU P 29 48.13 -6.42 0.56
CA LEU P 29 49.28 -5.83 -0.10
C LEU P 29 48.84 -5.07 -1.34
N ASN P 30 49.43 -3.90 -1.56
CA ASN P 30 49.16 -3.06 -2.72
C ASN P 30 50.47 -2.68 -3.38
N TRP P 31 50.42 -2.37 -4.67
CA TRP P 31 51.60 -2.06 -5.47
C TRP P 31 51.48 -0.64 -6.02
N TYR P 32 52.45 0.21 -5.67
CA TYR P 32 52.55 1.56 -6.21
C TYR P 32 53.88 1.73 -6.93
N GLN P 33 53.90 2.63 -7.90
CA GLN P 33 55.13 3.05 -8.56
C GLN P 33 55.28 4.55 -8.43
N GLN P 34 56.51 4.99 -8.17
CA GLN P 34 56.80 6.40 -7.97
C GLN P 34 58.00 6.81 -8.82
N ARG P 35 57.84 7.87 -9.60
CA ARG P 35 58.96 8.45 -10.33
C ARG P 35 59.81 9.28 -9.37
N ARG P 36 60.79 10.02 -9.91
CA ARG P 36 61.68 10.84 -9.09
C ARG P 36 60.89 12.01 -8.53
N GLY P 37 60.61 11.96 -7.23
CA GLY P 37 59.95 13.07 -6.55
C GLY P 37 58.54 13.37 -7.02
N LYS P 38 57.74 12.34 -7.27
CA LYS P 38 56.35 12.50 -7.70
C LYS P 38 55.44 11.71 -6.78
N ALA P 39 54.14 11.91 -6.95
CA ALA P 39 53.15 11.22 -6.13
C ALA P 39 52.98 9.78 -6.61
N PRO P 40 53.14 8.79 -5.74
CA PRO P 40 52.95 7.40 -6.18
C PRO P 40 51.54 7.18 -6.69
N LYS P 41 51.41 6.24 -7.62
CA LYS P 41 50.12 5.84 -8.16
C LYS P 41 49.88 4.36 -7.92
N LEU P 42 48.62 3.98 -7.84
CA LEU P 42 48.23 2.62 -7.48
C LEU P 42 48.14 1.77 -8.75
N LEU P 43 48.95 0.71 -8.81
CA LEU P 43 48.90 -0.25 -9.91
C LEU P 43 48.02 -1.44 -9.57
N ILE P 44 48.40 -2.20 -8.54
CA ILE P 44 47.70 -3.41 -8.14
C ILE P 44 47.33 -3.30 -6.67
N TYR P 45 46.05 -3.50 -6.37
CA TYR P 45 45.56 -3.50 -4.99
C TYR P 45 45.03 -4.87 -4.63
N ASP P 46 45.36 -5.32 -3.42
CA ASP P 46 45.07 -6.67 -2.91
C ASP P 46 46.06 -7.70 -3.43
N GLY P 47 47.01 -7.31 -4.27
CA GLY P 47 48.02 -8.21 -4.78
C GLY P 47 47.72 -8.83 -6.12
N SER P 48 46.47 -8.77 -6.58
CA SER P 48 46.11 -9.38 -7.85
C SER P 48 45.23 -8.51 -8.74
N LYS P 49 44.52 -7.52 -8.19
CA LYS P 49 43.50 -6.81 -8.94
C LYS P 49 44.13 -5.64 -9.71
N LEU P 50 43.76 -5.52 -10.98
CA LEU P 50 44.26 -4.43 -11.81
C LEU P 50 43.47 -3.16 -11.55
N GLU P 51 44.17 -2.03 -11.55
CA GLU P 51 43.56 -0.73 -11.35
C GLU P 51 43.01 -0.20 -12.67
N ARG P 52 41.87 0.48 -12.59
CA ARG P 52 41.25 1.06 -13.78
C ARG P 52 42.12 2.20 -14.29
N GLY P 53 42.80 1.97 -15.41
CA GLY P 53 43.62 2.99 -16.02
C GLY P 53 45.02 2.52 -16.37
N VAL P 54 45.60 1.67 -15.54
CA VAL P 54 46.93 1.13 -15.86
C VAL P 54 46.80 0.10 -16.98
N PRO P 55 47.72 0.04 -17.93
CA PRO P 55 47.60 -0.94 -19.01
C PRO P 55 47.72 -2.37 -18.49
N SER P 56 47.35 -3.31 -19.34
CA SER P 56 47.41 -4.73 -18.99
C SER P 56 48.83 -5.25 -18.87
N ARG P 57 49.84 -4.40 -19.11
CA ARG P 57 51.22 -4.86 -19.00
C ARG P 57 51.54 -5.32 -17.59
N PHE P 58 51.09 -4.58 -16.59
CA PHE P 58 51.38 -4.92 -15.21
C PHE P 58 50.44 -6.00 -14.69
N SER P 59 50.98 -6.92 -13.90
CA SER P 59 50.18 -7.98 -13.30
C SER P 59 50.91 -8.52 -12.09
N GLY P 60 50.14 -9.16 -11.20
CA GLY P 60 50.71 -9.75 -10.01
C GLY P 60 49.80 -10.84 -9.48
N ARG P 61 50.39 -11.75 -8.71
CA ARG P 61 49.64 -12.87 -8.16
C ARG P 61 50.25 -13.26 -6.82
N ARG P 62 49.47 -13.99 -6.03
CA ARG P 62 49.82 -14.32 -4.66
C ARG P 62 49.87 -15.84 -4.48
N TRP P 63 50.79 -16.29 -3.63
CA TRP P 63 50.83 -17.69 -3.21
C TRP P 63 51.46 -17.72 -1.82
N GLY P 64 50.70 -18.15 -0.83
CA GLY P 64 51.20 -18.16 0.54
C GLY P 64 51.49 -16.75 1.01
N GLN P 65 52.66 -16.57 1.62
CA GLN P 65 53.10 -15.27 2.12
C GLN P 65 54.07 -14.59 1.17
N GLU P 66 53.90 -14.79 -0.13
CA GLU P 66 54.78 -14.21 -1.14
C GLU P 66 53.93 -13.58 -2.24
N TYR P 67 54.28 -12.36 -2.63
CA TYR P 67 53.61 -11.63 -3.70
C TYR P 67 54.61 -11.32 -4.80
N ASN P 68 54.14 -11.34 -6.04
CA ASN P 68 54.97 -11.08 -7.20
C ASN P 68 54.35 -9.98 -8.04
N LEU P 69 55.16 -8.98 -8.40
CA LEU P 69 54.78 -7.95 -9.35
C LEU P 69 55.61 -8.15 -10.61
N THR P 70 54.95 -8.46 -11.72
CA THR P 70 55.61 -8.78 -12.97
C THR P 70 55.32 -7.69 -14.00
N ILE P 71 56.36 -7.27 -14.72
CA ILE P 71 56.23 -6.29 -15.80
C ILE P 71 56.82 -6.95 -17.03
N ASN P 72 55.97 -7.36 -17.96
CA ASN P 72 56.41 -7.89 -19.24
C ASN P 72 56.30 -6.80 -20.30
N ASN P 73 57.17 -6.88 -21.31
CA ASN P 73 57.26 -5.88 -22.36
C ASN P 73 57.60 -4.51 -21.74
N LEU P 74 58.76 -4.49 -21.10
CA LEU P 74 59.22 -3.29 -20.40
C LEU P 74 59.34 -2.13 -21.38
N GLN P 75 59.02 -0.93 -20.90
CA GLN P 75 59.05 0.27 -21.72
C GLN P 75 60.08 1.26 -21.18
N PRO P 76 60.60 2.15 -22.03
CA PRO P 76 61.49 3.20 -21.50
C PRO P 76 60.82 4.09 -20.47
N GLU P 77 59.50 4.26 -20.55
CA GLU P 77 58.75 5.07 -19.59
C GLU P 77 58.27 4.27 -18.40
N ASP P 78 58.62 2.99 -18.30
CA ASP P 78 58.28 2.16 -17.15
C ASP P 78 59.44 2.03 -16.17
N ILE P 79 60.23 3.09 -16.04
CA ILE P 79 61.36 3.13 -15.12
C ILE P 79 60.95 3.99 -13.94
N ALA P 80 60.93 3.40 -12.76
CA ALA P 80 60.49 4.09 -11.54
C ALA P 80 60.85 3.21 -10.34
N THR P 81 60.39 3.61 -9.16
CA THR P 81 60.52 2.81 -7.95
C THR P 81 59.16 2.24 -7.59
N TYR P 82 59.13 0.96 -7.21
CA TYR P 82 57.90 0.23 -6.99
C TYR P 82 57.78 -0.15 -5.52
N PHE P 83 56.60 0.09 -4.94
CA PHE P 83 56.35 -0.11 -3.52
C PHE P 83 55.42 -1.28 -3.30
N CYS P 84 55.68 -2.06 -2.26
CA CYS P 84 54.74 -3.03 -1.71
C CYS P 84 54.27 -2.49 -0.37
N GLN P 85 52.96 -2.29 -0.23
CA GLN P 85 52.41 -1.53 0.88
C GLN P 85 51.39 -2.37 1.65
N VAL P 86 51.50 -2.34 2.97
CA VAL P 86 50.51 -2.90 3.89
C VAL P 86 49.93 -1.69 4.61
N TYR P 87 48.99 -1.91 5.54
CA TYR P 87 48.16 -0.82 6.05
C TYR P 87 48.95 0.47 6.27
N GLU P 88 49.90 0.47 7.21
CA GLU P 88 50.70 1.66 7.45
C GLU P 88 52.19 1.38 7.42
N PHE P 89 52.61 0.25 6.86
CA PHE P 89 54.01 -0.12 6.76
C PHE P 89 54.41 -0.11 5.28
N VAL P 90 55.48 0.59 4.96
CA VAL P 90 56.00 0.67 3.61
C VAL P 90 57.51 0.49 3.68
N VAL P 91 58.06 -0.28 2.75
CA VAL P 91 59.50 -0.51 2.68
C VAL P 91 60.04 0.18 1.43
N PRO P 92 61.30 0.60 1.42
CA PRO P 92 61.85 1.21 0.20
C PRO P 92 61.72 0.27 -0.98
N GLY P 93 61.35 0.83 -2.13
CA GLY P 93 61.06 0.04 -3.31
C GLY P 93 62.31 -0.35 -4.06
N THR P 94 62.12 -0.78 -5.31
CA THR P 94 63.20 -1.18 -6.19
C THR P 94 63.27 -0.20 -7.35
N ARG P 95 64.47 0.34 -7.59
CA ARG P 95 64.69 1.31 -8.64
C ARG P 95 65.13 0.59 -9.92
N LEU P 96 64.48 0.92 -11.03
CA LEU P 96 64.77 0.29 -12.31
C LEU P 96 65.75 1.14 -13.11
N ASP P 97 66.57 0.46 -13.91
CA ASP P 97 67.51 1.12 -14.79
C ASP P 97 67.85 0.17 -15.93
N LEU P 98 68.33 0.74 -17.02
CA LEU P 98 68.64 -0.03 -18.22
C LEU P 98 70.14 -0.34 -18.29
N ALA Q 1 17.39 -62.45 19.34
CA ALA Q 1 18.56 -63.37 19.38
C ALA Q 1 18.59 -64.25 18.14
N ILE Q 2 18.90 -63.65 16.99
CA ILE Q 2 18.95 -64.35 15.71
C ILE Q 2 20.39 -64.75 15.41
N TYR Q 3 20.61 -66.01 15.10
CA TYR Q 3 21.93 -66.52 14.76
C TYR Q 3 22.07 -66.58 13.24
N LEU Q 4 23.22 -66.11 12.75
CA LEU Q 4 23.51 -66.13 11.32
C LEU Q 4 24.43 -67.30 11.02
N THR Q 5 24.00 -68.17 10.11
CA THR Q 5 24.79 -69.30 9.65
C THR Q 5 25.01 -69.15 8.15
N GLN Q 6 26.27 -69.16 7.72
CA GLN Q 6 26.61 -69.02 6.32
C GLN Q 6 27.60 -70.08 5.90
N SER Q 7 27.41 -70.59 4.68
CA SER Q 7 28.22 -71.65 4.09
C SER Q 7 28.45 -71.30 2.63
N PRO Q 8 29.50 -71.86 2.01
CA PRO Q 8 30.48 -72.80 2.53
C PRO Q 8 31.64 -72.13 3.26
N SER Q 9 32.38 -72.92 4.04
CA SER Q 9 33.50 -72.36 4.82
C SER Q 9 34.57 -71.78 3.91
N SER Q 10 34.90 -72.48 2.83
CA SER Q 10 35.98 -72.08 1.94
C SER Q 10 35.52 -72.19 0.50
N LEU Q 11 36.14 -71.37 -0.36
CA LEU Q 11 35.83 -71.34 -1.79
C LEU Q 11 37.14 -71.40 -2.56
N SER Q 12 37.44 -72.56 -3.15
CA SER Q 12 38.55 -72.65 -4.08
C SER Q 12 38.26 -71.81 -5.30
N ALA Q 13 39.11 -70.84 -5.59
CA ALA Q 13 38.82 -69.85 -6.61
C ALA Q 13 40.08 -69.45 -7.35
N SER Q 14 39.89 -68.89 -8.53
CA SER Q 14 40.94 -68.33 -9.36
C SER Q 14 40.35 -67.11 -10.07
N VAL Q 15 41.03 -66.62 -11.09
CA VAL Q 15 40.58 -65.43 -11.80
C VAL Q 15 39.42 -65.81 -12.72
N GLY Q 16 38.35 -65.03 -12.67
CA GLY Q 16 37.27 -65.14 -13.63
C GLY Q 16 36.33 -66.33 -13.43
N GLU Q 17 35.57 -66.33 -12.35
CA GLU Q 17 34.50 -67.30 -12.18
C GLU Q 17 33.45 -66.72 -11.24
N ARG Q 18 32.27 -67.35 -11.22
CA ARG Q 18 31.15 -66.92 -10.41
C ARG Q 18 31.27 -67.54 -9.03
N VAL Q 19 31.90 -66.80 -8.11
CA VAL Q 19 32.00 -67.23 -6.72
C VAL Q 19 30.79 -66.68 -5.97
N THR Q 20 30.12 -67.56 -5.23
CA THR Q 20 28.89 -67.20 -4.52
C THR Q 20 29.03 -67.55 -3.05
N ILE Q 21 28.69 -66.59 -2.19
CA ILE Q 21 28.69 -66.77 -0.75
C ILE Q 21 27.25 -66.66 -0.27
N THR Q 22 26.79 -67.68 0.45
CA THR Q 22 25.42 -67.75 0.92
C THR Q 22 25.40 -67.56 2.44
N CYS Q 23 24.51 -66.68 2.91
CA CYS Q 23 24.33 -66.41 4.33
C CYS Q 23 22.88 -66.69 4.69
N ARG Q 24 22.66 -67.71 5.51
CA ARG Q 24 21.33 -68.08 5.96
C ARG Q 24 21.03 -67.40 7.29
N ALA Q 25 19.75 -67.41 7.67
CA ALA Q 25 19.31 -66.81 8.91
C ALA Q 25 18.38 -67.76 9.65
N SER Q 26 18.36 -67.63 10.97
CA SER Q 26 17.50 -68.45 11.81
C SER Q 26 16.13 -67.85 12.02
N GLN Q 27 15.88 -66.64 11.50
CA GLN Q 27 14.58 -66.01 11.63
C GLN Q 27 14.47 -64.95 10.54
N ASP Q 28 13.24 -64.53 10.26
CA ASP Q 28 13.01 -63.53 9.23
C ASP Q 28 13.83 -62.27 9.50
N ILE Q 29 14.70 -61.93 8.55
CA ILE Q 29 15.62 -60.80 8.71
C ILE Q 29 15.22 -59.66 7.78
N GLY Q 30 14.72 -60.01 6.60
CA GLY Q 30 14.34 -59.00 5.63
C GLY Q 30 15.51 -58.56 4.78
N ASP Q 31 15.46 -57.32 4.31
CA ASP Q 31 16.52 -56.77 3.48
C ASP Q 31 17.64 -56.14 4.30
N THR Q 32 17.58 -56.27 5.62
CA THR Q 32 18.56 -55.63 6.51
C THR Q 32 19.74 -56.57 6.74
N LEU Q 33 20.59 -56.64 5.71
CA LEU Q 33 21.82 -57.43 5.79
C LEU Q 33 22.96 -56.67 5.14
N ALA Q 34 24.16 -56.89 5.65
CA ALA Q 34 25.36 -56.22 5.16
C ALA Q 34 26.47 -57.23 4.97
N TRP Q 35 27.40 -56.90 4.07
CA TRP Q 35 28.55 -57.74 3.77
C TRP Q 35 29.83 -56.96 4.00
N TYR Q 36 30.77 -57.57 4.71
CA TYR Q 36 32.05 -56.95 5.05
C TYR Q 36 33.19 -57.76 4.47
N GLN Q 37 34.13 -57.07 3.85
CA GLN Q 37 35.35 -57.68 3.32
C GLN Q 37 36.51 -57.33 4.24
N GLN Q 38 37.17 -58.34 4.79
CA GLN Q 38 38.28 -58.14 5.72
C GLN Q 38 39.56 -58.63 5.05
N GLN Q 39 40.50 -57.75 4.88
CA GLN Q 39 41.82 -58.13 4.41
C GLN Q 39 42.76 -58.31 5.59
N PRO Q 40 43.83 -59.09 5.44
CA PRO Q 40 44.72 -59.33 6.57
C PRO Q 40 45.30 -58.03 7.12
N GLY Q 41 45.31 -57.93 8.45
CA GLY Q 41 45.84 -56.74 9.11
C GLY Q 41 44.99 -55.50 8.96
N ARG Q 42 43.78 -55.62 8.43
CA ARG Q 42 42.91 -54.47 8.19
C ARG Q 42 41.55 -54.71 8.81
N PRO Q 43 40.87 -53.64 9.25
CA PRO Q 43 39.52 -53.80 9.79
C PRO Q 43 38.53 -54.18 8.70
N PRO Q 44 37.41 -54.82 9.06
CA PRO Q 44 36.43 -55.19 8.04
C PRO Q 44 35.95 -53.96 7.27
N PHE Q 45 35.78 -54.14 5.96
CA PHE Q 45 35.34 -53.07 5.07
C PHE Q 45 33.97 -53.41 4.51
N LEU Q 46 33.01 -52.51 4.69
CA LEU Q 46 31.67 -52.73 4.19
C LEU Q 46 31.66 -52.63 2.67
N VAL Q 47 31.04 -53.61 2.02
CA VAL Q 47 30.92 -53.64 0.57
C VAL Q 47 29.47 -53.57 0.12
N VAL Q 48 28.58 -54.30 0.77
CA VAL Q 48 27.16 -54.34 0.41
C VAL Q 48 26.34 -54.12 1.67
N TYR Q 49 25.37 -53.21 1.59
CA TYR Q 49 24.42 -52.98 2.67
C TYR Q 49 23.01 -52.97 2.11
N ARG Q 50 22.04 -53.30 2.97
CA ARG Q 50 20.66 -53.54 2.58
C ARG Q 50 20.53 -54.78 1.70
N ALA Q 51 21.60 -55.55 1.55
CA ALA Q 51 21.58 -56.81 0.82
C ALA Q 51 21.51 -56.59 -0.68
N SER Q 52 21.44 -55.34 -1.13
CA SER Q 52 21.37 -55.05 -2.56
C SER Q 52 22.25 -53.89 -2.95
N THR Q 53 22.46 -52.93 -2.05
CA THR Q 53 23.18 -51.71 -2.37
C THR Q 53 24.67 -51.90 -2.20
N LEU Q 54 25.44 -51.14 -2.99
CA LEU Q 54 26.88 -51.22 -3.01
C LEU Q 54 27.49 -50.00 -2.33
N ASN Q 55 28.47 -50.24 -1.46
CA ASN Q 55 29.12 -49.15 -0.76
C ASN Q 55 29.95 -48.31 -1.73
N TYR Q 56 30.37 -47.14 -1.26
CA TYR Q 56 31.19 -46.26 -2.08
C TYR Q 56 32.51 -46.92 -2.40
N GLY Q 57 32.92 -46.82 -3.67
CA GLY Q 57 34.25 -47.23 -4.08
C GLY Q 57 34.42 -48.71 -4.36
N VAL Q 58 33.37 -49.52 -4.21
CA VAL Q 58 33.48 -50.95 -4.49
C VAL Q 58 33.27 -51.18 -5.99
N PRO Q 59 34.00 -52.10 -6.60
CA PRO Q 59 33.76 -52.39 -8.02
C PRO Q 59 32.38 -52.95 -8.27
N SER Q 60 31.84 -52.63 -9.45
CA SER Q 60 30.49 -53.04 -9.81
C SER Q 60 30.32 -54.54 -9.93
N ARG Q 61 31.41 -55.30 -10.10
CA ARG Q 61 31.29 -56.74 -10.27
C ARG Q 61 30.63 -57.39 -9.06
N PHE Q 62 30.73 -56.76 -7.88
CA PHE Q 62 30.05 -57.28 -6.71
C PHE Q 62 28.54 -57.17 -6.88
N SER Q 63 27.81 -58.04 -6.18
CA SER Q 63 26.36 -57.98 -6.19
C SER Q 63 25.83 -58.82 -5.04
N GLY Q 64 24.61 -58.49 -4.62
CA GLY Q 64 23.94 -59.23 -3.57
C GLY Q 64 22.45 -59.23 -3.81
N GLY Q 65 21.77 -60.16 -3.15
CA GLY Q 65 20.34 -60.29 -3.34
C GLY Q 65 19.74 -61.24 -2.33
N GLY Q 66 18.45 -61.49 -2.52
CA GLY Q 66 17.70 -62.35 -1.63
C GLY Q 66 16.95 -61.54 -0.57
N SER Q 67 16.06 -62.24 0.13
CA SER Q 67 15.30 -61.61 1.21
C SER Q 67 14.69 -62.70 2.07
N GLY Q 68 14.26 -62.30 3.26
CA GLY Q 68 13.62 -63.22 4.18
C GLY Q 68 14.59 -64.04 4.99
N THR Q 69 15.20 -65.06 4.38
CA THR Q 69 16.18 -65.89 5.08
C THR Q 69 17.40 -66.21 4.24
N ARG Q 70 17.28 -66.12 2.92
CA ARG Q 70 18.34 -66.53 2.00
C ARG Q 70 18.96 -65.31 1.35
N PHE Q 71 20.30 -65.26 1.35
CA PHE Q 71 21.05 -64.17 0.74
C PHE Q 71 22.30 -64.71 0.07
N THR Q 72 22.78 -63.97 -0.92
CA THR Q 72 23.94 -64.36 -1.69
C THR Q 72 24.85 -63.16 -1.93
N LEU Q 73 26.13 -63.44 -2.15
CA LEU Q 73 27.11 -62.44 -2.56
C LEU Q 73 27.91 -63.03 -3.72
N THR Q 74 27.72 -62.47 -4.91
CA THR Q 74 28.31 -63.00 -6.13
C THR Q 74 29.29 -62.00 -6.72
N ILE Q 75 30.44 -62.50 -7.16
CA ILE Q 75 31.45 -61.71 -7.85
C ILE Q 75 31.61 -62.31 -9.23
N SER Q 76 31.29 -61.53 -10.27
CA SER Q 76 31.24 -62.07 -11.62
C SER Q 76 32.63 -62.32 -12.19
N SER Q 77 33.56 -61.39 -11.92
CA SER Q 77 34.86 -61.41 -12.57
C SER Q 77 35.99 -61.41 -11.54
N LEU Q 78 35.91 -62.31 -10.56
CA LEU Q 78 36.89 -62.40 -9.49
C LEU Q 78 38.28 -62.02 -9.96
N GLN Q 79 38.92 -61.10 -9.23
CA GLN Q 79 40.20 -60.53 -9.58
C GLN Q 79 41.14 -60.69 -8.39
N PRO Q 80 42.46 -60.53 -8.56
CA PRO Q 80 43.38 -60.86 -7.47
C PRO Q 80 43.30 -59.96 -6.25
N ALA Q 81 42.37 -59.00 -6.22
CA ALA Q 81 42.18 -58.15 -5.05
C ALA Q 81 41.09 -58.66 -4.12
N ASP Q 82 40.20 -59.53 -4.59
CA ASP Q 82 39.11 -60.02 -3.76
C ASP Q 82 39.56 -61.18 -2.89
N SER Q 83 40.63 -60.99 -2.14
CA SER Q 83 41.08 -61.98 -1.17
C SER Q 83 40.45 -61.69 0.19
N GLY Q 84 40.87 -62.40 1.22
CA GLY Q 84 40.35 -62.19 2.56
C GLY Q 84 39.03 -62.91 2.78
N THR Q 85 38.54 -62.79 4.01
CA THR Q 85 37.29 -63.43 4.39
C THR Q 85 36.13 -62.43 4.34
N TYR Q 86 34.91 -62.98 4.37
CA TYR Q 86 33.69 -62.19 4.26
C TYR Q 86 32.76 -62.53 5.42
N PHE Q 87 31.97 -61.55 5.84
CA PHE Q 87 31.02 -61.72 6.93
C PHE Q 87 29.68 -61.11 6.55
N CYS Q 88 28.61 -61.67 7.11
CA CYS Q 88 27.27 -61.13 6.96
C CYS Q 88 26.73 -60.76 8.33
N GLN Q 89 26.09 -59.59 8.42
CA GLN Q 89 25.58 -59.06 9.66
C GLN Q 89 24.10 -58.71 9.52
N GLN Q 90 23.35 -58.92 10.60
CA GLN Q 90 21.93 -58.62 10.63
C GLN Q 90 21.69 -57.36 11.45
N PHE Q 91 20.75 -56.54 10.99
CA PHE Q 91 20.57 -55.18 11.51
C PHE Q 91 19.11 -54.90 11.83
N LYS Q 92 18.43 -55.85 12.49
CA LYS Q 92 17.08 -55.58 12.96
C LYS Q 92 16.81 -56.02 14.39
N THR Q 93 17.58 -56.94 14.96
CA THR Q 93 17.28 -57.45 16.29
C THR Q 93 18.14 -56.73 17.33
N PHE Q 94 17.75 -56.87 18.59
CA PHE Q 94 18.47 -56.18 19.67
C PHE Q 94 19.97 -56.38 19.59
N PRO Q 95 20.50 -57.60 19.40
CA PRO Q 95 21.91 -57.73 19.03
C PRO Q 95 22.11 -57.84 17.52
N PHE Q 96 23.14 -57.19 17.00
CA PHE Q 96 23.44 -57.20 15.57
C PHE Q 96 24.55 -58.23 15.33
N THR Q 97 24.15 -59.50 15.31
CA THR Q 97 25.10 -60.60 15.24
C THR Q 97 25.76 -60.68 13.88
N PHE Q 98 26.96 -61.26 13.85
CA PHE Q 98 27.73 -61.47 12.64
C PHE Q 98 27.59 -62.93 12.20
N GLY Q 99 28.34 -63.32 11.17
CA GLY Q 99 28.36 -64.67 10.69
C GLY Q 99 29.71 -65.32 10.89
N PRO Q 100 29.76 -66.66 10.87
CA PRO Q 100 31.04 -67.34 11.12
C PRO Q 100 32.15 -66.89 10.20
N GLY Q 101 31.86 -66.68 8.92
CA GLY Q 101 32.84 -66.16 7.99
C GLY Q 101 33.32 -67.20 7.00
N THR Q 102 33.66 -66.77 5.78
CA THR Q 102 34.14 -67.66 4.74
C THR Q 102 35.39 -67.05 4.11
N LYS Q 103 36.34 -67.91 3.74
CA LYS Q 103 37.61 -67.48 3.16
C LYS Q 103 37.67 -67.93 1.71
N VAL Q 104 38.16 -67.07 0.84
CA VAL Q 104 38.30 -67.37 -0.59
C VAL Q 104 39.77 -67.61 -0.88
N GLU Q 105 40.07 -68.74 -1.52
CA GLU Q 105 41.44 -69.13 -1.81
C GLU Q 105 41.85 -68.62 -3.19
N VAL Q 106 42.84 -67.74 -3.20
CA VAL Q 106 43.36 -67.18 -4.45
C VAL Q 106 44.86 -66.96 -4.32
N GLN R 1 36.69 -37.03 5.13
CA GLN R 1 36.38 -36.56 6.51
C GLN R 1 36.16 -37.74 7.44
N SER R 2 36.30 -37.48 8.74
CA SER R 2 35.99 -38.47 9.76
C SER R 2 37.06 -39.56 9.81
N TYR R 3 37.49 -39.90 11.02
CA TYR R 3 38.46 -40.97 11.20
C TYR R 3 38.54 -41.32 12.68
N LEU R 4 38.45 -42.61 13.00
CA LEU R 4 38.43 -43.08 14.39
C LEU R 4 39.78 -43.69 14.71
N VAL R 5 40.39 -43.26 15.81
CA VAL R 5 41.67 -43.76 16.26
C VAL R 5 41.54 -44.24 17.70
N GLN R 6 42.05 -45.43 17.98
CA GLN R 6 41.99 -46.03 19.30
C GLN R 6 43.35 -45.88 19.99
N SER R 7 43.43 -46.40 21.21
CA SER R 7 44.64 -46.35 22.00
C SER R 7 45.56 -47.50 21.59
N GLY R 8 46.70 -47.65 22.28
CA GLY R 8 47.63 -48.70 22.00
C GLY R 8 47.24 -50.00 22.67
N PRO R 9 47.98 -51.07 22.39
CA PRO R 9 47.68 -52.36 23.03
C PRO R 9 47.95 -52.33 24.51
N GLU R 10 47.24 -53.19 25.24
CA GLU R 10 47.40 -53.32 26.68
C GLU R 10 47.54 -54.79 27.04
N VAL R 11 48.39 -55.07 28.03
CA VAL R 11 48.57 -56.42 28.56
C VAL R 11 48.14 -56.37 30.02
N LYS R 12 46.87 -56.71 30.26
CA LYS R 12 46.28 -56.62 31.59
C LYS R 12 46.18 -58.00 32.22
N LYS R 13 46.54 -58.09 33.49
CA LYS R 13 46.44 -59.35 34.20
C LYS R 13 44.99 -59.72 34.43
N PRO R 14 44.67 -61.01 34.51
CA PRO R 14 43.27 -61.42 34.70
C PRO R 14 42.68 -60.83 35.98
N GLY R 15 41.40 -60.49 35.92
CA GLY R 15 40.69 -59.93 37.05
C GLY R 15 40.74 -58.42 37.14
N THR R 16 41.54 -57.76 36.30
CA THR R 16 41.69 -56.32 36.35
C THR R 16 40.60 -55.65 35.52
N ALA R 17 40.69 -54.34 35.35
CA ALA R 17 39.76 -53.57 34.54
C ALA R 17 40.53 -52.84 33.44
N VAL R 18 39.98 -52.86 32.24
CA VAL R 18 40.61 -52.27 31.06
C VAL R 18 39.68 -51.23 30.48
N LYS R 19 40.21 -50.05 30.19
CA LYS R 19 39.47 -48.97 29.54
C LYS R 19 40.17 -48.63 28.23
N VAL R 20 39.41 -48.65 27.14
CA VAL R 20 39.91 -48.33 25.81
C VAL R 20 39.12 -47.16 25.27
N SER R 21 39.82 -46.18 24.70
CA SER R 21 39.22 -44.95 24.21
C SER R 21 39.39 -44.87 22.70
N CYS R 22 38.30 -44.56 22.01
CA CYS R 22 38.29 -44.36 20.56
C CYS R 22 37.99 -42.89 20.30
N GLN R 23 38.96 -42.18 19.71
CA GLN R 23 38.86 -40.75 19.50
C GLN R 23 38.37 -40.47 18.10
N ALA R 24 37.28 -39.72 18.00
CA ALA R 24 36.68 -39.34 16.72
C ALA R 24 36.96 -37.87 16.45
N SER R 25 37.32 -37.56 15.19
CA SER R 25 37.71 -36.21 14.84
C SER R 25 37.36 -35.94 13.39
N ARG R 26 37.25 -34.64 13.08
CA ARG R 26 37.06 -34.12 11.72
C ARG R 26 35.69 -34.45 11.14
N TYR R 27 34.68 -34.64 11.99
CA TYR R 27 33.31 -34.80 11.53
C TYR R 27 32.39 -34.55 12.71
N PRO R 28 31.10 -34.28 12.45
CA PRO R 28 30.17 -34.03 13.57
C PRO R 28 30.02 -35.26 14.46
N PHE R 29 30.55 -35.17 15.67
CA PHE R 29 30.61 -36.35 16.52
C PHE R 29 29.22 -36.84 16.91
N THR R 30 28.32 -35.92 17.23
CA THR R 30 27.03 -36.28 17.80
C THR R 30 26.04 -36.84 16.77
N PHE R 31 26.33 -36.72 15.48
CA PHE R 31 25.35 -37.08 14.46
C PHE R 31 25.25 -38.58 14.27
N PHE R 32 26.37 -39.30 14.34
CA PHE R 32 26.42 -40.73 14.02
C PHE R 32 26.74 -41.53 15.26
N GLY R 33 26.04 -42.66 15.42
CA GLY R 33 26.27 -43.53 16.55
C GLY R 33 27.56 -44.32 16.42
N ILE R 34 27.98 -44.89 17.55
CA ILE R 34 29.25 -45.62 17.64
C ILE R 34 28.95 -47.03 18.14
N SER R 35 29.56 -48.02 17.50
CA SER R 35 29.41 -49.42 17.88
C SER R 35 30.77 -50.00 18.20
N TRP R 36 30.77 -51.01 19.07
CA TRP R 36 31.99 -51.72 19.45
C TRP R 36 31.84 -53.19 19.08
N VAL R 37 32.86 -53.73 18.42
CA VAL R 37 32.93 -55.15 18.09
C VAL R 37 34.32 -55.66 18.46
N ARG R 38 34.39 -56.94 18.81
CA ARG R 38 35.65 -57.58 19.19
C ARG R 38 35.87 -58.79 18.28
N GLN R 39 37.04 -58.84 17.64
CA GLN R 39 37.40 -59.94 16.75
C GLN R 39 38.35 -60.86 17.50
N ALA R 40 37.79 -61.92 18.07
CA ALA R 40 38.61 -62.89 18.79
C ALA R 40 39.67 -63.44 17.85
N PRO R 41 40.92 -63.61 18.30
CA PRO R 41 41.98 -64.00 17.37
C PRO R 41 41.63 -65.29 16.65
N GLY R 42 41.88 -65.32 15.35
CA GLY R 42 41.49 -66.46 14.53
C GLY R 42 40.01 -66.73 14.54
N LYS R 43 39.19 -65.68 14.54
CA LYS R 43 37.74 -65.84 14.59
C LYS R 43 37.07 -64.69 13.87
N GLY R 44 35.74 -64.62 13.91
CA GLY R 44 35.01 -63.55 13.28
C GLY R 44 34.57 -62.50 14.29
N PRO R 45 34.20 -61.31 13.79
CA PRO R 45 33.80 -60.23 14.70
C PRO R 45 32.58 -60.58 15.53
N GLN R 46 32.52 -60.04 16.75
CA GLN R 46 31.37 -60.21 17.63
C GLN R 46 30.87 -58.83 18.05
N TRP R 47 29.55 -58.67 18.06
CA TRP R 47 28.93 -57.38 18.40
C TRP R 47 28.68 -57.32 19.89
N MET R 48 29.02 -56.17 20.50
CA MET R 48 28.93 -55.98 21.94
C MET R 48 27.92 -54.90 22.32
N GLY R 49 28.04 -53.70 21.74
CA GLY R 49 27.13 -52.63 22.13
C GLY R 49 27.16 -51.48 21.14
N TRP R 50 26.15 -50.62 21.28
CA TRP R 50 25.98 -49.45 20.43
C TRP R 50 25.64 -48.27 21.31
N ILE R 51 26.41 -47.19 21.17
CA ILE R 51 26.28 -46.01 22.02
C ILE R 51 25.97 -44.81 21.13
N SER R 52 24.97 -44.02 21.53
CA SER R 52 24.60 -42.81 20.80
C SER R 52 25.32 -41.62 21.42
N PRO R 53 26.24 -40.96 20.71
CA PRO R 53 26.94 -39.81 21.30
C PRO R 53 26.08 -38.55 21.36
N TYR R 54 24.81 -38.66 20.98
CA TYR R 54 23.91 -37.52 21.01
C TYR R 54 23.20 -37.41 22.36
N ASN R 55 22.46 -38.44 22.75
CA ASN R 55 21.74 -38.46 24.02
C ASN R 55 22.27 -39.50 24.99
N GLY R 56 23.37 -40.18 24.66
CA GLY R 56 23.98 -41.13 25.58
C GLY R 56 23.29 -42.46 25.67
N HIS R 57 22.14 -42.63 25.01
CA HIS R 57 21.45 -43.91 25.04
C HIS R 57 22.37 -45.02 24.57
N ALA R 58 22.38 -46.14 25.31
CA ALA R 58 23.28 -47.24 25.03
C ALA R 58 22.50 -48.53 24.91
N ILE R 59 23.07 -49.48 24.17
CA ILE R 59 22.51 -50.82 24.01
C ILE R 59 23.64 -51.83 24.23
N TYR R 60 23.36 -52.86 25.03
CA TYR R 60 24.37 -53.82 25.44
C TYR R 60 23.92 -55.23 25.09
N LEU R 61 24.87 -56.17 25.17
CA LEU R 61 24.61 -57.59 24.94
C LEU R 61 24.50 -58.32 26.28
N ASP R 62 23.56 -59.27 26.34
CA ASP R 62 23.18 -59.84 27.64
C ASP R 62 24.38 -60.37 28.40
N GLU R 63 25.20 -61.18 27.74
CA GLU R 63 26.38 -61.74 28.40
C GLU R 63 27.29 -60.63 28.95
N LEU R 64 27.33 -59.48 28.28
CA LEU R 64 28.10 -58.34 28.73
C LEU R 64 27.23 -57.30 29.46
N LYS R 65 25.98 -57.64 29.75
CA LYS R 65 25.07 -56.66 30.33
C LYS R 65 25.58 -56.17 31.67
N ASP R 66 26.00 -57.08 32.55
CA ASP R 66 26.42 -56.72 33.89
C ASP R 66 27.90 -56.42 34.01
N ARG R 67 28.68 -56.64 32.95
CA ARG R 67 30.12 -56.43 32.98
C ARG R 67 30.59 -55.22 32.20
N LEU R 68 29.85 -54.80 31.17
CA LEU R 68 30.30 -53.78 30.23
C LEU R 68 29.44 -52.54 30.37
N THR R 69 30.10 -51.38 30.34
CA THR R 69 29.42 -50.09 30.32
C THR R 69 30.12 -49.19 29.33
N LEU R 70 29.35 -48.47 28.52
CA LEU R 70 29.88 -47.56 27.51
C LEU R 70 29.52 -46.12 27.89
N THR R 71 30.51 -45.24 27.80
CA THR R 71 30.32 -43.82 28.06
C THR R 71 30.93 -43.02 26.93
N THR R 72 30.35 -41.85 26.68
CA THR R 72 30.77 -40.98 25.59
C THR R 72 31.08 -39.60 26.15
N ASP R 73 32.07 -38.95 25.53
CA ASP R 73 32.47 -37.60 25.90
C ASP R 73 32.31 -36.70 24.68
N THR R 74 31.74 -35.51 24.90
CA THR R 74 31.37 -34.61 23.83
C THR R 74 32.42 -33.54 23.54
N ASP R 75 32.95 -32.90 24.59
CA ASP R 75 33.79 -31.73 24.37
C ASP R 75 35.05 -32.09 23.59
N THR R 76 35.69 -33.21 23.91
CA THR R 76 36.86 -33.67 23.17
C THR R 76 36.53 -34.75 22.13
N THR R 77 35.26 -35.12 21.99
CA THR R 77 34.82 -36.04 20.96
C THR R 77 35.61 -37.36 21.04
N THR R 78 35.42 -38.06 22.15
CA THR R 78 36.07 -39.35 22.39
C THR R 78 35.06 -40.34 22.93
N ALA R 79 35.17 -41.59 22.49
CA ALA R 79 34.31 -42.68 22.93
C ALA R 79 35.12 -43.63 23.80
N TYR R 80 34.57 -43.98 24.96
CA TYR R 80 35.26 -44.80 25.94
C TYR R 80 34.53 -46.13 26.12
N MET R 81 35.31 -47.17 26.43
CA MET R 81 34.77 -48.50 26.72
C MET R 81 35.56 -49.11 27.85
N GLU R 82 34.88 -49.52 28.91
CA GLU R 82 35.49 -50.18 30.05
C GLU R 82 34.92 -51.58 30.21
N LEU R 83 35.79 -52.55 30.48
CA LEU R 83 35.39 -53.91 30.76
C LEU R 83 36.05 -54.38 32.05
N ARG R 84 35.25 -54.96 32.94
CA ARG R 84 35.71 -55.40 34.24
C ARG R 84 35.50 -56.91 34.37
N ASN R 85 36.24 -57.51 35.31
CA ASN R 85 36.24 -58.95 35.50
C ASN R 85 36.66 -59.65 34.21
N LEU R 86 37.91 -59.39 33.81
CA LEU R 86 38.42 -59.84 32.53
C LEU R 86 38.74 -61.33 32.60
N ARG R 87 37.87 -62.14 31.99
CA ARG R 87 38.13 -63.57 31.89
C ARG R 87 39.30 -63.83 30.94
N SER R 88 39.85 -65.03 31.03
CA SER R 88 41.00 -65.38 30.19
C SER R 88 40.65 -65.41 28.71
N ALA R 89 39.37 -65.55 28.37
CA ALA R 89 38.93 -65.66 26.99
C ALA R 89 38.59 -64.31 26.36
N ASP R 90 38.77 -63.21 27.09
CA ASP R 90 38.45 -61.89 26.58
C ASP R 90 39.50 -61.34 25.63
N THR R 91 40.64 -62.01 25.48
CA THR R 91 41.68 -61.53 24.58
C THR R 91 41.13 -61.46 23.17
N ALA R 92 41.13 -60.26 22.59
CA ALA R 92 40.62 -60.05 21.25
C ALA R 92 40.98 -58.64 20.79
N VAL R 93 40.91 -58.43 19.49
CA VAL R 93 41.09 -57.11 18.90
C VAL R 93 39.76 -56.36 19.00
N TYR R 94 39.80 -55.16 19.55
CA TYR R 94 38.60 -54.37 19.78
C TYR R 94 38.53 -53.22 18.78
N PHE R 95 37.38 -53.09 18.11
CA PHE R 95 37.16 -52.09 17.10
C PHE R 95 36.04 -51.15 17.52
N CYS R 96 36.17 -49.88 17.14
CA CYS R 96 35.10 -48.90 17.26
C CYS R 96 34.66 -48.51 15.86
N ALA R 97 33.36 -48.66 15.59
CA ALA R 97 32.81 -48.48 14.25
C ALA R 97 31.77 -47.37 14.27
N ARG R 98 31.86 -46.47 13.30
CA ARG R 98 30.88 -45.41 13.15
C ARG R 98 29.69 -45.88 12.32
N ASP R 99 28.51 -45.38 12.67
CA ASP R 99 27.31 -45.78 11.95
C ASP R 99 27.34 -45.28 10.52
N HIS R 100 26.65 -46.01 9.65
CA HIS R 100 26.57 -45.64 8.24
C HIS R 100 25.94 -44.27 8.06
N THR R 101 24.76 -44.07 8.68
CA THR R 101 24.00 -42.84 8.50
C THR R 101 23.55 -42.29 9.84
N ARG R 102 22.74 -41.22 9.83
CA ARG R 102 22.27 -40.58 11.05
C ARG R 102 21.04 -41.25 11.65
N GLN R 103 20.45 -42.23 10.95
CA GLN R 103 19.22 -42.84 11.43
C GLN R 103 19.06 -44.19 10.73
N ASP R 104 18.92 -45.25 11.50
CA ASP R 104 18.75 -46.60 10.95
C ASP R 104 19.88 -46.92 9.98
N SER R 105 21.10 -46.95 10.54
CA SER R 105 22.29 -46.99 9.71
C SER R 105 22.37 -48.26 8.89
N ARG R 106 22.23 -49.41 9.53
CA ARG R 106 22.39 -50.70 8.86
C ARG R 106 23.70 -50.76 8.07
N GLY R 107 24.79 -50.63 8.79
CA GLY R 107 26.13 -50.65 8.20
C GLY R 107 27.08 -49.80 9.01
N TYR R 108 28.37 -50.06 8.84
CA TYR R 108 29.41 -49.33 9.52
C TYR R 108 30.33 -48.68 8.50
N ASP R 109 30.54 -47.37 8.64
CA ASP R 109 31.27 -46.61 7.63
C ASP R 109 32.78 -46.68 7.86
N PHE R 110 33.23 -46.26 9.04
CA PHE R 110 34.64 -46.16 9.34
C PHE R 110 34.96 -46.91 10.62
N TRP R 111 36.10 -47.58 10.64
CA TRP R 111 36.55 -48.40 11.77
C TRP R 111 37.82 -47.79 12.37
N GLY R 112 38.27 -48.40 13.46
CA GLY R 112 39.56 -48.08 14.04
C GLY R 112 40.57 -49.18 13.72
N GLN R 113 41.84 -48.86 13.98
CA GLN R 113 42.91 -49.81 13.69
C GLN R 113 42.87 -51.04 14.60
N GLY R 114 42.17 -50.98 15.73
CA GLY R 114 42.06 -52.11 16.62
C GLY R 114 42.99 -51.97 17.82
N THR R 115 42.60 -52.62 18.92
CA THR R 115 43.39 -52.61 20.15
C THR R 115 43.38 -54.03 20.71
N LEU R 116 44.46 -54.76 20.48
CA LEU R 116 44.57 -56.13 20.95
C LEU R 116 44.96 -56.14 22.42
N VAL R 117 44.13 -56.73 23.27
CA VAL R 117 44.39 -56.81 24.70
C VAL R 117 44.54 -58.28 25.07
N THR R 118 45.55 -58.55 25.91
CA THR R 118 45.88 -59.90 26.32
C THR R 118 45.47 -60.11 27.78
N VAL R 119 44.70 -61.17 28.01
CA VAL R 119 44.28 -61.54 29.36
C VAL R 119 44.29 -63.06 29.50
#